data_7YFF
#
_entry.id   7YFF
#
_cell.length_a   1.00
_cell.length_b   1.00
_cell.length_c   1.00
_cell.angle_alpha   90.00
_cell.angle_beta   90.00
_cell.angle_gamma   90.00
#
_symmetry.space_group_name_H-M   'P 1'
#
loop_
_entity.id
_entity.type
_entity.pdbx_description
1 polymer 'Glutamate receptor ionotropic, NMDA 1'
2 polymer 'Glutamate receptor ionotropic, NMDA 2D'
3 branched 2-acetamido-2-deoxy-beta-D-glucopyranose-(1-4)-2-acetamido-2-deoxy-beta-D-glucopyranose
4 non-polymer 2-acetamido-2-deoxy-beta-D-glucopyranose
5 non-polymer GLYCINE
6 non-polymer '(2R)-4-(3-phosphonopropyl)piperazine-2-carboxylic acid'
#
loop_
_entity_poly.entity_id
_entity_poly.type
_entity_poly.pdbx_seq_one_letter_code
_entity_poly.pdbx_strand_id
1 'polypeptide(L)'
;MSTMRLLTLALLFSCSVARAACDPKIVNIGAVLSTRKHEQMFREAVNQANKRHGSWKIQLNATSVTHKPNAIQMALSVCE
DLISSQVYAILVSHPPTPNDHFTPTPVSYTAGFYRIPVLGLTTRMSIYSDKSIHLSFLRTVPPYSHQSSVWFEMMRVYSW
NHIILLVSDDHEGRAAQKRLETLLEERESKAEKVLQFDPGTKNVTALLMEAKELEARVIILSASEDDAATVYRAAAMLNM
TGSGYVWLVGEREISGNALRYAPDGILGLQLINGKNESAHISDAVGVVAQAVHELLEKENITDPPRGCVGNTNIWKTGPL
FKRVLMSSKYADGVTGRVEFNEDGDRKFANYSIMNLQNRKLVQVGIYNGTHVIPNDRKIIWPGGETEKPRGYQMSTRLKI
VTIHQEPFVYVKPTLSDGTCKEEFTVNGDPVKKVICTGPNDTSPGSPRHTVPQCCYGFCIDLLIKLARTMNFTYEVHLVA
DGKFGTQERVNNSNKKEWNGMMGELLSGQADMIVAPLTINNERAQYIEFSKPFKYQGLTILVKKEIPRSTLDSFMQPFQS
TLWLLVGLSVHVVAVMLYLLDRFSPFGRFKVNSEEEEEDALTLSSAMWFSWGVLLNSGIGEGAPRSFSARILGMVWAGFA
MIIVASYTANLAAFLVLDRPEERITGINDPRLRNPSDKFIYATVKQSSVDIYFRRQVELSTMYRHMEKHNYESAAEAIQA
VRDNKLHAFIWDSAVLEFEASQKCDLVTTGELFFRSGFGIGMRKDSPWKQNVSLSILKSHENGFMEDLDKTWVRYQECDS
RSNAPATLTFENMAGVFMLVAGGIVAGIFLIFIEIAYKRH
;
A,C
2 'polypeptide(L)'
;MRGAGGPRGPRGPAKMLLLLALACASPFPEEAPGPGGAGGPGGGLGGARPLNVALVFSGPAYAAEAARLGPAVAAAVRSP
GLDVRPVALVLNGSDPRSLVLQLCDLLSGLRVHGVVFEDDSRAPAVAPILDFLSAQTSLPIVAVHGGAALVLTPKEKGST
FLQLGSSTEQQLQVIFEVLEEYDWTSFVAVTTRAPGHRAFLSYIEVLTDGSLVGWEHRGALTLDPGAGEAVLSAQLRSVS
AQIRLLFCAREEAEPVFRAAEEAGLTGSGYVWFMVGPQLAGGGGSGAPGEPPLLPGGAPLPAGLFAVRSAGWRDDLARRV
AAGVAVVARGAQALLRDYGFLPELGHDCRAQNRTHRGESLHRYFMNITWDNRDYSFNEDGFLVNPSLVVISLTRDRTWEV
VGSWEQQTLRLKYPLWSRYGRFLQPVDDTQHLTVATLEERPFVIVEPADPISGTCIRDSVPCRSQLNRTHSPPPDAPRPE
KRCCKGFCIDILKRLAHTIGFSYDLYLVTNGKHGKKIDGVWNGMIGEVFYQRADMAIGSLTINEERSEIVDFSVPFVETG
ISVMVARSNGTVSPSAFLEPYSPAVWVMMFVMCLTVVAVTVFIFEYLSPVGYNRSLATGKRPGGSTFTIGKSIWLLWALV
FNNSVPVENPRGTTSKIMVLVWAFFAVIFLASYTANLAAFMIQEEYVDTVSGLSDRKFQRPQEQYPPLKFGTVPNGSTEK
NIRSNYPDMHSYMVRYNQPRVEEALTQLKAGKLDAFIYDAAVLNYMARKDEGCKLVTIGSGKVFATTGYGIALHKGSRWK
RPIDLALLQFLGDDEIEMLERLWLSGICHNDKIEVMSSKLDIDNMAGVFYMLLVAMGLSLLVFAWEHLVYWRLRHCLGPA
ASAWSHPQFEK
;
B,D
#
loop_
_chem_comp.id
_chem_comp.type
_chem_comp.name
_chem_comp.formula
7RC non-polymer '(2R)-4-(3-phosphonopropyl)piperazine-2-carboxylic acid' 'C8 H17 N2 O5 P'
NAG D-saccharide, beta linking 2-acetamido-2-deoxy-beta-D-glucopyranose 'C8 H15 N O6'
#
# COMPACT_ATOMS: atom_id res chain seq x y z
N HIS A 38 9.83 -69.46 -29.42
CA HIS A 38 9.98 -70.11 -30.71
C HIS A 38 8.65 -70.16 -31.47
N GLU A 39 8.62 -70.92 -32.56
CA GLU A 39 7.41 -71.00 -33.38
C GLU A 39 6.28 -71.68 -32.63
N GLN A 40 6.57 -72.76 -31.90
CA GLN A 40 5.51 -73.52 -31.25
C GLN A 40 4.77 -72.66 -30.22
N MET A 41 5.51 -71.89 -29.42
CA MET A 41 4.84 -71.03 -28.44
C MET A 41 4.01 -69.95 -29.13
N PHE A 42 4.54 -69.37 -30.21
CA PHE A 42 3.79 -68.34 -30.93
C PHE A 42 2.50 -68.91 -31.50
N ARG A 43 2.56 -70.11 -32.08
CA ARG A 43 1.36 -70.73 -32.62
C ARG A 43 0.34 -71.00 -31.52
N GLU A 44 0.80 -71.48 -30.37
CA GLU A 44 -0.11 -71.73 -29.25
C GLU A 44 -0.76 -70.44 -28.78
N ALA A 45 0.04 -69.37 -28.63
CA ALA A 45 -0.51 -68.10 -28.18
C ALA A 45 -1.52 -67.54 -29.18
N VAL A 46 -1.19 -67.58 -30.46
CA VAL A 46 -2.11 -67.07 -31.47
C VAL A 46 -3.38 -67.91 -31.51
N ASN A 47 -3.23 -69.23 -31.44
CA ASN A 47 -4.42 -70.11 -31.44
C ASN A 47 -5.31 -69.82 -30.24
N GLN A 48 -4.71 -69.64 -29.06
CA GLN A 48 -5.50 -69.30 -27.88
C GLN A 48 -6.20 -67.97 -28.05
N ALA A 49 -5.51 -66.98 -28.62
CA ALA A 49 -6.13 -65.67 -28.83
C ALA A 49 -7.32 -65.77 -29.77
N ASN A 50 -7.19 -66.53 -30.85
CA ASN A 50 -8.31 -66.70 -31.78
C ASN A 50 -9.49 -67.38 -31.09
N LYS A 51 -9.22 -68.40 -30.28
CA LYS A 51 -10.28 -69.10 -29.57
C LYS A 51 -10.90 -68.24 -28.47
N ARG A 52 -10.12 -67.34 -27.87
CA ARG A 52 -10.65 -66.51 -26.80
C ARG A 52 -11.82 -65.65 -27.27
N HIS A 53 -11.70 -65.06 -28.46
CA HIS A 53 -12.75 -64.22 -29.01
C HIS A 53 -13.05 -63.03 -28.09
N LYS A 57 -10.34 -59.02 -37.42
CA LYS A 57 -11.66 -59.62 -37.39
C LYS A 57 -11.77 -60.77 -38.38
N ILE A 58 -11.23 -60.56 -39.59
CA ILE A 58 -11.26 -61.56 -40.64
C ILE A 58 -9.94 -62.33 -40.60
N GLN A 59 -10.00 -63.59 -40.19
CA GLN A 59 -8.81 -64.45 -40.10
C GLN A 59 -7.72 -63.77 -39.27
N LEU A 60 -8.12 -63.22 -38.14
CA LEU A 60 -7.18 -62.53 -37.26
C LEU A 60 -6.17 -63.52 -36.70
N ASN A 61 -4.89 -63.20 -36.88
CA ASN A 61 -3.79 -64.00 -36.37
C ASN A 61 -2.48 -63.23 -36.50
N ALA A 62 -1.43 -63.76 -35.88
CA ALA A 62 -0.13 -63.14 -35.89
C ALA A 62 0.92 -64.13 -36.36
N THR A 63 1.97 -63.61 -36.99
CA THR A 63 3.07 -64.43 -37.49
C THR A 63 4.32 -64.14 -36.68
N SER A 64 4.98 -65.20 -36.21
CA SER A 64 6.19 -65.04 -35.42
C SER A 64 7.34 -64.55 -36.28
N VAL A 65 8.35 -63.99 -35.62
CA VAL A 65 9.54 -63.47 -36.29
C VAL A 65 10.77 -64.13 -35.70
N THR A 66 11.80 -64.26 -36.52
CA THR A 66 13.06 -64.88 -36.12
C THR A 66 14.14 -63.81 -36.06
N HIS A 67 14.80 -63.68 -34.91
CA HIS A 67 15.85 -62.70 -34.75
C HIS A 67 17.12 -63.12 -35.48
N LYS A 68 17.93 -62.13 -35.84
CA LYS A 68 19.17 -62.36 -36.56
C LYS A 68 20.32 -61.66 -35.87
N PRO A 69 21.54 -62.15 -36.05
CA PRO A 69 22.69 -61.51 -35.39
C PRO A 69 22.87 -60.06 -35.78
N ASN A 70 22.58 -59.69 -37.02
CA ASN A 70 22.71 -58.33 -37.49
C ASN A 70 21.34 -57.71 -37.72
N ALA A 71 21.16 -56.48 -37.25
CA ALA A 71 19.87 -55.81 -37.38
C ALA A 71 19.51 -55.54 -38.84
N ILE A 72 20.48 -55.54 -39.75
CA ILE A 72 20.18 -55.27 -41.15
C ILE A 72 19.22 -56.32 -41.70
N GLN A 73 19.51 -57.60 -41.44
CA GLN A 73 18.59 -58.65 -41.85
C GLN A 73 17.32 -58.63 -41.01
N MET A 74 17.43 -58.24 -39.74
CA MET A 74 16.24 -58.13 -38.89
C MET A 74 15.25 -57.16 -39.50
N ALA A 75 15.72 -55.98 -39.91
CA ALA A 75 14.83 -55.00 -40.54
C ALA A 75 14.23 -55.54 -41.82
N LEU A 76 15.04 -56.21 -42.64
CA LEU A 76 14.52 -56.81 -43.87
C LEU A 76 13.47 -57.87 -43.58
N SER A 77 13.72 -58.71 -42.57
CA SER A 77 12.76 -59.76 -42.24
C SER A 77 11.44 -59.17 -41.77
N VAL A 78 11.49 -58.15 -40.92
CA VAL A 78 10.25 -57.54 -40.44
C VAL A 78 9.54 -56.81 -41.57
N CYS A 79 10.30 -56.18 -42.48
CA CYS A 79 9.67 -55.49 -43.61
C CYS A 79 8.90 -56.48 -44.48
N GLU A 80 9.49 -57.65 -44.75
CA GLU A 80 8.77 -58.67 -45.49
C GLU A 80 7.56 -59.18 -44.72
N ASP A 81 7.71 -59.37 -43.41
CA ASP A 81 6.60 -59.85 -42.60
C ASP A 81 5.45 -58.86 -42.60
N LEU A 82 5.75 -57.57 -42.43
CA LEU A 82 4.69 -56.57 -42.43
C LEU A 82 4.00 -56.48 -43.79
N ILE A 83 4.76 -56.55 -44.89
CA ILE A 83 4.17 -56.47 -46.21
C ILE A 83 3.23 -57.65 -46.45
N SER A 84 3.64 -58.85 -46.05
CA SER A 84 2.80 -60.03 -46.26
C SER A 84 1.71 -60.13 -45.21
N SER A 85 2.11 -60.25 -43.93
CA SER A 85 1.12 -60.37 -42.87
C SER A 85 0.24 -59.13 -42.77
N GLN A 86 0.84 -57.94 -42.84
CA GLN A 86 0.11 -56.69 -42.69
C GLN A 86 -0.65 -56.66 -41.37
N VAL A 87 -0.05 -57.23 -40.33
CA VAL A 87 -0.70 -57.31 -39.03
C VAL A 87 -0.78 -55.91 -38.41
N TYR A 88 -1.81 -55.71 -37.58
CA TYR A 88 -2.00 -54.42 -36.95
C TYR A 88 -0.83 -54.08 -36.01
N ALA A 89 -0.38 -55.06 -35.23
CA ALA A 89 0.69 -54.83 -34.27
C ALA A 89 1.66 -56.00 -34.30
N ILE A 90 2.89 -55.74 -33.86
CA ILE A 90 3.94 -56.75 -33.81
C ILE A 90 4.45 -56.86 -32.38
N LEU A 91 4.66 -58.09 -31.93
CA LEU A 91 5.15 -58.36 -30.58
C LEU A 91 6.61 -58.75 -30.64
N VAL A 92 7.45 -58.08 -29.85
CA VAL A 92 8.88 -58.32 -29.80
C VAL A 92 9.23 -58.79 -28.39
N SER A 93 9.87 -59.96 -28.29
CA SER A 93 10.30 -60.50 -27.00
C SER A 93 11.68 -61.14 -27.11
N HIS A 94 12.54 -60.62 -27.97
CA HIS A 94 13.85 -61.21 -28.19
C HIS A 94 14.75 -60.99 -26.97
N PRO A 95 15.25 -62.05 -26.35
CA PRO A 95 16.22 -61.89 -25.28
C PRO A 95 17.65 -61.86 -25.83
N PRO A 96 18.10 -60.71 -26.33
CA PRO A 96 19.41 -60.68 -27.00
C PRO A 96 20.56 -60.97 -26.05
N THR A 97 20.57 -60.29 -24.91
CA THR A 97 21.63 -60.48 -23.92
C THR A 97 21.27 -59.81 -22.59
N THR A 103 17.58 -57.64 -29.70
CA THR A 103 17.59 -56.18 -29.73
C THR A 103 16.26 -55.64 -30.22
N PRO A 104 15.59 -54.83 -29.39
CA PRO A 104 14.29 -54.27 -29.77
C PRO A 104 14.35 -53.00 -30.60
N THR A 105 15.54 -52.40 -30.76
CA THR A 105 15.63 -51.16 -31.53
C THR A 105 15.22 -51.33 -32.98
N PRO A 106 15.69 -52.34 -33.72
CA PRO A 106 15.31 -52.41 -35.14
C PRO A 106 13.82 -52.55 -35.37
N VAL A 107 13.13 -53.32 -34.52
CA VAL A 107 11.69 -53.51 -34.70
C VAL A 107 10.93 -52.21 -34.43
N SER A 108 11.28 -51.53 -33.33
CA SER A 108 10.61 -50.27 -33.02
C SER A 108 10.91 -49.21 -34.07
N TYR A 109 12.16 -49.12 -34.51
CA TYR A 109 12.51 -48.11 -35.51
C TYR A 109 11.76 -48.33 -36.81
N THR A 110 11.70 -49.58 -37.27
CA THR A 110 10.93 -49.88 -38.49
C THR A 110 9.44 -49.68 -38.26
N ALA A 111 8.94 -49.94 -37.05
CA ALA A 111 7.54 -49.66 -36.76
C ALA A 111 7.24 -48.17 -36.79
N GLY A 112 8.24 -47.34 -36.54
CA GLY A 112 8.02 -45.90 -36.60
C GLY A 112 7.56 -45.44 -37.97
N PHE A 113 8.19 -45.95 -39.03
CA PHE A 113 7.72 -45.69 -40.37
C PHE A 113 6.35 -46.33 -40.57
N TYR A 114 5.47 -45.63 -41.29
CA TYR A 114 4.09 -46.02 -41.51
C TYR A 114 3.24 -45.92 -40.24
N ARG A 115 3.84 -45.56 -39.11
CA ARG A 115 3.13 -45.42 -37.83
C ARG A 115 2.34 -46.69 -37.50
N ILE A 116 3.08 -47.77 -37.34
CA ILE A 116 2.50 -49.06 -36.97
C ILE A 116 2.89 -49.38 -35.53
N PRO A 117 2.00 -49.19 -34.56
CA PRO A 117 2.37 -49.45 -33.16
C PRO A 117 2.75 -50.90 -32.95
N VAL A 118 3.75 -51.12 -32.08
CA VAL A 118 4.21 -52.44 -31.73
C VAL A 118 4.33 -52.54 -30.21
N LEU A 119 4.35 -53.77 -29.71
CA LEU A 119 4.42 -54.04 -28.29
C LEU A 119 5.71 -54.78 -27.97
N GLY A 120 6.48 -54.23 -27.03
CA GLY A 120 7.69 -54.87 -26.53
C GLY A 120 7.43 -55.46 -25.16
N LEU A 121 7.98 -56.65 -24.92
CA LEU A 121 7.71 -57.38 -23.70
C LEU A 121 8.95 -57.73 -22.88
N THR A 122 10.15 -57.40 -23.36
CA THR A 122 11.38 -57.74 -22.66
C THR A 122 12.16 -56.51 -22.22
N THR A 123 12.46 -55.60 -23.14
CA THR A 123 13.30 -54.46 -22.80
C THR A 123 12.63 -53.56 -21.76
N ARG A 124 13.44 -53.06 -20.83
CA ARG A 124 12.97 -52.12 -19.82
C ARG A 124 13.79 -50.84 -19.79
N MET A 125 14.62 -50.60 -20.81
CA MET A 125 15.44 -49.40 -20.84
C MET A 125 14.56 -48.16 -20.94
N SER A 126 14.98 -47.09 -20.25
CA SER A 126 14.19 -45.86 -20.20
C SER A 126 14.17 -45.12 -21.54
N ILE A 127 15.07 -45.44 -22.47
CA ILE A 127 15.09 -44.75 -23.75
C ILE A 127 13.80 -44.95 -24.53
N TYR A 128 13.10 -46.06 -24.29
CA TYR A 128 11.83 -46.33 -24.96
C TYR A 128 10.65 -45.66 -24.29
N SER A 129 10.83 -45.09 -23.09
CA SER A 129 9.73 -44.44 -22.41
C SER A 129 9.21 -43.23 -23.18
N ASP A 130 10.12 -42.44 -23.75
CA ASP A 130 9.72 -41.24 -24.47
C ASP A 130 9.15 -41.60 -25.83
N LYS A 131 7.96 -41.08 -26.12
CA LYS A 131 7.30 -41.33 -27.40
C LYS A 131 7.79 -40.41 -28.51
N SER A 132 8.55 -39.36 -28.18
CA SER A 132 9.04 -38.45 -29.21
C SER A 132 9.95 -39.17 -30.18
N ILE A 133 10.83 -40.03 -29.68
CA ILE A 133 11.73 -40.80 -30.54
C ILE A 133 11.07 -42.08 -31.01
N HIS A 134 10.39 -42.79 -30.12
CA HIS A 134 9.68 -44.03 -30.43
C HIS A 134 8.19 -43.79 -30.22
N LEU A 135 7.51 -43.31 -31.26
CA LEU A 135 6.08 -43.03 -31.18
C LEU A 135 5.22 -44.24 -31.49
N SER A 136 5.82 -45.37 -31.90
CA SER A 136 5.08 -46.58 -32.21
C SER A 136 5.46 -47.74 -31.30
N PHE A 137 5.97 -47.44 -30.10
CA PHE A 137 6.41 -48.46 -29.16
C PHE A 137 5.54 -48.42 -27.92
N LEU A 138 5.05 -49.58 -27.51
CA LEU A 138 4.24 -49.72 -26.30
C LEU A 138 4.66 -50.97 -25.55
N ARG A 139 4.45 -50.96 -24.24
CA ARG A 139 4.85 -52.08 -23.40
C ARG A 139 4.04 -52.05 -22.12
N THR A 140 4.02 -53.19 -21.43
CA THR A 140 3.30 -53.34 -20.17
C THR A 140 4.19 -53.32 -18.95
N VAL A 141 5.42 -53.83 -19.05
CA VAL A 141 6.33 -53.85 -17.90
C VAL A 141 6.66 -52.42 -17.50
N PRO A 142 6.76 -52.11 -16.21
CA PRO A 142 7.08 -50.74 -15.81
C PRO A 142 8.50 -50.38 -16.18
N PRO A 143 8.78 -49.10 -16.41
CA PRO A 143 10.14 -48.67 -16.72
C PRO A 143 11.00 -48.63 -15.46
N TYR A 144 12.30 -48.44 -15.66
CA TYR A 144 13.22 -48.36 -14.54
C TYR A 144 13.00 -47.12 -13.69
N SER A 145 12.34 -46.09 -14.22
CA SER A 145 11.98 -44.95 -13.39
C SER A 145 11.02 -45.36 -12.27
N HIS A 146 10.18 -46.36 -12.52
CA HIS A 146 9.33 -46.88 -11.46
C HIS A 146 10.13 -47.36 -10.26
N GLN A 147 11.34 -47.87 -10.51
CA GLN A 147 12.22 -48.26 -9.41
C GLN A 147 12.49 -47.07 -8.50
N SER A 148 12.70 -45.89 -9.08
CA SER A 148 12.87 -44.69 -8.27
C SER A 148 11.61 -44.39 -7.47
N SER A 149 10.43 -44.57 -8.08
CA SER A 149 9.18 -44.31 -7.38
C SER A 149 9.03 -45.23 -6.18
N VAL A 150 9.33 -46.52 -6.35
CA VAL A 150 9.24 -47.45 -5.24
C VAL A 150 10.31 -47.15 -4.19
N TRP A 151 11.50 -46.74 -4.62
CA TRP A 151 12.55 -46.39 -3.67
C TRP A 151 12.10 -45.24 -2.77
N PHE A 152 11.49 -44.21 -3.36
CA PHE A 152 10.99 -43.10 -2.55
C PHE A 152 9.91 -43.56 -1.58
N GLU A 153 9.01 -44.43 -2.04
CA GLU A 153 7.98 -44.96 -1.14
C GLU A 153 8.62 -45.77 -0.01
N MET A 154 9.60 -46.61 -0.34
CA MET A 154 10.30 -47.38 0.69
C MET A 154 11.04 -46.45 1.64
N MET A 155 11.69 -45.41 1.11
CA MET A 155 12.39 -44.47 1.96
C MET A 155 11.44 -43.75 2.90
N ARG A 156 10.27 -43.35 2.41
CA ARG A 156 9.28 -42.72 3.26
C ARG A 156 8.71 -43.70 4.28
N VAL A 157 8.62 -44.98 3.92
CA VAL A 157 8.08 -45.97 4.84
C VAL A 157 8.97 -46.11 6.08
N TYR A 158 10.28 -46.14 5.88
CA TYR A 158 11.23 -46.38 6.96
C TYR A 158 11.70 -45.09 7.63
N SER A 159 10.92 -44.02 7.53
CA SER A 159 11.23 -42.75 8.21
C SER A 159 12.63 -42.27 7.84
N TRP A 160 12.97 -42.36 6.57
CA TRP A 160 14.26 -41.90 6.06
C TRP A 160 14.07 -40.66 5.21
N ASN A 161 14.77 -39.57 5.57
CA ASN A 161 14.86 -38.39 4.72
C ASN A 161 16.35 -38.05 4.60
N HIS A 162 17.02 -38.76 3.70
CA HIS A 162 18.42 -38.56 3.34
C HIS A 162 18.77 -39.58 2.27
N ILE A 163 19.75 -39.28 1.40
CA ILE A 163 20.12 -40.21 0.35
C ILE A 163 21.42 -39.75 -0.29
N ILE A 164 22.19 -40.71 -0.77
CA ILE A 164 23.38 -40.45 -1.58
C ILE A 164 23.18 -41.18 -2.89
N LEU A 165 22.68 -40.46 -3.91
CA LEU A 165 22.22 -41.08 -5.15
C LEU A 165 23.43 -41.40 -6.02
N LEU A 166 23.90 -42.64 -5.92
CA LEU A 166 24.97 -43.14 -6.78
C LEU A 166 24.35 -43.66 -8.06
N VAL A 167 24.34 -42.84 -9.10
CA VAL A 167 23.66 -43.14 -10.35
C VAL A 167 24.69 -43.16 -11.48
N SER A 168 24.54 -44.13 -12.38
CA SER A 168 25.41 -44.20 -13.55
C SER A 168 25.12 -43.05 -14.50
N ASP A 169 26.07 -42.79 -15.39
CA ASP A 169 25.98 -41.68 -16.33
C ASP A 169 25.20 -42.01 -17.60
N ASP A 170 24.80 -43.28 -17.78
CA ASP A 170 24.04 -43.65 -18.96
C ASP A 170 22.68 -42.96 -18.95
N HIS A 171 21.97 -43.08 -20.08
CA HIS A 171 20.66 -42.45 -20.20
C HIS A 171 19.69 -43.02 -19.17
N GLU A 172 19.74 -44.33 -18.94
CA GLU A 172 18.86 -44.94 -17.94
C GLU A 172 19.12 -44.35 -16.56
N GLY A 173 20.40 -44.17 -16.20
CA GLY A 173 20.71 -43.56 -14.93
C GLY A 173 20.20 -42.14 -14.82
N ARG A 174 20.35 -41.35 -15.88
CA ARG A 174 19.87 -39.97 -15.85
C ARG A 174 18.36 -39.92 -15.67
N ALA A 175 17.63 -40.79 -16.37
CA ALA A 175 16.17 -40.81 -16.22
C ALA A 175 15.76 -41.18 -14.80
N ALA A 176 16.43 -42.16 -14.21
CA ALA A 176 16.11 -42.54 -12.84
C ALA A 176 16.35 -41.39 -11.87
N GLN A 177 17.47 -40.68 -12.04
CA GLN A 177 17.75 -39.53 -11.18
C GLN A 177 16.70 -38.44 -11.36
N LYS A 178 16.31 -38.17 -12.61
CA LYS A 178 15.28 -37.16 -12.85
C LYS A 178 13.96 -37.53 -12.21
N ARG A 179 13.55 -38.81 -12.35
CA ARG A 179 12.30 -39.25 -11.75
C ARG A 179 12.37 -39.16 -10.22
N LEU A 180 13.48 -39.62 -9.64
CA LEU A 180 13.62 -39.54 -8.18
C LEU A 180 13.65 -38.10 -7.70
N GLU A 181 14.37 -37.23 -8.41
CA GLU A 181 14.43 -35.83 -8.02
C GLU A 181 13.07 -35.18 -8.06
N THR A 182 12.29 -35.46 -9.12
CA THR A 182 10.95 -34.88 -9.23
C THR A 182 10.07 -35.33 -8.08
N LEU A 183 10.11 -36.63 -7.74
CA LEU A 183 9.30 -37.12 -6.63
C LEU A 183 9.73 -36.47 -5.31
N LEU A 184 11.03 -36.37 -5.08
CA LEU A 184 11.51 -35.71 -3.86
C LEU A 184 11.12 -34.24 -3.84
N GLU A 185 11.20 -33.57 -5.00
CA GLU A 185 10.80 -32.17 -5.07
C GLU A 185 9.31 -32.00 -4.75
N GLU A 186 8.47 -32.90 -5.26
CA GLU A 186 7.05 -32.83 -4.95
C GLU A 186 6.78 -32.94 -3.46
N ARG A 187 7.67 -33.60 -2.72
CA ARG A 187 7.55 -33.74 -1.28
C ARG A 187 8.43 -32.76 -0.52
N GLU A 188 8.99 -31.76 -1.21
CA GLU A 188 9.86 -30.77 -0.57
C GLU A 188 11.07 -31.44 0.08
N SER A 189 11.64 -32.42 -0.61
CA SER A 189 12.79 -33.16 -0.11
C SER A 189 13.95 -33.02 -1.09
N LYS A 190 15.16 -32.86 -0.54
CA LYS A 190 16.37 -32.72 -1.33
C LYS A 190 17.19 -34.00 -1.25
N ALA A 191 17.89 -34.30 -2.35
CA ALA A 191 18.69 -35.52 -2.46
C ALA A 191 20.09 -35.37 -1.91
N GLU A 192 20.46 -34.23 -1.35
CA GLU A 192 21.83 -34.05 -0.90
C GLU A 192 22.71 -34.24 -2.09
N LYS A 193 23.60 -35.20 -2.03
CA LYS A 193 24.55 -35.40 -3.11
C LYS A 193 23.94 -36.25 -4.22
N VAL A 194 24.12 -35.80 -5.47
CA VAL A 194 23.65 -36.52 -6.65
C VAL A 194 24.85 -36.85 -7.54
N LEU A 195 26.00 -37.09 -6.91
CA LEU A 195 27.24 -37.28 -7.67
C LEU A 195 27.06 -38.34 -8.74
N GLN A 196 27.52 -38.03 -9.95
CA GLN A 196 27.30 -38.86 -11.12
C GLN A 196 28.26 -40.05 -11.10
N PHE A 197 28.35 -40.76 -12.22
CA PHE A 197 29.17 -41.95 -12.33
C PHE A 197 29.88 -41.89 -13.69
N ASP A 198 30.50 -43.01 -14.07
CA ASP A 198 31.17 -43.12 -15.36
C ASP A 198 31.06 -44.55 -15.87
N PRO A 199 30.19 -44.80 -16.85
CA PRO A 199 30.02 -46.17 -17.33
C PRO A 199 31.31 -46.73 -17.90
N GLY A 200 31.55 -48.02 -17.65
CA GLY A 200 32.74 -48.67 -18.16
C GLY A 200 34.03 -48.03 -17.70
N THR A 201 34.11 -47.67 -16.42
CA THR A 201 35.30 -47.02 -15.87
C THR A 201 35.72 -47.72 -14.58
N LYS A 202 37.02 -47.72 -14.34
CA LYS A 202 37.60 -48.31 -13.14
C LYS A 202 38.21 -47.22 -12.27
N ASN A 203 38.64 -47.63 -11.06
CA ASN A 203 39.23 -46.71 -10.09
C ASN A 203 38.27 -45.55 -9.79
N VAL A 204 37.09 -45.92 -9.31
CA VAL A 204 36.04 -44.95 -8.99
C VAL A 204 36.04 -44.60 -7.50
N THR A 205 37.14 -44.86 -6.80
CA THR A 205 37.21 -44.58 -5.37
C THR A 205 37.02 -43.10 -5.06
N ALA A 206 37.27 -42.21 -6.03
CA ALA A 206 37.09 -40.79 -5.78
C ALA A 206 35.64 -40.47 -5.40
N LEU A 207 34.69 -41.03 -6.13
CA LEU A 207 33.29 -40.83 -5.77
C LEU A 207 32.96 -41.42 -4.42
N LEU A 208 33.49 -42.61 -4.13
CA LEU A 208 33.23 -43.24 -2.85
C LEU A 208 33.75 -42.40 -1.69
N MET A 209 34.96 -41.82 -1.85
CA MET A 209 35.49 -40.96 -0.82
C MET A 209 34.59 -39.76 -0.58
N GLU A 210 34.07 -39.17 -1.66
CA GLU A 210 33.17 -38.03 -1.52
C GLU A 210 31.90 -38.41 -0.76
N ALA A 211 31.33 -39.58 -1.08
CA ALA A 211 30.12 -40.01 -0.39
C ALA A 211 30.37 -40.33 1.07
N LYS A 212 31.52 -40.94 1.38
CA LYS A 212 31.78 -41.36 2.75
C LYS A 212 31.81 -40.16 3.71
N GLU A 213 32.43 -39.06 3.28
CA GLU A 213 32.54 -37.89 4.16
C GLU A 213 31.21 -37.21 4.41
N LEU A 214 30.17 -37.54 3.65
CA LEU A 214 28.88 -36.88 3.81
C LEU A 214 28.15 -37.42 5.04
N GLU A 215 27.25 -36.64 5.58
CA GLU A 215 26.57 -37.10 6.75
C GLU A 215 25.76 -38.30 6.42
N ALA A 216 24.80 -38.16 5.52
CA ALA A 216 23.83 -39.23 5.31
C ALA A 216 24.54 -40.51 4.89
N ARG A 217 24.17 -41.63 5.50
CA ARG A 217 24.68 -42.94 5.13
C ARG A 217 23.52 -43.76 4.57
N VAL A 218 23.21 -43.52 3.30
CA VAL A 218 22.27 -44.32 2.53
C VAL A 218 22.56 -44.07 1.06
N ILE A 219 22.64 -45.14 0.27
CA ILE A 219 23.02 -45.03 -1.13
C ILE A 219 22.03 -45.82 -1.97
N ILE A 220 21.36 -45.14 -2.89
CA ILE A 220 20.49 -45.79 -3.87
C ILE A 220 21.27 -45.88 -5.17
N LEU A 221 21.76 -47.07 -5.50
CA LEU A 221 22.65 -47.28 -6.63
C LEU A 221 21.87 -47.86 -7.80
N SER A 222 22.12 -47.34 -8.99
CA SER A 222 21.48 -47.82 -10.22
C SER A 222 22.50 -47.74 -11.35
N ALA A 223 22.89 -48.90 -11.88
CA ALA A 223 23.87 -48.97 -12.95
C ALA A 223 23.79 -50.35 -13.58
N SER A 224 24.72 -50.63 -14.49
CA SER A 224 24.77 -51.91 -15.18
C SER A 224 25.46 -52.96 -14.30
N GLU A 225 25.48 -54.20 -14.80
CA GLU A 225 26.11 -55.28 -14.04
C GLU A 225 27.60 -55.02 -13.82
N ASP A 226 28.30 -54.60 -14.88
CA ASP A 226 29.72 -54.32 -14.75
C ASP A 226 29.97 -53.17 -13.78
N ASP A 227 29.20 -52.09 -13.90
CA ASP A 227 29.38 -50.96 -13.00
C ASP A 227 29.06 -51.34 -11.56
N ALA A 228 27.98 -52.10 -11.36
CA ALA A 228 27.62 -52.51 -10.00
C ALA A 228 28.72 -53.35 -9.37
N ALA A 229 29.29 -54.28 -10.13
CA ALA A 229 30.36 -55.11 -9.58
C ALA A 229 31.58 -54.26 -9.21
N THR A 230 31.95 -53.32 -10.07
CA THR A 230 33.11 -52.48 -9.81
C THR A 230 32.90 -51.64 -8.55
N VAL A 231 31.73 -51.04 -8.41
CA VAL A 231 31.46 -50.23 -7.22
C VAL A 231 31.41 -51.10 -5.97
N TYR A 232 30.83 -52.30 -6.07
CA TYR A 232 30.75 -53.18 -4.90
C TYR A 232 32.13 -53.58 -4.42
N ARG A 233 33.04 -53.90 -5.35
CA ARG A 233 34.40 -54.28 -4.96
C ARG A 233 35.09 -53.13 -4.24
N ALA A 234 34.98 -51.91 -4.77
CA ALA A 234 35.60 -50.77 -4.12
C ALA A 234 34.98 -50.52 -2.75
N ALA A 235 33.65 -50.63 -2.65
CA ALA A 235 33.00 -50.41 -1.36
C ALA A 235 33.45 -51.43 -0.34
N ALA A 236 33.56 -52.70 -0.73
CA ALA A 236 34.02 -53.73 0.19
C ALA A 236 35.43 -53.45 0.66
N MET A 237 36.32 -53.05 -0.25
CA MET A 237 37.70 -52.75 0.11
C MET A 237 37.83 -51.43 0.86
N LEU A 238 36.77 -50.62 0.93
CA LEU A 238 36.81 -49.34 1.61
C LEU A 238 35.94 -49.32 2.86
N ASN A 239 35.54 -50.49 3.36
CA ASN A 239 34.75 -50.59 4.58
C ASN A 239 33.46 -49.77 4.47
N MET A 240 32.84 -49.80 3.29
CA MET A 240 31.60 -49.07 3.07
C MET A 240 30.37 -49.96 3.12
N THR A 241 30.53 -51.27 3.06
CA THR A 241 29.41 -52.22 3.10
C THR A 241 29.32 -52.79 4.51
N GLY A 242 28.61 -52.09 5.38
CA GLY A 242 28.44 -52.53 6.74
C GLY A 242 28.22 -51.34 7.65
N SER A 243 28.24 -51.62 8.96
CA SER A 243 28.05 -50.60 9.99
C SER A 243 26.69 -49.96 9.79
N GLY A 244 26.60 -48.65 9.58
CA GLY A 244 25.32 -47.99 9.41
C GLY A 244 25.04 -47.61 7.97
N TYR A 245 25.37 -48.49 7.03
CA TYR A 245 25.15 -48.25 5.61
C TYR A 245 24.06 -49.18 5.10
N VAL A 246 23.13 -48.62 4.34
CA VAL A 246 22.03 -49.38 3.73
C VAL A 246 22.09 -49.18 2.22
N TRP A 247 22.04 -50.27 1.47
CA TRP A 247 22.15 -50.26 0.02
C TRP A 247 20.80 -50.55 -0.61
N LEU A 248 20.42 -49.73 -1.59
CA LEU A 248 19.23 -49.94 -2.38
C LEU A 248 19.63 -49.99 -3.85
N VAL A 249 19.32 -51.10 -4.52
CA VAL A 249 19.72 -51.33 -5.90
C VAL A 249 18.53 -51.87 -6.69
N GLY A 250 18.63 -51.76 -8.01
CA GLY A 250 17.62 -52.26 -8.91
C GLY A 250 17.81 -53.72 -9.25
N GLU A 251 16.95 -54.22 -10.14
CA GLU A 251 16.99 -55.62 -10.51
C GLU A 251 18.32 -56.00 -11.15
N ARG A 252 18.80 -55.18 -12.10
CA ARG A 252 20.04 -55.50 -12.79
C ARG A 252 21.22 -55.47 -11.84
N GLU A 253 21.28 -54.46 -10.97
CA GLU A 253 22.41 -54.35 -10.05
C GLU A 253 22.46 -55.53 -9.09
N ILE A 254 21.31 -55.94 -8.55
CA ILE A 254 21.28 -57.05 -7.60
C ILE A 254 21.74 -58.34 -8.28
N SER A 255 21.23 -58.61 -9.49
CA SER A 255 21.58 -59.84 -10.18
C SER A 255 23.06 -59.88 -10.52
N GLY A 256 23.56 -58.83 -11.17
CA GLY A 256 24.97 -58.81 -11.53
C GLY A 256 25.89 -58.79 -10.32
N ASN A 257 25.57 -57.94 -9.34
CA ASN A 257 26.38 -57.86 -8.14
C ASN A 257 26.36 -59.18 -7.37
N ALA A 258 25.17 -59.77 -7.23
CA ALA A 258 25.07 -61.06 -6.56
C ALA A 258 25.90 -62.12 -7.25
N LEU A 259 26.00 -62.04 -8.58
CA LEU A 259 26.81 -63.01 -9.32
C LEU A 259 28.27 -62.90 -8.93
N ARG A 260 28.82 -61.68 -8.94
CA ARG A 260 30.26 -61.53 -8.73
C ARG A 260 30.63 -61.19 -7.29
N TYR A 261 30.18 -60.03 -6.78
CA TYR A 261 30.73 -59.52 -5.54
C TYR A 261 29.68 -58.88 -4.63
N ALA A 262 28.45 -59.36 -4.66
CA ALA A 262 27.41 -58.74 -3.84
C ALA A 262 27.64 -59.05 -2.37
N PRO A 263 27.82 -58.03 -1.52
CA PRO A 263 27.88 -58.28 -0.08
C PRO A 263 26.53 -58.70 0.46
N ASP A 264 26.56 -59.41 1.59
CA ASP A 264 25.33 -59.90 2.20
C ASP A 264 24.68 -58.82 3.05
N GLY A 265 24.50 -57.63 2.47
CA GLY A 265 23.81 -56.54 3.14
C GLY A 265 23.00 -55.69 2.19
N ILE A 266 22.88 -56.13 0.95
CA ILE A 266 22.17 -55.35 -0.06
C ILE A 266 20.67 -55.54 0.08
N LEU A 267 19.91 -54.66 -0.58
CA LEU A 267 18.45 -54.74 -0.61
C LEU A 267 18.01 -54.44 -2.05
N GLY A 268 17.90 -55.49 -2.85
CA GLY A 268 17.55 -55.34 -4.24
C GLY A 268 16.06 -55.44 -4.51
N LEU A 269 15.66 -54.98 -5.69
CA LEU A 269 14.27 -55.01 -6.12
C LEU A 269 14.17 -55.78 -7.43
N GLN A 270 13.15 -56.63 -7.53
CA GLN A 270 12.92 -57.44 -8.71
C GLN A 270 11.43 -57.47 -9.03
N LEU A 271 11.12 -57.66 -10.31
CA LEU A 271 9.74 -57.74 -10.75
C LEU A 271 9.08 -58.99 -10.20
N ILE A 272 7.78 -58.87 -9.88
CA ILE A 272 7.05 -60.00 -9.32
C ILE A 272 7.00 -61.15 -10.32
N ASN A 273 6.74 -60.84 -11.58
CA ASN A 273 6.62 -61.84 -12.64
C ASN A 273 7.56 -61.51 -13.80
N GLY A 274 8.83 -61.19 -13.45
CA GLY A 274 9.80 -60.89 -14.49
C GLY A 274 10.05 -62.06 -15.42
N LYS A 275 10.24 -63.25 -14.86
CA LYS A 275 10.41 -64.44 -15.69
C LYS A 275 9.13 -64.74 -16.46
N ASN A 276 7.99 -64.57 -15.83
CA ASN A 276 6.74 -64.82 -16.53
C ASN A 276 6.53 -63.78 -17.60
N GLU A 277 6.90 -62.54 -17.31
CA GLU A 277 6.79 -61.50 -18.33
C GLU A 277 7.55 -61.87 -19.59
N SER A 278 8.60 -62.68 -19.46
CA SER A 278 9.32 -63.16 -20.63
C SER A 278 8.49 -64.12 -21.47
N ALA A 279 7.44 -64.70 -20.90
CA ALA A 279 6.59 -65.65 -21.62
C ALA A 279 5.11 -65.41 -21.35
N HIS A 280 4.74 -64.15 -21.07
CA HIS A 280 3.35 -63.80 -20.81
C HIS A 280 2.68 -63.18 -22.03
N ILE A 281 3.07 -63.62 -23.23
CA ILE A 281 2.50 -63.08 -24.47
C ILE A 281 1.00 -63.27 -24.51
N SER A 282 0.44 -64.17 -23.70
CA SER A 282 -1.00 -64.37 -23.70
C SER A 282 -1.73 -63.09 -23.32
N ASP A 283 -1.22 -62.37 -22.33
CA ASP A 283 -1.81 -61.08 -21.98
C ASP A 283 -1.72 -60.08 -23.12
N ALA A 284 -0.58 -60.07 -23.82
CA ALA A 284 -0.40 -59.13 -24.93
C ALA A 284 -1.40 -59.42 -26.05
N VAL A 285 -1.58 -60.69 -26.39
CA VAL A 285 -2.53 -61.03 -27.45
C VAL A 285 -3.95 -60.73 -27.01
N GLY A 286 -4.26 -60.99 -25.74
CA GLY A 286 -5.60 -60.67 -25.24
C GLY A 286 -5.90 -59.18 -25.28
N VAL A 287 -4.93 -58.37 -24.87
CA VAL A 287 -5.14 -56.92 -24.88
C VAL A 287 -5.25 -56.40 -26.31
N VAL A 288 -4.41 -56.91 -27.21
CA VAL A 288 -4.46 -56.45 -28.60
C VAL A 288 -5.78 -56.84 -29.24
N ALA A 289 -6.25 -58.07 -28.98
CA ALA A 289 -7.54 -58.49 -29.52
C ALA A 289 -8.67 -57.62 -28.97
N GLN A 290 -8.63 -57.29 -27.68
CA GLN A 290 -9.63 -56.41 -27.11
C GLN A 290 -9.58 -55.03 -27.75
N ALA A 291 -8.37 -54.51 -27.99
CA ALA A 291 -8.23 -53.19 -28.59
C ALA A 291 -8.84 -53.16 -29.98
N VAL A 292 -8.56 -54.18 -30.80
CA VAL A 292 -9.14 -54.22 -32.14
C VAL A 292 -10.65 -54.42 -32.07
N HIS A 293 -11.12 -55.23 -31.13
CA HIS A 293 -12.56 -55.43 -30.98
C HIS A 293 -13.26 -54.16 -30.52
N GLU A 294 -12.56 -53.28 -29.79
CA GLU A 294 -13.18 -52.05 -29.33
C GLU A 294 -13.59 -51.16 -30.51
N LEU A 295 -12.74 -51.06 -31.53
CA LEU A 295 -13.04 -50.25 -32.70
C LEU A 295 -13.04 -51.10 -33.97
N ASN A 300 -14.90 -46.50 -37.96
CA ASN A 300 -14.24 -45.78 -39.04
C ASN A 300 -12.74 -46.03 -39.00
N ILE A 301 -12.32 -47.20 -39.50
CA ILE A 301 -10.92 -47.59 -39.54
C ILE A 301 -10.59 -48.13 -40.92
N THR A 302 -9.30 -48.15 -41.23
CA THR A 302 -8.80 -48.65 -42.50
C THR A 302 -7.70 -49.67 -42.27
N ASP A 303 -7.58 -50.61 -43.21
CA ASP A 303 -6.57 -51.65 -43.09
C ASP A 303 -5.17 -51.06 -43.14
N PRO A 304 -4.26 -51.51 -42.29
CA PRO A 304 -2.91 -50.99 -42.33
C PRO A 304 -2.25 -51.33 -43.65
N PRO A 305 -1.32 -50.50 -44.11
CA PRO A 305 -0.68 -50.76 -45.41
C PRO A 305 0.02 -52.11 -45.43
N ARG A 306 -0.09 -52.80 -46.57
CA ARG A 306 0.52 -54.10 -46.76
C ARG A 306 1.69 -54.07 -47.74
N GLY A 307 2.12 -52.87 -48.15
CA GLY A 307 3.22 -52.77 -49.10
C GLY A 307 4.47 -52.17 -48.48
N CYS A 308 5.54 -52.96 -48.42
CA CYS A 308 6.80 -52.50 -47.86
C CYS A 308 7.80 -52.07 -48.92
N VAL A 309 7.73 -52.61 -50.13
CA VAL A 309 8.65 -52.23 -51.22
C VAL A 309 8.00 -51.05 -51.92
N GLY A 310 8.25 -49.86 -51.37
CA GLY A 310 7.71 -48.63 -51.94
C GLY A 310 6.48 -48.15 -51.20
N ASN A 311 6.66 -47.19 -50.30
CA ASN A 311 5.54 -46.64 -49.54
C ASN A 311 6.02 -45.40 -48.79
N THR A 312 5.20 -44.35 -48.81
CA THR A 312 5.51 -43.13 -48.09
C THR A 312 4.33 -42.72 -47.22
N ASN A 313 3.12 -43.13 -47.61
CA ASN A 313 1.93 -42.81 -46.83
C ASN A 313 1.95 -43.54 -45.49
N ILE A 314 1.51 -42.84 -44.45
CA ILE A 314 1.45 -43.40 -43.11
C ILE A 314 0.02 -43.83 -42.82
N TRP A 315 -0.13 -44.70 -41.83
CA TRP A 315 -1.46 -45.19 -41.45
C TRP A 315 -2.25 -44.07 -40.78
N LYS A 316 -3.37 -43.69 -41.40
CA LYS A 316 -4.18 -42.61 -40.85
C LYS A 316 -4.74 -42.98 -39.49
N THR A 317 -5.20 -44.23 -39.32
CA THR A 317 -5.80 -44.69 -38.08
C THR A 317 -4.78 -45.18 -37.07
N GLY A 318 -3.50 -45.14 -37.39
CA GLY A 318 -2.48 -45.60 -36.48
C GLY A 318 -2.51 -44.86 -35.16
N PRO A 319 -2.51 -43.53 -35.21
CA PRO A 319 -2.69 -42.76 -33.96
C PRO A 319 -3.98 -43.09 -33.24
N LEU A 320 -5.06 -43.33 -33.98
CA LEU A 320 -6.32 -43.70 -33.35
C LEU A 320 -6.21 -45.05 -32.65
N PHE A 321 -5.53 -46.01 -33.29
CA PHE A 321 -5.33 -47.32 -32.66
C PHE A 321 -4.51 -47.18 -31.39
N LYS A 322 -3.48 -46.35 -31.41
CA LYS A 322 -2.72 -46.10 -30.19
C LYS A 322 -3.58 -45.46 -29.12
N ARG A 323 -4.43 -44.50 -29.51
CA ARG A 323 -5.29 -43.84 -28.54
C ARG A 323 -6.27 -44.83 -27.91
N VAL A 324 -6.88 -45.69 -28.73
CA VAL A 324 -7.78 -46.70 -28.19
C VAL A 324 -7.04 -47.70 -27.33
N LEU A 325 -5.80 -48.05 -27.72
CA LEU A 325 -5.02 -48.97 -26.90
C LEU A 325 -4.76 -48.40 -25.52
N MET A 326 -4.45 -47.11 -25.43
CA MET A 326 -4.25 -46.47 -24.13
C MET A 326 -5.53 -46.53 -23.31
N SER A 327 -6.67 -46.26 -23.92
CA SER A 327 -7.95 -46.32 -23.20
C SER A 327 -8.32 -47.74 -22.81
N SER A 328 -7.73 -48.75 -23.46
CA SER A 328 -8.05 -50.13 -23.14
C SER A 328 -7.62 -50.46 -21.72
N LYS A 329 -8.50 -51.15 -20.99
CA LYS A 329 -8.25 -51.56 -19.62
C LYS A 329 -8.44 -53.07 -19.53
N TYR A 330 -7.36 -53.81 -19.80
CA TYR A 330 -7.39 -55.28 -19.78
C TYR A 330 -7.35 -55.72 -18.33
N ALA A 331 -8.52 -55.81 -17.71
CA ALA A 331 -8.66 -56.17 -16.30
C ALA A 331 -8.94 -57.66 -16.12
N ASP A 332 -8.42 -58.50 -17.02
CA ASP A 332 -8.64 -59.93 -16.91
C ASP A 332 -8.06 -60.49 -15.61
N GLY A 333 -6.89 -60.00 -15.22
CA GLY A 333 -6.24 -60.44 -14.00
C GLY A 333 -5.12 -61.43 -14.18
N VAL A 334 -4.76 -61.75 -15.42
CA VAL A 334 -3.66 -62.68 -15.69
C VAL A 334 -2.34 -61.96 -15.46
N THR A 335 -1.49 -62.54 -14.60
CA THR A 335 -0.21 -61.93 -14.25
C THR A 335 -0.41 -60.52 -13.69
N GLY A 336 -1.48 -60.36 -12.92
CA GLY A 336 -1.81 -59.07 -12.34
C GLY A 336 -2.57 -58.17 -13.29
N ARG A 337 -3.21 -57.15 -12.73
CA ARG A 337 -3.96 -56.19 -13.52
C ARG A 337 -3.01 -55.40 -14.41
N VAL A 338 -3.44 -55.16 -15.64
CA VAL A 338 -2.65 -54.44 -16.64
C VAL A 338 -3.41 -53.17 -17.01
N GLU A 339 -2.74 -52.03 -16.89
CA GLU A 339 -3.34 -50.75 -17.24
C GLU A 339 -2.22 -49.82 -17.72
N PHE A 340 -2.31 -49.38 -18.96
CA PHE A 340 -1.28 -48.51 -19.51
C PHE A 340 -1.27 -47.17 -18.78
N ASN A 341 -0.08 -46.64 -18.54
CA ASN A 341 0.10 -45.39 -17.82
C ASN A 341 0.98 -44.46 -18.63
N GLU A 342 0.67 -43.16 -18.57
CA GLU A 342 1.44 -42.16 -19.30
C GLU A 342 1.44 -42.47 -20.79
N ASP A 343 2.59 -42.90 -21.31
CA ASP A 343 2.73 -43.22 -22.73
C ASP A 343 3.82 -44.27 -22.89
N GLY A 344 3.46 -45.43 -23.45
CA GLY A 344 4.42 -46.46 -23.76
C GLY A 344 4.66 -47.48 -22.66
N ASP A 345 4.09 -47.29 -21.48
CA ASP A 345 4.30 -48.21 -20.37
C ASP A 345 3.04 -48.30 -19.53
N ARG A 346 2.95 -49.38 -18.76
CA ARG A 346 1.82 -49.62 -17.87
C ARG A 346 2.33 -49.69 -16.43
N LYS A 347 1.83 -48.79 -15.58
CA LYS A 347 2.24 -48.74 -14.18
C LYS A 347 1.22 -49.49 -13.32
N PHE A 348 1.18 -50.82 -13.53
CA PHE A 348 0.27 -51.67 -12.78
C PHE A 348 0.91 -53.00 -12.40
N ALA A 349 2.22 -53.05 -12.22
CA ALA A 349 2.95 -54.27 -11.89
C ALA A 349 3.50 -54.17 -10.48
N ASN A 350 3.26 -55.20 -9.67
CA ASN A 350 3.81 -55.25 -8.33
C ASN A 350 5.32 -55.47 -8.38
N TYR A 351 6.01 -55.01 -7.34
CA TYR A 351 7.46 -55.12 -7.25
C TYR A 351 7.83 -55.82 -5.95
N SER A 352 8.71 -56.81 -6.07
CA SER A 352 9.18 -57.58 -4.92
C SER A 352 10.53 -57.04 -4.44
N ILE A 353 10.85 -57.36 -3.19
CA ILE A 353 12.09 -56.93 -2.56
C ILE A 353 12.89 -58.18 -2.20
N MET A 354 14.17 -58.18 -2.58
CA MET A 354 15.06 -59.31 -2.34
C MET A 354 16.24 -58.86 -1.49
N ASN A 355 16.72 -59.76 -0.63
CA ASN A 355 17.86 -59.49 0.23
C ASN A 355 18.84 -60.64 0.16
N LEU A 356 20.11 -60.35 0.45
CA LEU A 356 21.20 -61.32 0.34
C LEU A 356 21.53 -61.95 1.69
N GLN A 357 20.55 -62.08 2.57
CA GLN A 357 20.78 -62.74 3.85
C GLN A 357 21.08 -64.23 3.63
N ASN A 358 22.03 -64.75 4.41
CA ASN A 358 22.45 -66.14 4.30
C ASN A 358 23.04 -66.44 2.91
N ARG A 359 23.62 -65.43 2.27
CA ARG A 359 24.25 -65.60 0.96
C ARG A 359 23.26 -66.14 -0.06
N LYS A 360 22.00 -65.70 0.03
CA LYS A 360 20.97 -66.13 -0.90
C LYS A 360 19.88 -65.07 -0.97
N LEU A 361 19.32 -64.89 -2.16
CA LEU A 361 18.23 -63.94 -2.35
C LEU A 361 16.97 -64.44 -1.65
N VAL A 362 16.34 -63.56 -0.89
CA VAL A 362 15.12 -63.89 -0.16
C VAL A 362 14.11 -62.76 -0.34
N GLN A 363 12.85 -63.10 -0.13
CA GLN A 363 11.76 -62.13 -0.23
C GLN A 363 11.44 -61.57 1.15
N VAL A 364 11.38 -60.25 1.25
CA VAL A 364 11.12 -59.58 2.52
C VAL A 364 9.87 -58.70 2.37
N GLY A 365 9.03 -59.01 1.39
CA GLY A 365 7.83 -58.25 1.16
C GLY A 365 7.58 -57.93 -0.29
N ILE A 366 6.38 -57.43 -0.61
CA ILE A 366 6.00 -57.09 -1.97
C ILE A 366 5.33 -55.72 -1.96
N TYR A 367 5.25 -55.12 -3.15
CA TYR A 367 4.66 -53.81 -3.32
C TYR A 367 3.24 -53.98 -3.87
N ASN A 368 2.29 -53.33 -3.22
CA ASN A 368 0.89 -53.48 -3.52
C ASN A 368 0.47 -52.66 -4.73
N GLY A 369 1.31 -51.72 -5.10
CA GLY A 369 1.00 -50.73 -6.12
C GLY A 369 0.86 -49.33 -5.58
N THR A 370 0.52 -49.19 -4.29
CA THR A 370 0.47 -47.90 -3.63
C THR A 370 1.22 -47.86 -2.30
N HIS A 371 1.49 -49.01 -1.68
CA HIS A 371 2.25 -49.06 -0.44
C HIS A 371 2.88 -50.43 -0.31
N VAL A 372 4.11 -50.46 0.20
CA VAL A 372 4.82 -51.72 0.36
C VAL A 372 4.14 -52.56 1.43
N ILE A 373 4.31 -53.88 1.33
CA ILE A 373 3.70 -54.81 2.27
C ILE A 373 4.78 -55.75 2.81
N PRO A 374 5.63 -55.28 3.73
CA PRO A 374 6.68 -56.14 4.28
C PRO A 374 6.15 -57.03 5.39
N ASN A 375 6.13 -58.34 5.14
CA ASN A 375 5.65 -59.29 6.14
C ASN A 375 6.54 -60.54 6.24
N ASP A 376 7.63 -60.62 5.49
CA ASP A 376 8.49 -61.79 5.51
C ASP A 376 9.43 -61.71 6.73
N ARG A 377 10.43 -62.59 6.75
CA ARG A 377 11.36 -62.63 7.87
C ARG A 377 12.08 -61.29 8.02
N LYS A 378 12.75 -61.13 9.14
CA LYS A 378 13.46 -59.88 9.43
C LYS A 378 14.56 -59.64 8.41
N ILE A 379 14.74 -58.37 8.03
CA ILE A 379 15.75 -58.01 7.05
C ILE A 379 17.12 -58.03 7.71
N ILE A 380 18.07 -58.72 7.07
CA ILE A 380 19.44 -58.82 7.57
C ILE A 380 20.26 -57.71 6.92
N TRP A 381 20.49 -56.63 7.67
CA TRP A 381 21.26 -55.51 7.17
C TRP A 381 22.73 -55.86 7.09
N PRO A 382 23.52 -55.05 6.39
CA PRO A 382 24.95 -55.38 6.22
C PRO A 382 25.67 -55.60 7.54
N GLY A 383 25.33 -54.85 8.57
CA GLY A 383 25.95 -55.05 9.87
C GLY A 383 25.42 -56.23 10.66
N GLY A 384 24.36 -56.86 10.18
CA GLY A 384 23.78 -58.00 10.86
C GLY A 384 22.81 -57.67 11.97
N GLU A 385 22.61 -56.40 12.28
CA GLU A 385 21.68 -56.02 13.34
C GLU A 385 20.25 -56.29 12.91
N THR A 386 19.43 -56.69 13.89
CA THR A 386 18.03 -56.97 13.62
C THR A 386 17.21 -55.71 13.41
N GLU A 387 17.71 -54.55 13.84
CA GLU A 387 17.03 -53.29 13.67
C GLU A 387 17.61 -52.54 12.47
N LYS A 388 16.75 -51.78 11.80
CA LYS A 388 17.17 -51.04 10.62
C LYS A 388 18.20 -49.98 11.02
N PRO A 389 19.40 -50.00 10.44
CA PRO A 389 20.40 -48.99 10.82
C PRO A 389 19.93 -47.58 10.47
N ARG A 390 20.36 -46.63 11.30
CA ARG A 390 19.99 -45.23 11.05
C ARG A 390 20.54 -44.78 9.70
N GLY A 391 19.69 -44.12 8.92
CA GLY A 391 20.08 -43.61 7.62
C GLY A 391 20.81 -42.29 7.65
N TYR A 392 20.96 -41.68 8.82
CA TYR A 392 21.63 -40.40 8.96
C TYR A 392 22.68 -40.50 10.06
N GLN A 393 23.83 -39.87 9.85
CA GLN A 393 24.95 -39.90 10.79
C GLN A 393 25.25 -38.49 11.25
N MET A 394 25.42 -38.33 12.57
CA MET A 394 25.73 -37.02 13.12
C MET A 394 27.13 -36.58 12.70
N SER A 395 27.31 -35.28 12.51
CA SER A 395 28.59 -34.71 12.10
C SER A 395 28.97 -33.63 13.10
N THR A 396 29.73 -34.02 14.13
CA THR A 396 30.19 -33.08 15.16
C THR A 396 31.56 -32.51 14.83
N ARG A 397 31.69 -31.96 13.62
CA ARG A 397 32.93 -31.32 13.19
C ARG A 397 32.61 -30.05 12.38
N LEU A 398 31.68 -29.26 12.90
CA LEU A 398 31.19 -28.10 12.16
C LEU A 398 32.33 -27.13 11.83
N LYS A 399 32.28 -26.56 10.64
CA LYS A 399 33.19 -25.51 10.20
C LYS A 399 32.45 -24.18 10.20
N ILE A 400 33.02 -23.18 10.87
CA ILE A 400 32.35 -21.91 11.12
C ILE A 400 33.03 -20.84 10.28
N VAL A 401 32.21 -19.99 9.64
CA VAL A 401 32.70 -18.86 8.85
C VAL A 401 32.45 -17.58 9.64
N THR A 402 33.51 -16.78 9.82
CA THR A 402 33.43 -15.55 10.57
C THR A 402 33.99 -14.41 9.72
N ILE A 403 33.40 -13.22 9.90
CA ILE A 403 33.80 -12.02 9.16
C ILE A 403 34.38 -11.02 10.15
N HIS A 404 35.49 -10.40 9.76
CA HIS A 404 36.21 -9.50 10.65
C HIS A 404 35.37 -8.29 11.03
N GLN A 405 34.87 -8.26 12.26
CA GLN A 405 34.20 -7.10 12.82
C GLN A 405 34.87 -6.75 14.14
N GLU A 406 35.26 -5.49 14.30
CA GLU A 406 36.12 -5.11 15.42
C GLU A 406 35.48 -5.40 16.77
N PRO A 407 34.27 -4.93 17.07
CA PRO A 407 33.72 -5.19 18.41
C PRO A 407 33.50 -6.66 18.71
N PHE A 408 33.12 -7.46 17.72
CA PHE A 408 32.76 -8.86 17.94
C PHE A 408 33.91 -9.81 17.69
N VAL A 409 34.47 -9.82 16.49
CA VAL A 409 35.45 -10.83 16.09
C VAL A 409 36.72 -10.08 15.67
N TYR A 410 37.67 -9.96 16.60
CA TYR A 410 38.97 -9.42 16.27
C TYR A 410 39.78 -10.42 15.45
N VAL A 411 40.71 -9.90 14.67
CA VAL A 411 41.63 -10.71 13.87
C VAL A 411 43.04 -10.20 14.10
N LYS A 412 43.91 -11.07 14.62
CA LYS A 412 45.29 -10.71 14.88
C LYS A 412 46.23 -11.78 14.35
N PRO A 413 47.36 -11.39 13.77
CA PRO A 413 48.30 -12.39 13.26
C PRO A 413 48.94 -13.19 14.39
N THR A 414 49.30 -14.44 14.08
CA THR A 414 49.95 -15.30 15.04
C THR A 414 51.44 -14.98 15.12
N LEU A 415 52.08 -15.49 16.17
CA LEU A 415 53.50 -15.27 16.37
C LEU A 415 54.30 -16.20 15.46
N SER A 416 55.62 -16.22 15.64
CA SER A 416 56.47 -17.08 14.82
C SER A 416 56.14 -18.55 15.03
N ASP A 417 55.90 -18.95 16.29
CA ASP A 417 55.59 -20.34 16.59
C ASP A 417 54.26 -20.79 16.03
N GLY A 418 53.42 -19.88 15.55
CA GLY A 418 52.13 -20.21 15.01
C GLY A 418 50.95 -19.92 15.92
N THR A 419 51.21 -19.69 17.21
CA THR A 419 50.17 -19.35 18.16
C THR A 419 50.37 -17.92 18.63
N CYS A 420 49.33 -17.10 18.49
CA CYS A 420 49.43 -15.70 18.86
C CYS A 420 49.47 -15.53 20.37
N LYS A 421 50.02 -14.39 20.80
CA LYS A 421 50.25 -14.17 22.22
C LYS A 421 48.94 -14.18 23.00
N GLU A 422 49.02 -14.61 24.26
CA GLU A 422 47.88 -14.69 25.14
C GLU A 422 47.89 -13.50 26.10
N GLU A 423 46.80 -12.75 26.11
CA GLU A 423 46.66 -11.58 26.97
C GLU A 423 45.65 -11.86 28.08
N PHE A 424 45.37 -10.84 28.87
CA PHE A 424 44.45 -10.95 30.00
C PHE A 424 43.37 -9.89 29.88
N THR A 425 42.19 -10.20 30.41
CA THR A 425 41.06 -9.30 30.34
C THR A 425 41.32 -8.06 31.20
N VAL A 426 40.36 -7.12 31.18
CA VAL A 426 40.52 -5.88 31.93
C VAL A 426 40.62 -6.17 33.43
N ASN A 427 39.74 -7.03 33.93
CA ASN A 427 39.78 -7.41 35.34
C ASN A 427 40.79 -8.51 35.63
N GLY A 428 41.34 -9.14 34.60
CA GLY A 428 42.32 -10.19 34.78
C GLY A 428 41.73 -11.57 34.56
N ASP A 429 41.96 -12.13 33.37
CA ASP A 429 41.48 -13.47 33.05
C ASP A 429 41.98 -13.87 31.67
N PRO A 430 42.18 -15.16 31.42
CA PRO A 430 42.62 -15.59 30.09
C PRO A 430 41.60 -15.21 29.03
N VAL A 431 42.09 -14.83 27.85
CA VAL A 431 41.25 -14.49 26.71
C VAL A 431 41.19 -15.68 25.78
N LYS A 432 39.98 -16.14 25.47
CA LYS A 432 39.79 -17.33 24.64
C LYS A 432 40.01 -16.94 23.18
N LYS A 433 41.05 -17.50 22.57
CA LYS A 433 41.37 -17.26 21.18
C LYS A 433 41.40 -18.57 20.42
N VAL A 434 40.86 -18.54 19.20
CA VAL A 434 40.77 -19.71 18.33
C VAL A 434 41.57 -19.45 17.07
N ILE A 435 42.42 -20.42 16.70
CA ILE A 435 43.29 -20.28 15.53
C ILE A 435 42.39 -20.34 14.29
N CYS A 436 42.21 -19.20 13.64
CA CYS A 436 41.38 -19.10 12.44
C CYS A 436 42.25 -19.00 11.20
N THR A 437 41.72 -19.48 10.08
CA THR A 437 42.41 -19.46 8.80
C THR A 437 41.63 -18.59 7.83
N GLY A 438 42.32 -17.67 7.16
CA GLY A 438 41.69 -16.77 6.24
C GLY A 438 42.70 -16.03 5.36
N PRO A 439 42.19 -15.24 4.42
CA PRO A 439 43.09 -14.50 3.53
C PRO A 439 43.93 -13.49 4.28
N ASN A 440 45.13 -13.23 3.76
CA ASN A 440 46.04 -12.28 4.39
C ASN A 440 45.71 -10.85 4.02
N ASP A 441 45.71 -10.54 2.73
CA ASP A 441 45.43 -9.20 2.24
C ASP A 441 43.99 -9.05 1.74
N THR A 442 43.59 -9.90 0.80
CA THR A 442 42.23 -9.85 0.25
C THR A 442 41.88 -11.16 -0.44
N SER A 446 52.23 -10.52 0.19
CA SER A 446 51.07 -11.15 0.80
C SER A 446 50.76 -12.49 0.16
N PRO A 447 50.81 -13.57 0.95
CA PRO A 447 50.50 -14.89 0.40
C PRO A 447 49.11 -14.97 -0.22
N ARG A 448 48.13 -14.29 0.37
CA ARG A 448 46.76 -14.26 -0.16
C ARG A 448 46.15 -15.66 -0.22
N HIS A 449 46.64 -16.57 0.62
CA HIS A 449 46.14 -17.95 0.60
C HIS A 449 46.20 -18.52 2.01
N THR A 450 45.09 -18.40 2.73
CA THR A 450 44.86 -19.09 4.00
C THR A 450 46.06 -18.97 4.94
N VAL A 451 46.37 -17.74 5.32
CA VAL A 451 47.38 -17.49 6.34
C VAL A 451 46.76 -17.73 7.72
N PRO A 452 47.33 -18.60 8.54
CA PRO A 452 46.70 -18.93 9.83
C PRO A 452 46.84 -17.76 10.82
N GLN A 453 45.70 -17.22 11.23
CA GLN A 453 45.62 -16.17 12.22
C GLN A 453 44.89 -16.69 13.46
N CYS A 454 44.69 -15.80 14.43
CA CYS A 454 43.96 -16.14 15.65
C CYS A 454 42.86 -15.11 15.87
N CYS A 455 41.64 -15.59 16.08
CA CYS A 455 40.47 -14.74 16.29
C CYS A 455 40.04 -14.80 17.75
N TYR A 456 39.34 -13.75 18.18
CA TYR A 456 38.80 -13.69 19.53
C TYR A 456 37.81 -12.53 19.61
N GLY A 457 36.89 -12.64 20.57
CA GLY A 457 35.93 -11.57 20.77
C GLY A 457 34.55 -12.04 21.18
N PHE A 458 33.55 -11.20 20.96
CA PHE A 458 32.18 -11.52 21.35
C PHE A 458 31.71 -12.81 20.70
N CYS A 459 31.65 -12.82 19.36
CA CYS A 459 31.10 -13.98 18.66
C CYS A 459 31.92 -15.24 18.94
N ILE A 460 33.25 -15.13 18.90
CA ILE A 460 34.09 -16.29 19.15
C ILE A 460 33.87 -16.80 20.58
N ASP A 461 33.74 -15.89 21.54
CA ASP A 461 33.44 -16.30 22.90
C ASP A 461 32.09 -17.02 22.97
N LEU A 462 31.09 -16.50 22.25
CA LEU A 462 29.79 -17.17 22.20
C LEU A 462 29.93 -18.56 21.56
N LEU A 463 30.71 -18.66 20.48
CA LEU A 463 30.88 -19.95 19.82
C LEU A 463 31.47 -20.99 20.76
N ILE A 464 32.48 -20.59 21.55
CA ILE A 464 33.11 -21.54 22.46
C ILE A 464 32.09 -22.04 23.49
N LYS A 465 31.25 -21.15 23.98
CA LYS A 465 30.22 -21.55 24.94
C LYS A 465 29.25 -22.54 24.30
N LEU A 466 28.83 -22.28 23.06
CA LEU A 466 27.91 -23.19 22.38
C LEU A 466 28.53 -24.56 22.18
N ALA A 467 29.81 -24.61 21.78
CA ALA A 467 30.45 -25.90 21.55
C ALA A 467 30.52 -26.72 22.83
N ARG A 468 30.83 -26.08 23.95
CA ARG A 468 30.95 -26.80 25.21
C ARG A 468 29.60 -27.40 25.64
N THR A 469 28.52 -26.65 25.46
CA THR A 469 27.21 -27.08 25.96
C THR A 469 26.51 -28.07 25.05
N MET A 470 27.01 -28.29 23.83
CA MET A 470 26.41 -29.26 22.93
C MET A 470 27.46 -30.11 22.22
N ASN A 471 28.67 -30.20 22.70
CA ASN A 471 29.63 -31.08 22.08
C ASN A 471 29.95 -30.78 20.63
N PHE A 472 30.46 -29.59 20.33
CA PHE A 472 30.93 -29.34 18.98
C PHE A 472 32.39 -29.79 18.83
N THR A 473 32.92 -29.58 17.64
CA THR A 473 34.36 -29.62 17.38
C THR A 473 34.59 -28.66 16.21
N TYR A 474 34.88 -27.41 16.53
CA TYR A 474 34.84 -26.32 15.57
C TYR A 474 36.22 -26.07 14.98
N GLU A 475 36.23 -25.57 13.75
CA GLU A 475 37.44 -25.14 13.05
C GLU A 475 37.11 -23.83 12.34
N VAL A 476 37.37 -22.71 13.01
CA VAL A 476 36.98 -21.42 12.47
C VAL A 476 37.62 -21.22 11.10
N HIS A 477 36.96 -20.43 10.26
CA HIS A 477 37.42 -20.20 8.89
C HIS A 477 36.82 -18.89 8.40
N LEU A 478 37.67 -17.87 8.29
CA LEU A 478 37.22 -16.55 7.88
C LEU A 478 36.74 -16.57 6.43
N VAL A 479 35.81 -15.68 6.11
CA VAL A 479 35.24 -15.62 4.77
C VAL A 479 36.35 -15.31 3.77
N ALA A 480 36.27 -15.95 2.60
CA ALA A 480 37.32 -15.78 1.60
C ALA A 480 37.43 -14.32 1.15
N ASP A 481 36.31 -13.69 0.81
CA ASP A 481 36.27 -12.28 0.44
C ASP A 481 35.44 -11.55 1.49
N GLY A 482 36.03 -10.52 2.10
CA GLY A 482 35.32 -9.81 3.14
C GLY A 482 34.02 -9.20 2.63
N LYS A 483 32.90 -9.81 3.02
CA LYS A 483 31.60 -9.32 2.59
C LYS A 483 30.50 -10.05 3.35
N PHE A 484 29.57 -9.31 3.94
CA PHE A 484 28.55 -9.94 4.78
C PHE A 484 27.66 -10.87 3.96
N GLY A 485 27.24 -10.44 2.78
CA GLY A 485 26.41 -11.27 1.93
C GLY A 485 25.19 -10.57 1.37
N THR A 486 24.98 -10.71 0.07
CA THR A 486 23.82 -10.11 -0.59
C THR A 486 23.55 -10.88 -1.87
N GLN A 487 22.34 -10.69 -2.41
CA GLN A 487 21.90 -11.38 -3.61
C GLN A 487 22.30 -10.55 -4.84
N GLU A 488 23.27 -11.05 -5.60
CA GLU A 488 23.73 -10.40 -6.81
C GLU A 488 23.16 -11.10 -8.03
N ARG A 489 23.02 -10.33 -9.11
CA ARG A 489 22.46 -10.82 -10.37
C ARG A 489 23.60 -11.10 -11.34
N VAL A 490 23.69 -12.34 -11.81
CA VAL A 490 24.70 -12.75 -12.78
C VAL A 490 24.02 -13.58 -13.86
N ASN A 491 24.19 -13.17 -15.12
CA ASN A 491 23.68 -13.93 -16.26
C ASN A 491 22.19 -14.23 -16.11
N ASN A 492 21.42 -13.22 -15.72
CA ASN A 492 19.97 -13.34 -15.58
C ASN A 492 19.60 -14.46 -14.62
N SER A 493 20.34 -14.56 -13.51
CA SER A 493 20.05 -15.55 -12.47
C SER A 493 20.38 -14.91 -11.13
N ASN A 494 19.36 -14.29 -10.51
CA ASN A 494 19.59 -13.57 -9.25
C ASN A 494 20.03 -14.52 -8.15
N LYS A 495 19.30 -15.61 -7.96
CA LYS A 495 19.63 -16.56 -6.89
C LYS A 495 20.96 -17.24 -7.09
N LYS A 496 21.52 -17.19 -8.31
CA LYS A 496 22.80 -17.85 -8.55
C LYS A 496 23.93 -17.22 -7.75
N GLU A 497 23.89 -15.90 -7.59
CA GLU A 497 24.97 -15.15 -6.95
C GLU A 497 24.59 -14.81 -5.51
N TRP A 498 25.17 -15.52 -4.56
CA TRP A 498 25.10 -15.19 -3.14
C TRP A 498 26.50 -14.80 -2.70
N ASN A 499 26.81 -13.51 -2.78
CA ASN A 499 28.16 -13.04 -2.50
C ASN A 499 28.43 -12.98 -1.01
N GLY A 500 29.70 -13.19 -0.64
CA GLY A 500 30.12 -13.02 0.73
C GLY A 500 30.04 -14.31 1.54
N MET A 501 30.04 -14.15 2.87
CA MET A 501 30.00 -15.30 3.76
C MET A 501 28.71 -16.10 3.60
N MET A 502 27.63 -15.45 3.15
CA MET A 502 26.37 -16.16 2.96
C MET A 502 26.52 -17.25 1.91
N GLY A 503 27.21 -16.96 0.81
CA GLY A 503 27.43 -17.97 -0.20
C GLY A 503 28.23 -19.15 0.33
N GLU A 504 29.21 -18.88 1.20
CA GLU A 504 30.01 -19.96 1.76
C GLU A 504 29.15 -20.94 2.54
N LEU A 505 28.26 -20.42 3.38
CA LEU A 505 27.36 -21.28 4.14
C LEU A 505 26.40 -22.03 3.22
N LEU A 506 25.83 -21.34 2.24
CA LEU A 506 24.85 -21.97 1.37
C LEU A 506 25.49 -23.02 0.47
N SER A 507 26.67 -22.72 -0.08
CA SER A 507 27.31 -23.65 -0.99
C SER A 507 27.65 -24.96 -0.30
N GLY A 508 28.19 -24.89 0.92
CA GLY A 508 28.53 -26.08 1.65
C GLY A 508 29.89 -26.03 2.32
N GLN A 509 30.63 -24.94 2.09
CA GLN A 509 31.94 -24.80 2.69
C GLN A 509 31.86 -24.77 4.22
N ALA A 510 30.88 -24.05 4.76
CA ALA A 510 30.67 -23.97 6.20
C ALA A 510 29.20 -24.20 6.52
N ASP A 511 28.95 -24.97 7.57
CA ASP A 511 27.59 -25.28 7.99
C ASP A 511 27.11 -24.40 9.14
N MET A 512 27.91 -23.42 9.54
CA MET A 512 27.48 -22.47 10.56
C MET A 512 28.14 -21.13 10.27
N ILE A 513 27.41 -20.05 10.52
CA ILE A 513 27.81 -18.72 10.08
C ILE A 513 27.97 -17.78 11.26
N VAL A 514 28.47 -18.29 12.38
CA VAL A 514 28.58 -17.48 13.59
C VAL A 514 29.31 -16.18 13.26
N ALA A 515 28.60 -15.06 13.36
CA ALA A 515 29.14 -13.75 13.05
C ALA A 515 28.06 -12.69 13.28
N PRO A 516 28.41 -11.41 13.25
CA PRO A 516 27.37 -10.37 13.38
C PRO A 516 26.51 -10.29 12.13
N LEU A 517 25.65 -11.28 11.92
CA LEU A 517 24.82 -11.36 10.73
C LEU A 517 23.42 -10.85 11.06
N THR A 518 23.00 -9.80 10.37
CA THR A 518 21.69 -9.21 10.63
C THR A 518 20.58 -10.14 10.13
N ILE A 519 19.42 -10.05 10.77
CA ILE A 519 18.27 -10.86 10.41
C ILE A 519 17.30 -10.02 9.59
N ASN A 520 17.07 -10.43 8.35
CA ASN A 520 16.14 -9.74 7.46
C ASN A 520 15.44 -10.78 6.59
N ASN A 521 14.57 -10.30 5.70
CA ASN A 521 13.71 -11.21 4.93
C ASN A 521 14.51 -12.04 3.94
N GLU A 522 15.39 -11.39 3.17
CA GLU A 522 16.08 -12.08 2.08
C GLU A 522 16.82 -13.31 2.58
N ARG A 523 17.66 -13.14 3.60
CA ARG A 523 18.40 -14.29 4.13
C ARG A 523 17.47 -15.30 4.78
N ALA A 524 16.46 -14.81 5.52
CA ALA A 524 15.56 -15.72 6.21
C ALA A 524 14.84 -16.66 5.24
N GLN A 525 14.65 -16.23 3.99
CA GLN A 525 13.97 -17.08 3.02
C GLN A 525 14.81 -18.29 2.65
N TYR A 526 16.14 -18.15 2.64
CA TYR A 526 17.01 -19.20 2.15
C TYR A 526 17.66 -19.98 3.29
N ILE A 527 18.22 -19.29 4.27
CA ILE A 527 18.89 -19.94 5.39
C ILE A 527 18.02 -19.78 6.64
N GLU A 528 18.39 -20.52 7.68
CA GLU A 528 17.65 -20.53 8.94
C GLU A 528 18.42 -19.73 9.99
N PHE A 529 17.73 -18.81 10.65
CA PHE A 529 18.32 -17.93 11.64
C PHE A 529 17.89 -18.34 13.03
N SER A 530 18.86 -18.47 13.94
CA SER A 530 18.57 -18.75 15.33
C SER A 530 18.03 -17.49 16.01
N LYS A 531 17.59 -17.64 17.26
CA LYS A 531 17.09 -16.49 18.00
C LYS A 531 18.21 -15.47 18.16
N PRO A 532 17.90 -14.18 18.04
CA PRO A 532 18.95 -13.16 18.11
C PRO A 532 19.71 -13.24 19.43
N PHE A 533 21.02 -13.10 19.35
CA PHE A 533 21.87 -13.01 20.53
C PHE A 533 22.25 -11.58 20.87
N LYS A 534 21.75 -10.60 20.12
CA LYS A 534 21.99 -9.20 20.41
C LYS A 534 21.01 -8.37 19.59
N TYR A 535 20.26 -7.50 20.25
CA TYR A 535 19.28 -6.65 19.61
C TYR A 535 19.92 -5.30 19.31
N GLN A 536 19.76 -4.84 18.07
CA GLN A 536 20.45 -3.64 17.61
C GLN A 536 19.58 -2.94 16.58
N GLY A 537 20.19 -2.04 15.82
CA GLY A 537 19.47 -1.31 14.79
C GLY A 537 20.39 -0.27 14.18
N LEU A 538 20.12 0.02 12.91
CA LEU A 538 20.96 0.96 12.17
C LEU A 538 20.96 2.33 12.85
N THR A 539 22.13 2.96 12.88
CA THR A 539 22.29 4.27 13.48
C THR A 539 23.42 5.00 12.76
N ILE A 540 23.43 6.32 12.90
CA ILE A 540 24.36 7.19 12.18
C ILE A 540 25.50 7.56 13.12
N LEU A 541 26.73 7.42 12.64
CA LEU A 541 27.93 7.81 13.36
C LEU A 541 28.56 9.01 12.67
N VAL A 542 28.77 10.08 13.43
CA VAL A 542 29.33 11.32 12.89
C VAL A 542 30.48 11.77 13.79
N LYS A 543 31.36 12.57 13.20
CA LYS A 543 32.51 13.09 13.94
C LYS A 543 32.06 14.14 14.94
N LYS A 544 32.67 14.14 16.12
CA LYS A 544 32.35 15.11 17.15
C LYS A 544 32.89 16.47 16.76
N GLU A 545 32.03 17.49 16.79
CA GLU A 545 32.42 18.84 16.40
C GLU A 545 32.95 19.59 17.61
N ILE A 546 34.22 19.95 17.57
CA ILE A 546 34.84 20.69 18.67
C ILE A 546 34.16 22.06 18.80
N PRO A 547 33.79 22.49 20.00
CA PRO A 547 33.10 23.79 20.17
C PRO A 547 34.05 24.98 20.19
N ARG A 548 34.43 25.43 18.99
CA ARG A 548 35.29 26.59 18.87
C ARG A 548 34.48 27.87 19.10
N SER A 549 35.21 28.95 19.37
CA SER A 549 34.60 30.24 19.66
C SER A 549 34.51 31.08 18.39
N THR A 550 34.12 32.34 18.57
CA THR A 550 33.98 33.29 17.47
C THR A 550 34.34 34.67 18.01
N LEU A 551 33.86 35.72 17.34
CA LEU A 551 34.11 37.09 17.75
C LEU A 551 35.61 37.38 17.83
N ASP A 552 36.25 37.27 16.66
CA ASP A 552 37.69 37.42 16.57
C ASP A 552 38.16 38.77 17.07
N SER A 553 37.28 39.77 17.10
CA SER A 553 37.63 41.11 17.55
C SER A 553 36.66 41.55 18.64
N PHE A 554 37.18 42.40 19.55
CA PHE A 554 36.36 42.90 20.64
C PHE A 554 35.32 43.92 20.16
N MET A 555 35.60 44.58 19.04
CA MET A 555 34.72 45.63 18.52
C MET A 555 33.64 45.08 17.59
N GLN A 556 33.55 43.77 17.44
CA GLN A 556 32.55 43.18 16.55
C GLN A 556 31.13 43.64 16.83
N PRO A 557 30.65 43.68 18.08
CA PRO A 557 29.25 44.05 18.33
C PRO A 557 28.88 45.43 17.79
N PHE A 558 29.80 46.37 17.79
CA PHE A 558 29.53 47.74 17.34
C PHE A 558 30.17 47.97 15.98
N GLN A 559 29.40 48.51 15.05
CA GLN A 559 29.92 48.84 13.73
C GLN A 559 30.89 50.01 13.82
N SER A 560 31.72 50.13 12.78
CA SER A 560 32.74 51.18 12.77
C SER A 560 32.11 52.57 12.93
N THR A 561 30.94 52.79 12.32
CA THR A 561 30.29 54.08 12.46
C THR A 561 29.91 54.35 13.92
N LEU A 562 29.41 53.34 14.62
CA LEU A 562 29.01 53.52 16.01
C LEU A 562 30.19 53.96 16.88
N TRP A 563 31.36 53.33 16.68
CA TRP A 563 32.53 53.74 17.44
C TRP A 563 32.91 55.19 17.15
N LEU A 564 32.83 55.60 15.88
CA LEU A 564 33.12 56.99 15.54
C LEU A 564 32.11 57.94 16.19
N LEU A 565 30.83 57.57 16.17
CA LEU A 565 29.80 58.45 16.72
C LEU A 565 30.05 58.71 18.21
N VAL A 566 30.38 57.65 18.95
CA VAL A 566 30.70 57.84 20.37
C VAL A 566 32.00 58.60 20.54
N GLY A 567 32.98 58.36 19.67
CA GLY A 567 34.26 59.06 19.79
C GLY A 567 34.12 60.56 19.64
N LEU A 568 33.41 61.01 18.60
CA LEU A 568 33.18 62.44 18.44
C LEU A 568 32.13 62.95 19.42
N SER A 569 31.22 62.08 19.86
CA SER A 569 30.25 62.49 20.87
C SER A 569 30.94 62.90 22.17
N VAL A 570 31.98 62.15 22.57
CA VAL A 570 32.72 62.51 23.77
C VAL A 570 33.37 63.88 23.61
N HIS A 571 34.00 64.11 22.45
CA HIS A 571 34.69 65.38 22.22
C HIS A 571 33.71 66.54 22.19
N VAL A 572 32.59 66.38 21.48
CA VAL A 572 31.62 67.46 21.36
C VAL A 572 30.99 67.76 22.71
N VAL A 573 30.64 66.72 23.47
CA VAL A 573 30.04 66.93 24.79
C VAL A 573 31.03 67.63 25.72
N ALA A 574 32.28 67.19 25.72
CA ALA A 574 33.27 67.79 26.60
C ALA A 574 33.52 69.25 26.26
N VAL A 575 33.64 69.57 24.98
CA VAL A 575 33.90 70.96 24.58
C VAL A 575 32.74 71.86 24.98
N MET A 576 31.51 71.40 24.76
CA MET A 576 30.35 72.20 25.14
C MET A 576 30.32 72.43 26.65
N LEU A 577 30.67 71.41 27.44
CA LEU A 577 30.73 71.58 28.88
C LEU A 577 31.72 72.65 29.28
N TYR A 578 32.90 72.67 28.63
CA TYR A 578 33.88 73.70 28.92
C TYR A 578 33.34 75.08 28.59
N LEU A 579 32.67 75.22 27.45
CA LEU A 579 32.10 76.51 27.08
C LEU A 579 31.04 76.95 28.09
N LEU A 580 30.18 76.02 28.51
CA LEU A 580 29.17 76.35 29.51
C LEU A 580 29.82 76.75 30.83
N ASP A 581 30.84 76.01 31.26
CA ASP A 581 31.53 76.36 32.50
C ASP A 581 32.20 77.72 32.39
N ARG A 582 32.87 77.99 31.27
CA ARG A 582 33.53 79.28 31.09
C ARG A 582 32.53 80.41 30.89
N PHE A 583 31.29 80.11 30.50
CA PHE A 583 30.30 81.15 30.32
C PHE A 583 29.98 81.86 31.63
N SER A 584 29.95 81.10 32.74
CA SER A 584 29.65 81.68 34.04
C SER A 584 28.27 82.30 34.05
N PRO A 585 27.20 81.51 33.89
CA PRO A 585 25.82 82.02 33.87
C PRO A 585 25.41 82.63 35.21
N THR A 602 38.31 73.89 32.59
CA THR A 602 39.15 74.05 31.41
C THR A 602 38.92 72.91 30.42
N LEU A 603 39.51 73.05 29.23
CA LEU A 603 39.37 72.00 28.22
C LEU A 603 39.96 70.69 28.70
N SER A 604 41.13 70.73 29.32
CA SER A 604 41.75 69.50 29.80
C SER A 604 40.90 68.83 30.85
N SER A 605 40.36 69.60 31.80
CA SER A 605 39.48 69.02 32.81
C SER A 605 38.20 68.47 32.19
N ALA A 606 37.61 69.21 31.26
CA ALA A 606 36.37 68.75 30.63
C ALA A 606 36.59 67.45 29.86
N MET A 607 37.68 67.37 29.09
CA MET A 607 37.97 66.15 28.35
C MET A 607 38.18 64.98 29.29
N TRP A 608 38.90 65.20 30.39
CA TRP A 608 39.14 64.13 31.36
C TRP A 608 37.83 63.62 31.94
N PHE A 609 36.93 64.53 32.30
CA PHE A 609 35.67 64.13 32.93
C PHE A 609 34.81 63.32 31.97
N SER A 610 34.64 63.81 30.74
CA SER A 610 33.79 63.10 29.78
C SER A 610 34.38 61.74 29.43
N TRP A 611 35.70 61.68 29.22
CA TRP A 611 36.34 60.40 28.92
C TRP A 611 36.22 59.44 30.10
N GLY A 612 36.44 59.94 31.31
CA GLY A 612 36.37 59.06 32.48
C GLY A 612 35.01 58.45 32.69
N VAL A 613 33.94 59.25 32.52
CA VAL A 613 32.59 58.75 32.74
C VAL A 613 32.27 57.65 31.75
N LEU A 614 32.59 57.84 30.48
CA LEU A 614 32.30 56.83 29.48
C LEU A 614 33.08 55.54 29.73
N LEU A 615 34.35 55.67 30.10
CA LEU A 615 35.20 54.52 30.34
C LEU A 615 35.07 53.95 31.74
N ASN A 616 34.23 54.57 32.59
CA ASN A 616 34.01 54.08 33.95
C ASN A 616 35.31 54.10 34.76
N SER A 617 35.99 55.24 34.73
CA SER A 617 37.24 55.43 35.45
C SER A 617 37.09 56.55 36.46
N GLY A 618 37.91 56.50 37.52
CA GLY A 618 37.81 57.46 38.59
C GLY A 618 38.65 58.72 38.39
N ILE A 619 39.27 58.85 37.22
CA ILE A 619 40.11 60.02 36.95
C ILE A 619 39.32 61.31 36.86
N GLY A 620 37.99 61.24 36.91
CA GLY A 620 37.16 62.42 36.81
C GLY A 620 37.48 63.46 37.87
N GLU A 621 37.61 64.72 37.46
CA GLU A 621 37.90 65.82 38.36
C GLU A 621 37.22 67.07 37.85
N GLY A 622 37.01 68.02 38.76
CA GLY A 622 36.36 69.27 38.40
C GLY A 622 34.95 69.06 37.89
N ALA A 623 34.06 68.59 38.76
CA ALA A 623 32.68 68.35 38.35
C ALA A 623 32.01 69.66 37.94
N PRO A 624 31.10 69.61 36.97
CA PRO A 624 30.45 70.84 36.52
C PRO A 624 29.72 71.54 37.67
N ARG A 625 29.78 72.87 37.65
CA ARG A 625 29.17 73.69 38.68
C ARG A 625 27.84 74.30 38.26
N SER A 626 27.73 74.75 37.02
CA SER A 626 26.49 75.33 36.54
C SER A 626 25.40 74.27 36.45
N PHE A 627 24.16 74.70 36.71
CA PHE A 627 23.03 73.77 36.63
C PHE A 627 22.89 73.20 35.22
N SER A 628 23.04 74.04 34.21
CA SER A 628 23.00 73.55 32.83
C SER A 628 24.12 72.54 32.58
N ALA A 629 25.32 72.84 33.07
CA ALA A 629 26.41 71.88 32.95
C ALA A 629 26.12 70.60 33.71
N ARG A 630 25.57 70.73 34.92
CA ARG A 630 25.29 69.55 35.73
C ARG A 630 24.28 68.64 35.04
N ILE A 631 23.21 69.22 34.50
CA ILE A 631 22.19 68.40 33.83
C ILE A 631 22.77 67.72 32.60
N LEU A 632 23.57 68.45 31.82
CA LEU A 632 24.20 67.85 30.65
C LEU A 632 25.12 66.71 31.05
N GLY A 633 25.90 66.89 32.11
CA GLY A 633 26.79 65.83 32.56
C GLY A 633 26.04 64.59 33.00
N MET A 634 24.94 64.76 33.73
CA MET A 634 24.16 63.61 34.17
C MET A 634 23.61 62.83 32.99
N VAL A 635 23.09 63.54 31.98
CA VAL A 635 22.59 62.86 30.79
C VAL A 635 23.74 62.17 30.06
N TRP A 636 24.92 62.80 30.04
CA TRP A 636 26.08 62.16 29.42
C TRP A 636 26.42 60.86 30.13
N ALA A 637 26.40 60.85 31.47
CA ALA A 637 26.63 59.62 32.21
C ALA A 637 25.56 58.58 31.90
N GLY A 638 24.30 59.01 31.86
CA GLY A 638 23.23 58.08 31.52
C GLY A 638 23.42 57.46 30.15
N PHE A 639 23.85 58.26 29.18
CA PHE A 639 24.16 57.73 27.86
C PHE A 639 25.30 56.71 27.92
N ALA A 640 26.28 56.96 28.79
CA ALA A 640 27.38 56.02 28.94
C ALA A 640 26.89 54.67 29.45
N MET A 641 25.97 54.67 30.43
CA MET A 641 25.42 53.43 30.93
C MET A 641 24.65 52.69 29.84
N ILE A 642 23.88 53.41 29.04
CA ILE A 642 23.09 52.78 27.99
C ILE A 642 24.01 52.11 26.97
N ILE A 643 25.08 52.80 26.57
CA ILE A 643 25.98 52.26 25.55
C ILE A 643 26.65 50.99 26.05
N VAL A 644 27.20 51.02 27.27
CA VAL A 644 27.89 49.85 27.81
C VAL A 644 26.91 48.71 28.02
N ALA A 645 25.74 49.00 28.58
CA ALA A 645 24.74 47.96 28.80
C ALA A 645 24.30 47.33 27.48
N SER A 646 24.11 48.17 26.45
CA SER A 646 23.75 47.64 25.14
C SER A 646 24.84 46.73 24.59
N TYR A 647 26.10 47.12 24.76
CA TYR A 647 27.19 46.30 24.25
C TYR A 647 27.21 44.93 24.93
N THR A 648 27.10 44.90 26.25
CA THR A 648 27.11 43.62 26.96
C THR A 648 25.91 42.75 26.56
N ALA A 649 24.73 43.37 26.43
CA ALA A 649 23.57 42.60 26.02
C ALA A 649 23.75 42.02 24.62
N ASN A 650 24.30 42.83 23.70
CA ASN A 650 24.54 42.33 22.35
C ASN A 650 25.55 41.18 22.36
N LEU A 651 26.61 41.31 23.15
CA LEU A 651 27.61 40.25 23.23
C LEU A 651 26.99 38.97 23.81
N ALA A 652 26.15 39.11 24.84
CA ALA A 652 25.51 37.93 25.42
C ALA A 652 24.62 37.24 24.39
N ALA A 653 23.87 38.02 23.60
CA ALA A 653 23.04 37.42 22.56
C ALA A 653 23.89 36.72 21.52
N PHE A 654 25.01 37.33 21.13
CA PHE A 654 25.90 36.69 20.16
C PHE A 654 26.48 35.40 20.72
N LEU A 655 26.98 35.44 21.96
CA LEU A 655 27.58 34.25 22.55
C LEU A 655 26.56 33.14 22.74
N VAL A 656 25.36 33.48 23.21
CA VAL A 656 24.33 32.47 23.44
C VAL A 656 23.91 31.83 22.12
N LEU A 657 23.72 32.64 21.08
CA LEU A 657 23.27 32.12 19.80
C LEU A 657 24.40 31.58 18.94
N ASP A 658 25.66 31.73 19.36
CA ASP A 658 26.81 31.27 18.61
C ASP A 658 27.16 29.85 19.05
N ARG A 659 26.60 28.86 18.36
CA ARG A 659 26.88 27.47 18.64
C ARG A 659 27.17 26.74 17.34
N PRO A 660 27.90 25.62 17.40
CA PRO A 660 28.23 24.87 16.19
C PRO A 660 26.98 24.29 15.55
N GLU A 661 27.12 23.93 14.27
CA GLU A 661 26.00 23.39 13.52
C GLU A 661 25.45 22.14 14.19
N GLU A 662 24.12 22.01 14.20
CA GLU A 662 23.49 20.87 14.82
C GLU A 662 23.85 19.58 14.09
N ARG A 663 23.90 18.49 14.84
CA ARG A 663 24.26 17.19 14.28
C ARG A 663 23.08 16.61 13.49
N ILE A 664 23.32 15.48 12.84
CA ILE A 664 22.35 14.92 11.92
C ILE A 664 21.04 14.60 12.65
N THR A 665 21.13 13.89 13.76
CA THR A 665 19.96 13.55 14.58
C THR A 665 18.95 12.73 13.77
N GLY A 666 19.37 11.54 13.37
CA GLY A 666 18.48 10.57 12.77
C GLY A 666 18.43 10.66 11.25
N ILE A 667 17.74 9.68 10.67
CA ILE A 667 17.59 9.61 9.22
C ILE A 667 16.53 10.57 8.69
N ASN A 668 15.80 11.24 9.57
CA ASN A 668 14.77 12.19 9.16
C ASN A 668 15.30 13.60 8.98
N ASP A 669 16.60 13.81 9.18
CA ASP A 669 17.16 15.15 9.06
C ASP A 669 17.03 15.64 7.62
N PRO A 670 16.74 16.94 7.43
CA PRO A 670 16.65 17.47 6.05
C PRO A 670 17.94 17.30 5.26
N ARG A 671 19.09 17.33 5.93
CA ARG A 671 20.36 17.18 5.21
C ARG A 671 20.43 15.84 4.50
N LEU A 672 20.03 14.77 5.19
CA LEU A 672 20.06 13.43 4.57
C LEU A 672 18.93 13.28 3.56
N ARG A 673 17.73 13.76 3.89
CA ARG A 673 16.60 13.62 2.98
C ARG A 673 16.80 14.41 1.69
N ASN A 674 17.72 15.37 1.68
CA ASN A 674 18.05 16.16 0.48
C ASN A 674 19.54 16.06 0.25
N PRO A 675 20.01 14.96 -0.33
CA PRO A 675 21.46 14.75 -0.48
C PRO A 675 22.10 15.87 -1.27
N SER A 676 23.31 16.24 -0.84
CA SER A 676 24.09 17.29 -1.50
C SER A 676 25.53 16.84 -1.62
N ASP A 677 26.24 17.41 -2.59
CA ASP A 677 27.63 17.06 -2.82
C ASP A 677 28.52 17.40 -1.62
N LYS A 678 28.10 18.34 -0.78
CA LYS A 678 28.88 18.72 0.39
C LYS A 678 28.75 17.73 1.54
N PHE A 679 27.78 16.82 1.48
CA PHE A 679 27.59 15.80 2.50
C PHE A 679 27.83 14.43 1.87
N ILE A 680 28.74 13.65 2.48
CA ILE A 680 29.13 12.35 1.95
C ILE A 680 28.87 11.33 3.04
N TYR A 681 27.71 10.68 2.98
CA TYR A 681 27.35 9.61 3.90
C TYR A 681 27.20 8.31 3.11
N ALA A 682 27.81 7.24 3.61
CA ALA A 682 27.81 5.96 2.92
C ALA A 682 27.71 4.84 3.95
N THR A 683 27.78 3.61 3.47
CA THR A 683 27.72 2.42 4.32
C THR A 683 28.72 1.41 3.79
N VAL A 684 28.61 0.17 4.23
CA VAL A 684 29.48 -0.92 3.81
C VAL A 684 28.83 -1.64 2.63
N LYS A 685 29.62 -1.90 1.59
CA LYS A 685 29.09 -2.54 0.39
C LYS A 685 28.62 -3.96 0.70
N GLN A 686 27.48 -4.34 0.11
CA GLN A 686 26.94 -5.68 0.22
C GLN A 686 26.71 -6.07 1.70
N SER A 687 25.80 -5.33 2.33
CA SER A 687 25.43 -5.59 3.72
C SER A 687 23.92 -5.46 3.82
N SER A 688 23.40 -5.61 5.05
CA SER A 688 21.97 -5.44 5.27
C SER A 688 21.52 -4.01 5.06
N VAL A 689 22.43 -3.04 5.21
CA VAL A 689 22.07 -1.64 4.97
C VAL A 689 21.67 -1.44 3.51
N ASP A 690 22.43 -2.04 2.59
CA ASP A 690 22.09 -1.93 1.17
C ASP A 690 20.72 -2.54 0.89
N ILE A 691 20.45 -3.71 1.47
CA ILE A 691 19.17 -4.37 1.23
C ILE A 691 18.02 -3.57 1.82
N TYR A 692 18.23 -2.97 3.00
CA TYR A 692 17.17 -2.22 3.64
C TYR A 692 16.74 -1.02 2.81
N PHE A 693 17.70 -0.30 2.23
CA PHE A 693 17.37 0.90 1.47
C PHE A 693 16.78 0.57 0.11
N ARG A 694 17.25 -0.49 -0.55
CA ARG A 694 16.71 -0.86 -1.85
C ARG A 694 15.23 -1.24 -1.75
N ARG A 695 14.87 -1.98 -0.71
CA ARG A 695 13.48 -2.43 -0.58
C ARG A 695 12.52 -1.27 -0.44
N GLN A 696 12.87 -0.25 0.34
CA GLN A 696 12.02 0.90 0.54
C GLN A 696 11.97 1.76 -0.73
N VAL A 697 10.84 2.44 -0.92
CA VAL A 697 10.67 3.35 -2.05
C VAL A 697 10.76 4.80 -1.63
N GLU A 698 10.36 5.16 -0.40
CA GLU A 698 10.50 6.53 0.06
C GLU A 698 11.96 6.94 0.12
N LEU A 699 12.85 6.05 0.56
CA LEU A 699 14.27 6.31 0.61
C LEU A 699 14.88 6.02 -0.76
N SER A 700 14.42 6.77 -1.75
CA SER A 700 14.91 6.62 -3.12
C SER A 700 16.13 7.49 -3.39
N THR A 701 16.09 8.75 -2.95
CA THR A 701 17.22 9.64 -3.16
C THR A 701 18.46 9.18 -2.40
N MET A 702 18.27 8.68 -1.17
CA MET A 702 19.42 8.31 -0.34
C MET A 702 20.24 7.21 -1.02
N TYR A 703 19.58 6.17 -1.53
CA TYR A 703 20.31 5.01 -2.03
C TYR A 703 21.24 5.41 -3.17
N ARG A 704 20.78 6.27 -4.08
CA ARG A 704 21.63 6.72 -5.17
C ARG A 704 22.85 7.46 -4.64
N HIS A 705 22.69 8.22 -3.55
CA HIS A 705 23.83 8.93 -2.97
C HIS A 705 24.81 7.97 -2.31
N MET A 706 24.31 7.05 -1.50
CA MET A 706 25.20 6.10 -0.82
C MET A 706 25.84 5.13 -1.79
N GLU A 707 25.15 4.78 -2.88
CA GLU A 707 25.73 3.88 -3.86
C GLU A 707 27.00 4.46 -4.47
N LYS A 708 27.09 5.79 -4.52
CA LYS A 708 28.27 6.42 -5.10
C LYS A 708 29.50 6.24 -4.21
N HIS A 709 29.37 6.50 -2.91
CA HIS A 709 30.49 6.49 -1.98
C HIS A 709 30.48 5.28 -1.04
N ASN A 710 29.73 4.22 -1.39
CA ASN A 710 29.71 3.04 -0.54
C ASN A 710 31.11 2.49 -0.38
N TYR A 711 31.49 2.18 0.86
CA TYR A 711 32.86 1.78 1.18
C TYR A 711 33.02 0.27 1.03
N GLU A 712 34.16 -0.25 1.45
CA GLU A 712 34.48 -1.67 1.28
C GLU A 712 34.43 -2.48 2.57
N SER A 713 34.53 -1.83 3.73
CA SER A 713 34.52 -2.55 5.00
C SER A 713 34.07 -1.61 6.10
N ALA A 714 33.62 -2.20 7.21
CA ALA A 714 33.20 -1.42 8.36
C ALA A 714 34.36 -0.72 9.06
N ALA A 715 35.60 -1.11 8.76
CA ALA A 715 36.76 -0.46 9.34
C ALA A 715 37.28 0.69 8.48
N GLU A 716 37.22 0.55 7.15
CA GLU A 716 37.64 1.64 6.29
C GLU A 716 36.73 2.85 6.46
N ALA A 717 35.42 2.64 6.54
CA ALA A 717 34.49 3.76 6.66
C ALA A 717 34.73 4.56 7.94
N ILE A 718 34.94 3.86 9.06
CA ILE A 718 35.19 4.56 10.31
C ILE A 718 36.46 5.39 10.22
N GLN A 719 37.49 4.85 9.56
CA GLN A 719 38.73 5.61 9.37
C GLN A 719 38.47 6.84 8.52
N ALA A 720 37.63 6.72 7.48
CA ALA A 720 37.31 7.86 6.65
C ALA A 720 36.63 8.96 7.45
N VAL A 721 35.71 8.58 8.35
CA VAL A 721 35.04 9.57 9.18
C VAL A 721 36.05 10.30 10.06
N ARG A 722 37.00 9.55 10.65
CA ARG A 722 38.03 10.18 11.48
C ARG A 722 38.88 11.13 10.66
N ASP A 723 39.23 10.75 9.43
CA ASP A 723 40.08 11.56 8.57
C ASP A 723 39.32 12.71 7.91
N ASN A 724 38.00 12.79 8.11
CA ASN A 724 37.15 13.83 7.57
C ASN A 724 36.79 13.60 6.11
N LYS A 725 37.28 12.52 5.50
CA LYS A 725 36.88 12.21 4.13
C LYS A 725 35.40 11.90 4.05
N LEU A 726 34.85 11.23 5.06
CA LEU A 726 33.42 10.96 5.15
C LEU A 726 32.76 11.94 6.12
N HIS A 727 31.44 11.90 6.18
CA HIS A 727 30.67 12.78 7.03
C HIS A 727 29.61 12.08 7.87
N ALA A 728 29.14 10.90 7.47
CA ALA A 728 28.12 10.19 8.23
C ALA A 728 28.14 8.73 7.82
N PHE A 729 28.34 7.85 8.79
CA PHE A 729 28.37 6.41 8.56
C PHE A 729 27.11 5.78 9.14
N ILE A 730 26.43 4.98 8.33
CA ILE A 730 25.21 4.30 8.74
C ILE A 730 25.53 2.81 8.85
N TRP A 731 25.49 2.29 10.08
CA TRP A 731 25.90 0.92 10.34
C TRP A 731 25.15 0.42 11.57
N ASP A 732 25.38 -0.84 11.92
CA ASP A 732 24.73 -1.43 13.09
C ASP A 732 25.10 -0.66 14.35
N SER A 733 24.08 -0.34 15.15
CA SER A 733 24.33 0.42 16.37
C SER A 733 25.21 -0.35 17.35
N ALA A 734 25.14 -1.69 17.33
CA ALA A 734 25.96 -2.47 18.25
C ALA A 734 27.44 -2.31 17.97
N VAL A 735 27.81 -1.92 16.75
CA VAL A 735 29.22 -1.73 16.41
C VAL A 735 29.62 -0.26 16.52
N LEU A 736 28.78 0.65 16.01
CA LEU A 736 29.09 2.06 16.08
C LEU A 736 29.20 2.54 17.52
N GLU A 737 28.28 2.09 18.39
CA GLU A 737 28.32 2.51 19.78
C GLU A 737 29.61 2.06 20.46
N PHE A 738 30.21 0.97 19.99
CA PHE A 738 31.50 0.55 20.53
C PHE A 738 32.62 1.45 20.04
N GLU A 739 32.61 1.80 18.75
CA GLU A 739 33.67 2.64 18.21
C GLU A 739 33.65 4.02 18.84
N ALA A 740 32.45 4.59 19.04
CA ALA A 740 32.34 5.88 19.70
C ALA A 740 32.88 5.82 21.13
N SER A 741 32.59 4.74 21.85
CA SER A 741 33.08 4.62 23.22
C SER A 741 34.60 4.43 23.24
N GLN A 742 35.12 3.53 22.41
CA GLN A 742 36.56 3.27 22.41
C GLN A 742 37.33 4.44 21.82
N LYS A 743 36.85 5.02 20.73
CA LYS A 743 37.48 6.17 20.09
C LYS A 743 36.79 7.43 20.57
N CYS A 744 37.52 8.29 21.25
CA CYS A 744 36.97 9.51 21.84
C CYS A 744 36.79 10.63 20.81
N ASP A 745 36.85 10.32 19.52
CA ASP A 745 36.73 11.33 18.48
C ASP A 745 35.40 11.31 17.76
N LEU A 746 34.63 10.23 17.86
CA LEU A 746 33.39 10.08 17.14
C LEU A 746 32.22 9.96 18.12
N VAL A 747 31.06 10.46 17.69
CA VAL A 747 29.84 10.38 18.48
C VAL A 747 28.72 9.90 17.57
N THR A 748 27.97 8.90 18.03
CA THR A 748 26.85 8.36 17.26
C THR A 748 25.60 9.17 17.53
N THR A 749 24.94 9.60 16.46
CA THR A 749 23.74 10.42 16.56
C THR A 749 22.56 9.69 15.96
N GLY A 750 21.37 10.26 16.15
CA GLY A 750 20.16 9.70 15.58
C GLY A 750 19.60 8.56 16.43
N GLU A 751 18.46 8.05 15.97
CA GLU A 751 17.76 6.96 16.63
C GLU A 751 17.72 5.75 15.71
N LEU A 752 17.78 4.57 16.31
CA LEU A 752 17.73 3.34 15.53
C LEU A 752 16.43 3.28 14.73
N PHE A 753 16.54 2.94 13.45
CA PHE A 753 15.41 2.95 12.54
C PHE A 753 15.18 1.63 11.82
N PHE A 754 16.01 0.62 12.07
CA PHE A 754 15.84 -0.72 11.52
C PHE A 754 16.05 -1.76 12.61
N ARG A 755 15.40 -1.56 13.75
CA ARG A 755 15.61 -2.41 14.91
C ARG A 755 15.46 -3.87 14.55
N SER A 756 16.56 -4.62 14.63
CA SER A 756 16.59 -6.05 14.35
C SER A 756 17.59 -6.68 15.31
N GLY A 757 17.97 -7.93 15.01
CA GLY A 757 18.93 -8.63 15.83
C GLY A 757 19.95 -9.36 14.98
N PHE A 758 20.95 -9.91 15.67
CA PHE A 758 21.96 -10.73 15.03
C PHE A 758 21.45 -12.17 14.97
N GLY A 759 22.33 -13.11 14.63
CA GLY A 759 21.91 -14.50 14.58
C GLY A 759 22.97 -15.45 14.08
N ILE A 760 22.98 -16.67 14.62
CA ILE A 760 23.89 -17.72 14.17
C ILE A 760 23.15 -18.48 13.08
N GLY A 761 23.22 -17.97 11.86
CA GLY A 761 22.50 -18.58 10.77
C GLY A 761 23.01 -19.98 10.46
N MET A 762 22.09 -20.83 10.00
CA MET A 762 22.41 -22.20 9.64
C MET A 762 21.57 -22.61 8.44
N ARG A 763 22.02 -23.67 7.78
CA ARG A 763 21.29 -24.18 6.62
C ARG A 763 19.90 -24.66 7.03
N LYS A 764 18.98 -24.64 6.06
CA LYS A 764 17.59 -24.92 6.35
C LYS A 764 17.38 -26.29 6.98
N ASP A 765 18.14 -27.30 6.57
CA ASP A 765 17.97 -28.66 7.06
C ASP A 765 18.86 -28.96 8.26
N SER A 766 19.59 -27.98 8.75
CA SER A 766 20.52 -28.22 9.86
C SER A 766 19.74 -28.64 11.11
N PRO A 767 20.11 -29.74 11.76
CA PRO A 767 19.41 -30.16 12.99
C PRO A 767 19.85 -29.42 14.24
N TRP A 768 20.78 -28.47 14.12
CA TRP A 768 21.27 -27.72 15.28
C TRP A 768 20.38 -26.55 15.65
N LYS A 769 19.37 -26.23 14.84
CA LYS A 769 18.61 -24.99 15.07
C LYS A 769 17.93 -24.99 16.42
N GLN A 770 17.27 -26.09 16.78
CA GLN A 770 16.56 -26.14 18.05
C GLN A 770 17.54 -26.07 19.23
N ASN A 771 18.64 -26.78 19.25
CA ASN A 771 19.46 -26.68 20.42
C ASN A 771 20.49 -25.58 20.40
N VAL A 772 20.65 -24.84 19.33
CA VAL A 772 21.34 -23.56 19.41
C VAL A 772 20.40 -22.47 19.89
N SER A 773 19.16 -22.46 19.39
CA SER A 773 18.22 -21.42 19.81
C SER A 773 17.94 -21.49 21.31
N LEU A 774 17.77 -22.69 21.85
CA LEU A 774 17.58 -22.83 23.28
C LEU A 774 18.82 -22.39 24.05
N SER A 775 20.00 -22.74 23.55
CA SER A 775 21.23 -22.38 24.24
C SER A 775 21.43 -20.87 24.30
N ILE A 776 21.02 -20.16 23.24
CA ILE A 776 21.11 -18.70 23.26
C ILE A 776 20.16 -18.12 24.31
N LEU A 777 18.92 -18.59 24.31
CA LEU A 777 17.92 -18.05 25.25
C LEU A 777 18.29 -18.36 26.69
N LYS A 778 18.75 -19.59 26.95
CA LYS A 778 19.02 -20.01 28.32
C LYS A 778 20.31 -19.40 28.86
N SER A 779 21.44 -19.75 28.24
CA SER A 779 22.74 -19.34 28.78
C SER A 779 23.03 -17.88 28.50
N HIS A 780 22.96 -17.47 27.23
CA HIS A 780 23.41 -16.14 26.85
C HIS A 780 22.61 -15.05 27.54
N GLU A 781 21.27 -15.17 27.54
CA GLU A 781 20.41 -14.06 27.92
C GLU A 781 19.72 -14.27 29.26
N ASN A 782 20.37 -14.98 30.18
CA ASN A 782 19.92 -15.02 31.57
C ASN A 782 21.02 -14.68 32.56
N GLY A 783 22.24 -15.17 32.34
CA GLY A 783 23.36 -14.81 33.18
C GLY A 783 24.61 -14.46 32.40
N PHE A 784 24.59 -14.70 31.08
CA PHE A 784 25.78 -14.61 30.25
C PHE A 784 25.87 -13.32 29.44
N MET A 785 24.75 -12.83 28.90
CA MET A 785 24.81 -11.67 28.02
C MET A 785 25.48 -10.49 28.70
N GLU A 786 25.13 -10.23 29.97
CA GLU A 786 25.77 -9.14 30.70
C GLU A 786 27.26 -9.39 30.86
N ASP A 787 27.65 -10.63 31.16
CA ASP A 787 29.06 -10.94 31.32
C ASP A 787 29.83 -10.67 30.04
N LEU A 788 29.34 -11.17 28.90
CA LEU A 788 30.03 -10.97 27.64
C LEU A 788 29.95 -9.52 27.18
N ASP A 789 28.76 -8.94 27.21
CA ASP A 789 28.58 -7.57 26.70
C ASP A 789 29.38 -6.56 27.51
N LYS A 790 29.38 -6.70 28.84
CA LYS A 790 30.10 -5.77 29.69
C LYS A 790 31.61 -5.96 29.62
N THR A 791 32.09 -7.03 28.98
CA THR A 791 33.51 -7.31 28.87
C THR A 791 34.09 -6.93 27.52
N TRP A 792 33.31 -7.06 26.44
CA TRP A 792 33.81 -6.83 25.10
C TRP A 792 33.22 -5.59 24.43
N VAL A 793 32.14 -5.02 24.97
CA VAL A 793 31.45 -3.89 24.37
C VAL A 793 31.38 -2.70 25.31
N ARG A 794 31.00 -2.93 26.56
CA ARG A 794 30.79 -1.84 27.50
C ARG A 794 32.00 -1.53 28.36
N TYR A 795 32.89 -2.50 28.58
CA TYR A 795 34.03 -2.28 29.45
C TYR A 795 34.96 -1.19 28.91
N GLN A 796 35.21 -1.21 27.60
CA GLN A 796 36.13 -0.25 26.98
C GLN A 796 35.47 1.12 26.93
N GLU A 797 35.94 2.04 27.76
CA GLU A 797 35.43 3.40 27.81
C GLU A 797 36.59 4.39 27.80
N CYS A 798 36.34 5.57 27.25
CA CYS A 798 37.34 6.62 27.18
C CYS A 798 37.77 7.07 28.58
N ALA A 804 29.05 21.66 26.01
CA ALA A 804 29.72 22.75 26.72
C ALA A 804 29.98 23.92 25.79
N PRO A 805 29.45 25.09 26.12
CA PRO A 805 29.66 26.27 25.29
C PRO A 805 31.13 26.65 25.23
N ALA A 806 31.52 27.21 24.08
CA ALA A 806 32.91 27.57 23.86
C ALA A 806 33.36 28.66 24.82
N THR A 807 34.65 28.67 25.13
CA THR A 807 35.25 29.63 26.04
C THR A 807 36.20 30.52 25.28
N LEU A 808 36.02 31.84 25.41
CA LEU A 808 36.93 32.79 24.78
C LEU A 808 38.36 32.52 25.22
N THR A 809 39.24 32.22 24.27
CA THR A 809 40.62 31.87 24.58
C THR A 809 41.61 32.93 24.10
N PHE A 810 41.68 33.19 22.80
CA PHE A 810 42.57 34.23 22.31
C PHE A 810 41.96 35.01 21.15
N GLU A 811 40.63 35.06 21.06
CA GLU A 811 39.97 35.91 20.07
C GLU A 811 39.60 37.26 20.65
N ASN A 812 39.03 37.27 21.87
CA ASN A 812 38.75 38.53 22.55
C ASN A 812 40.03 39.20 23.02
N MET A 813 40.97 38.43 23.56
CA MET A 813 42.18 39.03 24.14
C MET A 813 43.04 39.68 23.07
N ALA A 814 43.14 39.05 21.89
CA ALA A 814 44.02 39.58 20.84
C ALA A 814 43.67 41.03 20.50
N GLY A 815 42.38 41.31 20.26
CA GLY A 815 41.98 42.68 19.99
C GLY A 815 42.23 43.60 21.17
N VAL A 816 41.84 43.17 22.36
CA VAL A 816 42.02 44.00 23.55
C VAL A 816 43.49 44.19 23.85
N PHE A 817 44.27 43.11 23.81
CA PHE A 817 45.70 43.21 24.12
C PHE A 817 46.42 44.13 23.14
N MET A 818 46.10 44.01 21.85
CA MET A 818 46.70 44.92 20.87
C MET A 818 46.37 46.36 21.20
N LEU A 819 45.18 46.60 21.76
CA LEU A 819 44.83 47.96 22.18
C LEU A 819 45.72 48.44 23.32
N VAL A 820 45.93 47.59 24.32
CA VAL A 820 46.75 47.99 25.46
C VAL A 820 48.19 48.26 25.00
N ALA A 821 48.75 47.34 24.20
CA ALA A 821 50.10 47.56 23.68
C ALA A 821 50.16 48.79 22.80
N GLY A 822 49.15 48.99 21.95
CA GLY A 822 49.12 50.18 21.12
C GLY A 822 49.10 51.46 21.92
N GLY A 823 48.36 51.47 23.03
CA GLY A 823 48.36 52.65 23.89
C GLY A 823 49.70 52.89 24.54
N ILE A 824 50.39 51.81 24.94
CA ILE A 824 51.67 51.96 25.63
C ILE A 824 52.70 52.62 24.72
N VAL A 825 52.74 52.24 23.44
CA VAL A 825 53.66 52.90 22.52
C VAL A 825 53.27 54.36 22.34
N ALA A 826 51.97 54.64 22.19
CA ALA A 826 51.52 56.03 22.11
C ALA A 826 51.85 56.79 23.39
N GLY A 827 51.67 56.15 24.54
CA GLY A 827 52.02 56.80 25.80
C GLY A 827 53.48 57.17 25.87
N ILE A 828 54.35 56.28 25.39
CA ILE A 828 55.78 56.60 25.37
C ILE A 828 56.05 57.79 24.45
N PHE A 829 55.35 57.87 23.32
CA PHE A 829 55.48 59.04 22.46
C PHE A 829 54.93 60.29 23.12
N LEU A 830 53.79 60.17 23.81
CA LEU A 830 53.19 61.33 24.45
C LEU A 830 54.10 61.90 25.53
N ILE A 831 54.70 61.04 26.35
CA ILE A 831 55.57 61.51 27.42
C ILE A 831 56.77 62.24 26.84
N PHE A 832 57.38 61.69 25.77
CA PHE A 832 58.49 62.38 25.12
C PHE A 832 58.05 63.73 24.58
N ILE A 833 56.87 63.79 23.96
CA ILE A 833 56.33 65.06 23.50
C ILE A 833 56.03 65.98 24.68
N GLU A 834 55.43 65.43 25.74
CA GLU A 834 55.12 66.23 26.92
C GLU A 834 56.38 66.78 27.57
N ILE A 835 57.41 65.94 27.71
CA ILE A 835 58.66 66.41 28.30
C ILE A 835 59.31 67.46 27.42
N ALA A 836 59.26 67.27 26.10
CA ALA A 836 59.83 68.26 25.19
C ALA A 836 59.12 69.61 25.33
N TYR A 837 57.79 69.59 25.42
CA TYR A 837 57.05 70.83 25.63
C TYR A 837 57.41 71.47 26.95
N LYS A 838 57.55 70.67 28.01
CA LYS A 838 57.95 71.22 29.30
C LYS A 838 59.39 71.70 29.31
N ARG A 839 60.22 71.21 28.38
CA ARG A 839 61.62 71.64 28.33
C ARG A 839 61.71 73.14 28.04
N HIS A 840 60.90 73.64 27.11
CA HIS A 840 60.91 75.05 26.75
C HIS A 840 60.00 75.85 27.68
N PRO B 60 8.81 -36.17 -55.58
CA PRO B 60 9.97 -35.38 -55.97
C PRO B 60 11.28 -36.16 -55.84
N ALA B 61 11.18 -37.43 -55.46
CA ALA B 61 12.38 -38.25 -55.30
C ALA B 61 13.12 -38.37 -56.63
N TYR B 62 12.39 -38.63 -57.71
CA TYR B 62 13.03 -38.72 -59.03
C TYR B 62 13.65 -37.39 -59.43
N ALA B 63 12.96 -36.28 -59.18
CA ALA B 63 13.52 -34.97 -59.51
C ALA B 63 14.77 -34.68 -58.68
N ALA B 64 14.74 -35.03 -57.39
CA ALA B 64 15.92 -34.81 -56.55
C ALA B 64 17.10 -35.62 -57.05
N GLU B 65 16.88 -36.88 -57.42
CA GLU B 65 17.97 -37.70 -57.93
C GLU B 65 18.54 -37.13 -59.22
N ALA B 66 17.67 -36.68 -60.12
CA ALA B 66 18.13 -36.07 -61.36
C ALA B 66 18.91 -34.79 -61.08
N ALA B 67 18.41 -33.95 -60.17
CA ALA B 67 19.10 -32.71 -59.83
C ALA B 67 20.44 -32.96 -59.14
N ARG B 68 20.62 -34.14 -58.54
CA ARG B 68 21.88 -34.45 -57.88
C ARG B 68 22.87 -35.13 -58.81
N LEU B 69 22.39 -35.99 -59.70
CA LEU B 69 23.30 -36.71 -60.60
C LEU B 69 23.97 -35.75 -61.58
N GLY B 70 23.19 -34.93 -62.26
CA GLY B 70 23.72 -34.02 -63.24
C GLY B 70 24.47 -32.86 -62.64
N PRO B 71 23.74 -31.96 -61.97
CA PRO B 71 24.38 -30.75 -61.43
C PRO B 71 25.37 -31.03 -60.31
N ALA B 72 24.95 -31.79 -59.30
CA ALA B 72 25.79 -32.00 -58.12
C ALA B 72 27.07 -32.73 -58.47
N VAL B 73 27.04 -33.64 -59.44
CA VAL B 73 28.24 -34.40 -59.78
C VAL B 73 29.35 -33.47 -60.25
N ALA B 74 29.01 -32.52 -61.12
CA ALA B 74 30.01 -31.58 -61.61
C ALA B 74 30.52 -30.63 -60.53
N ALA B 75 29.78 -30.49 -59.43
CA ALA B 75 30.20 -29.59 -58.36
C ALA B 75 31.43 -30.14 -57.66
N ALA B 76 32.45 -29.29 -57.51
CA ALA B 76 33.69 -29.66 -56.82
C ALA B 76 34.05 -28.50 -55.88
N VAL B 77 33.55 -28.57 -54.64
CA VAL B 77 33.83 -27.50 -53.68
C VAL B 77 35.32 -27.45 -53.37
N ARG B 78 35.94 -28.60 -53.15
CA ARG B 78 37.36 -28.67 -52.84
C ARG B 78 38.00 -29.92 -53.44
N GLY B 81 43.21 -34.69 -48.14
CA GLY B 81 41.94 -34.45 -48.81
C GLY B 81 41.30 -35.71 -49.36
N LEU B 82 39.99 -35.66 -49.59
CA LEU B 82 39.27 -36.81 -50.13
C LEU B 82 39.75 -37.12 -51.55
N ASP B 83 39.91 -38.41 -51.84
CA ASP B 83 40.35 -38.81 -53.17
C ASP B 83 39.32 -38.43 -54.23
N VAL B 84 38.04 -38.69 -53.96
CA VAL B 84 36.95 -38.38 -54.88
C VAL B 84 35.84 -37.72 -54.08
N ARG B 85 35.66 -36.41 -54.26
CA ARG B 85 34.68 -35.64 -53.52
C ARG B 85 33.27 -35.83 -54.07
N PRO B 86 33.04 -35.62 -55.36
CA PRO B 86 31.66 -35.60 -55.88
C PRO B 86 31.08 -36.97 -56.15
N VAL B 87 31.71 -38.02 -55.61
CA VAL B 87 31.20 -39.38 -55.77
C VAL B 87 30.02 -39.58 -54.85
N ALA B 88 28.84 -39.80 -55.42
CA ALA B 88 27.62 -40.00 -54.64
C ALA B 88 26.50 -40.37 -55.62
N LEU B 89 25.35 -40.72 -55.04
CA LEU B 89 24.18 -41.10 -55.84
C LEU B 89 22.94 -40.95 -54.98
N VAL B 90 21.92 -40.27 -55.51
CA VAL B 90 20.68 -40.10 -54.77
C VAL B 90 20.04 -41.46 -54.48
N LEU B 91 20.00 -42.33 -55.48
CA LEU B 91 19.45 -43.67 -55.32
C LEU B 91 18.02 -43.62 -54.80
N ASN B 92 17.10 -43.09 -55.60
CA ASN B 92 15.71 -42.97 -55.18
C ASN B 92 15.63 -42.55 -53.71
N SER B 94 12.31 -44.04 -50.81
CA SER B 94 11.19 -44.19 -49.89
C SER B 94 11.17 -45.59 -49.28
N ASP B 95 11.76 -46.54 -49.98
CA ASP B 95 11.52 -47.96 -49.72
C ASP B 95 12.56 -48.51 -48.76
N PRO B 96 12.28 -48.45 -47.46
CA PRO B 96 13.40 -48.60 -46.52
C PRO B 96 14.24 -49.83 -46.79
N ARG B 97 13.63 -50.94 -47.21
CA ARG B 97 14.39 -52.15 -47.48
C ARG B 97 15.37 -51.95 -48.63
N SER B 98 14.88 -51.38 -49.75
CA SER B 98 15.77 -51.13 -50.88
C SER B 98 16.83 -50.08 -50.53
N LEU B 99 16.43 -49.03 -49.83
CA LEU B 99 17.37 -47.97 -49.49
C LEU B 99 18.51 -48.50 -48.62
N VAL B 100 18.17 -49.31 -47.61
CA VAL B 100 19.21 -49.86 -46.75
C VAL B 100 20.08 -50.84 -47.53
N LEU B 101 19.47 -51.68 -48.37
CA LEU B 101 20.25 -52.62 -49.16
C LEU B 101 21.20 -51.90 -50.11
N GLN B 102 20.71 -50.85 -50.77
CA GLN B 102 21.57 -50.06 -51.65
C GLN B 102 22.67 -49.35 -50.87
N LEU B 103 22.34 -48.84 -49.69
CA LEU B 103 23.34 -48.17 -48.87
C LEU B 103 24.46 -49.13 -48.48
N CYS B 104 24.11 -50.36 -48.10
CA CYS B 104 25.13 -51.34 -47.76
C CYS B 104 25.99 -51.67 -48.97
N ASP B 105 25.36 -51.81 -50.15
CA ASP B 105 26.13 -52.12 -51.35
C ASP B 105 27.15 -51.03 -51.66
N LEU B 106 26.71 -49.77 -51.60
CA LEU B 106 27.64 -48.67 -51.87
C LEU B 106 28.73 -48.59 -50.80
N LEU B 107 28.38 -48.78 -49.53
CA LEU B 107 29.37 -48.71 -48.47
C LEU B 107 30.44 -49.79 -48.63
N SER B 108 30.02 -51.01 -48.97
CA SER B 108 30.99 -52.09 -49.17
C SER B 108 31.90 -51.80 -50.36
N GLY B 109 31.31 -51.38 -51.48
CA GLY B 109 32.09 -51.11 -52.68
C GLY B 109 32.78 -49.76 -52.66
N LEU B 110 32.00 -48.68 -52.60
CA LEU B 110 32.58 -47.34 -52.63
C LEU B 110 33.48 -47.10 -51.42
N ARG B 111 33.03 -47.50 -50.24
CA ARG B 111 33.79 -47.28 -49.00
C ARG B 111 34.12 -45.80 -48.82
N VAL B 112 33.17 -44.94 -49.18
CA VAL B 112 33.35 -43.50 -49.07
C VAL B 112 33.28 -43.10 -47.60
N HIS B 113 33.70 -41.87 -47.29
CA HIS B 113 33.70 -41.35 -45.94
C HIS B 113 32.37 -40.72 -45.55
N GLY B 114 31.30 -41.03 -46.28
CA GLY B 114 30.00 -40.46 -45.98
C GLY B 114 29.33 -39.85 -47.19
N VAL B 115 28.00 -39.97 -47.26
CA VAL B 115 27.22 -39.43 -48.37
C VAL B 115 26.13 -38.53 -47.80
N VAL B 116 26.01 -37.32 -48.36
CA VAL B 116 24.99 -36.39 -47.90
C VAL B 116 23.61 -36.92 -48.29
N PHE B 117 22.67 -36.88 -47.36
CA PHE B 117 21.32 -37.37 -47.56
C PHE B 117 20.35 -36.20 -47.67
N GLU B 118 19.48 -36.23 -48.68
CA GLU B 118 18.49 -35.20 -48.90
C GLU B 118 17.10 -35.85 -48.96
N ASP B 119 16.16 -35.29 -48.21
CA ASP B 119 14.80 -35.80 -48.16
C ASP B 119 13.81 -34.66 -48.36
N ASP B 120 12.67 -35.00 -48.97
CA ASP B 120 11.63 -34.01 -49.26
C ASP B 120 10.35 -34.24 -48.46
N SER B 121 10.15 -35.43 -47.90
CA SER B 121 8.93 -35.71 -47.16
C SER B 121 8.86 -34.84 -45.92
N ARG B 122 7.65 -34.36 -45.60
CA ARG B 122 7.44 -33.50 -44.44
C ARG B 122 7.03 -34.33 -43.22
N PRO B 124 8.71 -37.60 -40.67
CA PRO B 124 9.91 -37.56 -39.82
C PRO B 124 10.41 -38.95 -39.47
N ALA B 125 9.69 -39.98 -39.91
CA ALA B 125 10.08 -41.36 -39.63
C ALA B 125 11.38 -41.76 -40.32
N VAL B 126 11.80 -41.04 -41.34
CA VAL B 126 13.02 -41.40 -42.06
C VAL B 126 14.24 -41.22 -41.15
N ALA B 127 14.24 -40.18 -40.32
CA ALA B 127 15.40 -39.93 -39.46
C ALA B 127 15.71 -41.09 -38.52
N PRO B 128 14.74 -41.67 -37.80
CA PRO B 128 15.10 -42.78 -36.90
C PRO B 128 15.77 -43.94 -37.61
N ILE B 129 15.33 -44.27 -38.83
CA ILE B 129 15.95 -45.37 -39.56
C ILE B 129 17.35 -44.96 -40.03
N LEU B 130 17.51 -43.72 -40.50
CA LEU B 130 18.80 -43.28 -41.00
C LEU B 130 19.86 -43.32 -39.90
N ASP B 131 19.53 -42.82 -38.72
CA ASP B 131 20.49 -42.87 -37.62
C ASP B 131 20.81 -44.31 -37.21
N PHE B 132 19.80 -45.18 -37.15
CA PHE B 132 20.05 -46.57 -36.82
C PHE B 132 20.95 -47.23 -37.84
N LEU B 133 20.72 -46.96 -39.13
CA LEU B 133 21.59 -47.50 -40.17
C LEU B 133 23.00 -46.92 -40.03
N SER B 134 23.11 -45.63 -39.73
CA SER B 134 24.43 -45.03 -39.56
C SER B 134 25.17 -45.65 -38.38
N ALA B 135 24.46 -45.88 -37.27
CA ALA B 135 25.09 -46.52 -36.12
C ALA B 135 25.54 -47.94 -36.45
N GLN B 136 24.70 -48.69 -37.17
CA GLN B 136 25.09 -50.05 -37.57
C GLN B 136 26.29 -50.01 -38.51
N THR B 137 26.31 -49.08 -39.46
CA THR B 137 27.42 -48.96 -40.40
C THR B 137 28.62 -48.23 -39.80
N SER B 138 28.46 -47.58 -38.66
CA SER B 138 29.54 -46.84 -38.01
C SER B 138 30.16 -45.81 -38.96
N LEU B 139 29.31 -45.13 -39.71
CA LEU B 139 29.75 -44.11 -40.65
C LEU B 139 28.89 -42.86 -40.49
N PRO B 140 29.49 -41.68 -40.71
CA PRO B 140 28.72 -40.43 -40.60
C PRO B 140 27.91 -40.16 -41.87
N ILE B 141 26.65 -39.78 -41.69
CA ILE B 141 25.75 -39.44 -42.79
C ILE B 141 25.07 -38.13 -42.43
N VAL B 142 25.48 -37.04 -43.09
CA VAL B 142 24.91 -35.74 -42.79
C VAL B 142 23.52 -35.62 -43.40
N ALA B 143 22.61 -34.95 -42.69
CA ALA B 143 21.25 -34.73 -43.15
C ALA B 143 21.08 -33.28 -43.59
N VAL B 144 20.57 -33.10 -44.81
CA VAL B 144 20.35 -31.78 -45.38
C VAL B 144 18.94 -31.74 -45.96
N HIS B 145 18.59 -30.60 -46.57
CA HIS B 145 17.28 -30.41 -47.18
C HIS B 145 16.18 -30.62 -46.14
N GLY B 146 16.15 -29.70 -45.17
CA GLY B 146 15.28 -29.80 -44.01
C GLY B 146 13.93 -30.42 -44.29
N GLY B 147 13.53 -31.35 -43.42
CA GLY B 147 12.34 -32.15 -43.64
C GLY B 147 12.68 -33.63 -43.52
N ALA B 148 12.00 -34.34 -42.64
CA ALA B 148 12.33 -35.72 -42.30
C ALA B 148 13.66 -35.83 -41.56
N ALA B 149 14.22 -34.68 -41.15
CA ALA B 149 15.45 -34.62 -40.37
C ALA B 149 15.33 -33.57 -39.29
N LEU B 150 14.19 -33.50 -38.65
CA LEU B 150 13.97 -32.44 -37.68
C LEU B 150 14.40 -32.77 -36.27
N VAL B 151 15.66 -32.56 -35.96
CA VAL B 151 16.16 -32.75 -34.60
C VAL B 151 16.35 -34.20 -34.15
N LEU B 152 15.31 -34.87 -33.66
CA LEU B 152 15.49 -36.21 -33.11
C LEU B 152 16.50 -36.06 -32.03
N THR B 153 16.15 -35.32 -30.99
CA THR B 153 17.09 -35.05 -29.91
C THR B 153 17.74 -36.30 -29.33
N PRO B 154 17.03 -37.36 -28.99
CA PRO B 154 17.69 -38.53 -28.40
C PRO B 154 18.58 -39.23 -29.41
N LYS B 155 19.65 -39.84 -28.89
CA LYS B 155 20.59 -40.57 -29.73
C LYS B 155 21.23 -41.69 -28.91
N GLU B 156 21.74 -42.68 -29.62
CA GLU B 156 22.39 -43.82 -28.98
C GLU B 156 23.91 -43.71 -29.07
N GLY B 158 26.44 -45.53 -29.47
CA GLY B 158 27.26 -44.51 -30.09
C GLY B 158 27.08 -44.43 -31.60
N SER B 159 26.84 -43.23 -32.11
CA SER B 159 26.65 -43.03 -33.54
C SER B 159 26.97 -41.58 -33.87
N THR B 160 27.15 -41.33 -35.16
CA THR B 160 27.44 -39.99 -35.68
C THR B 160 26.35 -39.64 -36.69
N PHE B 161 25.38 -38.83 -36.27
CA PHE B 161 24.26 -38.46 -37.13
C PHE B 161 24.57 -37.21 -37.95
N LEU B 162 24.89 -36.11 -37.27
CA LEU B 162 25.27 -34.86 -37.93
C LEU B 162 24.16 -34.37 -38.86
N GLN B 163 23.01 -34.05 -38.24
CA GLN B 163 21.88 -33.49 -38.96
C GLN B 163 21.96 -31.96 -38.92
N LEU B 164 21.50 -31.33 -40.00
CA LEU B 164 21.57 -29.89 -40.16
C LEU B 164 20.25 -29.19 -39.84
N GLY B 165 19.50 -29.71 -38.87
CA GLY B 165 18.25 -29.11 -38.47
C GLY B 165 18.44 -28.03 -37.41
N SER B 166 17.30 -27.56 -36.89
CA SER B 166 17.28 -26.56 -35.83
C SER B 166 16.45 -27.10 -34.67
N SER B 167 17.04 -27.08 -33.47
CA SER B 167 16.36 -27.60 -32.29
C SER B 167 15.38 -26.57 -31.74
N THR B 168 14.46 -27.07 -30.89
CA THR B 168 13.44 -26.20 -30.33
C THR B 168 14.02 -25.19 -29.35
N GLU B 169 15.09 -25.55 -28.65
CA GLU B 169 15.66 -24.65 -27.65
C GLU B 169 16.10 -23.33 -28.27
N GLN B 170 16.86 -23.40 -29.36
CA GLN B 170 17.26 -22.17 -30.05
C GLN B 170 16.06 -21.46 -30.65
N GLN B 171 15.10 -22.21 -31.19
CA GLN B 171 13.90 -21.58 -31.76
C GLN B 171 13.15 -20.81 -30.69
N LEU B 172 13.00 -21.39 -29.50
CA LEU B 172 12.38 -20.67 -28.41
C LEU B 172 13.21 -19.45 -27.99
N GLN B 173 14.54 -19.60 -27.97
CA GLN B 173 15.39 -18.50 -27.57
C GLN B 173 15.25 -17.32 -28.53
N VAL B 174 15.28 -17.57 -29.83
CA VAL B 174 15.15 -16.49 -30.80
C VAL B 174 13.79 -15.81 -30.69
N ILE B 175 12.73 -16.62 -30.52
CA ILE B 175 11.38 -16.06 -30.43
C ILE B 175 11.28 -15.11 -29.24
N PHE B 176 11.81 -15.53 -28.08
CA PHE B 176 11.74 -14.69 -26.89
C PHE B 176 12.54 -13.41 -27.07
N GLU B 177 13.69 -13.49 -27.76
CA GLU B 177 14.44 -12.27 -28.05
C GLU B 177 13.63 -11.32 -28.93
N VAL B 178 12.93 -11.87 -29.94
CA VAL B 178 12.07 -11.03 -30.77
C VAL B 178 10.94 -10.45 -29.94
N LEU B 179 10.32 -11.26 -29.09
CA LEU B 179 9.22 -10.77 -28.27
C LEU B 179 9.66 -9.63 -27.37
N GLU B 180 10.82 -9.78 -26.72
CA GLU B 180 11.32 -8.72 -25.84
C GLU B 180 11.65 -7.46 -26.63
N GLU B 181 12.24 -7.62 -27.82
CA GLU B 181 12.60 -6.45 -28.62
C GLU B 181 11.36 -5.66 -29.02
N TYR B 182 10.28 -6.34 -29.39
CA TYR B 182 9.04 -5.71 -29.82
C TYR B 182 8.13 -5.35 -28.64
N ASP B 183 8.60 -5.54 -27.40
CA ASP B 183 7.81 -5.23 -26.22
C ASP B 183 6.52 -6.05 -26.18
N TRP B 184 6.62 -7.31 -26.61
CA TRP B 184 5.48 -8.24 -26.55
C TRP B 184 5.66 -9.13 -25.33
N THR B 185 5.24 -8.61 -24.17
CA THR B 185 5.40 -9.35 -22.93
C THR B 185 4.30 -10.40 -22.76
N SER B 186 3.04 -9.99 -22.87
CA SER B 186 1.93 -10.91 -22.70
C SER B 186 2.01 -12.03 -23.72
N PHE B 187 1.85 -13.26 -23.26
CA PHE B 187 1.96 -14.43 -24.13
C PHE B 187 1.24 -15.60 -23.47
N VAL B 188 0.97 -16.62 -24.28
CA VAL B 188 0.35 -17.86 -23.80
C VAL B 188 1.12 -19.04 -24.41
N ALA B 189 0.93 -20.20 -23.80
CA ALA B 189 1.63 -21.42 -24.18
C ALA B 189 0.64 -22.54 -24.49
N VAL B 190 -0.39 -22.21 -25.28
CA VAL B 190 -1.39 -23.21 -25.63
C VAL B 190 -0.74 -24.34 -26.43
N THR B 191 -1.14 -25.57 -26.12
CA THR B 191 -0.59 -26.74 -26.79
C THR B 191 -1.67 -27.79 -26.91
N THR B 192 -1.58 -28.59 -27.97
CA THR B 192 -2.54 -29.66 -28.23
C THR B 192 -2.14 -30.90 -27.43
N ARG B 193 -2.72 -32.04 -27.77
CA ARG B 193 -2.34 -33.30 -27.13
C ARG B 193 -0.83 -33.45 -27.14
N ALA B 194 -0.30 -33.93 -26.02
CA ALA B 194 1.15 -33.87 -25.78
C ALA B 194 1.88 -34.86 -26.68
N PRO B 195 2.61 -34.41 -27.71
CA PRO B 195 3.56 -35.27 -28.43
C PRO B 195 4.95 -35.24 -27.77
N GLY B 196 4.99 -35.43 -26.46
CA GLY B 196 6.22 -35.30 -25.71
C GLY B 196 6.76 -33.89 -25.72
N HIS B 197 5.91 -32.91 -25.40
CA HIS B 197 6.31 -31.51 -25.42
C HIS B 197 6.73 -31.01 -24.04
N ARG B 198 6.86 -31.90 -23.06
CA ARG B 198 7.24 -31.47 -21.72
C ARG B 198 8.53 -30.65 -21.73
N ALA B 199 9.47 -31.00 -22.61
CA ALA B 199 10.70 -30.23 -22.71
C ALA B 199 10.43 -28.80 -23.14
N PHE B 200 9.53 -28.61 -24.11
CA PHE B 200 9.24 -27.27 -24.60
C PHE B 200 8.67 -26.39 -23.49
N LEU B 201 7.74 -26.92 -22.69
CA LEU B 201 7.20 -26.14 -21.59
C LEU B 201 8.27 -25.78 -20.57
N SER B 202 9.15 -26.73 -20.25
CA SER B 202 10.21 -26.47 -19.28
C SER B 202 11.14 -25.37 -19.76
N TYR B 203 11.51 -25.40 -21.05
CA TYR B 203 12.41 -24.38 -21.57
C TYR B 203 11.77 -22.99 -21.50
N ILE B 204 10.48 -22.89 -21.82
CA ILE B 204 9.80 -21.60 -21.72
C ILE B 204 9.82 -21.09 -20.28
N GLU B 205 9.57 -21.99 -19.32
CA GLU B 205 9.62 -21.58 -17.92
C GLU B 205 11.00 -21.09 -17.52
N VAL B 206 12.04 -21.79 -17.97
CA VAL B 206 13.41 -21.38 -17.65
C VAL B 206 13.69 -20.00 -18.23
N LEU B 207 13.30 -19.78 -19.49
CA LEU B 207 13.51 -18.48 -20.11
C LEU B 207 12.65 -17.39 -19.46
N THR B 208 11.46 -17.75 -18.99
CA THR B 208 10.57 -16.75 -18.39
C THR B 208 11.20 -16.15 -17.14
N ASP B 209 11.85 -16.98 -16.31
CA ASP B 209 12.48 -16.48 -15.10
C ASP B 209 13.61 -15.53 -15.44
N GLY B 210 13.40 -14.24 -15.20
CA GLY B 210 14.37 -13.23 -15.56
C GLY B 210 14.01 -11.85 -15.05
N SER B 211 14.16 -10.83 -15.89
CA SER B 211 13.89 -9.45 -15.51
C SER B 211 12.58 -8.91 -16.08
N LEU B 212 12.26 -9.20 -17.33
CA LEU B 212 11.06 -8.66 -17.95
C LEU B 212 10.24 -9.66 -18.75
N VAL B 213 10.75 -10.87 -19.02
CA VAL B 213 10.02 -11.81 -19.86
C VAL B 213 8.73 -12.26 -19.19
N GLY B 214 8.63 -12.12 -17.88
CA GLY B 214 7.45 -12.62 -17.18
C GLY B 214 6.18 -11.99 -17.72
N TRP B 215 5.15 -12.82 -17.85
CA TRP B 215 3.84 -12.37 -18.33
C TRP B 215 2.79 -13.36 -17.84
N GLU B 216 1.58 -13.24 -18.37
CA GLU B 216 0.49 -14.11 -17.96
C GLU B 216 0.80 -15.57 -18.27
N HIS B 217 0.41 -16.46 -17.35
CA HIS B 217 0.64 -17.88 -17.53
C HIS B 217 -0.38 -18.45 -18.52
N ARG B 218 -0.22 -19.72 -18.84
CA ARG B 218 -1.09 -20.41 -19.80
C ARG B 218 -1.03 -21.90 -19.51
N GLY B 219 -1.59 -22.69 -20.43
CA GLY B 219 -1.60 -24.14 -20.27
C GLY B 219 -1.69 -24.88 -21.59
N ALA B 220 -1.91 -26.19 -21.51
CA ALA B 220 -2.00 -27.05 -22.70
C ALA B 220 -3.42 -27.58 -22.83
N LEU B 221 -3.98 -27.46 -24.03
CA LEU B 221 -5.34 -27.93 -24.29
C LEU B 221 -5.52 -28.28 -25.76
N GLU B 229 -13.61 -28.53 -32.67
CA GLU B 229 -14.34 -28.87 -31.46
C GLU B 229 -14.67 -27.63 -30.64
N ALA B 230 -15.92 -27.53 -30.19
CA ALA B 230 -16.34 -26.38 -29.40
C ALA B 230 -15.56 -26.31 -28.09
N VAL B 231 -15.34 -27.45 -27.43
CA VAL B 231 -14.62 -27.46 -26.17
C VAL B 231 -13.21 -26.92 -26.35
N LEU B 232 -12.53 -27.35 -27.41
CA LEU B 232 -11.18 -26.87 -27.67
C LEU B 232 -11.16 -25.36 -27.91
N SER B 233 -12.13 -24.86 -28.66
CA SER B 233 -12.19 -23.42 -28.93
C SER B 233 -12.41 -22.64 -27.64
N ALA B 234 -13.30 -23.12 -26.77
CA ALA B 234 -13.55 -22.43 -25.51
C ALA B 234 -12.30 -22.40 -24.64
N GLN B 235 -11.58 -23.52 -24.56
CA GLN B 235 -10.38 -23.58 -23.73
C GLN B 235 -9.32 -22.61 -24.24
N LEU B 236 -9.11 -22.56 -25.56
CA LEU B 236 -8.10 -21.67 -26.11
C LEU B 236 -8.47 -20.20 -25.95
N ARG B 237 -9.77 -19.88 -26.05
CA ARG B 237 -10.23 -18.50 -25.95
C ARG B 237 -10.43 -18.04 -24.52
N SER B 238 -10.20 -18.91 -23.53
CA SER B 238 -10.39 -18.56 -22.13
C SER B 238 -9.17 -17.91 -21.50
N VAL B 239 -8.07 -17.77 -22.23
CA VAL B 239 -6.86 -17.17 -21.68
C VAL B 239 -6.54 -15.87 -22.40
N SER B 240 -6.91 -15.79 -23.68
CA SER B 240 -6.66 -14.59 -24.47
C SER B 240 -5.18 -14.21 -24.42
N ALA B 241 -4.89 -12.97 -24.01
CA ALA B 241 -3.53 -12.48 -23.86
C ALA B 241 -2.86 -12.18 -25.20
N GLN B 242 -3.66 -12.03 -26.26
CA GLN B 242 -3.13 -11.66 -27.56
C GLN B 242 -2.09 -12.66 -28.05
N ILE B 243 -0.81 -12.36 -27.82
CA ILE B 243 0.27 -13.21 -28.32
C ILE B 243 0.06 -14.64 -27.83
N ARG B 244 0.24 -15.59 -28.74
CA ARG B 244 0.07 -17.01 -28.44
C ARG B 244 1.25 -17.80 -28.99
N LEU B 245 1.63 -18.85 -28.25
CA LEU B 245 2.68 -19.77 -28.67
C LEU B 245 2.06 -21.14 -28.90
N LEU B 246 2.26 -21.68 -30.09
CA LEU B 246 1.64 -22.94 -30.49
C LEU B 246 2.71 -23.97 -30.80
N PHE B 247 2.50 -25.19 -30.30
CA PHE B 247 3.39 -26.32 -30.57
C PHE B 247 2.53 -27.55 -30.81
N CYS B 248 2.38 -27.94 -32.07
CA CYS B 248 1.55 -29.09 -32.42
C CYS B 248 1.96 -29.58 -33.79
N ALA B 249 1.55 -30.82 -34.10
CA ALA B 249 1.82 -31.40 -35.40
C ALA B 249 0.84 -30.86 -36.44
N ARG B 250 1.21 -31.01 -37.71
CA ARG B 250 0.37 -30.52 -38.80
C ARG B 250 -1.00 -31.19 -38.76
N GLU B 251 -1.03 -32.50 -38.54
CA GLU B 251 -2.29 -33.22 -38.47
C GLU B 251 -3.17 -32.75 -37.32
N GLU B 252 -2.56 -32.34 -36.20
CA GLU B 252 -3.32 -31.86 -35.05
C GLU B 252 -3.44 -30.34 -35.00
N ALA B 253 -2.50 -29.61 -35.60
CA ALA B 253 -2.58 -28.15 -35.60
C ALA B 253 -3.78 -27.67 -36.42
N GLU B 254 -4.09 -28.34 -37.52
CA GLU B 254 -5.22 -27.90 -38.35
C GLU B 254 -6.52 -27.81 -37.57
N PRO B 255 -6.91 -28.81 -36.78
CA PRO B 255 -8.13 -28.63 -35.96
C PRO B 255 -8.05 -27.45 -35.02
N VAL B 256 -6.87 -27.18 -34.46
CA VAL B 256 -6.71 -26.03 -33.59
C VAL B 256 -6.93 -24.74 -34.36
N PHE B 257 -6.37 -24.64 -35.57
CA PHE B 257 -6.56 -23.45 -36.38
C PHE B 257 -8.03 -23.22 -36.70
N ARG B 258 -8.75 -24.29 -37.05
CA ARG B 258 -10.18 -24.16 -37.31
C ARG B 258 -10.92 -23.72 -36.04
N ALA B 259 -10.57 -24.30 -34.90
CA ALA B 259 -11.18 -23.89 -33.64
C ALA B 259 -10.88 -22.43 -33.34
N ALA B 260 -9.62 -22.01 -33.55
CA ALA B 260 -9.27 -20.61 -33.35
C ALA B 260 -10.03 -19.71 -34.32
N GLU B 261 -10.15 -20.12 -35.58
CA GLU B 261 -10.90 -19.34 -36.55
C GLU B 261 -12.36 -19.20 -36.13
N GLU B 262 -12.97 -20.28 -35.66
CA GLU B 262 -14.34 -20.21 -35.17
C GLU B 262 -14.45 -19.27 -33.99
N ALA B 263 -13.49 -19.33 -33.07
CA ALA B 263 -13.48 -18.43 -31.91
C ALA B 263 -13.16 -16.99 -32.29
N GLY B 264 -12.67 -16.75 -33.51
CA GLY B 264 -12.37 -15.41 -33.96
C GLY B 264 -10.98 -14.91 -33.64
N LEU B 265 -10.18 -15.68 -32.89
CA LEU B 265 -8.84 -15.25 -32.55
C LEU B 265 -7.86 -15.59 -33.67
N THR B 266 -8.16 -15.14 -34.88
CA THR B 266 -7.29 -15.41 -36.03
C THR B 266 -7.11 -14.19 -36.92
N GLY B 267 -7.62 -13.02 -36.55
CA GLY B 267 -7.48 -11.82 -37.32
C GLY B 267 -6.26 -11.01 -36.94
N SER B 268 -6.31 -9.72 -37.32
CA SER B 268 -5.20 -8.82 -37.02
C SER B 268 -5.07 -8.51 -35.53
N GLY B 269 -6.06 -8.87 -34.72
CA GLY B 269 -6.02 -8.61 -33.31
C GLY B 269 -5.22 -9.59 -32.48
N TYR B 270 -4.65 -10.62 -33.11
CA TYR B 270 -3.84 -11.60 -32.40
C TYR B 270 -2.65 -11.99 -33.27
N VAL B 271 -1.57 -12.40 -32.60
CA VAL B 271 -0.35 -12.85 -33.27
C VAL B 271 -0.02 -14.23 -32.74
N TRP B 272 0.24 -15.17 -33.66
CA TRP B 272 0.50 -16.56 -33.32
C TRP B 272 1.94 -16.92 -33.68
N PHE B 273 2.66 -17.50 -32.72
CA PHE B 273 4.02 -17.98 -32.91
C PHE B 273 3.98 -19.51 -32.88
N MET B 274 4.06 -20.11 -34.06
CA MET B 274 4.03 -21.56 -34.20
C MET B 274 5.47 -22.08 -34.30
N VAL B 275 5.85 -22.95 -33.36
CA VAL B 275 7.21 -23.48 -33.29
C VAL B 275 7.15 -24.99 -33.21
N GLY B 276 8.26 -25.62 -33.59
CA GLY B 276 8.37 -27.05 -33.58
C GLY B 276 8.74 -27.61 -34.94
N PRO B 277 8.14 -28.73 -35.31
CA PRO B 277 8.42 -29.36 -36.61
C PRO B 277 7.56 -28.87 -37.76
N GLN B 278 6.81 -27.77 -37.59
CA GLN B 278 5.94 -27.29 -38.67
C GLN B 278 6.75 -26.91 -39.90
N LEU B 279 7.86 -26.22 -39.70
CA LEU B 279 8.71 -25.76 -40.82
C LEU B 279 7.85 -24.82 -41.68
N ALA B 280 7.92 -24.92 -43.00
CA ALA B 280 7.14 -24.05 -43.87
C ALA B 280 6.88 -24.73 -45.22
N PRO B 299 -7.63 -22.00 -42.08
CA PRO B 299 -7.60 -20.53 -42.06
C PRO B 299 -6.42 -19.99 -41.25
N LEU B 300 -5.33 -19.67 -41.94
CA LEU B 300 -4.15 -19.14 -41.26
C LEU B 300 -4.47 -17.77 -40.66
N PRO B 301 -4.06 -17.52 -39.42
CA PRO B 301 -4.31 -16.21 -38.81
C PRO B 301 -3.51 -15.12 -39.51
N ALA B 302 -4.02 -13.88 -39.39
CA ALA B 302 -3.37 -12.76 -40.05
C ALA B 302 -1.95 -12.57 -39.56
N GLY B 303 -1.74 -12.66 -38.25
CA GLY B 303 -0.41 -12.52 -37.70
C GLY B 303 0.24 -13.83 -37.34
N LEU B 304 1.15 -14.31 -38.18
CA LEU B 304 1.85 -15.57 -37.95
C LEU B 304 3.35 -15.32 -38.04
N PHE B 305 4.10 -15.81 -37.06
CA PHE B 305 5.55 -15.70 -37.04
C PHE B 305 6.13 -17.05 -36.65
N ALA B 306 6.88 -17.66 -37.57
CA ALA B 306 7.53 -18.93 -37.35
C ALA B 306 9.02 -18.80 -37.60
N VAL B 307 9.82 -19.43 -36.74
CA VAL B 307 11.27 -19.37 -36.83
C VAL B 307 11.76 -20.66 -37.47
N ARG B 308 12.55 -20.53 -38.54
CA ARG B 308 13.08 -21.68 -39.26
C ARG B 308 14.57 -21.49 -39.48
N SER B 309 15.24 -22.57 -39.87
CA SER B 309 16.67 -22.52 -40.08
C SER B 309 17.02 -21.59 -41.24
N ALA B 310 18.18 -20.95 -41.12
CA ALA B 310 18.64 -20.04 -42.17
C ALA B 310 18.91 -20.82 -43.46
N GLY B 311 18.65 -20.16 -44.59
CA GLY B 311 18.82 -20.80 -45.88
C GLY B 311 17.75 -21.80 -46.23
N TRP B 312 16.57 -21.70 -45.61
CA TRP B 312 15.49 -22.64 -45.91
C TRP B 312 15.06 -22.52 -47.37
N ARG B 313 15.00 -21.30 -47.89
CA ARG B 313 14.64 -21.07 -49.28
C ARG B 313 15.79 -21.36 -50.24
N ASP B 314 16.97 -21.67 -49.73
CA ASP B 314 18.11 -21.95 -50.59
C ASP B 314 17.86 -23.19 -51.43
N ASP B 315 18.41 -23.17 -52.65
CA ASP B 315 18.21 -24.27 -53.58
C ASP B 315 18.93 -25.53 -53.08
N LEU B 316 18.50 -26.68 -53.61
CA LEU B 316 19.12 -27.94 -53.24
C LEU B 316 20.60 -27.99 -53.60
N ALA B 317 21.02 -27.26 -54.63
CA ALA B 317 22.44 -27.24 -54.99
C ALA B 317 23.29 -26.70 -53.85
N ARG B 318 22.83 -25.64 -53.20
CA ARG B 318 23.55 -25.11 -52.04
C ARG B 318 23.54 -26.12 -50.89
N ARG B 319 22.41 -26.79 -50.68
CA ARG B 319 22.31 -27.76 -49.60
C ARG B 319 23.32 -28.88 -49.77
N VAL B 320 23.39 -29.46 -50.97
CA VAL B 320 24.34 -30.54 -51.21
C VAL B 320 25.77 -30.02 -51.09
N ALA B 321 26.03 -28.80 -51.58
CA ALA B 321 27.37 -28.22 -51.44
C ALA B 321 27.75 -28.06 -49.97
N ALA B 322 26.81 -27.61 -49.14
CA ALA B 322 27.09 -27.48 -47.72
C ALA B 322 27.39 -28.84 -47.10
N GLY B 323 26.62 -29.86 -47.46
CA GLY B 323 26.88 -31.20 -46.95
C GLY B 323 28.23 -31.72 -47.36
N VAL B 324 28.60 -31.52 -48.63
CA VAL B 324 29.92 -31.94 -49.11
C VAL B 324 31.01 -31.20 -48.37
N ALA B 325 30.84 -29.89 -48.17
CA ALA B 325 31.83 -29.11 -47.44
C ALA B 325 31.99 -29.61 -46.01
N VAL B 326 30.87 -29.96 -45.36
CA VAL B 326 30.94 -30.47 -44.00
C VAL B 326 31.74 -31.76 -43.95
N VAL B 327 31.49 -32.66 -44.91
CA VAL B 327 32.25 -33.91 -44.97
C VAL B 327 33.73 -33.62 -45.21
N ALA B 328 34.02 -32.72 -46.16
CA ALA B 328 35.41 -32.37 -46.43
C ALA B 328 36.07 -31.73 -45.21
N ARG B 329 35.35 -30.84 -44.53
CA ARG B 329 35.89 -30.23 -43.32
C ARG B 329 36.15 -31.28 -42.25
N GLY B 330 35.21 -32.22 -42.08
CA GLY B 330 35.44 -33.29 -41.12
C GLY B 330 36.64 -34.13 -41.46
N ALA B 331 36.83 -34.44 -42.75
CA ALA B 331 38.02 -35.18 -43.16
C ALA B 331 39.28 -34.40 -42.85
N GLN B 332 39.28 -33.09 -43.12
CA GLN B 332 40.44 -32.27 -42.78
C GLN B 332 40.65 -32.23 -41.27
N ALA B 333 39.58 -32.13 -40.50
CA ALA B 333 39.71 -32.12 -39.04
C ALA B 333 40.33 -33.43 -38.55
N LEU B 334 39.88 -34.57 -39.08
CA LEU B 334 40.49 -35.84 -38.73
C LEU B 334 41.88 -35.99 -39.34
N LEU B 335 42.27 -35.10 -40.25
CA LEU B 335 43.58 -35.12 -40.86
C LEU B 335 44.69 -34.63 -39.92
N ARG B 336 44.34 -34.11 -38.75
CA ARG B 336 45.35 -33.69 -37.78
C ARG B 336 46.15 -34.85 -37.23
N ASP B 337 45.73 -36.08 -37.47
CA ASP B 337 46.44 -37.27 -37.05
C ASP B 337 46.38 -38.26 -38.21
N TYR B 338 46.72 -39.52 -37.94
CA TYR B 338 46.67 -40.54 -38.99
C TYR B 338 45.28 -40.59 -39.59
N GLY B 339 45.15 -40.15 -40.85
CA GLY B 339 43.88 -40.04 -41.51
C GLY B 339 43.42 -41.29 -42.24
N PHE B 340 44.21 -42.35 -42.22
CA PHE B 340 43.84 -43.60 -42.89
C PHE B 340 43.16 -44.53 -41.87
N LEU B 341 41.91 -44.17 -41.55
CA LEU B 341 41.11 -44.87 -40.55
C LEU B 341 39.75 -45.22 -41.16
N PRO B 342 39.70 -46.24 -42.01
CA PRO B 342 38.42 -46.65 -42.59
C PRO B 342 37.54 -47.34 -41.56
N GLU B 343 36.24 -47.41 -41.87
CA GLU B 343 35.26 -48.02 -41.00
C GLU B 343 35.23 -49.54 -41.12
N LEU B 344 36.25 -50.13 -41.73
CA LEU B 344 36.34 -51.59 -41.88
C LEU B 344 35.33 -52.08 -42.92
N GLY B 345 34.53 -51.17 -43.47
CA GLY B 345 33.53 -51.53 -44.45
C GLY B 345 32.13 -51.59 -43.88
N HIS B 346 31.84 -50.72 -42.92
CA HIS B 346 30.52 -50.69 -42.28
C HIS B 346 30.27 -52.05 -41.63
N ASP B 347 29.02 -52.51 -41.60
CA ASP B 347 28.68 -53.80 -41.00
C ASP B 347 27.52 -54.37 -41.80
N CYS B 348 27.83 -55.25 -42.75
CA CYS B 348 26.82 -55.90 -43.59
C CYS B 348 26.79 -57.41 -43.40
N ARG B 349 27.94 -58.06 -43.25
CA ARG B 349 27.99 -59.50 -43.06
C ARG B 349 28.52 -59.86 -41.68
N THR B 354 27.80 -50.02 -31.63
CA THR B 354 27.57 -51.46 -31.43
C THR B 354 28.88 -52.19 -31.16
N HIS B 355 29.33 -52.96 -32.14
CA HIS B 355 30.58 -53.72 -31.97
C HIS B 355 31.75 -52.77 -31.74
N ARG B 356 31.85 -51.71 -32.55
CA ARG B 356 32.94 -50.75 -32.38
C ARG B 356 32.69 -49.89 -31.14
N GLY B 357 31.46 -49.42 -30.97
CA GLY B 357 31.14 -48.58 -29.81
C GLY B 357 31.96 -47.31 -29.73
N GLU B 358 32.25 -46.69 -30.87
CA GLU B 358 33.01 -45.46 -30.92
C GLU B 358 32.35 -44.49 -31.88
N SER B 359 32.21 -43.25 -31.46
CA SER B 359 31.62 -42.20 -32.28
C SER B 359 32.73 -41.46 -33.03
N LEU B 360 32.38 -40.35 -33.69
CA LEU B 360 33.34 -39.55 -34.42
C LEU B 360 33.24 -38.07 -34.09
N HIS B 361 32.48 -37.70 -33.06
CA HIS B 361 32.32 -36.30 -32.69
C HIS B 361 33.54 -35.73 -31.97
N ARG B 362 34.45 -36.58 -31.49
CA ARG B 362 35.62 -36.08 -30.78
C ARG B 362 36.49 -35.20 -31.67
N TYR B 363 36.72 -35.64 -32.91
CA TYR B 363 37.53 -34.87 -33.84
C TYR B 363 36.73 -33.83 -34.60
N PHE B 364 35.57 -34.22 -35.13
CA PHE B 364 34.71 -33.30 -35.88
C PHE B 364 33.85 -32.53 -34.87
N MET B 365 34.32 -31.34 -34.49
CA MET B 365 33.61 -30.52 -33.52
C MET B 365 33.36 -29.11 -34.03
N ASN B 366 34.30 -28.52 -34.77
CA ASN B 366 34.17 -27.14 -35.23
C ASN B 366 34.63 -27.07 -36.69
N ILE B 367 33.76 -26.55 -37.55
CA ILE B 367 34.09 -26.30 -38.95
C ILE B 367 33.55 -24.93 -39.33
N THR B 368 34.13 -24.37 -40.40
CA THR B 368 33.74 -23.05 -40.88
C THR B 368 33.62 -23.10 -42.40
N TRP B 369 32.43 -22.83 -42.91
CA TRP B 369 32.19 -22.77 -44.35
C TRP B 369 30.96 -21.92 -44.61
N ASP B 370 30.97 -21.19 -45.72
CA ASP B 370 29.86 -20.33 -46.10
C ASP B 370 29.52 -19.34 -44.98
N ASN B 371 30.56 -18.85 -44.29
CA ASN B 371 30.41 -17.94 -43.16
C ASN B 371 29.44 -18.57 -42.17
N ARG B 372 28.45 -17.85 -41.67
CA ARG B 372 27.49 -18.51 -40.80
C ARG B 372 28.14 -19.26 -39.64
N ASP B 373 27.35 -19.98 -38.85
CA ASP B 373 27.90 -20.76 -37.74
C ASP B 373 27.56 -22.21 -37.92
N TYR B 374 28.45 -22.93 -38.58
CA TYR B 374 28.20 -24.34 -38.85
C TYR B 374 29.16 -25.17 -38.01
N SER B 375 28.76 -25.42 -36.76
CA SER B 375 29.52 -26.27 -35.85
C SER B 375 28.56 -27.24 -35.17
N PHE B 376 28.95 -28.50 -35.13
CA PHE B 376 28.08 -29.56 -34.65
C PHE B 376 28.38 -29.89 -33.19
N ASN B 377 27.34 -30.30 -32.46
CA ASN B 377 27.44 -30.68 -31.06
C ASN B 377 27.34 -32.19 -30.94
N GLU B 378 27.56 -32.68 -29.71
CA GLU B 378 27.48 -34.10 -29.46
C GLU B 378 26.09 -34.65 -29.73
N ASP B 379 25.05 -33.90 -29.34
CA ASP B 379 23.67 -34.32 -29.56
C ASP B 379 23.30 -34.35 -31.03
N GLY B 380 24.11 -33.76 -31.91
CA GLY B 380 23.82 -33.74 -33.33
C GLY B 380 23.24 -32.43 -33.86
N PHE B 381 23.14 -31.41 -33.01
CA PHE B 381 22.63 -30.11 -33.45
C PHE B 381 23.78 -29.27 -34.00
N LEU B 382 23.50 -27.99 -34.26
CA LEU B 382 24.50 -27.04 -34.69
C LEU B 382 24.60 -25.93 -33.65
N VAL B 383 25.72 -25.86 -32.95
CA VAL B 383 25.88 -24.88 -31.89
C VAL B 383 25.84 -23.47 -32.48
N ASN B 384 25.03 -22.60 -31.88
CA ASN B 384 24.85 -21.24 -32.36
C ASN B 384 24.49 -21.22 -33.85
N PRO B 385 23.40 -21.86 -34.24
CA PRO B 385 23.04 -21.92 -35.66
C PRO B 385 22.42 -20.62 -36.13
N SER B 386 22.40 -20.47 -37.46
CA SER B 386 21.81 -19.29 -38.09
C SER B 386 20.32 -19.53 -38.29
N LEU B 387 19.49 -18.60 -37.80
CA LEU B 387 18.05 -18.73 -37.88
C LEU B 387 17.44 -17.44 -38.43
N VAL B 388 16.25 -17.58 -39.00
CA VAL B 388 15.48 -16.45 -39.51
C VAL B 388 14.05 -16.58 -38.98
N VAL B 389 13.37 -15.44 -38.92
CA VAL B 389 12.01 -15.35 -38.41
C VAL B 389 11.11 -15.03 -39.60
N ILE B 390 10.47 -16.05 -40.16
CA ILE B 390 9.56 -15.85 -41.28
C ILE B 390 8.22 -15.35 -40.77
N SER B 391 7.57 -14.52 -41.58
CA SER B 391 6.27 -13.96 -41.24
C SER B 391 5.32 -14.15 -42.42
N LEU B 392 4.04 -14.34 -42.09
CA LEU B 392 3.00 -14.59 -43.10
C LEU B 392 2.18 -13.32 -43.30
N THR B 393 2.09 -12.88 -44.55
CA THR B 393 1.32 -11.70 -44.90
C THR B 393 -0.02 -12.13 -45.51
N ARG B 394 -0.80 -11.13 -45.95
CA ARG B 394 -2.09 -11.40 -46.57
C ARG B 394 -1.95 -12.07 -47.94
N ASP B 395 -0.74 -12.11 -48.50
CA ASP B 395 -0.50 -12.72 -49.80
C ASP B 395 -0.07 -14.18 -49.70
N ARG B 396 -0.12 -14.76 -48.50
CA ARG B 396 0.27 -16.15 -48.29
C ARG B 396 1.74 -16.36 -48.66
N THR B 397 2.58 -15.39 -48.29
CA THR B 397 4.00 -15.42 -48.57
C THR B 397 4.79 -15.31 -47.28
N TRP B 398 5.85 -16.11 -47.17
CA TRP B 398 6.74 -16.09 -46.02
C TRP B 398 7.95 -15.24 -46.35
N GLU B 399 8.20 -14.21 -45.55
CA GLU B 399 9.31 -13.29 -45.77
C GLU B 399 10.14 -13.19 -44.49
N VAL B 400 11.44 -12.96 -44.67
CA VAL B 400 12.34 -12.85 -43.53
C VAL B 400 12.11 -11.52 -42.82
N VAL B 401 11.88 -11.60 -41.51
CA VAL B 401 11.69 -10.41 -40.68
C VAL B 401 12.93 -10.13 -39.83
N GLY B 402 13.49 -11.16 -39.23
CA GLY B 402 14.70 -11.00 -38.44
C GLY B 402 15.60 -12.21 -38.61
N SER B 403 16.90 -11.97 -38.47
CA SER B 403 17.91 -13.01 -38.62
C SER B 403 18.73 -13.11 -37.36
N TRP B 404 19.00 -14.33 -36.90
CA TRP B 404 19.79 -14.59 -35.72
C TRP B 404 21.07 -15.31 -36.11
N GLU B 405 22.21 -14.74 -35.72
CA GLU B 405 23.51 -15.32 -36.02
C GLU B 405 24.53 -14.80 -35.02
N GLN B 406 25.33 -15.71 -34.47
CA GLN B 406 26.37 -15.35 -33.50
C GLN B 406 25.78 -14.57 -32.33
N GLN B 407 24.61 -14.99 -31.87
CA GLN B 407 23.92 -14.35 -30.75
C GLN B 407 23.60 -12.88 -31.06
N THR B 408 23.35 -12.58 -32.33
CA THR B 408 23.02 -11.22 -32.77
C THR B 408 21.68 -11.26 -33.49
N LEU B 409 20.78 -10.35 -33.11
CA LEU B 409 19.44 -10.27 -33.66
C LEU B 409 19.31 -8.99 -34.46
N ARG B 410 19.34 -9.10 -35.79
CA ARG B 410 19.11 -8.00 -36.70
C ARG B 410 17.79 -8.24 -37.42
N LEU B 411 16.84 -7.32 -37.25
CA LEU B 411 15.50 -7.47 -37.80
C LEU B 411 15.09 -6.18 -38.52
N LYS B 412 14.54 -6.34 -39.71
CA LYS B 412 13.94 -5.21 -40.42
C LYS B 412 12.56 -4.92 -39.86
N TYR B 413 11.94 -3.84 -40.33
CA TYR B 413 10.64 -3.44 -39.81
C TYR B 413 10.75 -3.18 -38.32
N PRO B 414 11.60 -2.25 -37.89
CA PRO B 414 11.81 -2.00 -36.45
C PRO B 414 10.71 -1.13 -35.86
N LEU B 415 9.54 -1.73 -35.67
CA LEU B 415 8.40 -1.02 -35.11
C LEU B 415 8.68 -0.70 -33.65
N TRP B 416 8.94 0.57 -33.36
CA TRP B 416 9.21 0.98 -31.98
C TRP B 416 7.99 0.73 -31.09
N SER B 417 6.81 1.08 -31.58
CA SER B 417 5.59 0.84 -30.83
C SER B 417 5.07 -0.57 -31.10
N ARG B 418 4.50 -1.19 -30.06
CA ARG B 418 4.00 -2.56 -30.17
C ARG B 418 2.61 -2.65 -30.78
N TYR B 419 1.95 -1.51 -31.03
CA TYR B 419 0.56 -1.51 -31.48
C TYR B 419 -0.33 -2.31 -30.53
N GLY B 420 0.00 -2.27 -29.24
CA GLY B 420 -0.65 -3.11 -28.24
C GLY B 420 -2.14 -3.29 -28.43
N ARG B 421 -2.85 -2.22 -28.71
CA ARG B 421 -4.30 -2.27 -28.89
C ARG B 421 -4.67 -2.37 -30.37
N PHE B 422 -4.14 -3.40 -31.03
CA PHE B 422 -4.53 -3.70 -32.40
C PHE B 422 -5.75 -4.60 -32.48
N LEU B 423 -6.30 -5.02 -31.34
CA LEU B 423 -7.48 -5.87 -31.31
C LEU B 423 -8.76 -5.04 -31.46
N THR B 429 -10.17 0.34 -24.21
CA THR B 429 -8.87 -0.27 -24.48
C THR B 429 -7.96 -0.18 -23.26
N GLN B 430 -6.68 -0.49 -23.47
CA GLN B 430 -5.70 -0.43 -22.39
C GLN B 430 -4.37 0.18 -22.81
N HIS B 431 -4.24 0.66 -24.05
CA HIS B 431 -3.00 1.26 -24.53
C HIS B 431 -3.22 2.74 -24.78
N LEU B 432 -2.36 3.57 -24.20
CA LEU B 432 -2.44 5.02 -24.32
C LEU B 432 -1.11 5.55 -24.87
N THR B 433 -1.19 6.38 -25.89
CA THR B 433 -0.02 7.05 -26.45
C THR B 433 0.17 8.38 -25.71
N VAL B 434 1.08 8.40 -24.75
CA VAL B 434 1.27 9.54 -23.87
C VAL B 434 2.43 10.38 -24.37
N ALA B 435 2.15 11.62 -24.76
CA ALA B 435 3.18 12.59 -25.12
C ALA B 435 3.71 13.25 -23.86
N THR B 436 4.83 13.96 -24.01
CA THR B 436 5.46 14.63 -22.88
C THR B 436 6.57 15.53 -23.42
N LEU B 437 7.28 16.18 -22.48
CA LEU B 437 8.40 17.04 -22.80
C LEU B 437 9.36 17.03 -21.63
N GLU B 438 10.60 17.45 -21.90
CA GLU B 438 11.65 17.38 -20.91
C GLU B 438 11.66 18.63 -20.04
N GLU B 439 11.35 18.47 -18.76
CA GLU B 439 11.46 19.54 -17.77
C GLU B 439 12.15 18.96 -16.55
N ARG B 440 13.32 19.50 -16.22
CA ARG B 440 14.17 18.88 -15.22
C ARG B 440 13.46 18.61 -13.90
N PRO B 441 12.74 19.56 -13.30
CA PRO B 441 12.05 19.27 -12.03
C PRO B 441 11.02 18.16 -12.14
N PHE B 442 10.41 17.98 -13.31
CA PHE B 442 9.31 17.04 -13.49
C PHE B 442 9.69 15.82 -14.31
N VAL B 443 10.23 16.01 -15.51
CA VAL B 443 10.66 14.92 -16.37
C VAL B 443 12.17 15.00 -16.54
N ILE B 444 12.86 13.96 -16.11
CA ILE B 444 14.31 13.86 -16.25
C ILE B 444 14.61 12.67 -17.15
N VAL B 445 15.31 12.93 -18.25
CA VAL B 445 15.62 11.92 -19.25
C VAL B 445 17.14 11.75 -19.32
N GLU B 446 17.60 10.51 -19.14
CA GLU B 446 19.00 10.18 -19.24
C GLU B 446 19.16 8.92 -20.08
N PRO B 447 20.25 8.81 -20.83
CA PRO B 447 20.44 7.60 -21.65
C PRO B 447 20.67 6.37 -20.81
N ALA B 448 20.23 5.24 -21.33
CA ALA B 448 20.46 3.97 -20.67
C ALA B 448 21.91 3.54 -20.80
N ASP B 449 22.41 2.86 -19.77
CA ASP B 449 23.79 2.43 -19.77
C ASP B 449 24.03 1.38 -20.87
N PRO B 450 25.25 1.30 -21.40
CA PRO B 450 25.50 0.30 -22.46
C PRO B 450 25.16 -1.11 -22.04
N ILE B 451 25.42 -1.48 -20.79
CA ILE B 451 25.05 -2.80 -20.28
C ILE B 451 23.73 -2.78 -19.53
N SER B 452 23.18 -1.61 -19.21
CA SER B 452 21.91 -1.54 -18.52
C SER B 452 20.78 -2.11 -19.37
N GLY B 453 20.79 -1.83 -20.67
CA GLY B 453 19.73 -2.29 -21.53
C GLY B 453 18.40 -1.64 -21.18
N THR B 454 17.49 -2.41 -20.60
CA THR B 454 16.23 -1.85 -20.14
C THR B 454 16.47 -0.84 -19.01
N CYS B 455 15.54 0.10 -18.89
CA CYS B 455 15.69 1.15 -17.89
C CYS B 455 15.67 0.57 -16.49
N ILE B 456 16.49 1.14 -15.61
CA ILE B 456 16.59 0.68 -14.23
C ILE B 456 15.30 1.01 -13.49
N ARG B 457 15.15 0.47 -12.28
CA ARG B 457 13.96 0.72 -11.48
C ARG B 457 13.78 2.22 -11.27
N ASP B 458 12.55 2.61 -10.93
CA ASP B 458 12.19 4.01 -10.74
C ASP B 458 12.39 4.80 -12.04
N SER B 459 12.05 4.18 -13.16
CA SER B 459 12.18 4.82 -14.46
C SER B 459 11.23 4.16 -15.44
N VAL B 460 10.99 4.84 -16.55
CA VAL B 460 10.12 4.33 -17.60
C VAL B 460 10.84 4.46 -18.94
N PRO B 461 10.51 3.64 -19.94
CA PRO B 461 11.22 3.72 -21.22
C PRO B 461 10.81 4.95 -22.03
N CYS B 462 11.69 5.94 -22.10
CA CYS B 462 11.44 7.14 -22.88
C CYS B 462 11.74 6.85 -24.34
N ARG B 463 10.85 7.28 -25.22
CA ARG B 463 10.86 6.90 -26.63
C ARG B 463 10.84 8.14 -27.52
N SER B 464 11.74 9.08 -27.26
CA SER B 464 11.80 10.31 -28.04
C SER B 464 11.64 10.02 -29.52
N GLN B 465 10.59 10.58 -30.12
CA GLN B 465 10.18 10.23 -31.46
C GLN B 465 9.98 11.49 -32.30
N LEU B 466 10.18 11.35 -33.61
CA LEU B 466 9.99 12.43 -34.56
C LEU B 466 9.42 11.82 -35.85
N ASN B 467 9.43 12.61 -36.92
CA ASN B 467 8.93 12.15 -38.21
C ASN B 467 9.66 10.91 -38.68
N PRO B 479 17.72 5.03 -34.27
CA PRO B 479 16.89 5.14 -33.07
C PRO B 479 17.67 4.83 -31.79
N GLU B 480 17.37 5.56 -30.73
CA GLU B 480 18.01 5.37 -29.43
C GLU B 480 16.96 5.32 -28.35
N LYS B 481 17.26 4.58 -27.28
CA LYS B 481 16.34 4.43 -26.15
C LYS B 481 16.83 5.27 -24.98
N ARG B 482 15.92 6.01 -24.37
CA ARG B 482 16.24 6.88 -23.24
C ARG B 482 15.29 6.58 -22.08
N CYS B 483 15.75 6.87 -20.87
CA CYS B 483 14.99 6.64 -19.65
C CYS B 483 14.49 7.97 -19.12
N CYS B 484 13.17 8.08 -18.96
CA CYS B 484 12.53 9.30 -18.47
C CYS B 484 11.96 9.06 -17.09
N LYS B 485 12.34 9.92 -16.14
CA LYS B 485 11.91 9.79 -14.75
C LYS B 485 11.66 11.18 -14.18
N GLY B 486 10.95 11.21 -13.05
CA GLY B 486 10.66 12.47 -12.39
C GLY B 486 9.35 12.47 -11.61
N PHE B 487 8.78 13.65 -11.39
CA PHE B 487 7.55 13.75 -10.62
C PHE B 487 6.36 13.26 -11.42
N CYS B 488 6.07 13.90 -12.56
CA CYS B 488 4.90 13.52 -13.35
C CYS B 488 4.98 12.10 -13.87
N ILE B 489 6.19 11.60 -14.17
CA ILE B 489 6.32 10.21 -14.59
C ILE B 489 5.87 9.28 -13.47
N ASP B 490 6.29 9.57 -12.23
CA ASP B 490 5.81 8.78 -11.10
C ASP B 490 4.29 8.84 -11.00
N ILE B 491 3.71 10.00 -11.29
CA ILE B 491 2.25 10.11 -11.32
C ILE B 491 1.68 9.22 -12.41
N LEU B 492 2.32 9.21 -13.58
CA LEU B 492 1.83 8.39 -14.68
C LEU B 492 1.85 6.90 -14.33
N LYS B 493 2.93 6.44 -13.68
CA LYS B 493 3.01 5.04 -13.30
C LYS B 493 1.89 4.67 -12.34
N ARG B 494 1.63 5.52 -11.34
CA ARG B 494 0.58 5.23 -10.39
C ARG B 494 -0.79 5.24 -11.05
N LEU B 495 -1.03 6.16 -11.98
CA LEU B 495 -2.29 6.20 -12.69
C LEU B 495 -2.50 4.92 -13.51
N ALA B 496 -1.45 4.46 -14.19
CA ALA B 496 -1.57 3.23 -14.96
C ALA B 496 -1.88 2.04 -14.06
N HIS B 497 -1.22 1.96 -12.90
CA HIS B 497 -1.46 0.86 -11.99
C HIS B 497 -2.89 0.86 -11.47
N THR B 498 -3.42 2.04 -11.14
CA THR B 498 -4.78 2.13 -10.60
C THR B 498 -5.83 1.98 -11.71
N ILE B 499 -5.79 2.86 -12.70
CA ILE B 499 -6.76 2.78 -13.79
C ILE B 499 -6.62 1.47 -14.54
N GLY B 500 -5.39 1.06 -14.81
CA GLY B 500 -5.14 -0.23 -15.45
C GLY B 500 -5.03 -0.17 -16.96
N PHE B 501 -4.17 0.71 -17.47
CA PHE B 501 -3.86 0.79 -18.88
C PHE B 501 -2.37 0.60 -19.09
N SER B 502 -1.96 0.62 -20.36
CA SER B 502 -0.55 0.52 -20.74
C SER B 502 -0.15 1.80 -21.46
N TYR B 503 0.84 2.49 -20.92
CA TYR B 503 1.30 3.76 -21.46
C TYR B 503 2.49 3.55 -22.39
N ASP B 504 2.78 4.59 -23.18
CA ASP B 504 3.90 4.56 -24.11
C ASP B 504 4.38 5.99 -24.29
N LEU B 505 5.45 6.35 -23.60
CA LEU B 505 5.95 7.72 -23.64
C LEU B 505 6.37 8.09 -25.05
N TYR B 506 6.07 9.33 -25.44
CA TYR B 506 6.31 9.84 -26.78
C TYR B 506 6.96 11.21 -26.70
N LEU B 507 8.05 11.30 -25.93
CA LEU B 507 8.74 12.55 -25.69
C LEU B 507 8.82 13.39 -26.96
N VAL B 508 8.26 14.59 -26.90
CA VAL B 508 8.04 15.39 -28.10
C VAL B 508 9.29 16.18 -28.42
N THR B 509 9.43 16.54 -29.70
CA THR B 509 10.54 17.36 -30.16
C THR B 509 10.12 18.42 -31.18
N ASN B 510 8.83 18.58 -31.44
CA ASN B 510 8.35 19.55 -32.43
C ASN B 510 8.25 20.96 -31.88
N GLY B 511 8.48 21.17 -30.59
CA GLY B 511 8.37 22.49 -30.01
C GLY B 511 8.44 22.52 -28.50
N LYS B 512 7.51 23.22 -27.88
CA LYS B 512 7.49 23.45 -26.44
C LYS B 512 6.14 23.01 -25.87
N HIS B 513 5.87 23.40 -24.63
CA HIS B 513 4.68 22.96 -23.94
C HIS B 513 3.40 23.31 -24.70
N GLY B 514 3.44 24.34 -25.55
CA GLY B 514 2.29 24.66 -26.36
C GLY B 514 2.22 26.11 -26.80
N LYS B 515 1.87 26.33 -28.06
CA LYS B 515 1.73 27.68 -28.60
C LYS B 515 0.94 27.58 -29.90
N LYS B 516 0.41 28.72 -30.35
CA LYS B 516 -0.37 28.80 -31.56
C LYS B 516 0.40 29.60 -32.60
N ILE B 517 0.59 29.04 -33.78
CA ILE B 517 1.30 29.69 -34.88
C ILE B 517 0.39 29.66 -36.10
N ASP B 518 -0.15 30.82 -36.46
CA ASP B 518 -1.04 30.97 -37.61
C ASP B 518 -2.03 29.81 -37.71
N GLY B 519 -2.74 29.57 -36.60
CA GLY B 519 -3.73 28.52 -36.56
C GLY B 519 -3.19 27.11 -36.43
N VAL B 520 -1.92 26.96 -36.05
CA VAL B 520 -1.29 25.66 -35.90
C VAL B 520 -0.77 25.54 -34.48
N TRP B 521 -1.07 24.41 -33.83
CA TRP B 521 -0.62 24.15 -32.47
C TRP B 521 0.64 23.30 -32.51
N ASN B 522 1.73 23.83 -31.97
CA ASN B 522 3.01 23.13 -31.92
C ASN B 522 3.38 22.84 -30.48
N GLY B 523 3.66 21.57 -30.19
CA GLY B 523 4.02 21.17 -28.85
C GLY B 523 3.18 20.03 -28.31
N MET B 524 3.18 19.85 -26.99
CA MET B 524 2.38 18.79 -26.38
C MET B 524 0.90 18.99 -26.68
N ILE B 525 0.43 20.23 -26.65
CA ILE B 525 -0.97 20.50 -26.98
C ILE B 525 -1.24 20.15 -28.45
N GLY B 526 -0.26 20.39 -29.31
CA GLY B 526 -0.41 20.01 -30.70
C GLY B 526 -0.61 18.51 -30.87
N GLU B 527 0.18 17.71 -30.15
CA GLU B 527 0.03 16.26 -30.23
C GLU B 527 -1.27 15.80 -29.61
N VAL B 528 -1.63 16.35 -28.45
CA VAL B 528 -2.91 16.01 -27.84
C VAL B 528 -4.05 16.43 -28.75
N PHE B 529 -3.98 17.64 -29.30
CA PHE B 529 -4.89 18.01 -30.37
C PHE B 529 -4.63 17.11 -31.58
N TYR B 530 -5.53 17.14 -32.54
CA TYR B 530 -5.50 16.17 -33.63
C TYR B 530 -5.73 14.80 -32.98
N GLN B 531 -4.98 13.76 -33.39
CA GLN B 531 -5.16 12.45 -32.78
C GLN B 531 -3.82 11.72 -32.60
N ARG B 532 -2.72 12.47 -32.53
CA ARG B 532 -1.41 11.82 -32.50
C ARG B 532 -1.10 11.17 -31.15
N ALA B 533 -1.61 11.75 -30.07
CA ALA B 533 -1.37 11.19 -28.73
C ALA B 533 -2.41 11.75 -27.78
N ASP B 534 -3.16 10.87 -27.12
CA ASP B 534 -4.25 11.29 -26.26
C ASP B 534 -3.81 11.47 -24.80
N MET B 535 -2.75 12.26 -24.60
CA MET B 535 -2.34 12.67 -23.27
C MET B 535 -1.11 13.55 -23.34
N ALA B 536 -0.93 14.44 -22.37
CA ALA B 536 0.21 15.36 -22.35
C ALA B 536 0.74 15.51 -20.93
N ILE B 537 0.88 14.38 -20.22
CA ILE B 537 1.39 14.43 -18.85
C ILE B 537 2.72 15.16 -18.81
N GLY B 538 2.88 16.04 -17.84
CA GLY B 538 4.10 16.82 -17.69
C GLY B 538 3.87 18.13 -16.97
N SER B 539 4.38 19.22 -17.54
CA SER B 539 4.21 20.56 -16.97
C SER B 539 3.34 21.35 -17.94
N LEU B 540 2.03 21.24 -17.79
CA LEU B 540 1.06 21.90 -18.66
C LEU B 540 0.16 22.79 -17.80
N THR B 541 0.24 24.10 -18.03
CA THR B 541 -0.61 25.04 -17.32
C THR B 541 -2.01 25.02 -17.91
N ILE B 542 -2.97 25.54 -17.14
CA ILE B 542 -4.38 25.56 -17.54
C ILE B 542 -4.79 27.00 -17.77
N ASN B 543 -5.32 27.28 -18.96
CA ASN B 543 -5.85 28.59 -19.31
C ASN B 543 -7.01 28.39 -20.27
N GLU B 544 -7.67 29.50 -20.64
CA GLU B 544 -8.86 29.39 -21.47
C GLU B 544 -8.55 28.77 -22.82
N GLU B 545 -7.47 29.21 -23.48
CA GLU B 545 -7.19 28.75 -24.84
C GLU B 545 -6.90 27.26 -24.88
N ARG B 546 -5.99 26.79 -24.02
CA ARG B 546 -5.69 25.36 -23.99
C ARG B 546 -6.91 24.56 -23.54
N SER B 547 -7.63 25.05 -22.54
CA SER B 547 -8.83 24.36 -22.07
C SER B 547 -10.00 24.46 -23.04
N GLU B 548 -9.89 25.30 -24.07
CA GLU B 548 -10.98 25.46 -25.02
C GLU B 548 -10.91 24.41 -26.13
N ILE B 549 -9.71 24.05 -26.57
CA ILE B 549 -9.56 23.05 -27.61
C ILE B 549 -9.22 21.66 -27.06
N VAL B 550 -8.66 21.58 -25.86
CA VAL B 550 -8.37 20.31 -25.22
C VAL B 550 -9.24 20.18 -23.98
N ASP B 551 -9.16 19.03 -23.31
CA ASP B 551 -9.92 18.77 -22.09
C ASP B 551 -8.94 18.39 -20.99
N PHE B 552 -8.72 19.30 -20.05
CA PHE B 552 -7.74 19.10 -19.00
C PHE B 552 -8.34 18.21 -17.90
N SER B 553 -7.62 18.07 -16.80
CA SER B 553 -8.06 17.26 -15.67
C SER B 553 -7.93 18.04 -14.38
N VAL B 554 -8.14 17.38 -13.24
CA VAL B 554 -8.03 18.06 -11.95
C VAL B 554 -6.58 18.51 -11.75
N PRO B 555 -6.34 19.77 -11.40
CA PRO B 555 -4.95 20.25 -11.23
C PRO B 555 -4.29 19.56 -10.05
N PHE B 556 -3.28 18.74 -10.34
CA PHE B 556 -2.55 18.03 -9.29
C PHE B 556 -1.36 18.83 -8.75
N VAL B 557 -1.07 20.00 -9.31
CA VAL B 557 -0.02 20.87 -8.81
C VAL B 557 -0.44 22.31 -9.06
N GLU B 558 -0.19 23.19 -8.08
CA GLU B 558 -0.59 24.58 -8.20
C GLU B 558 0.52 25.41 -8.82
N THR B 559 0.13 26.50 -9.48
CA THR B 559 1.08 27.38 -10.14
C THR B 559 0.49 28.78 -10.18
N GLY B 560 1.22 29.68 -10.84
CA GLY B 560 0.77 31.05 -10.96
C GLY B 560 1.95 31.98 -11.12
N ILE B 561 1.62 33.26 -11.26
CA ILE B 561 2.63 34.32 -11.41
C ILE B 561 2.95 34.83 -10.02
N SER B 562 3.92 34.20 -9.36
CA SER B 562 4.33 34.54 -8.00
C SER B 562 5.57 35.42 -8.04
N VAL B 563 5.93 35.94 -6.87
CA VAL B 563 7.04 36.87 -6.71
C VAL B 563 8.04 36.28 -5.73
N MET B 564 9.31 36.29 -6.11
CA MET B 564 10.40 35.82 -5.26
C MET B 564 11.21 37.01 -4.78
N VAL B 565 11.39 37.11 -3.45
CA VAL B 565 12.11 38.22 -2.84
C VAL B 565 13.11 37.65 -1.85
N ALA B 566 14.34 38.14 -1.91
CA ALA B 566 15.37 37.70 -0.97
C ALA B 566 15.02 38.16 0.43
N ARG B 567 15.20 37.26 1.40
CA ARG B 567 14.88 37.58 2.78
C ARG B 567 15.91 38.52 3.38
N SER B 568 15.43 39.48 4.18
CA SER B 568 16.29 40.49 4.81
C SER B 568 16.98 39.86 6.00
N ASN B 569 18.22 39.41 5.80
CA ASN B 569 18.98 38.79 6.88
C ASN B 569 19.29 39.80 7.97
N GLY B 570 19.20 39.34 9.22
CA GLY B 570 19.59 40.15 10.36
C GLY B 570 18.70 41.35 10.61
N THR B 571 17.45 41.10 11.01
CA THR B 571 16.57 42.19 11.37
C THR B 571 17.17 43.02 12.49
N VAL B 572 17.18 44.33 12.31
CA VAL B 572 17.79 45.24 13.27
C VAL B 572 16.78 45.62 14.34
N SER B 573 17.26 45.74 15.58
CA SER B 573 16.39 46.16 16.66
C SER B 573 15.91 47.59 16.42
N PRO B 574 14.63 47.88 16.65
CA PRO B 574 14.12 49.22 16.36
C PRO B 574 14.72 50.30 17.25
N SER B 575 14.34 51.55 17.00
CA SER B 575 14.86 52.65 17.81
C SER B 575 14.42 52.51 19.26
N ALA B 576 13.17 52.11 19.48
CA ALA B 576 12.62 51.97 20.83
C ALA B 576 12.95 50.63 21.47
N PHE B 577 14.00 49.95 20.99
CA PHE B 577 14.42 48.68 21.56
C PHE B 577 15.25 48.85 22.82
N LEU B 578 15.57 50.09 23.21
CA LEU B 578 16.37 50.35 24.40
C LEU B 578 15.54 50.42 25.67
N GLU B 579 14.24 50.14 25.60
CA GLU B 579 13.34 50.22 26.74
C GLU B 579 12.67 48.86 26.96
N PRO B 580 13.29 47.98 27.74
CA PRO B 580 12.62 46.72 28.09
C PRO B 580 11.58 46.95 29.18
N TYR B 581 11.74 48.04 29.91
CA TYR B 581 10.82 48.39 30.99
C TYR B 581 9.57 49.07 30.45
N SER B 582 8.43 48.75 31.05
CA SER B 582 7.17 49.33 30.62
C SER B 582 7.12 50.81 31.02
N PRO B 583 6.30 51.61 30.35
CA PRO B 583 6.23 53.04 30.70
C PRO B 583 5.94 53.28 32.17
N ALA B 584 5.05 52.48 32.78
CA ALA B 584 4.80 52.59 34.21
C ALA B 584 6.02 52.22 35.03
N VAL B 585 6.85 51.32 34.51
CA VAL B 585 8.11 50.97 35.16
C VAL B 585 9.03 52.19 35.27
N TRP B 586 9.16 52.96 34.19
CA TRP B 586 10.05 54.12 34.25
C TRP B 586 9.49 55.19 35.17
N VAL B 587 8.18 55.45 35.09
CA VAL B 587 7.58 56.50 35.91
C VAL B 587 7.72 56.19 37.39
N MET B 588 7.48 54.93 37.76
CA MET B 588 7.57 54.56 39.17
C MET B 588 9.00 54.74 39.69
N MET B 589 9.99 54.41 38.86
CA MET B 589 11.38 54.59 39.28
C MET B 589 11.69 56.06 39.54
N PHE B 590 11.20 56.95 38.67
CA PHE B 590 11.45 58.38 38.87
C PHE B 590 10.80 58.88 40.16
N VAL B 591 9.56 58.46 40.41
CA VAL B 591 8.85 58.93 41.60
C VAL B 591 9.54 58.42 42.87
N MET B 592 10.00 57.17 42.85
CA MET B 592 10.72 56.64 44.00
C MET B 592 12.02 57.41 44.24
N CYS B 593 12.73 57.77 43.17
CA CYS B 593 13.96 58.53 43.33
C CYS B 593 13.70 59.87 43.99
N LEU B 594 12.65 60.57 43.57
CA LEU B 594 12.32 61.85 44.19
C LEU B 594 11.94 61.66 45.65
N THR B 595 11.14 60.64 45.96
CA THR B 595 10.75 60.40 47.34
C THR B 595 11.98 60.06 48.21
N VAL B 596 12.88 59.22 47.68
CA VAL B 596 14.08 58.87 48.43
C VAL B 596 14.95 60.10 48.65
N VAL B 597 15.10 60.94 47.62
CA VAL B 597 15.91 62.14 47.76
C VAL B 597 15.33 63.06 48.84
N ALA B 598 14.01 63.24 48.82
CA ALA B 598 13.37 64.06 49.84
C ALA B 598 13.57 63.45 51.23
N VAL B 599 13.48 62.13 51.34
CA VAL B 599 13.70 61.48 52.63
C VAL B 599 15.12 61.71 53.12
N THR B 600 16.10 61.57 52.22
CA THR B 600 17.49 61.75 52.61
C THR B 600 17.75 63.17 53.08
N VAL B 601 17.24 64.17 52.36
CA VAL B 601 17.45 65.55 52.75
C VAL B 601 16.78 65.83 54.09
N PHE B 602 15.56 65.33 54.29
CA PHE B 602 14.87 65.54 55.56
C PHE B 602 15.63 64.88 56.71
N ILE B 603 16.13 63.66 56.50
CA ILE B 603 16.90 62.99 57.54
C ILE B 603 18.17 63.77 57.85
N PHE B 604 18.86 64.24 56.81
CA PHE B 604 20.06 65.04 57.04
C PHE B 604 19.74 66.33 57.79
N GLU B 605 18.62 66.98 57.44
CA GLU B 605 18.22 68.18 58.15
C GLU B 605 17.94 67.88 59.63
N TYR B 606 17.32 66.73 59.91
CA TYR B 606 17.06 66.36 61.29
C TYR B 606 18.35 66.21 62.08
N LEU B 607 19.37 65.60 61.47
CA LEU B 607 20.67 65.45 62.13
C LEU B 607 21.81 65.56 61.13
N PHE B 627 26.28 71.97 53.36
CA PHE B 627 25.05 71.20 53.45
C PHE B 627 24.71 70.55 52.11
N THR B 628 23.49 70.03 52.01
CA THR B 628 23.02 69.37 50.79
C THR B 628 21.61 69.83 50.50
N ILE B 629 21.39 70.37 49.30
CA ILE B 629 20.07 70.79 48.86
C ILE B 629 19.70 70.05 47.58
N GLY B 630 20.49 70.25 46.54
CA GLY B 630 20.29 69.55 45.29
C GLY B 630 21.29 68.41 45.11
N LYS B 631 22.25 68.30 46.03
CA LYS B 631 23.23 67.23 45.94
C LYS B 631 22.58 65.87 46.11
N SER B 632 21.55 65.77 46.96
CA SER B 632 20.88 64.48 47.17
C SER B 632 20.30 63.96 45.86
N ILE B 633 19.64 64.84 45.09
CA ILE B 633 19.12 64.43 43.79
C ILE B 633 20.27 64.05 42.86
N TRP B 634 21.35 64.85 42.85
CA TRP B 634 22.50 64.52 42.03
C TRP B 634 23.10 63.18 42.44
N LEU B 635 23.32 62.98 43.74
CA LEU B 635 23.89 61.72 44.20
C LEU B 635 22.94 60.56 43.92
N LEU B 636 21.64 60.76 44.11
CA LEU B 636 20.68 59.69 43.91
C LEU B 636 20.70 59.19 42.48
N TRP B 637 20.78 60.10 41.52
CA TRP B 637 20.80 59.71 40.11
C TRP B 637 22.11 59.05 39.71
N ALA B 638 23.22 59.49 40.29
CA ALA B 638 24.52 58.93 39.91
C ALA B 638 24.59 57.44 40.19
N LEU B 639 24.09 57.01 41.35
CA LEU B 639 24.17 55.59 41.72
C LEU B 639 23.38 54.72 40.74
N VAL B 640 22.21 55.19 40.30
CA VAL B 640 21.40 54.39 39.39
C VAL B 640 22.16 54.13 38.09
N PHE B 641 22.91 55.12 37.61
CA PHE B 641 23.75 54.95 36.44
C PHE B 641 25.11 54.40 36.87
N ASN B 642 26.08 54.40 35.97
CA ASN B 642 27.43 54.02 36.34
C ASN B 642 27.94 54.94 37.45
N ASN B 643 28.52 54.33 38.48
CA ASN B 643 28.94 55.10 39.66
C ASN B 643 30.08 56.06 39.36
N SER B 644 30.73 55.95 38.20
CA SER B 644 31.89 56.79 37.88
C SER B 644 31.42 58.20 37.55
N VAL B 645 31.01 58.91 38.59
CA VAL B 645 30.60 60.31 38.49
C VAL B 645 30.88 61.00 39.82
N PRO B 646 31.66 62.07 39.84
CA PRO B 646 31.96 62.74 41.11
C PRO B 646 30.69 63.25 41.78
N VAL B 647 30.65 63.13 43.10
CA VAL B 647 29.48 63.56 43.86
C VAL B 647 29.87 63.61 45.34
N GLU B 648 29.31 64.58 46.05
CA GLU B 648 29.54 64.70 47.48
C GLU B 648 28.58 63.80 48.23
N ASN B 649 29.12 62.97 49.12
CA ASN B 649 28.30 61.99 49.84
C ASN B 649 27.82 62.60 51.15
N PRO B 650 26.51 62.73 51.37
CA PRO B 650 26.02 63.33 52.61
C PRO B 650 26.33 62.48 53.84
N ARG B 651 27.19 62.99 54.72
CA ARG B 651 27.52 62.26 55.93
C ARG B 651 26.35 62.31 56.91
N GLY B 652 26.14 61.21 57.61
CA GLY B 652 25.05 61.13 58.57
C GLY B 652 25.04 59.79 59.25
N THR B 653 24.05 59.63 60.14
CA THR B 653 23.90 58.39 60.90
C THR B 653 22.99 57.39 60.18
N THR B 654 21.82 57.86 59.73
CA THR B 654 20.86 56.99 59.04
C THR B 654 20.73 57.30 57.55
N SER B 655 21.12 58.50 57.11
CA SER B 655 21.03 58.83 55.69
C SER B 655 21.86 57.87 54.85
N LYS B 656 22.99 57.40 55.38
CA LYS B 656 23.80 56.44 54.65
C LYS B 656 23.05 55.15 54.39
N ILE B 657 22.28 54.68 55.39
CA ILE B 657 21.48 53.47 55.19
C ILE B 657 20.53 53.65 54.01
N MET B 658 19.90 54.82 53.90
CA MET B 658 19.02 55.08 52.77
C MET B 658 19.78 55.03 51.45
N VAL B 659 21.00 55.59 51.43
CA VAL B 659 21.80 55.55 50.21
C VAL B 659 22.12 54.12 49.81
N LEU B 660 22.52 53.29 50.79
CA LEU B 660 22.81 51.90 50.48
C LEU B 660 21.58 51.17 49.95
N VAL B 661 20.43 51.37 50.58
CA VAL B 661 19.21 50.71 50.13
C VAL B 661 18.87 51.13 48.70
N TRP B 662 19.05 52.42 48.39
CA TRP B 662 18.88 52.86 47.02
C TRP B 662 19.96 52.28 46.12
N ALA B 663 21.19 52.19 46.62
CA ALA B 663 22.27 51.63 45.82
C ALA B 663 21.98 50.18 45.45
N PHE B 664 21.46 49.41 46.39
CA PHE B 664 21.07 48.03 46.08
C PHE B 664 19.98 48.01 45.02
N PHE B 665 19.04 48.94 45.09
CA PHE B 665 18.01 49.03 44.05
C PHE B 665 18.62 49.36 42.70
N ALA B 666 19.64 50.22 42.68
CA ALA B 666 20.32 50.53 41.43
C ALA B 666 20.99 49.30 40.85
N VAL B 667 21.67 48.52 41.69
CA VAL B 667 22.34 47.32 41.21
C VAL B 667 21.32 46.32 40.68
N ILE B 668 20.23 46.13 41.40
CA ILE B 668 19.19 45.20 40.96
C ILE B 668 18.53 45.71 39.68
N PHE B 669 18.31 47.03 39.60
CA PHE B 669 17.67 47.59 38.40
C PHE B 669 18.59 47.47 37.19
N LEU B 670 19.86 47.85 37.33
CA LEU B 670 20.77 47.78 36.19
C LEU B 670 20.95 46.36 35.70
N ALA B 671 21.05 45.40 36.63
CA ALA B 671 21.19 44.00 36.23
C ALA B 671 19.97 43.53 35.45
N SER B 672 18.77 43.92 35.90
CA SER B 672 17.56 43.56 35.18
C SER B 672 17.52 44.19 33.80
N TYR B 673 17.89 45.47 33.71
CA TYR B 673 17.85 46.16 32.41
C TYR B 673 18.80 45.51 31.41
N THR B 674 20.05 45.26 31.82
CA THR B 674 21.01 44.61 30.93
C THR B 674 20.55 43.21 30.56
N ALA B 675 19.95 42.49 31.51
CA ALA B 675 19.48 41.14 31.22
C ALA B 675 18.39 41.15 30.15
N ASN B 676 17.46 42.11 30.23
CA ASN B 676 16.38 42.16 29.26
C ASN B 676 16.90 42.45 27.86
N LEU B 677 17.82 43.41 27.73
CA LEU B 677 18.34 43.74 26.41
C LEU B 677 18.93 42.52 25.72
N ALA B 678 19.59 41.64 26.48
CA ALA B 678 20.08 40.40 25.90
C ALA B 678 18.94 39.59 25.29
N ALA B 679 17.76 39.64 25.92
CA ALA B 679 16.60 38.97 25.35
C ALA B 679 16.04 39.73 24.16
N PHE B 680 16.13 41.06 24.17
CA PHE B 680 15.62 41.84 23.05
C PHE B 680 16.52 41.74 21.83
N MET B 681 17.83 41.64 22.03
CA MET B 681 18.76 41.59 20.91
C MET B 681 18.64 40.32 20.08
N ILE B 682 17.95 39.29 20.59
CA ILE B 682 17.76 38.05 19.86
C ILE B 682 16.62 38.27 18.87
N GLN B 683 16.98 38.58 17.62
CA GLN B 683 16.02 38.86 16.57
C GLN B 683 15.91 37.67 15.62
N GLU B 684 15.10 37.84 14.58
CA GLU B 684 14.88 36.79 13.60
C GLU B 684 15.13 37.30 12.18
N GLU B 685 14.81 36.51 11.18
CA GLU B 685 14.94 36.90 9.79
C GLU B 685 13.58 37.35 9.28
N TYR B 686 13.49 38.59 8.82
CA TYR B 686 12.25 39.19 8.34
C TYR B 686 12.30 39.32 6.83
N VAL B 687 11.24 38.86 6.17
CA VAL B 687 11.11 38.93 4.72
C VAL B 687 9.98 39.90 4.38
N ASP B 688 10.25 40.83 3.48
CA ASP B 688 9.24 41.80 3.08
C ASP B 688 8.00 41.07 2.56
N THR B 689 6.83 41.47 3.06
CA THR B 689 5.57 40.81 2.75
C THR B 689 4.79 41.68 1.77
N VAL B 690 5.01 41.45 0.47
CA VAL B 690 4.24 42.13 -0.54
C VAL B 690 2.78 41.68 -0.49
N SER B 691 1.92 42.43 -1.17
CA SER B 691 0.49 42.14 -1.18
C SER B 691 0.11 41.07 -2.19
N GLY B 692 1.08 40.55 -2.95
CA GLY B 692 0.79 39.49 -3.91
C GLY B 692 0.52 40.00 -5.32
N LEU B 693 1.44 40.80 -5.84
CA LEU B 693 1.39 41.35 -7.20
C LEU B 693 0.32 42.41 -7.37
N SER B 694 -0.49 42.69 -6.35
CA SER B 694 -1.47 43.76 -6.39
C SER B 694 -1.15 44.88 -5.40
N ASP B 695 0.00 44.79 -4.73
CA ASP B 695 0.38 45.80 -3.76
C ASP B 695 0.66 47.13 -4.44
N ARG B 696 0.52 48.21 -3.66
CA ARG B 696 0.82 49.53 -4.18
C ARG B 696 2.29 49.66 -4.61
N LYS B 697 3.17 48.82 -4.08
CA LYS B 697 4.57 48.86 -4.49
C LYS B 697 4.72 48.53 -5.97
N PHE B 698 3.99 47.53 -6.45
CA PHE B 698 4.13 47.12 -7.85
C PHE B 698 3.34 48.05 -8.77
N GLN B 699 2.01 48.10 -8.58
CA GLN B 699 1.19 48.99 -9.40
C GLN B 699 1.47 50.45 -9.03
N ARG B 700 1.66 51.28 -10.04
CA ARG B 700 2.00 52.68 -9.83
C ARG B 700 3.23 52.79 -8.92
N PRO B 701 4.37 52.21 -9.33
CA PRO B 701 5.55 52.27 -8.46
C PRO B 701 6.03 53.68 -8.17
N GLN B 702 5.79 54.63 -9.06
CA GLN B 702 6.28 56.00 -8.88
C GLN B 702 5.34 56.80 -7.97
N GLU B 703 5.18 56.29 -6.76
CA GLU B 703 4.44 56.96 -5.70
C GLU B 703 5.27 57.17 -4.44
N GLN B 704 6.09 56.19 -4.08
CA GLN B 704 7.04 56.33 -2.99
C GLN B 704 8.42 55.95 -3.50
N TYR B 705 9.40 55.80 -2.60
CA TYR B 705 10.71 55.33 -3.03
C TYR B 705 10.53 54.03 -3.81
N PRO B 706 10.81 54.04 -5.11
CA PRO B 706 10.51 52.86 -5.92
C PRO B 706 11.33 51.67 -5.46
N PRO B 707 10.77 50.47 -5.53
CA PRO B 707 11.55 49.27 -5.21
C PRO B 707 12.58 49.00 -6.30
N LEU B 708 13.61 48.25 -5.93
CA LEU B 708 14.64 47.88 -6.90
C LEU B 708 13.97 47.22 -8.10
N LYS B 709 14.41 47.61 -9.30
CA LYS B 709 13.74 47.22 -10.53
C LYS B 709 13.42 45.73 -10.53
N PHE B 710 12.14 45.41 -10.56
CA PHE B 710 11.68 44.02 -10.57
C PHE B 710 11.35 43.61 -12.00
N GLY B 711 11.98 42.54 -12.46
CA GLY B 711 11.79 42.09 -13.83
C GLY B 711 11.43 40.62 -13.93
N THR B 712 11.34 40.12 -15.16
CA THR B 712 10.99 38.73 -15.39
C THR B 712 11.56 38.32 -16.75
N VAL B 713 11.32 37.07 -17.11
CA VAL B 713 11.73 36.56 -18.42
C VAL B 713 10.76 37.11 -19.46
N PRO B 714 11.22 37.89 -20.43
CA PRO B 714 10.32 38.46 -21.43
C PRO B 714 10.01 37.46 -22.54
N ASN B 715 9.04 37.84 -23.37
CA ASN B 715 8.62 37.02 -24.51
C ASN B 715 8.15 35.64 -24.05
N GLY B 716 7.25 35.63 -23.07
CA GLY B 716 6.69 34.41 -22.53
C GLY B 716 5.21 34.56 -22.27
N SER B 717 4.75 33.92 -21.20
CA SER B 717 3.35 33.98 -20.77
C SER B 717 3.14 34.92 -19.59
N THR B 718 4.05 34.93 -18.63
CA THR B 718 3.92 35.85 -17.50
C THR B 718 3.99 37.30 -17.96
N GLU B 719 4.89 37.60 -18.89
CA GLU B 719 4.97 38.97 -19.42
C GLU B 719 3.68 39.36 -20.12
N LYS B 720 3.12 38.44 -20.93
CA LYS B 720 1.89 38.75 -21.64
C LYS B 720 0.74 39.04 -20.68
N ASN B 721 0.62 38.24 -19.61
CA ASN B 721 -0.47 38.42 -18.65
C ASN B 721 -0.37 39.79 -17.98
N ILE B 722 0.83 40.16 -17.53
CA ILE B 722 0.99 41.41 -16.80
C ILE B 722 0.73 42.60 -17.71
N ARG B 723 1.22 42.54 -18.95
CA ARG B 723 1.01 43.65 -19.88
C ARG B 723 -0.48 43.83 -20.18
N SER B 724 -1.22 42.73 -20.33
CA SER B 724 -2.62 42.83 -20.69
C SER B 724 -3.49 43.27 -19.53
N ASN B 725 -3.01 43.11 -18.30
CA ASN B 725 -3.80 43.44 -17.11
C ASN B 725 -3.32 44.67 -16.37
N TYR B 726 -2.00 44.90 -16.31
CA TYR B 726 -1.43 46.04 -15.59
C TYR B 726 -0.47 46.76 -16.52
N PRO B 727 -0.99 47.51 -17.49
CA PRO B 727 -0.10 48.21 -18.43
C PRO B 727 0.86 49.17 -17.74
N ASP B 728 0.39 49.88 -16.71
CA ASP B 728 1.24 50.85 -16.04
C ASP B 728 2.44 50.16 -15.38
N MET B 729 2.21 49.05 -14.70
CA MET B 729 3.31 48.34 -14.05
C MET B 729 4.29 47.79 -15.07
N HIS B 730 3.77 47.26 -16.19
CA HIS B 730 4.65 46.71 -17.21
C HIS B 730 5.49 47.79 -17.88
N SER B 731 5.01 49.03 -17.90
CA SER B 731 5.78 50.11 -18.51
C SER B 731 7.10 50.32 -17.77
N TYR B 732 7.03 50.46 -16.44
CA TYR B 732 8.24 50.60 -15.65
C TYR B 732 8.96 49.27 -15.45
N MET B 733 8.22 48.17 -15.45
CA MET B 733 8.80 46.85 -15.20
C MET B 733 9.69 46.37 -16.34
N VAL B 734 9.69 47.06 -17.48
CA VAL B 734 10.47 46.64 -18.63
C VAL B 734 11.84 47.33 -18.65
N ARG B 735 12.29 47.85 -17.51
CA ARG B 735 13.59 48.51 -17.46
C ARG B 735 14.69 47.58 -17.94
N TYR B 736 14.76 46.37 -17.38
CA TYR B 736 15.74 45.38 -17.81
C TYR B 736 15.12 43.99 -17.61
N ASN B 737 14.49 43.48 -18.66
CA ASN B 737 13.86 42.16 -18.63
C ASN B 737 13.04 41.93 -19.88
N PRO B 739 13.91 41.35 -24.10
CA PRO B 739 13.48 40.76 -25.38
C PRO B 739 13.09 39.29 -25.24
N ARG B 740 14.00 38.47 -24.72
CA ARG B 740 13.72 37.05 -24.54
C ARG B 740 14.81 36.36 -23.74
N VAL B 741 14.42 35.39 -22.91
CA VAL B 741 15.34 34.49 -22.23
C VAL B 741 15.78 35.08 -20.90
N GLU B 742 16.95 35.72 -20.87
CA GLU B 742 17.62 36.14 -19.65
C GLU B 742 18.10 34.96 -18.82
N GLU B 743 17.94 33.73 -19.32
CA GLU B 743 18.45 32.51 -18.72
C GLU B 743 18.14 32.41 -17.23
N ALA B 744 17.08 33.07 -16.78
CA ALA B 744 16.65 33.01 -15.39
C ALA B 744 17.81 33.16 -14.41
N LEU B 745 18.82 33.95 -14.80
CA LEU B 745 19.94 34.21 -13.92
C LEU B 745 19.62 35.27 -12.87
N THR B 746 18.47 35.94 -13.00
CA THR B 746 18.09 36.95 -12.01
C THR B 746 18.00 36.36 -10.61
N GLN B 747 17.68 35.07 -10.51
CA GLN B 747 17.66 34.42 -9.20
C GLN B 747 19.03 34.47 -8.55
N LEU B 748 20.08 34.22 -9.32
CA LEU B 748 21.44 34.36 -8.80
C LEU B 748 21.82 35.83 -8.65
N LYS B 749 21.26 36.70 -9.48
CA LYS B 749 21.53 38.13 -9.42
C LYS B 749 20.48 38.88 -8.60
N ALA B 750 19.82 38.21 -7.67
CA ALA B 750 18.83 38.88 -6.83
C ALA B 750 19.51 39.58 -5.67
N GLY B 751 20.50 40.42 -5.99
CA GLY B 751 21.18 41.23 -5.01
C GLY B 751 21.16 42.69 -5.40
N LYS B 752 20.90 42.95 -6.68
CA LYS B 752 20.77 44.30 -7.21
C LYS B 752 19.34 44.66 -7.58
N LEU B 753 18.47 43.69 -7.78
CA LEU B 753 17.05 43.90 -7.97
C LEU B 753 16.28 43.13 -6.90
N ASP B 754 15.22 43.75 -6.40
CA ASP B 754 14.56 43.23 -5.21
C ASP B 754 13.66 42.04 -5.53
N ALA B 755 12.65 42.23 -6.37
CA ALA B 755 11.61 41.24 -6.59
C ALA B 755 11.79 40.56 -7.94
N PHE B 756 11.42 39.28 -8.00
CA PHE B 756 11.43 38.51 -9.24
C PHE B 756 10.03 37.95 -9.46
N ILE B 757 9.52 38.10 -10.69
CA ILE B 757 8.18 37.67 -11.06
C ILE B 757 8.32 36.60 -12.14
N TYR B 758 7.72 35.44 -11.89
CA TYR B 758 7.79 34.32 -12.82
C TYR B 758 6.84 33.25 -12.33
N ASP B 759 6.76 32.14 -13.05
CA ASP B 759 5.86 31.05 -12.68
C ASP B 759 6.15 30.58 -11.26
N ALA B 760 5.09 30.35 -10.48
CA ALA B 760 5.26 29.98 -9.08
C ALA B 760 5.71 28.54 -8.93
N ALA B 761 5.37 27.68 -9.89
CA ALA B 761 5.73 26.27 -9.77
C ALA B 761 7.24 26.08 -9.76
N VAL B 762 7.96 26.81 -10.63
CA VAL B 762 9.42 26.69 -10.66
C VAL B 762 10.05 27.58 -9.61
N LEU B 763 9.49 28.77 -9.38
CA LEU B 763 10.04 29.67 -8.38
C LEU B 763 10.11 29.01 -7.02
N ASN B 764 9.09 28.21 -6.67
CA ASN B 764 9.14 27.47 -5.42
C ASN B 764 10.27 26.45 -5.43
N TYR B 765 10.48 25.78 -6.56
CA TYR B 765 11.53 24.77 -6.64
C TYR B 765 12.91 25.39 -6.48
N MET B 766 13.20 26.44 -7.25
CA MET B 766 14.51 27.07 -7.16
C MET B 766 14.76 27.66 -5.78
N ALA B 767 13.72 28.18 -5.13
CA ALA B 767 13.89 28.70 -3.77
C ALA B 767 14.30 27.59 -2.81
N ARG B 768 13.69 26.41 -2.93
CA ARG B 768 13.99 25.32 -2.02
C ARG B 768 15.35 24.71 -2.32
N LYS B 769 15.68 24.53 -3.60
CA LYS B 769 16.91 23.85 -3.97
C LYS B 769 18.15 24.74 -3.86
N ASP B 770 17.96 26.06 -3.72
CA ASP B 770 19.10 26.96 -3.75
C ASP B 770 20.01 26.75 -2.56
N GLU B 771 21.31 26.97 -2.77
CA GLU B 771 22.24 27.03 -1.65
C GLU B 771 21.84 28.15 -0.71
N GLY B 772 21.91 27.87 0.59
CA GLY B 772 21.16 28.72 1.50
C GLY B 772 19.71 28.68 1.09
N CYS B 773 19.05 29.84 1.16
CA CYS B 773 17.72 29.94 0.56
C CYS B 773 17.19 31.35 0.72
N LYS B 774 16.22 31.69 -0.13
CA LYS B 774 15.55 32.97 -0.11
C LYS B 774 14.05 32.74 -0.19
N LEU B 775 13.31 33.52 0.59
CA LEU B 775 11.87 33.34 0.67
C LEU B 775 11.20 33.77 -0.64
N VAL B 776 9.97 33.30 -0.82
CA VAL B 776 9.14 33.68 -1.95
C VAL B 776 7.86 34.29 -1.41
N THR B 777 7.56 35.52 -1.86
CA THR B 777 6.39 36.25 -1.38
C THR B 777 5.14 35.65 -2.03
N ILE B 778 4.81 34.44 -1.58
CA ILE B 778 3.68 33.71 -2.12
C ILE B 778 3.24 32.67 -1.10
N GLY B 779 1.97 32.29 -1.15
CA GLY B 779 1.43 31.26 -0.29
C GLY B 779 0.13 30.71 -0.85
N SER B 780 -0.86 30.48 0.03
CA SER B 780 -2.18 30.12 -0.46
C SER B 780 -2.75 31.24 -1.33
N GLY B 781 -2.58 32.48 -0.90
CA GLY B 781 -2.92 33.64 -1.71
C GLY B 781 -1.68 34.36 -2.17
N LYS B 782 -1.84 35.62 -2.59
CA LYS B 782 -0.72 36.45 -3.02
C LYS B 782 -0.14 35.99 -4.35
N VAL B 783 -0.80 35.05 -5.03
CA VAL B 783 -0.42 34.61 -6.36
C VAL B 783 -1.44 35.16 -7.34
N PHE B 784 -0.95 35.80 -8.40
CA PHE B 784 -1.82 36.60 -9.25
C PHE B 784 -2.80 35.72 -10.03
N ALA B 785 -2.27 34.81 -10.85
CA ALA B 785 -3.11 34.06 -11.79
C ALA B 785 -3.12 32.57 -11.46
N THR B 786 -3.27 32.25 -10.17
CA THR B 786 -3.13 30.87 -9.71
C THR B 786 -3.90 29.90 -10.59
N THR B 787 -3.16 29.01 -11.24
CA THR B 787 -3.72 27.88 -11.99
C THR B 787 -2.95 26.63 -11.57
N GLY B 788 -3.26 25.52 -12.22
CA GLY B 788 -2.65 24.25 -11.87
C GLY B 788 -2.00 23.59 -13.07
N TYR B 789 -1.46 22.40 -12.82
CA TYR B 789 -0.89 21.56 -13.86
C TYR B 789 -1.85 20.40 -14.14
N GLY B 790 -2.20 20.22 -15.40
CA GLY B 790 -3.19 19.23 -15.79
C GLY B 790 -2.61 18.15 -16.70
N ILE B 791 -3.48 17.22 -17.06
CA ILE B 791 -3.18 16.12 -17.97
C ILE B 791 -4.05 16.33 -19.20
N ALA B 792 -3.50 16.98 -20.22
CA ALA B 792 -4.30 17.42 -21.36
C ALA B 792 -4.77 16.20 -22.15
N LEU B 793 -6.02 15.80 -21.91
CA LEU B 793 -6.64 14.72 -22.66
C LEU B 793 -7.36 15.29 -23.88
N HIS B 794 -7.63 14.41 -24.83
CA HIS B 794 -8.33 14.81 -26.04
C HIS B 794 -9.75 15.27 -25.70
N LYS B 795 -10.24 16.23 -26.48
CA LYS B 795 -11.56 16.80 -26.23
C LYS B 795 -12.61 15.70 -26.22
N GLY B 796 -13.30 15.55 -25.08
CA GLY B 796 -14.34 14.55 -24.95
C GLY B 796 -13.87 13.14 -24.72
N SER B 797 -12.58 12.94 -24.46
CA SER B 797 -12.06 11.59 -24.25
C SER B 797 -12.70 10.96 -23.02
N ARG B 798 -13.03 9.67 -23.14
CA ARG B 798 -13.64 8.95 -22.03
C ARG B 798 -12.69 8.81 -20.84
N TRP B 799 -11.39 8.96 -21.06
CA TRP B 799 -10.41 8.83 -19.97
C TRP B 799 -10.51 9.95 -18.95
N LYS B 800 -11.25 11.02 -19.25
CA LYS B 800 -11.31 12.16 -18.34
C LYS B 800 -11.84 11.76 -16.99
N ARG B 801 -12.99 11.07 -16.95
CA ARG B 801 -13.57 10.69 -15.67
C ARG B 801 -12.68 9.73 -14.89
N PRO B 802 -12.22 8.61 -15.44
CA PRO B 802 -11.36 7.71 -14.65
C PRO B 802 -10.10 8.38 -14.14
N ILE B 803 -9.48 9.23 -14.95
CA ILE B 803 -8.27 9.92 -14.49
C ILE B 803 -8.62 10.97 -13.45
N ASP B 804 -9.74 11.68 -13.64
CA ASP B 804 -10.14 12.71 -12.69
C ASP B 804 -10.30 12.13 -11.29
N LEU B 805 -11.03 11.03 -11.17
CA LEU B 805 -11.22 10.40 -9.87
C LEU B 805 -9.91 9.83 -9.34
N ALA B 806 -9.08 9.27 -10.22
CA ALA B 806 -7.81 8.69 -9.79
C ALA B 806 -6.91 9.75 -9.17
N LEU B 807 -6.82 10.93 -9.78
CA LEU B 807 -6.01 11.99 -9.23
C LEU B 807 -6.59 12.51 -7.92
N LEU B 808 -7.91 12.66 -7.85
CA LEU B 808 -8.54 13.17 -6.64
C LEU B 808 -8.31 12.22 -5.46
N GLN B 809 -8.15 10.92 -5.73
CA GLN B 809 -7.84 9.99 -4.65
C GLN B 809 -6.40 10.13 -4.21
N PHE B 810 -5.49 10.45 -5.14
CA PHE B 810 -4.10 10.65 -4.76
C PHE B 810 -3.94 11.81 -3.80
N LEU B 811 -4.63 12.92 -4.05
CA LEU B 811 -4.58 14.04 -3.13
C LEU B 811 -5.03 13.64 -1.73
N GLY B 812 -5.89 12.61 -1.64
CA GLY B 812 -6.41 12.21 -0.35
C GLY B 812 -5.36 11.60 0.56
N ASP B 813 -4.46 10.79 0.01
CA ASP B 813 -3.54 10.02 0.83
C ASP B 813 -2.08 10.46 0.68
N ASP B 814 -1.55 10.49 -0.53
CA ASP B 814 -0.16 10.87 -0.78
C ASP B 814 0.08 11.99 -1.74
N GLU B 815 0.15 11.65 -3.00
CA GLU B 815 0.33 12.65 -4.02
C GLU B 815 1.30 13.63 -3.64
N ILE B 816 0.87 14.86 -3.54
CA ILE B 816 1.95 15.84 -3.41
C ILE B 816 2.81 15.51 -2.21
N GLU B 817 2.17 15.14 -1.09
CA GLU B 817 2.92 14.89 0.14
C GLU B 817 4.11 13.98 -0.10
N MET B 818 3.86 12.75 -0.57
CA MET B 818 4.95 11.81 -0.79
C MET B 818 5.78 12.20 -2.00
N LEU B 819 5.14 12.51 -3.12
CA LEU B 819 5.87 12.74 -4.36
C LEU B 819 6.61 14.07 -4.36
N GLU B 820 5.95 15.14 -3.92
CA GLU B 820 6.60 16.45 -3.92
C GLU B 820 7.80 16.50 -2.98
N ARG B 821 7.74 15.76 -1.86
CA ARG B 821 8.89 15.72 -0.96
C ARG B 821 10.07 15.00 -1.61
N LEU B 822 9.81 13.99 -2.44
CA LEU B 822 10.90 13.26 -3.08
C LEU B 822 11.55 14.09 -4.18
N TRP B 823 10.76 14.77 -5.00
CA TRP B 823 11.25 15.41 -6.21
C TRP B 823 11.30 16.93 -6.14
N LEU B 824 10.53 17.56 -5.26
CA LEU B 824 10.48 19.01 -5.21
C LEU B 824 10.75 19.54 -3.81
N SER B 825 11.81 19.05 -3.18
CA SER B 825 12.18 19.47 -1.84
C SER B 825 13.61 19.97 -1.82
N GLY B 826 13.91 20.86 -0.87
CA GLY B 826 15.23 21.43 -0.73
C GLY B 826 15.76 21.29 0.68
N ILE B 827 16.96 21.83 0.89
CA ILE B 827 17.61 21.71 2.20
C ILE B 827 16.81 22.46 3.26
N CYS B 828 16.68 23.78 3.08
CA CYS B 828 15.90 24.60 4.01
C CYS B 828 14.51 24.86 3.44
N HIS B 829 13.62 23.91 3.69
CA HIS B 829 12.25 24.03 3.21
C HIS B 829 11.44 25.01 4.06
N ASN B 830 11.46 24.82 5.39
CA ASN B 830 10.71 25.68 6.29
C ASN B 830 11.63 26.79 6.75
N ASP B 831 12.75 26.49 7.41
CA ASP B 831 13.73 27.50 7.81
C ASP B 831 13.17 28.46 8.84
N LYS B 832 13.83 28.54 9.99
CA LYS B 832 13.49 29.52 11.02
C LYS B 832 14.74 29.73 11.88
N ILE B 833 15.46 30.81 11.62
CA ILE B 833 16.79 31.01 12.20
C ILE B 833 16.78 32.29 13.02
N GLU B 834 17.26 32.20 14.27
CA GLU B 834 17.48 33.39 15.08
C GLU B 834 18.84 33.97 14.76
N VAL B 835 18.90 35.30 14.62
CA VAL B 835 20.12 36.00 14.25
C VAL B 835 20.48 36.98 15.37
N MET B 836 21.73 36.91 15.82
CA MET B 836 22.22 37.86 16.82
C MET B 836 22.33 39.23 16.17
N SER B 837 21.39 40.12 16.51
CA SER B 837 21.31 41.41 15.85
C SER B 837 22.58 42.21 16.10
N SER B 838 23.24 42.63 15.02
CA SER B 838 24.36 43.54 15.14
C SER B 838 23.87 44.91 15.61
N LYS B 839 24.65 45.54 16.48
CA LYS B 839 24.20 46.78 17.10
C LYS B 839 24.44 48.00 16.21
N LEU B 840 24.68 47.81 14.92
CA LEU B 840 24.71 48.95 14.02
C LEU B 840 23.40 49.74 14.13
N ASP B 841 22.30 49.10 13.72
CA ASP B 841 20.94 49.49 14.09
C ASP B 841 20.80 51.00 14.20
N ILE B 842 21.08 51.69 13.09
CA ILE B 842 21.03 53.14 13.09
C ILE B 842 19.71 53.66 13.66
N ASP B 843 18.63 52.90 13.53
CA ASP B 843 17.41 53.23 14.24
C ASP B 843 17.63 53.16 15.75
N ASN B 844 18.31 52.11 16.21
CA ASN B 844 18.63 52.01 17.63
C ASN B 844 19.60 53.11 18.06
N MET B 845 20.66 53.31 17.28
CA MET B 845 21.62 54.37 17.60
C MET B 845 20.96 55.75 17.53
N ALA B 846 20.13 55.98 16.52
CA ALA B 846 19.49 57.28 16.37
C ALA B 846 18.61 57.60 17.56
N GLY B 847 17.87 56.61 18.06
CA GLY B 847 16.99 56.86 19.19
C GLY B 847 17.74 57.32 20.42
N VAL B 848 18.85 56.65 20.75
CA VAL B 848 19.64 57.04 21.91
C VAL B 848 20.23 58.44 21.71
N PHE B 849 20.78 58.69 20.52
CA PHE B 849 21.36 60.01 20.26
C PHE B 849 20.29 61.08 20.15
N TYR B 850 19.09 60.74 19.65
CA TYR B 850 18.01 61.72 19.60
C TYR B 850 17.67 62.22 21.00
N MET B 851 17.58 61.31 21.98
CA MET B 851 17.34 61.74 23.35
C MET B 851 18.51 62.57 23.87
N LEU B 852 19.73 62.18 23.52
CA LEU B 852 20.90 62.97 23.94
C LEU B 852 20.85 64.38 23.38
N LEU B 853 20.51 64.51 22.10
CA LEU B 853 20.41 65.84 21.51
C LEU B 853 19.31 66.67 22.18
N VAL B 854 18.17 66.04 22.46
CA VAL B 854 17.08 66.76 23.14
C VAL B 854 17.55 67.23 24.52
N ALA B 855 18.24 66.36 25.26
CA ALA B 855 18.79 66.77 26.55
C ALA B 855 19.83 67.87 26.37
N MET B 856 20.67 67.76 25.33
CA MET B 856 21.64 68.82 25.07
C MET B 856 20.95 70.14 24.78
N GLY B 857 19.88 70.11 23.98
CA GLY B 857 19.13 71.32 23.73
C GLY B 857 18.47 71.87 24.99
N LEU B 858 17.93 70.97 25.82
CA LEU B 858 17.32 71.40 27.07
C LEU B 858 18.33 72.07 27.98
N SER B 859 19.55 71.53 28.05
CA SER B 859 20.60 72.15 28.85
C SER B 859 20.92 73.54 28.33
N LEU B 860 20.99 73.71 27.01
CA LEU B 860 21.24 75.03 26.44
C LEU B 860 20.11 75.99 26.79
N LEU B 861 18.85 75.53 26.70
CA LEU B 861 17.73 76.39 27.01
C LEU B 861 17.74 76.82 28.47
N VAL B 862 18.04 75.89 29.39
CA VAL B 862 18.10 76.25 30.80
C VAL B 862 19.26 77.20 31.07
N PHE B 863 20.38 77.00 30.39
CA PHE B 863 21.51 77.91 30.55
C PHE B 863 21.14 79.32 30.11
N ALA B 864 20.43 79.45 29.00
CA ALA B 864 19.99 80.76 28.54
C ALA B 864 19.02 81.38 29.54
N TRP B 865 18.09 80.59 30.08
CA TRP B 865 17.13 81.12 31.04
C TRP B 865 17.85 81.63 32.28
N GLU B 866 18.81 80.87 32.80
CA GLU B 866 19.59 81.34 33.95
C GLU B 866 20.39 82.58 33.60
N HIS B 867 21.00 82.60 32.41
CA HIS B 867 21.76 83.76 31.97
C HIS B 867 20.89 84.99 31.72
N LEU B 868 19.57 84.81 31.57
CA LEU B 868 18.70 85.96 31.34
C LEU B 868 18.73 86.91 32.53
N VAL B 869 18.71 86.37 33.75
CA VAL B 869 18.73 87.19 34.95
C VAL B 869 20.14 87.70 35.20
N HIS C 38 -63.39 -19.07 -37.52
CA HIS C 38 -64.48 -20.01 -37.43
C HIS C 38 -64.04 -21.42 -37.79
N GLU C 39 -65.02 -22.32 -37.95
CA GLU C 39 -64.70 -23.71 -38.25
C GLU C 39 -64.07 -23.86 -39.63
N GLN C 40 -64.58 -23.14 -40.63
CA GLN C 40 -64.08 -23.31 -41.98
C GLN C 40 -62.61 -22.95 -42.09
N MET C 41 -62.20 -21.84 -41.47
CA MET C 41 -60.79 -21.47 -41.51
C MET C 41 -59.92 -22.49 -40.78
N PHE C 42 -60.40 -22.98 -39.64
CA PHE C 42 -59.63 -23.98 -38.89
C PHE C 42 -59.45 -25.26 -39.70
N ARG C 43 -60.52 -25.70 -40.38
CA ARG C 43 -60.41 -26.90 -41.21
C ARG C 43 -59.42 -26.68 -42.36
N GLU C 44 -59.47 -25.51 -42.99
CA GLU C 44 -58.53 -25.22 -44.06
C GLU C 44 -57.10 -25.20 -43.56
N ALA C 45 -56.86 -24.56 -42.41
CA ALA C 45 -55.51 -24.51 -41.86
C ALA C 45 -55.00 -25.90 -41.49
N VAL C 46 -55.84 -26.70 -40.84
CA VAL C 46 -55.42 -28.05 -40.46
C VAL C 46 -55.18 -28.90 -41.69
N ASN C 47 -56.06 -28.80 -42.69
CA ASN C 47 -55.87 -29.56 -43.92
C ASN C 47 -54.57 -29.17 -44.61
N GLN C 48 -54.27 -27.88 -44.67
CA GLN C 48 -53.01 -27.43 -45.27
C GLN C 48 -51.82 -27.97 -44.49
N ALA C 49 -51.90 -27.95 -43.16
CA ALA C 49 -50.80 -28.45 -42.35
C ALA C 49 -50.56 -29.92 -42.60
N ASN C 50 -51.63 -30.72 -42.70
CA ASN C 50 -51.47 -32.14 -42.97
C ASN C 50 -50.84 -32.37 -44.33
N LYS C 51 -51.27 -31.60 -45.34
CA LYS C 51 -50.70 -31.73 -46.68
C LYS C 51 -49.27 -31.22 -46.76
N ARG C 52 -48.91 -30.25 -45.92
CA ARG C 52 -47.54 -29.71 -45.96
C ARG C 52 -46.51 -30.79 -45.65
N HIS C 53 -46.77 -31.61 -44.64
CA HIS C 53 -45.85 -32.68 -44.27
C HIS C 53 -44.49 -32.10 -43.86
N LYS C 57 -48.08 -37.56 -35.63
CA LYS C 57 -47.61 -38.38 -36.73
C LYS C 57 -48.74 -39.27 -37.27
N ILE C 58 -49.51 -39.85 -36.36
CA ILE C 58 -50.62 -40.73 -36.71
C ILE C 58 -51.90 -39.89 -36.72
N GLN C 59 -52.45 -39.66 -37.90
CA GLN C 59 -53.68 -38.88 -38.05
C GLN C 59 -53.56 -37.52 -37.35
N LEU C 60 -52.41 -36.88 -37.55
CA LEU C 60 -52.17 -35.59 -36.94
C LEU C 60 -53.15 -34.56 -37.46
N ASN C 61 -53.77 -33.83 -36.54
CA ASN C 61 -54.74 -32.79 -36.88
C ASN C 61 -55.07 -32.02 -35.61
N ALA C 62 -55.86 -30.96 -35.76
CA ALA C 62 -56.29 -30.14 -34.65
C ALA C 62 -57.79 -29.88 -34.74
N THR C 63 -58.41 -29.68 -33.58
CA THR C 63 -59.84 -29.42 -33.49
C THR C 63 -60.05 -27.99 -33.00
N SER C 64 -60.90 -27.25 -33.71
CA SER C 64 -61.17 -25.87 -33.34
C SER C 64 -62.00 -25.81 -32.06
N VAL C 65 -61.98 -24.65 -31.42
CA VAL C 65 -62.70 -24.42 -30.18
C VAL C 65 -63.60 -23.21 -30.35
N THR C 66 -64.72 -23.21 -29.63
CA THR C 66 -65.70 -22.13 -29.68
C THR C 66 -65.67 -21.38 -28.35
N HIS C 67 -65.46 -20.06 -28.43
CA HIS C 67 -65.42 -19.24 -27.23
C HIS C 67 -66.82 -19.04 -26.66
N LYS C 68 -66.87 -18.79 -25.36
CA LYS C 68 -68.13 -18.59 -24.65
C LYS C 68 -68.08 -17.31 -23.85
N PRO C 69 -69.24 -16.69 -23.58
CA PRO C 69 -69.24 -15.44 -22.81
C PRO C 69 -68.62 -15.58 -21.42
N ASN C 70 -68.80 -16.73 -20.78
CA ASN C 70 -68.25 -16.97 -19.45
C ASN C 70 -67.13 -17.99 -19.52
N ALA C 71 -66.03 -17.68 -18.84
CA ALA C 71 -64.87 -18.57 -18.87
C ALA C 71 -65.15 -19.93 -18.24
N ILE C 72 -66.19 -20.03 -17.41
CA ILE C 72 -66.50 -21.31 -16.76
C ILE C 72 -66.82 -22.37 -17.81
N GLN C 73 -67.68 -22.02 -18.78
CA GLN C 73 -67.96 -22.95 -19.87
C GLN C 73 -66.76 -23.09 -20.80
N MET C 74 -65.97 -22.02 -20.96
CA MET C 74 -64.77 -22.09 -21.78
C MET C 74 -63.82 -23.16 -21.24
N ALA C 75 -63.58 -23.15 -19.93
CA ALA C 75 -62.71 -24.15 -19.33
C ALA C 75 -63.28 -25.55 -19.51
N LEU C 76 -64.59 -25.71 -19.31
CA LEU C 76 -65.21 -27.01 -19.51
C LEU C 76 -65.09 -27.47 -20.96
N SER C 77 -65.30 -26.56 -21.92
CA SER C 77 -65.20 -26.93 -23.32
C SER C 77 -63.79 -27.37 -23.68
N VAL C 78 -62.77 -26.65 -23.21
CA VAL C 78 -61.40 -27.03 -23.51
C VAL C 78 -61.05 -28.32 -22.82
N CYS C 79 -61.54 -28.54 -21.59
CA CYS C 79 -61.26 -29.79 -20.89
C CYS C 79 -61.81 -30.98 -21.67
N GLU C 80 -63.03 -30.86 -22.18
CA GLU C 80 -63.58 -31.93 -23.02
C GLU C 80 -62.77 -32.09 -24.30
N ASP C 81 -62.37 -30.97 -24.92
CA ASP C 81 -61.60 -31.05 -26.15
C ASP C 81 -60.26 -31.75 -25.93
N LEU C 82 -59.55 -31.39 -24.85
CA LEU C 82 -58.27 -32.02 -24.57
C LEU C 82 -58.43 -33.51 -24.26
N ILE C 83 -59.46 -33.88 -23.51
CA ILE C 83 -59.68 -35.29 -23.19
C ILE C 83 -59.94 -36.10 -24.45
N SER C 84 -60.76 -35.57 -25.35
CA SER C 84 -61.08 -36.29 -26.58
C SER C 84 -59.96 -36.15 -27.61
N SER C 85 -59.67 -34.92 -28.03
CA SER C 85 -58.63 -34.72 -29.04
C SER C 85 -57.26 -35.14 -28.53
N GLN C 86 -56.93 -34.79 -27.28
CA GLN C 86 -55.61 -35.08 -26.70
C GLN C 86 -54.50 -34.52 -27.59
N VAL C 87 -54.75 -33.35 -28.17
CA VAL C 87 -53.77 -32.74 -29.08
C VAL C 87 -52.55 -32.27 -28.28
N TYR C 88 -51.40 -32.26 -28.95
CA TYR C 88 -50.17 -31.84 -28.29
C TYR C 88 -50.24 -30.38 -27.86
N ALA C 89 -50.77 -29.51 -28.71
CA ALA C 89 -50.84 -28.08 -28.43
C ALA C 89 -52.19 -27.54 -28.88
N ILE C 90 -52.59 -26.43 -28.28
CA ILE C 90 -53.85 -25.76 -28.58
C ILE C 90 -53.56 -24.33 -29.02
N LEU C 91 -54.25 -23.89 -30.07
CA LEU C 91 -54.08 -22.54 -30.60
C LEU C 91 -55.28 -21.68 -30.19
N VAL C 92 -54.99 -20.53 -29.60
CA VAL C 92 -56.01 -19.60 -29.13
C VAL C 92 -55.85 -18.29 -29.90
N SER C 93 -56.93 -17.85 -30.55
CA SER C 93 -56.93 -16.60 -31.30
C SER C 93 -58.23 -15.84 -31.11
N HIS C 94 -58.85 -15.96 -29.94
CA HIS C 94 -60.14 -15.33 -29.69
C HIS C 94 -59.99 -13.82 -29.60
N PRO C 95 -60.67 -13.05 -30.44
CA PRO C 95 -60.68 -11.59 -30.29
C PRO C 95 -61.80 -11.14 -29.38
N PRO C 96 -61.60 -11.20 -28.06
CA PRO C 96 -62.71 -10.92 -27.14
C PRO C 96 -63.16 -9.47 -27.21
N THR C 97 -62.21 -8.55 -27.15
CA THR C 97 -62.52 -7.11 -27.21
C THR C 97 -61.26 -6.28 -27.39
N THR C 103 -60.95 -14.06 -24.53
CA THR C 103 -60.06 -14.03 -23.37
C THR C 103 -59.12 -15.23 -23.37
N PRO C 104 -57.82 -14.97 -23.40
CA PRO C 104 -56.84 -16.07 -23.43
C PRO C 104 -56.48 -16.63 -22.06
N THR C 105 -56.92 -16.00 -20.97
CA THR C 105 -56.56 -16.50 -19.64
C THR C 105 -57.09 -17.90 -19.38
N PRO C 106 -58.36 -18.21 -19.63
CA PRO C 106 -58.85 -19.56 -19.30
C PRO C 106 -58.11 -20.68 -20.01
N VAL C 107 -57.76 -20.46 -21.28
CA VAL C 107 -57.07 -21.52 -22.04
C VAL C 107 -55.66 -21.72 -21.49
N SER C 108 -54.93 -20.64 -21.25
CA SER C 108 -53.58 -20.76 -20.71
C SER C 108 -53.60 -21.37 -19.31
N TYR C 109 -54.54 -20.93 -18.46
CA TYR C 109 -54.59 -21.45 -17.11
C TYR C 109 -54.88 -22.95 -17.10
N THR C 110 -55.84 -23.39 -17.91
CA THR C 110 -56.12 -24.82 -18.01
C THR C 110 -54.97 -25.58 -18.65
N ALA C 111 -54.23 -24.95 -19.57
CA ALA C 111 -53.06 -25.60 -20.14
C ALA C 111 -51.95 -25.76 -19.11
N GLY C 112 -51.94 -24.90 -18.08
CA GLY C 112 -50.94 -25.04 -17.04
C GLY C 112 -51.01 -26.40 -16.35
N PHE C 113 -52.21 -26.83 -16.00
CA PHE C 113 -52.39 -28.17 -15.47
C PHE C 113 -52.04 -29.20 -16.55
N TYR C 114 -51.39 -30.28 -16.12
CA TYR C 114 -50.87 -31.34 -16.99
C TYR C 114 -49.69 -30.87 -17.82
N ARG C 115 -49.31 -29.59 -17.73
CA ARG C 115 -48.16 -29.05 -18.47
C ARG C 115 -48.31 -29.31 -19.98
N ILE C 116 -49.38 -28.75 -20.54
CA ILE C 116 -49.64 -28.87 -21.97
C ILE C 116 -49.41 -27.52 -22.62
N PRO C 117 -48.28 -27.30 -23.28
CA PRO C 117 -48.00 -25.99 -23.89
C PRO C 117 -49.05 -25.64 -24.94
N VAL C 118 -49.40 -24.34 -24.99
CA VAL C 118 -50.36 -23.83 -25.96
C VAL C 118 -49.77 -22.57 -26.59
N LEU C 119 -50.31 -22.21 -27.75
CA LEU C 119 -49.85 -21.06 -28.51
C LEU C 119 -50.96 -20.03 -28.60
N GLY C 120 -50.66 -18.80 -28.20
CA GLY C 120 -51.57 -17.68 -28.34
C GLY C 120 -51.13 -16.79 -29.48
N LEU C 121 -52.11 -16.29 -30.25
CA LEU C 121 -51.82 -15.53 -31.45
C LEU C 121 -52.42 -14.14 -31.47
N THR C 122 -53.18 -13.75 -30.45
CA THR C 122 -53.83 -12.44 -30.42
C THR C 122 -53.35 -11.57 -29.28
N THR C 123 -53.39 -12.08 -28.04
CA THR C 123 -53.04 -11.25 -26.89
C THR C 123 -51.58 -10.83 -26.94
N ARG C 124 -51.32 -9.58 -26.55
CA ARG C 124 -49.97 -9.06 -26.45
C ARG C 124 -49.67 -8.49 -25.07
N MET C 125 -50.52 -8.74 -24.08
CA MET C 125 -50.29 -8.22 -22.73
C MET C 125 -49.02 -8.80 -22.14
N SER C 126 -48.29 -7.97 -21.39
CA SER C 126 -47.01 -8.38 -20.82
C SER C 126 -47.16 -9.41 -19.70
N ILE C 127 -48.36 -9.59 -19.16
CA ILE C 127 -48.55 -10.55 -18.08
C ILE C 127 -48.23 -11.97 -18.54
N TYR C 128 -48.38 -12.26 -19.83
CA TYR C 128 -48.07 -13.59 -20.36
C TYR C 128 -46.60 -13.78 -20.68
N SER C 129 -45.80 -12.71 -20.63
CA SER C 129 -44.38 -12.84 -20.93
C SER C 129 -43.67 -13.73 -19.91
N ASP C 130 -43.99 -13.58 -18.64
CA ASP C 130 -43.34 -14.36 -17.59
C ASP C 130 -43.86 -15.78 -17.60
N LYS C 131 -42.93 -16.75 -17.60
CA LYS C 131 -43.29 -18.16 -17.58
C LYS C 131 -43.53 -18.70 -16.18
N SER C 132 -43.20 -17.91 -15.15
CA SER C 132 -43.42 -18.38 -13.78
C SER C 132 -44.90 -18.61 -13.51
N ILE C 133 -45.76 -17.70 -13.97
CA ILE C 133 -47.20 -17.83 -13.81
C ILE C 133 -47.81 -18.67 -14.92
N HIS C 134 -47.40 -18.41 -16.16
CA HIS C 134 -47.88 -19.13 -17.34
C HIS C 134 -46.70 -19.88 -17.93
N LEU C 135 -46.48 -21.10 -17.45
CA LEU C 135 -45.38 -21.93 -17.95
C LEU C 135 -45.74 -22.74 -19.17
N SER C 136 -47.01 -22.72 -19.60
CA SER C 136 -47.46 -23.48 -20.77
C SER C 136 -47.98 -22.57 -21.87
N PHE C 137 -47.56 -21.30 -21.88
CA PHE C 137 -48.02 -20.32 -22.86
C PHE C 137 -46.87 -19.90 -23.75
N LEU C 138 -47.10 -19.92 -25.06
CA LEU C 138 -46.10 -19.48 -26.03
C LEU C 138 -46.79 -18.67 -27.12
N ARG C 139 -46.03 -17.79 -27.75
CA ARG C 139 -46.59 -16.91 -28.78
C ARG C 139 -45.45 -16.41 -29.67
N THR C 140 -45.83 -15.93 -30.85
CA THR C 140 -44.88 -15.41 -31.82
C THR C 140 -44.85 -13.89 -31.88
N VAL C 141 -45.98 -13.22 -31.66
CA VAL C 141 -46.01 -11.76 -31.72
C VAL C 141 -45.14 -11.19 -30.61
N PRO C 142 -44.40 -10.10 -30.85
CA PRO C 142 -43.56 -9.56 -29.79
C PRO C 142 -44.39 -8.95 -28.69
N PRO C 143 -43.87 -8.90 -27.47
CA PRO C 143 -44.60 -8.29 -26.35
C PRO C 143 -44.51 -6.76 -26.45
N TYR C 144 -45.30 -6.11 -25.60
CA TYR C 144 -45.29 -4.65 -25.55
C TYR C 144 -43.97 -4.08 -25.05
N SER C 145 -43.18 -4.88 -24.34
CA SER C 145 -41.85 -4.43 -23.95
C SER C 145 -40.98 -4.17 -25.18
N HIS C 146 -41.20 -4.91 -26.27
CA HIS C 146 -40.48 -4.63 -27.50
C HIS C 146 -40.72 -3.21 -27.98
N GLN C 147 -41.91 -2.66 -27.71
CA GLN C 147 -42.18 -1.27 -28.06
C GLN C 147 -41.18 -0.34 -27.37
N SER C 148 -40.85 -0.63 -26.11
CA SER C 148 -39.82 0.14 -25.43
C SER C 148 -38.47 -0.01 -26.12
N SER C 149 -38.14 -1.23 -26.57
CA SER C 149 -36.86 -1.45 -27.24
C SER C 149 -36.77 -0.64 -28.52
N VAL C 150 -37.85 -0.62 -29.31
CA VAL C 150 -37.85 0.16 -30.54
C VAL C 150 -37.83 1.65 -30.23
N TRP C 151 -38.52 2.07 -29.17
CA TRP C 151 -38.50 3.49 -28.79
C TRP C 151 -37.08 3.94 -28.47
N PHE C 152 -36.34 3.13 -27.71
CA PHE C 152 -34.95 3.47 -27.41
C PHE C 152 -34.12 3.55 -28.68
N GLU C 153 -34.31 2.61 -29.60
CA GLU C 153 -33.59 2.64 -30.87
C GLU C 153 -33.95 3.90 -31.65
N MET C 154 -35.24 4.22 -31.71
CA MET C 154 -35.66 5.43 -32.41
C MET C 154 -35.10 6.68 -31.73
N MET C 155 -35.11 6.70 -30.40
CA MET C 155 -34.55 7.84 -29.66
C MET C 155 -33.07 8.01 -29.95
N ARG C 156 -32.33 6.89 -29.98
CA ARG C 156 -30.90 6.96 -30.30
C ARG C 156 -30.68 7.37 -31.75
N VAL C 157 -31.60 7.00 -32.64
CA VAL C 157 -31.45 7.34 -34.06
C VAL C 157 -31.50 8.85 -34.25
N TYR C 158 -32.44 9.52 -33.57
CA TYR C 158 -32.66 10.95 -33.76
C TYR C 158 -31.83 11.80 -32.81
N SER C 159 -30.72 11.28 -32.30
CA SER C 159 -29.81 12.04 -31.44
C SER C 159 -30.55 12.65 -30.24
N TRP C 160 -31.43 11.86 -29.63
CA TRP C 160 -32.19 12.29 -28.47
C TRP C 160 -31.68 11.55 -27.23
N ASN C 161 -31.27 12.29 -26.21
CA ASN C 161 -31.00 11.74 -24.89
C ASN C 161 -31.76 12.57 -23.87
N HIS C 162 -33.05 12.27 -23.74
CA HIS C 162 -33.96 12.86 -22.77
C HIS C 162 -35.33 12.22 -22.96
N ILE C 163 -36.15 12.15 -21.91
CA ILE C 163 -37.46 11.54 -22.03
C ILE C 163 -38.27 11.87 -20.78
N ILE C 164 -39.59 11.95 -20.96
CA ILE C 164 -40.54 12.07 -19.87
C ILE C 164 -41.50 10.90 -20.00
N LEU C 165 -41.22 9.82 -19.27
CA LEU C 165 -41.91 8.55 -19.47
C LEU C 165 -43.28 8.61 -18.79
N LEU C 166 -44.30 8.92 -19.58
CA LEU C 166 -45.69 8.92 -19.12
C LEU C 166 -46.24 7.50 -19.28
N VAL C 167 -46.17 6.71 -18.22
CA VAL C 167 -46.54 5.30 -18.27
C VAL C 167 -47.72 5.06 -17.33
N SER C 168 -48.67 4.25 -17.78
CA SER C 168 -49.80 3.87 -16.95
C SER C 168 -49.36 2.97 -15.80
N ASP C 169 -50.21 2.88 -14.79
CA ASP C 169 -49.91 2.13 -13.59
C ASP C 169 -50.23 0.64 -13.70
N ASP C 170 -50.85 0.20 -14.80
CA ASP C 170 -51.17 -1.20 -14.96
C ASP C 170 -49.88 -2.02 -15.07
N HIS C 171 -50.06 -3.36 -15.03
CA HIS C 171 -48.90 -4.24 -15.12
C HIS C 171 -48.17 -4.06 -16.45
N GLU C 172 -48.91 -3.89 -17.54
CA GLU C 172 -48.28 -3.67 -18.83
C GLU C 172 -47.43 -2.41 -18.82
N GLY C 173 -47.93 -1.33 -18.21
CA GLY C 173 -47.13 -0.12 -18.11
C GLY C 173 -45.87 -0.32 -17.30
N ARG C 174 -45.98 -1.02 -16.17
CA ARG C 174 -44.81 -1.25 -15.33
C ARG C 174 -43.74 -2.05 -16.08
N ALA C 175 -44.17 -3.08 -16.81
CA ALA C 175 -43.20 -3.88 -17.58
C ALA C 175 -42.50 -3.04 -18.63
N ALA C 176 -43.26 -2.19 -19.34
CA ALA C 176 -42.65 -1.33 -20.35
C ALA C 176 -41.63 -0.39 -19.73
N GLN C 177 -41.96 0.20 -18.58
CA GLN C 177 -41.01 1.08 -17.90
C GLN C 177 -39.76 0.32 -17.49
N LYS C 178 -39.93 -0.89 -16.95
CA LYS C 178 -38.78 -1.68 -16.53
C LYS C 178 -37.89 -2.03 -17.72
N ARG C 179 -38.50 -2.43 -18.83
CA ARG C 179 -37.71 -2.75 -20.02
C ARG C 179 -36.98 -1.52 -20.54
N LEU C 180 -37.68 -0.38 -20.62
CA LEU C 180 -37.04 0.84 -21.09
C LEU C 180 -35.92 1.28 -20.15
N GLU C 181 -36.16 1.20 -18.84
CA GLU C 181 -35.14 1.60 -17.88
C GLU C 181 -33.90 0.72 -17.99
N THR C 182 -34.10 -0.59 -18.15
CA THR C 182 -32.96 -1.50 -18.28
C THR C 182 -32.14 -1.16 -19.53
N LEU C 183 -32.82 -0.91 -20.65
CA LEU C 183 -32.10 -0.56 -21.87
C LEU C 183 -31.34 0.75 -21.72
N LEU C 184 -31.96 1.75 -21.10
CA LEU C 184 -31.28 3.02 -20.86
C LEU C 184 -30.11 2.84 -19.90
N GLU C 185 -30.29 2.01 -18.87
CA GLU C 185 -29.20 1.75 -17.94
C GLU C 185 -28.03 1.07 -18.63
N GLU C 186 -28.30 0.13 -19.53
CA GLU C 186 -27.22 -0.53 -20.27
C GLU C 186 -26.42 0.47 -21.10
N ARG C 187 -27.04 1.58 -21.49
CA ARG C 187 -26.38 2.63 -22.24
C ARG C 187 -25.95 3.80 -21.37
N GLU C 188 -25.99 3.65 -20.05
CA GLU C 188 -25.63 4.72 -19.13
C GLU C 188 -26.48 5.96 -19.35
N SER C 189 -27.78 5.75 -19.58
CA SER C 189 -28.72 6.82 -19.82
C SER C 189 -29.83 6.79 -18.76
N LYS C 190 -30.21 7.95 -18.27
CA LYS C 190 -31.24 8.09 -17.26
C LYS C 190 -32.53 8.61 -17.89
N ALA C 191 -33.65 8.35 -17.26
CA ALA C 191 -34.90 8.72 -17.88
C ALA C 191 -35.53 10.00 -17.36
N GLU C 192 -34.80 10.83 -16.65
CA GLU C 192 -35.44 11.96 -16.00
C GLU C 192 -36.70 11.44 -15.39
N LYS C 193 -37.76 12.23 -15.42
CA LYS C 193 -38.92 11.79 -14.71
C LYS C 193 -39.37 10.46 -15.24
N VAL C 194 -39.94 9.69 -14.36
CA VAL C 194 -40.63 8.43 -14.63
C VAL C 194 -41.99 8.46 -13.95
N LEU C 195 -42.59 9.65 -13.87
CA LEU C 195 -43.83 9.81 -13.12
C LEU C 195 -44.88 8.81 -13.59
N GLN C 196 -45.56 8.19 -12.63
CA GLN C 196 -46.50 7.12 -12.90
C GLN C 196 -47.83 7.70 -13.37
N PHE C 197 -48.86 6.85 -13.43
CA PHE C 197 -50.17 7.23 -13.92
C PHE C 197 -51.21 6.62 -13.00
N ASP C 198 -52.48 6.68 -13.41
CA ASP C 198 -53.58 6.11 -12.64
C ASP C 198 -54.65 5.59 -13.60
N PRO C 199 -54.72 4.28 -13.82
CA PRO C 199 -55.69 3.74 -14.77
C PRO C 199 -57.12 4.08 -14.36
N GLY C 200 -57.94 4.37 -15.36
CA GLY C 200 -59.34 4.70 -15.11
C GLY C 200 -59.53 5.88 -14.19
N THR C 201 -58.76 6.95 -14.39
CA THR C 201 -58.83 8.14 -13.55
C THR C 201 -58.92 9.37 -14.43
N LYS C 202 -59.61 10.39 -13.91
CA LYS C 202 -59.78 11.66 -14.58
C LYS C 202 -59.06 12.76 -13.81
N ASN C 203 -59.01 13.95 -14.41
CA ASN C 203 -58.34 15.10 -13.82
C ASN C 203 -56.89 14.78 -13.48
N VAL C 204 -56.14 14.40 -14.52
CA VAL C 204 -54.75 14.03 -14.39
C VAL C 204 -53.82 15.20 -14.73
N THR C 205 -54.34 16.43 -14.70
CA THR C 205 -53.53 17.59 -15.03
C THR C 205 -52.34 17.77 -14.10
N ALA C 206 -52.39 17.20 -12.90
CA ALA C 206 -51.28 17.34 -11.97
C ALA C 206 -50.00 16.74 -12.55
N LEU C 207 -50.09 15.55 -13.14
CA LEU C 207 -48.93 14.95 -13.79
C LEU C 207 -48.46 15.80 -14.97
N LEU C 208 -49.41 16.31 -15.76
CA LEU C 208 -49.02 17.14 -16.91
C LEU C 208 -48.28 18.39 -16.47
N MET C 209 -48.74 19.02 -15.39
CA MET C 209 -48.05 20.20 -14.88
C MET C 209 -46.62 19.85 -14.47
N GLU C 210 -46.43 18.71 -13.81
CA GLU C 210 -45.09 18.29 -13.41
C GLU C 210 -44.20 18.08 -14.62
N ALA C 211 -44.72 17.44 -15.67
CA ALA C 211 -43.92 17.20 -16.86
C ALA C 211 -43.58 18.49 -17.59
N LYS C 212 -44.53 19.44 -17.66
CA LYS C 212 -44.30 20.66 -18.42
C LYS C 212 -43.13 21.46 -17.85
N GLU C 213 -43.02 21.55 -16.54
CA GLU C 213 -41.95 22.33 -15.92
C GLU C 213 -40.57 21.72 -16.13
N LEU C 214 -40.49 20.46 -16.57
CA LEU C 214 -39.21 19.80 -16.74
C LEU C 214 -38.51 20.30 -17.99
N GLU C 215 -37.20 20.18 -18.04
CA GLU C 215 -36.51 20.65 -19.18
C GLU C 215 -36.91 19.86 -20.37
N ALA C 216 -36.65 18.57 -20.36
CA ALA C 216 -36.81 17.77 -21.56
C ALA C 216 -38.26 17.84 -22.05
N ARG C 217 -38.43 18.04 -23.36
CA ARG C 217 -39.75 18.04 -23.97
C ARG C 217 -39.80 16.85 -24.94
N VAL C 218 -40.06 15.67 -24.37
CA VAL C 218 -40.34 14.45 -25.13
C VAL C 218 -41.06 13.50 -24.19
N ILE C 219 -42.14 12.90 -24.66
CA ILE C 219 -42.97 12.04 -23.81
C ILE C 219 -43.25 10.74 -24.56
N ILE C 220 -42.85 9.62 -23.97
CA ILE C 220 -43.17 8.30 -24.48
C ILE C 220 -44.33 7.77 -23.63
N LEU C 221 -45.54 7.79 -24.21
CA LEU C 221 -46.75 7.45 -23.49
C LEU C 221 -47.17 6.02 -23.84
N SER C 222 -47.56 5.26 -22.82
CA SER C 222 -48.04 3.89 -23.01
C SER C 222 -49.16 3.66 -22.00
N ALA C 223 -50.38 3.46 -22.50
CA ALA C 223 -51.54 3.24 -21.65
C ALA C 223 -52.64 2.63 -22.50
N SER C 224 -53.84 2.52 -21.92
CA SER C 224 -54.98 1.96 -22.62
C SER C 224 -55.66 3.03 -23.47
N GLU C 225 -56.69 2.62 -24.21
CA GLU C 225 -57.39 3.55 -25.07
C GLU C 225 -58.06 4.66 -24.26
N ASP C 226 -58.74 4.29 -23.16
CA ASP C 226 -59.38 5.29 -22.34
C ASP C 226 -58.37 6.24 -21.71
N ASP C 227 -57.27 5.70 -21.18
CA ASP C 227 -56.24 6.55 -20.58
C ASP C 227 -55.60 7.46 -21.62
N ALA C 228 -55.32 6.92 -22.81
CA ALA C 228 -54.70 7.74 -23.85
C ALA C 228 -55.61 8.90 -24.25
N ALA C 229 -56.90 8.63 -24.40
CA ALA C 229 -57.83 9.71 -24.76
C ALA C 229 -57.89 10.77 -23.68
N THR C 230 -57.93 10.35 -22.41
CA THR C 230 -58.00 11.33 -21.31
C THR C 230 -56.76 12.20 -21.28
N VAL C 231 -55.58 11.60 -21.43
CA VAL C 231 -54.35 12.38 -21.40
C VAL C 231 -54.28 13.30 -22.62
N TYR C 232 -54.71 12.83 -23.78
CA TYR C 232 -54.66 13.65 -24.99
C TYR C 232 -55.55 14.88 -24.85
N ARG C 233 -56.75 14.71 -24.30
CA ARG C 233 -57.64 15.86 -24.11
C ARG C 233 -57.02 16.89 -23.18
N ALA C 234 -56.45 16.45 -22.06
CA ALA C 234 -55.81 17.38 -21.14
C ALA C 234 -54.61 18.07 -21.79
N ALA C 235 -53.81 17.32 -22.54
CA ALA C 235 -52.66 17.91 -23.22
C ALA C 235 -53.09 18.96 -24.23
N ALA C 236 -54.14 18.68 -25.00
CA ALA C 236 -54.62 19.65 -25.97
C ALA C 236 -55.12 20.92 -25.28
N MET C 237 -55.85 20.77 -24.17
CA MET C 237 -56.34 21.92 -23.43
C MET C 237 -55.26 22.63 -22.65
N LEU C 238 -54.06 22.05 -22.54
CA LEU C 238 -52.96 22.66 -21.80
C LEU C 238 -51.81 23.08 -22.70
N ASN C 239 -52.06 23.18 -24.02
CA ASN C 239 -51.05 23.64 -24.97
C ASN C 239 -49.79 22.77 -24.89
N MET C 240 -49.98 21.47 -24.71
CA MET C 240 -48.86 20.54 -24.64
C MET C 240 -48.61 19.78 -25.94
N THR C 241 -49.57 19.80 -26.86
CA THR C 241 -49.45 19.10 -28.15
C THR C 241 -49.07 20.12 -29.21
N GLY C 242 -47.79 20.37 -29.37
CA GLY C 242 -47.30 21.31 -30.35
C GLY C 242 -46.00 21.93 -29.90
N SER C 243 -45.58 22.96 -30.64
CA SER C 243 -44.34 23.69 -30.35
C SER C 243 -43.18 22.70 -30.41
N GLY C 244 -42.41 22.52 -29.34
CA GLY C 244 -41.28 21.61 -29.36
C GLY C 244 -41.55 20.32 -28.61
N TYR C 245 -42.74 19.77 -28.77
CA TYR C 245 -43.13 18.54 -28.09
C TYR C 245 -43.27 17.42 -29.12
N VAL C 246 -42.70 16.26 -28.81
CA VAL C 246 -42.78 15.08 -29.67
C VAL C 246 -43.40 13.94 -28.87
N TRP C 247 -44.41 13.29 -29.45
CA TRP C 247 -45.15 12.23 -28.78
C TRP C 247 -44.79 10.88 -29.38
N LEU C 248 -44.51 9.91 -28.52
CA LEU C 248 -44.27 8.53 -28.93
C LEU C 248 -45.25 7.64 -28.18
N VAL C 249 -46.06 6.89 -28.93
CA VAL C 249 -47.11 6.06 -28.35
C VAL C 249 -47.07 4.69 -29.01
N GLY C 250 -47.69 3.71 -28.33
CA GLY C 250 -47.80 2.36 -28.83
C GLY C 250 -48.99 2.17 -29.75
N GLU C 251 -49.19 0.93 -30.17
CA GLU C 251 -50.27 0.62 -31.10
C GLU C 251 -51.63 0.94 -30.49
N ARG C 252 -51.86 0.51 -29.25
CA ARG C 252 -53.17 0.74 -28.63
C ARG C 252 -53.43 2.23 -28.44
N GLU C 253 -52.43 2.97 -27.97
CA GLU C 253 -52.61 4.39 -27.73
C GLU C 253 -52.94 5.14 -29.02
N ILE C 254 -52.22 4.83 -30.10
CA ILE C 254 -52.46 5.51 -31.37
C ILE C 254 -53.86 5.23 -31.88
N SER C 255 -54.28 3.96 -31.84
CA SER C 255 -55.59 3.60 -32.35
C SER C 255 -56.70 4.25 -31.56
N GLY C 256 -56.68 4.09 -30.23
CA GLY C 256 -57.71 4.69 -29.40
C GLY C 256 -57.69 6.20 -29.44
N ASN C 257 -56.50 6.81 -29.33
CA ASN C 257 -56.39 8.26 -29.38
C ASN C 257 -56.83 8.79 -30.74
N ALA C 258 -56.40 8.14 -31.82
CA ALA C 258 -56.82 8.56 -33.14
C ALA C 258 -58.33 8.50 -33.29
N LEU C 259 -58.97 7.53 -32.64
CA LEU C 259 -60.42 7.43 -32.71
C LEU C 259 -61.09 8.66 -32.10
N ARG C 260 -60.68 9.03 -30.88
CA ARG C 260 -61.37 10.09 -30.17
C ARG C 260 -60.71 11.46 -30.32
N TYR C 261 -59.47 11.61 -29.84
CA TYR C 261 -58.91 12.94 -29.69
C TYR C 261 -57.42 13.02 -30.05
N ALA C 262 -56.97 12.21 -31.00
CA ALA C 262 -55.55 12.22 -31.34
C ALA C 262 -55.19 13.51 -32.07
N PRO C 263 -54.27 14.31 -31.54
CA PRO C 263 -53.78 15.47 -32.30
C PRO C 263 -52.94 15.03 -33.48
N ASP C 264 -52.88 15.91 -34.48
CA ASP C 264 -52.13 15.60 -35.70
C ASP C 264 -50.64 15.88 -35.51
N GLY C 265 -50.07 15.36 -34.43
CA GLY C 265 -48.65 15.50 -34.18
C GLY C 265 -48.05 14.27 -33.52
N ILE C 266 -48.85 13.21 -33.39
CA ILE C 266 -48.40 12.01 -32.72
C ILE C 266 -47.51 11.18 -33.63
N LEU C 267 -46.80 10.21 -33.04
CA LEU C 267 -45.94 9.27 -33.76
C LEU C 267 -46.17 7.89 -33.16
N GLY C 268 -47.14 7.16 -33.70
CA GLY C 268 -47.49 5.86 -33.18
C GLY C 268 -46.74 4.73 -33.84
N LEU C 269 -46.77 3.57 -33.20
CA LEU C 269 -46.12 2.37 -33.69
C LEU C 269 -47.16 1.25 -33.82
N GLN C 270 -47.10 0.51 -34.92
CA GLN C 270 -48.01 -0.59 -35.18
C GLN C 270 -47.26 -1.77 -35.77
N LEU C 271 -47.79 -2.96 -35.53
CA LEU C 271 -47.18 -4.17 -36.08
C LEU C 271 -47.29 -4.19 -37.60
N ILE C 272 -46.27 -4.74 -38.25
CA ILE C 272 -46.25 -4.81 -39.69
C ILE C 272 -47.41 -5.66 -40.20
N ASN C 273 -47.65 -6.80 -39.57
CA ASN C 273 -48.70 -7.73 -39.97
C ASN C 273 -49.63 -8.02 -38.79
N GLY C 274 -50.05 -6.97 -38.09
CA GLY C 274 -50.95 -7.16 -36.97
C GLY C 274 -52.28 -7.77 -37.38
N LYS C 275 -52.88 -7.24 -38.45
CA LYS C 275 -54.11 -7.82 -38.96
C LYS C 275 -53.88 -9.24 -39.48
N ASN C 276 -52.77 -9.45 -40.20
CA ASN C 276 -52.45 -10.79 -40.68
C ASN C 276 -52.16 -11.73 -39.52
N GLU C 277 -51.52 -11.21 -38.47
CA GLU C 277 -51.27 -12.05 -37.28
C GLU C 277 -52.58 -12.57 -36.70
N SER C 278 -53.68 -11.85 -36.90
CA SER C 278 -54.99 -12.33 -36.45
C SER C 278 -55.45 -13.53 -37.25
N ALA C 279 -54.89 -13.76 -38.43
CA ALA C 279 -55.31 -14.88 -39.28
C ALA C 279 -54.09 -15.57 -39.90
N HIS C 280 -52.95 -15.55 -39.22
CA HIS C 280 -51.74 -16.21 -39.69
C HIS C 280 -51.52 -17.57 -39.03
N ILE C 281 -52.60 -18.27 -38.70
CA ILE C 281 -52.49 -19.57 -38.04
C ILE C 281 -51.70 -20.56 -38.87
N SER C 282 -51.53 -20.30 -40.17
CA SER C 282 -50.75 -21.20 -41.01
C SER C 282 -49.33 -21.32 -40.51
N ASP C 283 -48.72 -20.20 -40.11
CA ASP C 283 -47.38 -20.26 -39.53
C ASP C 283 -47.36 -21.06 -38.24
N ALA C 284 -48.38 -20.89 -37.40
CA ALA C 284 -48.44 -21.62 -36.14
C ALA C 284 -48.53 -23.12 -36.36
N VAL C 285 -49.38 -23.54 -37.31
CA VAL C 285 -49.50 -24.97 -37.59
C VAL C 285 -48.21 -25.51 -38.21
N GLY C 286 -47.58 -24.72 -39.08
CA GLY C 286 -46.32 -25.16 -39.67
C GLY C 286 -45.22 -25.32 -38.63
N VAL C 287 -45.12 -24.37 -37.71
CA VAL C 287 -44.08 -24.46 -36.67
C VAL C 287 -44.37 -25.64 -35.74
N VAL C 288 -45.64 -25.82 -35.35
CA VAL C 288 -45.98 -26.92 -34.46
C VAL C 288 -45.70 -28.27 -35.13
N ALA C 289 -46.05 -28.40 -36.41
CA ALA C 289 -45.76 -29.63 -37.13
C ALA C 289 -44.26 -29.89 -37.21
N GLN C 290 -43.48 -28.84 -37.46
CA GLN C 290 -42.03 -29.00 -37.48
C GLN C 290 -41.50 -29.41 -36.11
N ALA C 291 -42.04 -28.83 -35.04
CA ALA C 291 -41.59 -29.18 -33.70
C ALA C 291 -41.85 -30.65 -33.39
N VAL C 292 -43.04 -31.14 -33.72
CA VAL C 292 -43.34 -32.55 -33.47
C VAL C 292 -42.49 -33.44 -34.37
N HIS C 293 -42.26 -33.03 -35.62
CA HIS C 293 -41.41 -33.81 -36.51
C HIS C 293 -39.97 -33.85 -36.04
N GLU C 294 -39.52 -32.82 -35.33
CA GLU C 294 -38.14 -32.80 -34.83
C GLU C 294 -37.89 -33.95 -33.86
N LEU C 295 -38.84 -34.21 -32.96
CA LEU C 295 -38.70 -35.28 -31.99
C LEU C 295 -39.83 -36.30 -32.13
N ASN C 300 -37.67 -40.43 -27.79
CA ASN C 300 -38.16 -40.83 -26.47
C ASN C 300 -39.24 -39.88 -25.96
N ILE C 301 -40.45 -40.05 -26.48
CA ILE C 301 -41.58 -39.21 -26.11
C ILE C 301 -42.79 -40.10 -25.81
N THR C 302 -43.75 -39.54 -25.10
CA THR C 302 -44.96 -40.24 -24.72
C THR C 302 -46.18 -39.40 -25.10
N ASP C 303 -47.28 -40.09 -25.39
CA ASP C 303 -48.50 -39.41 -25.78
C ASP C 303 -49.03 -38.55 -24.63
N PRO C 304 -49.48 -37.32 -24.90
CA PRO C 304 -50.02 -36.49 -23.83
C PRO C 304 -51.26 -37.13 -23.25
N PRO C 305 -51.54 -36.89 -21.97
CA PRO C 305 -52.71 -37.52 -21.34
C PRO C 305 -53.99 -37.13 -22.06
N ARG C 306 -54.90 -38.11 -22.17
CA ARG C 306 -56.19 -37.91 -22.83
C ARG C 306 -57.35 -37.95 -21.84
N GLY C 307 -57.07 -37.96 -20.55
CA GLY C 307 -58.13 -38.00 -19.55
C GLY C 307 -58.25 -36.73 -18.74
N CYS C 308 -59.38 -36.04 -18.88
CA CYS C 308 -59.62 -34.80 -18.15
C CYS C 308 -60.47 -34.99 -16.91
N VAL C 309 -61.33 -36.00 -16.88
CA VAL C 309 -62.18 -36.27 -15.70
C VAL C 309 -61.36 -37.18 -14.79
N GLY C 310 -60.52 -36.56 -13.97
CA GLY C 310 -59.69 -37.29 -13.04
C GLY C 310 -58.27 -37.48 -13.55
N ASN C 311 -57.36 -36.62 -13.09
CA ASN C 311 -55.97 -36.71 -13.49
C ASN C 311 -55.14 -35.79 -12.61
N THR C 312 -53.98 -36.28 -12.18
CA THR C 312 -53.07 -35.49 -11.37
C THR C 312 -51.66 -35.53 -11.96
N ASN C 313 -51.36 -36.60 -12.69
CA ASN C 313 -50.05 -36.73 -13.33
C ASN C 313 -49.88 -35.69 -14.43
N ILE C 314 -48.68 -35.13 -14.52
CA ILE C 314 -48.37 -34.15 -15.54
C ILE C 314 -47.60 -34.83 -16.67
N TRP C 315 -47.57 -34.17 -17.82
CA TRP C 315 -46.88 -34.71 -18.98
C TRP C 315 -45.37 -34.66 -18.75
N LYS C 316 -44.73 -35.82 -18.73
CA LYS C 316 -43.29 -35.87 -18.51
C LYS C 316 -42.53 -35.17 -19.62
N THR C 317 -42.95 -35.36 -20.86
CA THR C 317 -42.27 -34.79 -22.02
C THR C 317 -42.73 -33.38 -22.34
N GLY C 318 -43.67 -32.82 -21.58
CA GLY C 318 -44.16 -31.48 -21.83
C GLY C 318 -43.05 -30.45 -21.81
N PRO C 319 -42.24 -30.46 -20.74
CA PRO C 319 -41.07 -29.57 -20.74
C PRO C 319 -40.13 -29.82 -21.90
N LEU C 320 -39.95 -31.09 -22.29
CA LEU C 320 -39.11 -31.39 -23.44
C LEU C 320 -39.69 -30.81 -24.72
N PHE C 321 -41.01 -30.92 -24.90
CA PHE C 321 -41.65 -30.36 -26.08
C PHE C 321 -41.48 -28.84 -26.12
N LYS C 322 -41.61 -28.18 -24.95
CA LYS C 322 -41.35 -26.75 -24.90
C LYS C 322 -39.90 -26.43 -25.25
N ARG C 323 -38.96 -27.23 -24.74
CA ARG C 323 -37.55 -27.00 -25.03
C ARG C 323 -37.27 -27.15 -26.52
N VAL C 324 -37.82 -28.19 -27.15
CA VAL C 324 -37.62 -28.37 -28.58
C VAL C 324 -38.31 -27.26 -29.37
N LEU C 325 -39.47 -26.81 -28.90
CA LEU C 325 -40.17 -25.71 -29.57
C LEU C 325 -39.31 -24.45 -29.57
N MET C 326 -38.66 -24.15 -28.45
CA MET C 326 -37.77 -22.99 -28.40
C MET C 326 -36.62 -23.14 -29.39
N SER C 327 -36.02 -24.32 -29.46
CA SER C 327 -34.94 -24.56 -30.40
C SER C 327 -35.41 -24.53 -31.84
N SER C 328 -36.70 -24.72 -32.09
CA SER C 328 -37.22 -24.70 -33.45
C SER C 328 -37.02 -23.34 -34.09
N LYS C 329 -36.56 -23.35 -35.34
CA LYS C 329 -36.32 -22.12 -36.11
C LYS C 329 -37.12 -22.23 -37.41
N TYR C 330 -38.36 -21.78 -37.37
CA TYR C 330 -39.25 -21.83 -38.53
C TYR C 330 -38.87 -20.68 -39.45
N ALA C 331 -37.89 -20.94 -40.33
CA ALA C 331 -37.38 -19.95 -41.27
C ALA C 331 -38.05 -20.02 -42.63
N ASP C 332 -39.32 -20.43 -42.66
CA ASP C 332 -40.03 -20.52 -43.94
C ASP C 332 -40.12 -19.17 -44.62
N GLY C 333 -40.35 -18.11 -43.85
CA GLY C 333 -40.46 -16.77 -44.39
C GLY C 333 -41.87 -16.25 -44.57
N VAL C 334 -42.88 -17.00 -44.13
CA VAL C 334 -44.26 -16.55 -44.23
C VAL C 334 -44.53 -15.52 -43.14
N THR C 335 -45.01 -14.35 -43.54
CA THR C 335 -45.26 -13.25 -42.61
C THR C 335 -44.00 -12.89 -41.84
N GLY C 336 -42.86 -12.97 -42.52
CA GLY C 336 -41.58 -12.67 -41.91
C GLY C 336 -41.00 -13.86 -41.17
N ARG C 337 -39.70 -13.77 -40.91
CA ARG C 337 -39.01 -14.83 -40.20
C ARG C 337 -39.51 -14.91 -38.76
N VAL C 338 -39.68 -16.14 -38.28
CA VAL C 338 -40.19 -16.40 -36.93
C VAL C 338 -39.12 -17.12 -36.15
N GLU C 339 -38.75 -16.57 -34.99
CA GLU C 339 -37.75 -17.17 -34.12
C GLU C 339 -38.09 -16.82 -32.68
N PHE C 340 -38.35 -17.83 -31.87
CA PHE C 340 -38.70 -17.59 -30.48
C PHE C 340 -37.53 -16.97 -29.73
N ASN C 341 -37.83 -16.02 -28.86
CA ASN C 341 -36.82 -15.30 -28.08
C ASN C 341 -37.17 -15.36 -26.61
N GLU C 342 -36.16 -15.50 -25.77
CA GLU C 342 -36.38 -15.53 -24.34
C GLU C 342 -37.33 -16.62 -23.90
N ASP C 343 -38.56 -16.27 -23.59
CA ASP C 343 -39.50 -17.25 -23.09
C ASP C 343 -40.91 -16.85 -23.38
N GLY C 344 -41.59 -17.61 -24.23
CA GLY C 344 -42.97 -17.28 -24.45
C GLY C 344 -43.25 -16.30 -25.58
N ASP C 345 -42.22 -15.73 -26.19
CA ASP C 345 -42.40 -14.76 -27.26
C ASP C 345 -41.27 -14.90 -28.27
N ARG C 346 -41.52 -14.39 -29.47
CA ARG C 346 -40.55 -14.41 -30.56
C ARG C 346 -40.23 -12.98 -30.96
N LYS C 347 -38.96 -12.59 -30.84
CA LYS C 347 -38.52 -11.24 -31.18
C LYS C 347 -37.95 -11.23 -32.60
N PHE C 348 -38.86 -11.46 -33.56
CA PHE C 348 -38.46 -11.47 -34.97
C PHE C 348 -39.51 -10.81 -35.86
N ALA C 349 -40.28 -9.86 -35.35
CA ALA C 349 -41.33 -9.20 -36.10
C ALA C 349 -40.95 -7.74 -36.34
N ASN C 350 -41.06 -7.30 -37.59
CA ASN C 350 -40.81 -5.90 -37.92
C ASN C 350 -41.91 -5.01 -37.36
N TYR C 351 -41.55 -3.76 -37.10
CA TYR C 351 -42.47 -2.78 -36.53
C TYR C 351 -42.53 -1.56 -37.44
N SER C 352 -43.75 -1.13 -37.75
CA SER C 352 -43.98 0.03 -38.60
C SER C 352 -44.26 1.27 -37.74
N ILE C 353 -44.07 2.43 -38.35
CA ILE C 353 -44.29 3.72 -37.69
C ILE C 353 -45.39 4.47 -38.42
N MET C 354 -46.37 4.96 -37.67
CA MET C 354 -47.50 5.67 -38.24
C MET C 354 -47.55 7.09 -37.67
N ASN C 355 -48.02 8.02 -38.49
CA ASN C 355 -48.15 9.42 -38.11
C ASN C 355 -49.52 9.94 -38.51
N LEU C 356 -49.98 10.96 -37.80
CA LEU C 356 -51.32 11.53 -38.00
C LEU C 356 -51.28 12.77 -38.88
N GLN C 357 -50.34 12.84 -39.82
CA GLN C 357 -50.29 13.96 -40.74
C GLN C 357 -51.50 13.93 -41.67
N ASN C 358 -52.06 15.11 -41.95
CA ASN C 358 -53.24 15.24 -42.79
C ASN C 358 -54.44 14.52 -42.19
N ARG C 359 -54.48 14.41 -40.86
CA ARG C 359 -55.59 13.77 -40.15
C ARG C 359 -55.80 12.33 -40.63
N LYS C 360 -54.70 11.65 -40.91
CA LYS C 360 -54.77 10.26 -41.35
C LYS C 360 -53.46 9.56 -41.02
N LEU C 361 -53.56 8.29 -40.65
CA LEU C 361 -52.38 7.49 -40.34
C LEU C 361 -51.58 7.22 -41.60
N VAL C 362 -50.27 7.45 -41.54
CA VAL C 362 -49.38 7.26 -42.67
C VAL C 362 -48.13 6.52 -42.20
N GLN C 363 -47.45 5.89 -43.15
CA GLN C 363 -46.22 5.16 -42.85
C GLN C 363 -45.02 6.06 -43.14
N VAL C 364 -44.11 6.13 -42.17
CA VAL C 364 -42.93 6.97 -42.31
C VAL C 364 -41.68 6.13 -42.13
N GLY C 365 -41.80 4.83 -42.38
CA GLY C 365 -40.68 3.91 -42.25
C GLY C 365 -41.02 2.63 -41.53
N ILE C 366 -40.11 1.66 -41.57
CA ILE C 366 -40.30 0.37 -40.92
C ILE C 366 -39.03 0.00 -40.17
N TYR C 367 -39.17 -0.95 -39.25
CA TYR C 367 -38.06 -1.42 -38.45
C TYR C 367 -37.55 -2.75 -39.02
N ASN C 368 -36.25 -2.80 -39.19
CA ASN C 368 -35.58 -3.88 -39.88
C ASN C 368 -35.28 -5.06 -38.94
N GLY C 369 -35.51 -4.83 -37.66
CA GLY C 369 -35.19 -5.79 -36.62
C GLY C 369 -33.96 -5.41 -35.81
N THR C 370 -33.07 -4.61 -36.40
CA THR C 370 -31.92 -4.08 -35.68
C THR C 370 -31.74 -2.58 -35.84
N HIS C 371 -32.32 -1.96 -36.85
CA HIS C 371 -32.23 -0.53 -37.06
C HIS C 371 -33.43 -0.07 -37.88
N VAL C 372 -33.98 1.10 -37.53
CA VAL C 372 -35.13 1.63 -38.25
C VAL C 372 -34.73 2.01 -39.66
N ILE C 373 -35.69 1.98 -40.57
CA ILE C 373 -35.46 2.31 -41.97
C ILE C 373 -36.45 3.38 -42.42
N PRO C 374 -36.26 4.64 -42.03
CA PRO C 374 -37.19 5.70 -42.43
C PRO C 374 -36.88 6.21 -43.82
N ASN C 375 -37.81 5.96 -44.75
CA ASN C 375 -37.65 6.41 -46.13
C ASN C 375 -38.92 7.00 -46.73
N ASP C 376 -40.01 7.09 -45.97
CA ASP C 376 -41.27 7.61 -46.48
C ASP C 376 -41.22 9.14 -46.48
N ARG C 377 -42.38 9.76 -46.70
CA ARG C 377 -42.46 11.21 -46.75
C ARG C 377 -42.00 11.82 -45.43
N LYS C 378 -41.79 13.13 -45.44
CA LYS C 378 -41.31 13.83 -44.26
C LYS C 378 -42.33 13.72 -43.13
N ILE C 379 -41.83 13.60 -41.91
CA ILE C 379 -42.69 13.47 -40.74
C ILE C 379 -43.25 14.83 -40.38
N ILE C 380 -44.57 14.91 -40.21
CA ILE C 380 -45.23 16.15 -39.84
C ILE C 380 -45.35 16.19 -38.32
N TRP C 381 -44.48 16.96 -37.68
CA TRP C 381 -44.50 17.08 -36.23
C TRP C 381 -45.68 17.93 -35.78
N PRO C 382 -46.00 17.90 -34.48
CA PRO C 382 -47.17 18.65 -34.00
C PRO C 382 -47.14 20.12 -34.37
N GLY C 383 -45.96 20.75 -34.36
CA GLY C 383 -45.86 22.15 -34.77
C GLY C 383 -45.89 22.39 -36.26
N GLY C 384 -45.86 21.32 -37.06
CA GLY C 384 -45.89 21.45 -38.50
C GLY C 384 -44.55 21.72 -39.16
N GLU C 385 -43.49 21.89 -38.38
CA GLU C 385 -42.17 22.14 -38.96
C GLU C 385 -41.65 20.91 -39.68
N THR C 386 -40.93 21.15 -40.78
CA THR C 386 -40.36 20.05 -41.55
C THR C 386 -39.16 19.41 -40.86
N GLU C 387 -38.56 20.11 -39.90
CA GLU C 387 -37.42 19.59 -39.15
C GLU C 387 -37.88 19.03 -37.81
N LYS C 388 -37.19 18.00 -37.35
CA LYS C 388 -37.54 17.37 -36.08
C LYS C 388 -37.33 18.36 -34.94
N PRO C 389 -38.36 18.66 -34.15
CA PRO C 389 -38.18 19.61 -33.05
C PRO C 389 -37.17 19.09 -32.03
N ARG C 390 -36.45 20.02 -31.42
CA ARG C 390 -35.47 19.65 -30.40
C ARG C 390 -36.16 18.96 -29.24
N GLY C 391 -35.59 17.84 -28.80
CA GLY C 391 -36.13 17.08 -27.68
C GLY C 391 -35.75 17.60 -26.32
N TYR C 392 -34.91 18.63 -26.25
CA TYR C 392 -34.46 19.20 -24.99
C TYR C 392 -34.65 20.71 -25.03
N GLN C 393 -35.07 21.28 -23.91
CA GLN C 393 -35.34 22.70 -23.79
C GLN C 393 -34.44 23.31 -22.73
N MET C 394 -33.80 24.44 -23.07
CA MET C 394 -32.92 25.12 -22.13
C MET C 394 -33.73 25.68 -20.97
N SER C 395 -33.11 25.68 -19.79
CA SER C 395 -33.75 26.18 -18.55
C SER C 395 -32.85 27.24 -17.95
N THR C 396 -33.07 28.50 -18.31
CA THR C 396 -32.28 29.61 -17.79
C THR C 396 -32.93 30.23 -16.56
N ARG C 397 -33.24 29.40 -15.57
CA ARG C 397 -33.82 29.85 -14.30
C ARG C 397 -33.21 29.06 -13.14
N LEU C 398 -31.88 28.91 -13.17
CA LEU C 398 -31.21 28.07 -12.19
C LEU C 398 -31.48 28.55 -10.77
N LYS C 399 -31.64 27.60 -9.86
CA LYS C 399 -31.76 27.87 -8.42
C LYS C 399 -30.47 27.45 -7.74
N ILE C 400 -29.90 28.36 -6.95
CA ILE C 400 -28.57 28.17 -6.38
C ILE C 400 -28.71 27.97 -4.87
N VAL C 401 -27.98 27.00 -4.35
CA VAL C 401 -27.94 26.72 -2.91
C VAL C 401 -26.62 27.22 -2.35
N THR C 402 -26.70 28.04 -1.31
CA THR C 402 -25.51 28.62 -0.68
C THR C 402 -25.55 28.34 0.82
N ILE C 403 -24.36 28.16 1.40
CA ILE C 403 -24.21 27.87 2.82
C ILE C 403 -23.48 29.04 3.47
N HIS C 404 -23.96 29.44 4.64
CA HIS C 404 -23.44 30.62 5.32
C HIS C 404 -21.97 30.43 5.71
N GLN C 405 -21.07 31.08 4.99
CA GLN C 405 -19.65 31.13 5.35
C GLN C 405 -19.24 32.59 5.40
N GLU C 406 -18.62 32.99 6.50
CA GLU C 406 -18.39 34.41 6.74
C GLU C 406 -17.53 35.07 5.67
N PRO C 407 -16.34 34.57 5.34
CA PRO C 407 -15.53 35.26 4.33
C PRO C 407 -16.17 35.31 2.95
N PHE C 408 -16.90 34.27 2.56
CA PHE C 408 -17.44 34.17 1.20
C PHE C 408 -18.88 34.67 1.10
N VAL C 409 -19.80 34.07 1.85
CA VAL C 409 -21.23 34.34 1.69
C VAL C 409 -21.75 34.84 3.04
N TYR C 410 -21.82 36.16 3.20
CA TYR C 410 -22.44 36.73 4.38
C TYR C 410 -23.96 36.55 4.32
N VAL C 411 -24.59 36.55 5.49
CA VAL C 411 -26.04 36.47 5.61
C VAL C 411 -26.49 37.56 6.57
N LYS C 412 -27.35 38.45 6.10
CA LYS C 412 -27.85 39.54 6.93
C LYS C 412 -29.36 39.68 6.75
N PRO C 413 -30.09 39.95 7.82
CA PRO C 413 -31.54 40.11 7.70
C PRO C 413 -31.90 41.36 6.91
N THR C 414 -33.05 41.30 6.25
CA THR C 414 -33.54 42.43 5.48
C THR C 414 -34.24 43.43 6.40
N LEU C 415 -34.45 44.63 5.88
CA LEU C 415 -35.11 45.69 6.64
C LEU C 415 -36.62 45.45 6.65
N SER C 416 -37.37 46.42 7.19
CA SER C 416 -38.82 46.27 7.26
C SER C 416 -39.43 46.18 5.86
N ASP C 417 -38.94 46.99 4.92
CA ASP C 417 -39.48 47.00 3.57
C ASP C 417 -39.20 45.71 2.82
N GLY C 418 -38.33 44.85 3.33
CA GLY C 418 -37.98 43.60 2.68
C GLY C 418 -36.65 43.60 1.98
N THR C 419 -36.04 44.76 1.76
CA THR C 419 -34.73 44.87 1.14
C THR C 419 -33.74 45.41 2.17
N CYS C 420 -32.65 44.67 2.36
CA CYS C 420 -31.67 45.06 3.36
C CYS C 420 -30.88 46.28 2.88
N LYS C 421 -30.30 47.00 3.85
CA LYS C 421 -29.63 48.25 3.56
C LYS C 421 -28.46 48.04 2.62
N GLU C 422 -28.19 49.06 1.80
CA GLU C 422 -27.10 49.03 0.83
C GLU C 422 -25.92 49.83 1.38
N GLU C 423 -24.76 49.19 1.45
CA GLU C 423 -23.54 49.80 1.95
C GLU C 423 -22.57 50.03 0.79
N PHE C 424 -21.37 50.51 1.13
CA PHE C 424 -20.34 50.81 0.15
C PHE C 424 -19.07 50.08 0.52
N THR C 425 -18.27 49.75 -0.51
CA THR C 425 -17.03 49.02 -0.31
C THR C 425 -16.02 49.89 0.44
N VAL C 426 -14.85 49.30 0.72
CA VAL C 426 -13.82 50.02 1.46
C VAL C 426 -13.36 51.24 0.66
N ASN C 427 -13.11 51.07 -0.64
CA ASN C 427 -12.70 52.17 -1.50
C ASN C 427 -13.88 52.99 -1.99
N GLY C 428 -15.10 52.52 -1.79
CA GLY C 428 -16.29 53.23 -2.23
C GLY C 428 -16.88 52.66 -3.50
N ASP C 429 -17.93 51.84 -3.34
CA ASP C 429 -18.62 51.25 -4.48
C ASP C 429 -19.83 50.47 -3.99
N PRO C 430 -20.89 50.37 -4.79
CA PRO C 430 -22.06 49.59 -4.37
C PRO C 430 -21.68 48.14 -4.13
N VAL C 431 -22.31 47.54 -3.11
CA VAL C 431 -22.11 46.14 -2.77
C VAL C 431 -23.26 45.34 -3.36
N LYS C 432 -22.94 44.33 -4.16
CA LYS C 432 -23.94 43.52 -4.83
C LYS C 432 -24.53 42.53 -3.84
N LYS C 433 -25.82 42.68 -3.53
CA LYS C 433 -26.52 41.80 -2.61
C LYS C 433 -27.72 41.17 -3.31
N VAL C 434 -27.94 39.89 -3.04
CA VAL C 434 -29.02 39.13 -3.65
C VAL C 434 -29.96 38.65 -2.54
N ILE C 435 -31.26 38.86 -2.74
CA ILE C 435 -32.27 38.50 -1.75
C ILE C 435 -32.33 36.97 -1.72
N CYS C 436 -31.81 36.37 -0.65
CA CYS C 436 -31.80 34.94 -0.47
C CYS C 436 -32.87 34.51 0.52
N THR C 437 -33.36 33.29 0.36
CA THR C 437 -34.38 32.72 1.23
C THR C 437 -33.81 31.49 1.94
N GLY C 438 -33.99 31.44 3.26
CA GLY C 438 -33.48 30.35 4.04
C GLY C 438 -34.05 30.32 5.44
N PRO C 439 -33.69 29.30 6.22
CA PRO C 439 -34.21 29.19 7.58
C PRO C 439 -33.74 30.34 8.46
N ASN C 440 -34.58 30.68 9.44
CA ASN C 440 -34.26 31.77 10.35
C ASN C 440 -33.32 31.32 11.47
N ASP C 441 -33.75 30.32 12.24
CA ASP C 441 -32.96 29.80 13.36
C ASP C 441 -32.21 28.53 12.98
N THR C 442 -32.94 27.51 12.52
CA THR C 442 -32.33 26.24 12.14
C THR C 442 -33.25 25.44 11.23
N SER C 446 -38.99 32.41 16.36
CA SER C 446 -38.37 32.13 15.08
C SER C 446 -39.33 31.40 14.14
N PRO C 447 -39.65 32.02 13.00
CA PRO C 447 -40.54 31.35 12.04
C PRO C 447 -40.01 30.00 11.58
N ARG C 448 -38.70 29.87 11.41
CA ARG C 448 -38.08 28.61 11.00
C ARG C 448 -38.61 28.13 9.65
N HIS C 449 -39.09 29.06 8.82
CA HIS C 449 -39.65 28.68 7.52
C HIS C 449 -39.37 29.82 6.53
N THR C 450 -38.27 29.68 5.80
CA THR C 450 -37.96 30.51 4.64
C THR C 450 -38.18 32.00 4.91
N VAL C 451 -37.41 32.52 5.85
CA VAL C 451 -37.41 33.96 6.11
C VAL C 451 -36.52 34.64 5.08
N PRO C 452 -37.03 35.62 4.33
CA PRO C 452 -36.23 36.23 3.24
C PRO C 452 -35.13 37.11 3.81
N GLN C 453 -33.89 36.74 3.52
CA GLN C 453 -32.70 37.50 3.91
C GLN C 453 -31.99 37.99 2.66
N CYS C 454 -30.85 38.66 2.85
CA CYS C 454 -30.04 39.13 1.74
C CYS C 454 -28.61 38.65 1.93
N CYS C 455 -28.05 38.04 0.89
CA CYS C 455 -26.70 37.50 0.92
C CYS C 455 -25.77 38.36 0.06
N TYR C 456 -24.49 38.33 0.40
CA TYR C 456 -23.47 39.03 -0.37
C TYR C 456 -22.11 38.51 0.02
N GLY C 457 -21.14 38.70 -0.86
CA GLY C 457 -19.78 38.28 -0.58
C GLY C 457 -19.02 37.73 -1.76
N PHE C 458 -17.98 36.95 -1.48
CA PHE C 458 -17.15 36.40 -2.55
C PHE C 458 -17.97 35.55 -3.51
N CYS C 459 -18.56 34.47 -3.00
CA CYS C 459 -19.27 33.54 -3.88
C CYS C 459 -20.44 34.23 -4.58
N ILE C 460 -21.22 35.03 -3.85
CA ILE C 460 -22.35 35.71 -4.47
C ILE C 460 -21.86 36.67 -5.55
N ASP C 461 -20.74 37.35 -5.30
CA ASP C 461 -20.17 38.22 -6.33
C ASP C 461 -19.76 37.41 -7.54
N LEU C 462 -19.15 36.25 -7.32
CA LEU C 462 -18.79 35.38 -8.44
C LEU C 462 -20.03 34.91 -9.19
N LEU C 463 -21.09 34.57 -8.46
CA LEU C 463 -22.32 34.11 -9.12
C LEU C 463 -22.90 35.19 -10.02
N ILE C 464 -22.90 36.45 -9.57
CA ILE C 464 -23.45 37.52 -10.39
C ILE C 464 -22.64 37.67 -11.66
N LYS C 465 -21.32 37.55 -11.58
CA LYS C 465 -20.49 37.64 -12.78
C LYS C 465 -20.80 36.51 -13.74
N LEU C 466 -20.97 35.28 -13.22
CA LEU C 466 -21.27 34.15 -14.09
C LEU C 466 -22.62 34.33 -14.79
N ALA C 467 -23.62 34.81 -14.06
CA ALA C 467 -24.94 35.00 -14.66
C ALA C 467 -24.89 36.01 -15.79
N ARG C 468 -24.16 37.10 -15.61
CA ARG C 468 -24.09 38.13 -16.64
C ARG C 468 -23.44 37.61 -17.91
N THR C 469 -22.37 36.81 -17.77
CA THR C 469 -21.60 36.38 -18.92
C THR C 469 -22.21 35.19 -19.66
N MET C 470 -23.22 34.54 -19.09
CA MET C 470 -23.89 33.44 -19.77
C MET C 470 -25.41 33.52 -19.64
N ASN C 471 -25.94 34.67 -19.20
CA ASN C 471 -27.37 34.93 -19.20
C ASN C 471 -28.13 33.91 -18.34
N PHE C 472 -27.83 33.93 -17.04
CA PHE C 472 -28.61 33.18 -16.07
C PHE C 472 -29.86 33.96 -15.68
N THR C 473 -30.64 33.37 -14.78
CA THR C 473 -31.68 34.07 -14.02
C THR C 473 -31.77 33.32 -12.68
N TYR C 474 -31.01 33.80 -11.71
CA TYR C 474 -30.78 33.05 -10.48
C TYR C 474 -31.75 33.47 -9.39
N GLU C 475 -32.02 32.52 -8.48
CA GLU C 475 -32.84 32.75 -7.30
C GLU C 475 -32.15 32.03 -6.14
N VAL C 476 -31.29 32.75 -5.43
CA VAL C 476 -30.50 32.13 -4.38
C VAL C 476 -31.42 31.47 -3.35
N HIS C 477 -30.91 30.42 -2.71
CA HIS C 477 -31.71 29.65 -1.75
C HIS C 477 -30.75 28.94 -0.81
N LEU C 478 -30.69 29.41 0.44
CA LEU C 478 -29.77 28.85 1.42
C LEU C 478 -30.19 27.42 1.77
N VAL C 479 -29.19 26.63 2.17
CA VAL C 479 -29.43 25.23 2.48
C VAL C 479 -30.40 25.14 3.66
N ALA C 480 -31.30 24.16 3.61
CA ALA C 480 -32.33 24.04 4.65
C ALA C 480 -31.69 23.82 6.02
N ASP C 481 -30.76 22.86 6.12
CA ASP C 481 -30.03 22.60 7.35
C ASP C 481 -28.57 22.91 7.11
N GLY C 482 -28.01 23.80 7.92
CA GLY C 482 -26.63 24.18 7.73
C GLY C 482 -25.68 22.99 7.79
N LYS C 483 -25.18 22.57 6.64
CA LYS C 483 -24.26 21.44 6.57
C LYS C 483 -23.67 21.33 5.18
N PHE C 484 -22.35 21.24 5.08
CA PHE C 484 -21.71 21.23 3.77
C PHE C 484 -22.12 20.01 2.95
N GLY C 485 -22.16 18.84 3.58
CA GLY C 485 -22.57 17.63 2.87
C GLY C 485 -21.63 16.46 3.07
N THR C 486 -22.19 15.30 3.40
CA THR C 486 -21.41 14.08 3.58
C THR C 486 -22.33 12.89 3.39
N GLN C 487 -21.72 11.72 3.20
CA GLN C 487 -22.44 10.49 2.94
C GLN C 487 -22.75 9.81 4.27
N GLU C 488 -24.03 9.80 4.64
CA GLU C 488 -24.48 9.17 5.88
C GLU C 488 -25.14 7.83 5.56
N ARG C 489 -25.08 6.92 6.53
CA ARG C 489 -25.63 5.58 6.41
C ARG C 489 -26.98 5.52 7.12
N VAL C 490 -28.03 5.17 6.38
CA VAL C 490 -29.36 5.03 6.93
C VAL C 490 -29.97 3.74 6.41
N ASN C 491 -30.42 2.87 7.32
CA ASN C 491 -31.11 1.64 6.96
C ASN C 491 -30.30 0.82 5.96
N ASN C 492 -29.01 0.67 6.23
CA ASN C 492 -28.11 -0.13 5.39
C ASN C 492 -28.12 0.36 3.95
N SER C 493 -28.13 1.68 3.77
CA SER C 493 -28.08 2.28 2.43
C SER C 493 -27.24 3.55 2.53
N ASN C 494 -25.94 3.43 2.28
CA ASN C 494 -25.04 4.57 2.44
C ASN C 494 -25.38 5.68 1.45
N LYS C 495 -25.52 5.34 0.18
CA LYS C 495 -25.81 6.34 -0.85
C LYS C 495 -27.16 6.99 -0.66
N LYS C 496 -28.05 6.40 0.13
CA LYS C 496 -29.38 6.97 0.33
C LYS C 496 -29.31 8.32 1.03
N GLU C 497 -28.38 8.48 1.97
CA GLU C 497 -28.29 9.68 2.80
C GLU C 497 -27.15 10.56 2.28
N TRP C 498 -27.52 11.66 1.64
CA TRP C 498 -26.58 12.73 1.28
C TRP C 498 -27.00 13.97 2.06
N ASN C 499 -26.43 14.14 3.25
CA ASN C 499 -26.85 15.21 4.14
C ASN C 499 -26.28 16.55 3.70
N GLY C 500 -27.01 17.61 3.99
CA GLY C 500 -26.52 18.96 3.74
C GLY C 500 -26.89 19.49 2.37
N MET C 501 -26.17 20.53 1.96
CA MET C 501 -26.45 21.17 0.67
C MET C 501 -26.21 20.21 -0.49
N MET C 502 -25.35 19.21 -0.31
CA MET C 502 -25.11 18.25 -1.38
C MET C 502 -26.37 17.49 -1.74
N GLY C 503 -27.14 17.08 -0.73
CA GLY C 503 -28.40 16.39 -1.01
C GLY C 503 -29.38 17.27 -1.76
N GLU C 504 -29.41 18.56 -1.45
CA GLU C 504 -30.31 19.47 -2.14
C GLU C 504 -30.01 19.52 -3.63
N LEU C 505 -28.73 19.63 -3.98
CA LEU C 505 -28.36 19.64 -5.40
C LEU C 505 -28.66 18.29 -6.06
N LEU C 506 -28.34 17.19 -5.38
CA LEU C 506 -28.54 15.88 -5.99
C LEU C 506 -30.02 15.54 -6.12
N SER C 507 -30.81 15.86 -5.10
CA SER C 507 -32.23 15.52 -5.15
C SER C 507 -32.93 16.23 -6.31
N GLY C 508 -32.63 17.51 -6.50
CA GLY C 508 -33.25 18.27 -7.58
C GLY C 508 -33.75 19.64 -7.16
N GLN C 509 -33.64 19.95 -5.87
CA GLN C 509 -34.09 21.24 -5.38
C GLN C 509 -33.30 22.38 -6.03
N ALA C 510 -31.99 22.22 -6.15
CA ALA C 510 -31.13 23.22 -6.76
C ALA C 510 -30.21 22.54 -7.78
N ASP C 511 -30.03 23.19 -8.93
CA ASP C 511 -29.19 22.65 -9.99
C ASP C 511 -27.80 23.28 -10.00
N MET C 512 -27.47 24.10 -9.01
CA MET C 512 -26.13 24.67 -8.90
C MET C 512 -25.85 24.90 -7.42
N ILE C 513 -24.60 24.76 -7.02
CA ILE C 513 -24.23 24.82 -5.63
C ILE C 513 -23.13 25.80 -5.31
N VAL C 514 -23.28 27.05 -5.70
CA VAL C 514 -22.26 28.05 -5.53
C VAL C 514 -21.97 28.20 -4.14
N ALA C 515 -20.93 27.57 -3.66
CA ALA C 515 -20.38 28.02 -2.42
C ALA C 515 -19.09 27.38 -2.08
N PRO C 516 -18.53 27.71 -0.92
CA PRO C 516 -17.19 27.20 -0.66
C PRO C 516 -17.18 25.68 -0.49
N LEU C 517 -17.38 24.96 -1.58
CA LEU C 517 -17.47 23.50 -1.56
C LEU C 517 -16.13 22.90 -1.96
N THR C 518 -15.52 22.15 -1.04
CA THR C 518 -14.23 21.54 -1.31
C THR C 518 -14.35 20.44 -2.35
N ILE C 519 -13.27 20.20 -3.08
CA ILE C 519 -13.23 19.19 -4.12
C ILE C 519 -12.50 17.96 -3.58
N ASN C 520 -13.20 16.84 -3.51
CA ASN C 520 -12.61 15.59 -3.04
C ASN C 520 -13.23 14.44 -3.83
N ASN C 521 -12.81 13.21 -3.51
CA ASN C 521 -13.20 12.06 -4.30
C ASN C 521 -14.68 11.74 -4.15
N GLU C 522 -15.19 11.73 -2.92
CA GLU C 522 -16.56 11.28 -2.69
C GLU C 522 -17.56 12.09 -3.51
N ARG C 523 -17.49 13.42 -3.40
CA ARG C 523 -18.42 14.25 -4.16
C ARG C 523 -18.16 14.15 -5.66
N ALA C 524 -16.89 14.11 -6.06
CA ALA C 524 -16.57 14.05 -7.48
C ALA C 524 -17.15 12.83 -8.15
N GLN C 525 -17.37 11.74 -7.39
CA GLN C 525 -17.93 10.53 -7.97
C GLN C 525 -19.39 10.73 -8.38
N TYR C 526 -20.12 11.55 -7.63
CA TYR C 526 -21.56 11.69 -7.83
C TYR C 526 -21.91 12.96 -8.61
N ILE C 527 -21.36 14.09 -8.21
CA ILE C 527 -21.65 15.37 -8.86
C ILE C 527 -20.43 15.80 -9.65
N GLU C 528 -20.62 16.83 -10.48
CA GLU C 528 -19.58 17.34 -11.35
C GLU C 528 -19.06 18.67 -10.80
N PHE C 529 -17.74 18.77 -10.67
CA PHE C 529 -17.09 19.95 -10.11
C PHE C 529 -16.42 20.76 -11.21
N SER C 530 -16.69 22.07 -11.23
CA SER C 530 -16.02 22.96 -12.15
C SER C 530 -14.58 23.20 -11.70
N LYS C 531 -13.81 23.89 -12.54
CA LYS C 531 -12.44 24.19 -12.18
C LYS C 531 -12.41 25.05 -10.92
N PRO C 532 -11.47 24.80 -10.01
CA PRO C 532 -11.45 25.55 -8.75
C PRO C 532 -11.35 27.05 -8.99
N PHE C 533 -12.12 27.81 -8.23
CA PHE C 533 -12.04 29.26 -8.24
C PHE C 533 -11.22 29.82 -7.09
N LYS C 534 -10.66 28.94 -6.25
CA LYS C 534 -9.79 29.37 -5.16
C LYS C 534 -9.06 28.14 -4.63
N TYR C 535 -7.73 28.22 -4.59
CA TYR C 535 -6.89 27.13 -4.11
C TYR C 535 -6.59 27.33 -2.64
N GLN C 536 -6.78 26.28 -1.84
CA GLN C 536 -6.69 26.41 -0.40
C GLN C 536 -6.19 25.07 0.17
N GLY C 537 -6.37 24.88 1.46
CA GLY C 537 -5.94 23.66 2.11
C GLY C 537 -6.15 23.78 3.61
N LEU C 538 -6.41 22.64 4.23
CA LEU C 538 -6.70 22.62 5.65
C LEU C 538 -5.52 23.19 6.45
N THR C 539 -5.85 23.96 7.47
CA THR C 539 -4.84 24.58 8.33
C THR C 539 -5.43 24.74 9.73
N ILE C 540 -4.54 24.90 10.71
CA ILE C 540 -4.92 24.95 12.12
C ILE C 540 -4.95 26.40 12.57
N LEU C 541 -6.04 26.78 13.23
CA LEU C 541 -6.20 28.11 13.80
C LEU C 541 -6.17 28.01 15.32
N VAL C 542 -5.27 28.77 15.95
CA VAL C 542 -5.10 28.74 17.40
C VAL C 542 -5.10 30.16 17.93
N LYS C 543 -5.44 30.29 19.20
CA LYS C 543 -5.47 31.60 19.85
C LYS C 543 -4.06 32.13 20.05
N LYS C 544 -3.90 33.43 19.85
CA LYS C 544 -2.60 34.06 20.03
C LYS C 544 -2.27 34.14 21.52
N GLU C 545 -1.09 33.65 21.89
CA GLU C 545 -0.67 33.63 23.29
C GLU C 545 0.03 34.93 23.64
N ILE C 546 -0.55 35.71 24.54
CA ILE C 546 0.05 36.98 24.95
C ILE C 546 1.39 36.69 25.64
N PRO C 547 2.46 37.42 25.31
CA PRO C 547 3.78 37.16 25.92
C PRO C 547 3.93 37.81 27.29
N ARG C 548 3.41 37.13 28.32
CA ARG C 548 3.54 37.61 29.68
C ARG C 548 4.95 37.33 30.21
N SER C 549 5.31 38.02 31.28
CA SER C 549 6.62 37.91 31.88
C SER C 549 6.60 36.89 33.02
N THR C 550 7.72 36.83 33.74
CA THR C 550 7.88 35.91 34.87
C THR C 550 8.78 36.60 35.89
N LEU C 551 9.40 35.81 36.76
CA LEU C 551 10.30 36.33 37.78
C LEU C 551 9.57 37.33 38.67
N ASP C 552 8.56 36.82 39.37
CA ASP C 552 7.72 37.66 40.20
C ASP C 552 8.51 38.38 41.29
N SER C 553 9.69 37.89 41.64
CA SER C 553 10.52 38.49 42.66
C SER C 553 11.91 38.77 42.11
N PHE C 554 12.55 39.81 42.62
CA PHE C 554 13.90 40.16 42.19
C PHE C 554 14.94 39.17 42.69
N MET C 555 14.68 38.51 43.82
CA MET C 555 15.63 37.59 44.42
C MET C 555 15.52 36.18 43.86
N GLN C 556 14.68 35.96 42.86
CA GLN C 556 14.51 34.62 42.29
C GLN C 556 15.82 33.97 41.86
N PRO C 557 16.73 34.66 41.16
CA PRO C 557 17.95 33.98 40.68
C PRO C 557 18.79 33.37 41.80
N PHE C 558 18.80 33.97 42.99
CA PHE C 558 19.61 33.50 44.10
C PHE C 558 18.71 32.85 45.14
N GLN C 559 19.10 31.64 45.57
CA GLN C 559 18.34 30.95 46.61
C GLN C 559 18.51 31.66 47.95
N SER C 560 17.58 31.38 48.87
CA SER C 560 17.61 32.04 50.17
C SER C 560 18.93 31.81 50.89
N THR C 561 19.51 30.62 50.76
CA THR C 561 20.80 30.36 51.40
C THR C 561 21.89 31.26 50.84
N LEU C 562 21.90 31.48 49.52
CA LEU C 562 22.92 32.31 48.92
C LEU C 562 22.86 33.74 49.46
N TRP C 563 21.65 34.30 49.59
CA TRP C 563 21.53 35.64 50.15
C TRP C 563 22.07 35.70 51.57
N LEU C 564 21.78 34.68 52.38
CA LEU C 564 22.31 34.63 53.74
C LEU C 564 23.83 34.54 53.74
N LEU C 565 24.39 33.71 52.86
CA LEU C 565 25.84 33.53 52.84
C LEU C 565 26.55 34.84 52.54
N VAL C 566 26.04 35.60 51.58
CA VAL C 566 26.62 36.90 51.29
C VAL C 566 26.37 37.87 52.44
N GLY C 567 25.20 37.79 53.07
CA GLY C 567 24.88 38.70 54.16
C GLY C 567 25.83 38.56 55.33
N LEU C 568 26.07 37.33 55.78
CA LEU C 568 27.03 37.11 56.85
C LEU C 568 28.46 37.23 56.35
N SER C 569 28.69 36.99 55.06
CA SER C 569 30.03 37.17 54.50
C SER C 569 30.46 38.63 54.62
N VAL C 570 29.55 39.56 54.37
CA VAL C 570 29.88 40.97 54.50
C VAL C 570 30.26 41.30 55.95
N HIS C 571 29.46 40.80 56.89
CA HIS C 571 29.71 41.08 58.31
C HIS C 571 31.04 40.48 58.76
N VAL C 572 31.29 39.22 58.40
CA VAL C 572 32.52 38.56 58.82
C VAL C 572 33.74 39.24 58.21
N VAL C 573 33.66 39.58 56.93
CA VAL C 573 34.79 40.24 56.27
C VAL C 573 35.05 41.60 56.91
N ALA C 574 33.99 42.38 57.14
CA ALA C 574 34.17 43.70 57.72
C ALA C 574 34.76 43.64 59.12
N VAL C 575 34.29 42.71 59.95
CA VAL C 575 34.79 42.61 61.31
C VAL C 575 36.27 42.23 61.31
N MET C 576 36.65 41.27 60.45
CA MET C 576 38.05 40.88 60.37
C MET C 576 38.92 42.05 59.92
N LEU C 577 38.43 42.85 58.97
CA LEU C 577 39.20 44.02 58.53
C LEU C 577 39.43 44.98 59.69
N TYR C 578 38.40 45.21 60.51
CA TYR C 578 38.56 46.08 61.67
C TYR C 578 39.61 45.52 62.63
N LEU C 579 39.57 44.23 62.89
CA LEU C 579 40.56 43.61 63.77
C LEU C 579 41.97 43.76 63.20
N LEU C 580 42.12 43.52 61.90
CA LEU C 580 43.43 43.68 61.27
C LEU C 580 43.90 45.13 61.35
N ASP C 581 43.01 46.08 61.09
CA ASP C 581 43.38 47.49 61.17
C ASP C 581 43.76 47.87 62.59
N ARG C 582 42.99 47.42 63.58
CA ARG C 582 43.30 47.73 64.97
C ARG C 582 44.53 46.99 65.47
N PHE C 583 44.92 45.90 64.80
CA PHE C 583 46.11 45.17 65.22
C PHE C 583 47.36 46.03 65.08
N SER C 584 47.45 46.84 64.02
CA SER C 584 48.60 47.69 63.80
C SER C 584 49.86 46.86 63.63
N PRO C 585 49.95 46.04 62.57
CA PRO C 585 51.12 45.18 62.33
C PRO C 585 52.38 45.98 62.07
N THR C 602 37.67 51.71 62.40
CA THR C 602 36.68 51.33 63.41
C THR C 602 35.65 50.38 62.83
N LEU C 603 34.81 49.82 63.70
CA LEU C 603 33.77 48.91 63.23
C LEU C 603 32.80 49.60 62.28
N SER C 604 32.38 50.82 62.62
CA SER C 604 31.46 51.54 61.76
C SER C 604 32.08 51.80 60.39
N SER C 605 33.34 52.23 60.35
CA SER C 605 34.01 52.46 59.07
C SER C 605 34.16 51.16 58.29
N ALA C 606 34.55 50.08 58.96
CA ALA C 606 34.74 48.81 58.28
C ALA C 606 33.43 48.30 57.69
N MET C 607 32.34 48.38 58.45
CA MET C 607 31.04 47.94 57.94
C MET C 607 30.62 48.77 56.74
N TRP C 608 30.84 50.09 56.80
CA TRP C 608 30.48 50.95 55.69
C TRP C 608 31.25 50.58 54.43
N PHE C 609 32.55 50.32 54.56
CA PHE C 609 33.38 50.02 53.41
C PHE C 609 32.96 48.71 52.76
N SER C 610 32.79 47.65 53.56
CA SER C 610 32.42 46.36 53.01
C SER C 610 31.04 46.42 52.36
N TRP C 611 30.08 47.06 53.02
CA TRP C 611 28.75 47.19 52.44
C TRP C 611 28.77 48.01 51.16
N GLY C 612 29.52 49.10 51.15
CA GLY C 612 29.56 49.94 49.97
C GLY C 612 30.14 49.23 48.75
N VAL C 613 31.21 48.47 48.96
CA VAL C 613 31.84 47.79 47.83
C VAL C 613 30.89 46.77 47.21
N LEU C 614 30.21 45.98 48.05
CA LEU C 614 29.29 44.98 47.53
C LEU C 614 28.12 45.62 46.80
N LEU C 615 27.59 46.71 47.34
CA LEU C 615 26.44 47.40 46.75
C LEU C 615 26.85 48.39 45.66
N ASN C 616 28.14 48.55 45.41
CA ASN C 616 28.62 49.45 44.36
C ASN C 616 28.21 50.90 44.65
N SER C 617 28.48 51.34 45.87
CA SER C 617 28.16 52.69 46.32
C SER C 617 29.42 53.42 46.72
N GLY C 618 29.39 54.74 46.62
CA GLY C 618 30.56 55.56 46.89
C GLY C 618 30.72 55.98 48.33
N ILE C 619 29.87 55.45 49.22
CA ILE C 619 29.95 55.80 50.64
C ILE C 619 31.20 55.27 51.31
N GLY C 620 32.01 54.49 50.60
CA GLY C 620 33.21 53.93 51.18
C GLY C 620 34.17 54.98 51.70
N GLU C 621 34.67 54.78 52.93
CA GLU C 621 35.61 55.71 53.54
C GLU C 621 36.57 54.93 54.41
N GLY C 622 37.72 55.53 54.69
CA GLY C 622 38.74 54.89 55.49
C GLY C 622 39.25 53.60 54.88
N ALA C 623 39.92 53.71 53.74
CA ALA C 623 40.43 52.53 53.06
C ALA C 623 41.47 51.83 53.95
N PRO C 624 41.56 50.50 53.87
CA PRO C 624 42.52 49.77 54.70
C PRO C 624 43.94 50.24 54.44
N ARG C 625 44.73 50.31 55.52
CA ARG C 625 46.11 50.76 55.44
C ARG C 625 47.11 49.61 55.45
N SER C 626 46.88 48.59 56.28
CA SER C 626 47.79 47.45 56.33
C SER C 626 47.76 46.68 55.02
N PHE C 627 48.93 46.12 54.66
CA PHE C 627 49.01 45.33 53.44
C PHE C 627 48.08 44.13 53.51
N SER C 628 48.02 43.44 54.66
CA SER C 628 47.09 42.33 54.81
C SER C 628 45.65 42.80 54.66
N ALA C 629 45.32 43.95 55.25
CA ALA C 629 43.98 44.51 55.08
C ALA C 629 43.73 44.88 53.63
N ARG C 630 44.71 45.48 52.97
CA ARG C 630 44.54 45.89 51.59
C ARG C 630 44.28 44.70 50.69
N ILE C 631 45.05 43.63 50.85
CA ILE C 631 44.86 42.45 50.00
C ILE C 631 43.49 41.83 50.25
N LEU C 632 43.07 41.74 51.52
CA LEU C 632 41.76 41.20 51.82
C LEU C 632 40.66 42.05 51.20
N GLY C 633 40.79 43.37 51.29
CA GLY C 633 39.80 44.25 50.69
C GLY C 633 39.69 44.08 49.20
N MET C 634 40.83 43.96 48.51
CA MET C 634 40.81 43.79 47.06
C MET C 634 40.11 42.49 46.68
N VAL C 635 40.39 41.41 47.40
CA VAL C 635 39.71 40.15 47.12
C VAL C 635 38.22 40.26 47.43
N TRP C 636 37.88 41.02 48.47
CA TRP C 636 36.46 41.24 48.78
C TRP C 636 35.77 41.96 47.62
N ALA C 637 36.41 42.98 47.07
CA ALA C 637 35.84 43.67 45.91
C ALA C 637 35.73 42.73 44.73
N GLY C 638 36.76 41.92 44.48
CA GLY C 638 36.69 40.96 43.40
C GLY C 638 35.54 39.98 43.56
N PHE C 639 35.30 39.53 44.79
CA PHE C 639 34.15 38.66 45.05
C PHE C 639 32.85 39.41 44.78
N ALA C 640 32.80 40.71 45.07
CA ALA C 640 31.61 41.49 44.79
C ALA C 640 31.31 41.53 43.29
N MET C 641 32.35 41.71 42.47
CA MET C 641 32.14 41.71 41.03
C MET C 641 31.65 40.37 40.53
N ILE C 642 32.20 39.28 41.06
CA ILE C 642 31.79 37.95 40.63
C ILE C 642 30.32 37.70 40.96
N ILE C 643 29.90 38.09 42.16
CA ILE C 643 28.52 37.83 42.58
C ILE C 643 27.54 38.61 41.69
N VAL C 644 27.80 39.89 41.49
CA VAL C 644 26.90 40.72 40.68
C VAL C 644 26.89 40.23 39.24
N ALA C 645 28.06 39.93 38.69
CA ALA C 645 28.14 39.45 37.31
C ALA C 645 27.40 38.13 37.15
N SER C 646 27.55 37.23 38.14
CA SER C 646 26.83 35.97 38.09
C SER C 646 25.32 36.19 38.12
N TYR C 647 24.86 37.12 38.95
CA TYR C 647 23.42 37.40 39.04
C TYR C 647 22.88 37.87 37.70
N THR C 648 23.56 38.84 37.08
CA THR C 648 23.09 39.36 35.79
C THR C 648 23.11 38.28 34.72
N ALA C 649 24.15 37.46 34.69
CA ALA C 649 24.22 36.38 33.71
C ALA C 649 23.08 35.38 33.92
N ASN C 650 22.81 35.03 35.18
CA ASN C 650 21.70 34.13 35.46
C ASN C 650 20.37 34.72 35.04
N LEU C 651 20.16 36.01 35.33
CA LEU C 651 18.92 36.66 34.93
C LEU C 651 18.77 36.68 33.42
N ALA C 652 19.87 36.96 32.70
CA ALA C 652 19.80 36.97 31.24
C ALA C 652 19.45 35.60 30.70
N ALA C 653 20.02 34.54 31.27
CA ALA C 653 19.68 33.19 30.85
C ALA C 653 18.21 32.88 31.12
N PHE C 654 17.71 33.29 32.28
CA PHE C 654 16.31 33.07 32.61
C PHE C 654 15.40 33.83 31.63
N LEU C 655 15.70 35.11 31.40
CA LEU C 655 14.86 35.92 30.52
C LEU C 655 14.90 35.39 29.09
N VAL C 656 16.08 35.02 28.60
CA VAL C 656 16.20 34.52 27.23
C VAL C 656 15.44 33.21 27.06
N LEU C 657 15.57 32.30 28.04
CA LEU C 657 14.92 31.00 27.96
C LEU C 657 13.47 31.03 28.42
N ASP C 658 12.98 32.15 28.93
CA ASP C 658 11.62 32.26 29.44
C ASP C 658 10.72 32.78 28.31
N ARG C 659 10.12 31.86 27.56
CA ARG C 659 9.21 32.21 26.49
C ARG C 659 7.96 31.35 26.59
N PRO C 660 6.84 31.82 26.04
CA PRO C 660 5.60 31.05 26.11
C PRO C 660 5.70 29.75 25.33
N GLU C 661 4.80 28.83 25.64
CA GLU C 661 4.80 27.52 24.99
C GLU C 661 4.68 27.66 23.47
N GLU C 662 5.43 26.84 22.75
CA GLU C 662 5.41 26.89 21.30
C GLU C 662 4.02 26.51 20.76
N ARG C 663 3.67 27.10 19.63
CA ARG C 663 2.37 26.83 19.02
C ARG C 663 2.37 25.46 18.35
N ILE C 664 1.21 25.07 17.83
CA ILE C 664 1.03 23.72 17.30
C ILE C 664 1.98 23.46 16.15
N THR C 665 2.02 24.38 15.18
CA THR C 665 2.92 24.27 14.02
C THR C 665 2.66 22.98 13.24
N GLY C 666 1.46 22.89 12.68
CA GLY C 666 1.11 21.84 11.74
C GLY C 666 0.48 20.63 12.41
N ILE C 667 0.04 19.70 11.56
CA ILE C 667 -0.60 18.48 12.03
C ILE C 667 0.41 17.44 12.49
N ASN C 668 1.71 17.69 12.30
CA ASN C 668 2.74 16.75 12.73
C ASN C 668 3.20 16.99 14.16
N ASP C 669 2.62 17.96 14.85
CA ASP C 669 3.05 18.26 16.21
C ASP C 669 2.77 17.08 17.13
N PRO C 670 3.66 16.78 18.08
CA PRO C 670 3.40 15.67 19.00
C PRO C 670 2.12 15.86 19.80
N ARG C 671 1.73 17.10 20.11
CA ARG C 671 0.51 17.32 20.88
C ARG C 671 -0.70 16.78 20.16
N LEU C 672 -0.80 17.03 18.84
CA LEU C 672 -1.94 16.52 18.08
C LEU C 672 -1.81 15.01 17.84
N ARG C 673 -0.61 14.55 17.51
CA ARG C 673 -0.42 13.13 17.25
C ARG C 673 -0.67 12.27 18.48
N ASN C 674 -0.65 12.85 19.67
CA ASN C 674 -0.92 12.15 20.93
C ASN C 674 -2.03 12.92 21.65
N PRO C 675 -3.28 12.71 21.25
CA PRO C 675 -4.38 13.49 21.83
C PRO C 675 -4.44 13.32 23.34
N SER C 676 -4.77 14.41 24.03
CA SER C 676 -4.90 14.42 25.48
C SER C 676 -6.15 15.21 25.85
N ASP C 677 -6.69 14.90 27.04
CA ASP C 677 -7.88 15.59 27.51
C ASP C 677 -7.66 17.08 27.71
N LYS C 678 -6.41 17.51 27.89
CA LYS C 678 -6.10 18.93 28.08
C LYS C 678 -6.11 19.70 26.78
N PHE C 679 -6.09 19.03 25.64
CA PHE C 679 -6.14 19.68 24.32
C PHE C 679 -7.44 19.30 23.64
N ILE C 680 -8.19 20.30 23.20
CA ILE C 680 -9.50 20.10 22.60
C ILE C 680 -9.46 20.76 21.22
N TYR C 681 -9.17 19.97 20.19
CA TYR C 681 -9.18 20.43 18.81
C TYR C 681 -10.27 19.67 18.05
N ALA C 682 -11.08 20.42 17.30
CA ALA C 682 -12.20 19.83 16.58
C ALA C 682 -12.36 20.53 15.24
N THR C 683 -13.41 20.18 14.51
CA THR C 683 -13.69 20.76 13.21
C THR C 683 -15.21 20.94 13.12
N VAL C 684 -15.70 21.16 11.89
CA VAL C 684 -17.13 21.34 11.64
C VAL C 684 -17.72 20.00 11.26
N LYS C 685 -18.88 19.67 11.84
CA LYS C 685 -19.52 18.39 11.58
C LYS C 685 -19.97 18.28 10.13
N GLN C 686 -19.77 17.11 9.53
CA GLN C 686 -20.22 16.81 8.19
C GLN C 686 -19.63 17.80 7.18
N SER C 687 -18.29 17.77 7.06
CA SER C 687 -17.57 18.59 6.12
C SER C 687 -16.50 17.74 5.46
N SER C 688 -15.68 18.37 4.61
CA SER C 688 -14.59 17.65 3.97
C SER C 688 -13.50 17.26 4.97
N VAL C 689 -13.39 17.98 6.08
CA VAL C 689 -12.41 17.60 7.10
C VAL C 689 -12.72 16.22 7.67
N ASP C 690 -14.01 15.96 7.94
CA ASP C 690 -14.40 14.64 8.43
C ASP C 690 -14.06 13.55 7.43
N ILE C 691 -14.35 13.79 6.14
CA ILE C 691 -14.08 12.79 5.12
C ILE C 691 -12.58 12.56 4.97
N TYR C 692 -11.79 13.62 5.05
CA TYR C 692 -10.35 13.49 4.87
C TYR C 692 -9.73 12.61 5.95
N PHE C 693 -10.15 12.78 7.21
CA PHE C 693 -9.56 12.02 8.30
C PHE C 693 -10.04 10.57 8.32
N ARG C 694 -11.30 10.32 7.98
CA ARG C 694 -11.81 8.95 7.97
C ARG C 694 -11.09 8.11 6.95
N ARG C 695 -10.83 8.66 5.75
CA ARG C 695 -10.19 7.89 4.69
C ARG C 695 -8.80 7.43 5.09
N GLN C 696 -8.02 8.29 5.74
CA GLN C 696 -6.67 7.95 6.16
C GLN C 696 -6.70 6.97 7.32
N VAL C 697 -5.66 6.13 7.40
CA VAL C 697 -5.52 5.18 8.49
C VAL C 697 -4.47 5.60 9.50
N GLU C 698 -3.42 6.32 9.07
CA GLU C 698 -2.44 6.81 10.03
C GLU C 698 -3.06 7.78 11.03
N LEU C 699 -3.96 8.64 10.55
CA LEU C 699 -4.67 9.59 11.41
C LEU C 699 -5.88 8.89 12.03
N SER C 700 -5.58 7.84 12.81
CA SER C 700 -6.62 7.08 13.47
C SER C 700 -6.96 7.66 14.84
N THR C 701 -5.94 8.01 15.64
CA THR C 701 -6.20 8.59 16.95
C THR C 701 -6.89 9.95 16.85
N MET C 702 -6.51 10.78 15.88
CA MET C 702 -7.08 12.12 15.79
C MET C 702 -8.58 12.08 15.59
N TYR C 703 -9.06 11.22 14.68
CA TYR C 703 -10.47 11.25 14.33
C TYR C 703 -11.35 10.96 15.54
N ARG C 704 -10.94 9.99 16.37
CA ARG C 704 -11.71 9.69 17.57
C ARG C 704 -11.77 10.88 18.51
N HIS C 705 -10.67 11.66 18.57
CA HIS C 705 -10.66 12.84 19.43
C HIS C 705 -11.56 13.94 18.88
N MET C 706 -11.45 14.23 17.58
CA MET C 706 -12.26 15.28 16.99
C MET C 706 -13.73 14.90 16.94
N GLU C 707 -14.03 13.60 16.78
CA GLU C 707 -15.42 13.17 16.75
C GLU C 707 -16.13 13.50 18.06
N LYS C 708 -15.39 13.58 19.16
CA LYS C 708 -16.00 13.88 20.46
C LYS C 708 -16.45 15.33 20.53
N HIS C 709 -15.59 16.27 20.12
CA HIS C 709 -15.87 17.69 20.26
C HIS C 709 -16.17 18.38 18.93
N ASN C 710 -16.52 17.62 17.90
CA ASN C 710 -16.85 18.22 16.62
C ASN C 710 -18.00 19.21 16.77
N TYR C 711 -17.83 20.40 16.21
CA TYR C 711 -18.79 21.48 16.42
C TYR C 711 -19.89 21.41 15.37
N GLU C 712 -20.73 22.45 15.33
CA GLU C 712 -21.89 22.47 14.45
C GLU C 712 -21.77 23.43 13.28
N SER C 713 -20.87 24.41 13.34
CA SER C 713 -20.72 25.37 12.27
C SER C 713 -19.33 25.98 12.33
N ALA C 714 -18.89 26.54 11.20
CA ALA C 714 -17.60 27.20 11.13
C ALA C 714 -17.56 28.49 11.95
N ALA C 715 -18.72 29.02 12.35
CA ALA C 715 -18.76 30.22 13.18
C ALA C 715 -18.77 29.91 14.66
N GLU C 716 -19.44 28.83 15.07
CA GLU C 716 -19.43 28.45 16.48
C GLU C 716 -18.03 28.06 16.93
N ALA C 717 -17.30 27.30 16.10
CA ALA C 717 -15.97 26.86 16.49
C ALA C 717 -15.02 28.03 16.70
N ILE C 718 -15.05 29.01 15.80
CA ILE C 718 -14.18 30.18 15.95
C ILE C 718 -14.50 30.91 17.24
N GLN C 719 -15.79 31.03 17.56
CA GLN C 719 -16.18 31.66 18.82
C GLN C 719 -15.65 30.88 20.02
N ALA C 720 -15.70 29.55 19.94
CA ALA C 720 -15.18 28.73 21.03
C ALA C 720 -13.68 28.96 21.22
N VAL C 721 -12.93 29.08 20.14
CA VAL C 721 -11.50 29.35 20.24
C VAL C 721 -11.26 30.69 20.93
N ARG C 722 -12.04 31.71 20.57
CA ARG C 722 -11.89 33.01 21.19
C ARG C 722 -12.22 32.95 22.68
N ASP C 723 -13.25 32.20 23.05
CA ASP C 723 -13.68 32.07 24.44
C ASP C 723 -12.80 31.13 25.24
N ASN C 724 -11.83 30.47 24.60
CA ASN C 724 -10.90 29.54 25.23
C ASN C 724 -11.53 28.17 25.48
N LYS C 725 -12.79 27.96 25.11
CA LYS C 725 -13.38 26.63 25.24
C LYS C 725 -12.68 25.63 24.33
N LEU C 726 -12.29 26.06 23.13
CA LEU C 726 -11.53 25.24 22.20
C LEU C 726 -10.05 25.61 22.27
N HIS C 727 -9.24 24.82 21.58
CA HIS C 727 -7.80 25.05 21.56
C HIS C 727 -7.18 25.02 20.17
N ALA C 728 -7.81 24.37 19.19
CA ALA C 728 -7.25 24.31 17.85
C ALA C 728 -8.37 23.95 16.88
N PHE C 729 -8.58 24.80 15.89
CA PHE C 729 -9.62 24.59 14.88
C PHE C 729 -8.95 24.24 13.56
N ILE C 730 -9.41 23.16 12.94
CA ILE C 730 -8.87 22.69 11.66
C ILE C 730 -9.93 22.92 10.60
N TRP C 731 -9.70 23.90 9.74
CA TRP C 731 -10.67 24.30 8.74
C TRP C 731 -9.93 24.75 7.48
N ASP C 732 -10.70 25.14 6.47
CA ASP C 732 -10.10 25.61 5.22
C ASP C 732 -9.25 26.84 5.47
N SER C 733 -8.03 26.84 4.91
CA SER C 733 -7.14 27.98 5.10
C SER C 733 -7.72 29.26 4.53
N ALA C 734 -8.50 29.17 3.45
CA ALA C 734 -9.07 30.37 2.85
C ALA C 734 -10.02 31.08 3.79
N VAL C 735 -10.59 30.38 4.77
CA VAL C 735 -11.51 30.99 5.72
C VAL C 735 -10.80 31.37 7.01
N LEU C 736 -9.95 30.48 7.53
CA LEU C 736 -9.23 30.78 8.76
C LEU C 736 -8.31 31.99 8.59
N GLU C 737 -7.61 32.07 7.46
CA GLU C 737 -6.72 33.20 7.24
C GLU C 737 -7.47 34.52 7.21
N PHE C 738 -8.75 34.49 6.82
CA PHE C 738 -9.56 35.71 6.89
C PHE C 738 -9.92 36.05 8.33
N GLU C 739 -10.33 35.05 9.11
CA GLU C 739 -10.71 35.32 10.50
C GLU C 739 -9.54 35.85 11.30
N ALA C 740 -8.35 35.26 11.10
CA ALA C 740 -7.16 35.76 11.79
C ALA C 740 -6.86 37.20 11.41
N SER C 741 -7.00 37.55 10.13
CA SER C 741 -6.75 38.92 9.70
C SER C 741 -7.79 39.88 10.26
N GLN C 742 -9.07 39.52 10.16
CA GLN C 742 -10.12 40.41 10.64
C GLN C 742 -10.15 40.48 12.16
N LYS C 743 -10.03 39.33 12.83
CA LYS C 743 -10.00 39.27 14.28
C LYS C 743 -8.56 39.25 14.75
N CYS C 744 -8.15 40.28 15.48
CA CYS C 744 -6.77 40.42 15.93
C CYS C 744 -6.44 39.55 17.13
N ASP C 745 -7.28 38.57 17.46
CA ASP C 745 -7.07 37.72 18.62
C ASP C 745 -6.59 36.32 18.27
N LEU C 746 -6.74 35.89 17.02
CA LEU C 746 -6.39 34.54 16.61
C LEU C 746 -5.28 34.58 15.56
N VAL C 747 -4.45 33.54 15.57
CA VAL C 747 -3.36 33.38 14.62
C VAL C 747 -3.39 31.96 14.08
N THR C 748 -3.34 31.82 12.76
CA THR C 748 -3.34 30.51 12.13
C THR C 748 -1.93 29.96 12.06
N THR C 749 -1.75 28.73 12.53
CA THR C 749 -0.45 28.08 12.56
C THR C 749 -0.46 26.84 11.67
N GLY C 750 0.72 26.27 11.48
CA GLY C 750 0.86 25.06 10.70
C GLY C 750 0.90 25.33 9.21
N GLU C 751 1.07 24.24 8.45
CA GLU C 751 1.14 24.29 7.01
C GLU C 751 -0.02 23.50 6.42
N LEU C 752 -0.53 23.98 5.28
CA LEU C 752 -1.62 23.29 4.60
C LEU C 752 -1.22 21.86 4.28
N PHE C 753 -2.12 20.92 4.58
CA PHE C 753 -1.83 19.50 4.43
C PHE C 753 -2.86 18.77 3.59
N PHE C 754 -3.89 19.44 3.09
CA PHE C 754 -4.88 18.84 2.19
C PHE C 754 -5.14 19.80 1.04
N ARG C 755 -4.07 20.29 0.41
CA ARG C 755 -4.18 21.31 -0.62
C ARG C 755 -5.18 20.88 -1.69
N SER C 756 -6.28 21.62 -1.78
CA SER C 756 -7.33 21.36 -2.77
C SER C 756 -7.89 22.72 -3.19
N GLY C 757 -9.04 22.69 -3.86
CA GLY C 757 -9.69 23.91 -4.29
C GLY C 757 -11.18 23.86 -4.04
N PHE C 758 -11.82 25.00 -4.27
CA PHE C 758 -13.27 25.10 -4.17
C PHE C 758 -13.88 24.68 -5.52
N GLY C 759 -15.17 24.94 -5.69
CA GLY C 759 -15.81 24.59 -6.95
C GLY C 759 -17.29 24.83 -6.99
N ILE C 760 -17.80 25.22 -8.16
CA ILE C 760 -19.24 25.41 -8.36
C ILE C 760 -19.77 24.07 -8.87
N GLY C 761 -20.07 23.18 -7.93
CA GLY C 761 -20.52 21.85 -8.30
C GLY C 761 -21.85 21.89 -9.03
N MET C 762 -22.03 20.92 -9.94
CA MET C 762 -23.25 20.80 -10.71
C MET C 762 -23.55 19.33 -10.93
N ARG C 763 -24.80 19.05 -11.28
CA ARG C 763 -25.21 17.68 -11.53
C ARG C 763 -24.46 17.11 -12.73
N LYS C 764 -24.33 15.78 -12.76
CA LYS C 764 -23.50 15.13 -13.75
C LYS C 764 -23.93 15.45 -15.19
N ASP C 765 -25.22 15.57 -15.44
CA ASP C 765 -25.74 15.82 -16.78
C ASP C 765 -25.91 17.30 -17.09
N SER C 766 -25.52 18.18 -16.18
CA SER C 766 -25.73 19.61 -16.39
C SER C 766 -24.92 20.08 -17.59
N PRO C 767 -25.53 20.78 -18.54
CA PRO C 767 -24.78 21.30 -19.70
C PRO C 767 -24.00 22.57 -19.42
N TRP C 768 -24.05 23.09 -18.20
CA TRP C 768 -23.33 24.32 -17.86
C TRP C 768 -21.87 24.09 -17.52
N LYS C 769 -21.42 22.84 -17.41
CA LYS C 769 -20.08 22.58 -16.89
C LYS C 769 -19.01 23.21 -17.77
N GLN C 770 -19.12 23.04 -19.09
CA GLN C 770 -18.10 23.60 -19.97
C GLN C 770 -18.11 25.12 -19.96
N ASN C 771 -19.30 25.73 -20.00
CA ASN C 771 -19.38 27.19 -20.00
C ASN C 771 -18.86 27.78 -18.70
N VAL C 772 -19.23 27.18 -17.57
CA VAL C 772 -18.82 27.72 -16.27
C VAL C 772 -17.32 27.55 -16.07
N SER C 773 -16.78 26.38 -16.43
CA SER C 773 -15.35 26.15 -16.24
C SER C 773 -14.52 27.15 -17.03
N LEU C 774 -14.90 27.42 -18.28
CA LEU C 774 -14.20 28.41 -19.07
C LEU C 774 -14.33 29.81 -18.45
N SER C 775 -15.53 30.14 -17.95
CA SER C 775 -15.73 31.46 -17.38
C SER C 775 -14.89 31.68 -16.13
N ILE C 776 -14.69 30.62 -15.34
CA ILE C 776 -13.83 30.74 -14.16
C ILE C 776 -12.38 30.98 -14.59
N LEU C 777 -11.89 30.20 -15.54
CA LEU C 777 -10.51 30.33 -15.97
C LEU C 777 -10.25 31.67 -16.63
N LYS C 778 -11.18 32.12 -17.48
CA LYS C 778 -10.95 33.34 -18.25
C LYS C 778 -11.12 34.59 -17.38
N SER C 779 -12.33 34.80 -16.86
CA SER C 779 -12.64 36.04 -16.16
C SER C 779 -12.03 36.05 -14.76
N HIS C 780 -12.33 35.03 -13.96
CA HIS C 780 -11.96 35.06 -12.55
C HIS C 780 -10.45 35.14 -12.37
N GLU C 781 -9.71 34.29 -13.07
CA GLU C 781 -8.29 34.07 -12.77
C GLU C 781 -7.36 34.69 -13.81
N ASN C 782 -7.78 35.79 -14.44
CA ASN C 782 -6.87 36.59 -15.25
C ASN C 782 -6.87 38.06 -14.87
N GLY C 783 -8.04 38.63 -14.59
CA GLY C 783 -8.12 40.00 -14.11
C GLY C 783 -9.05 40.18 -12.94
N PHE C 784 -9.81 39.14 -12.61
CA PHE C 784 -10.89 39.24 -11.63
C PHE C 784 -10.53 38.70 -10.26
N MET C 785 -9.76 37.61 -10.18
CA MET C 785 -9.50 37.00 -8.88
C MET C 785 -8.85 37.98 -7.92
N GLU C 786 -7.87 38.75 -8.41
CA GLU C 786 -7.25 39.76 -7.54
C GLU C 786 -8.26 40.81 -7.10
N ASP C 787 -9.13 41.24 -8.01
CA ASP C 787 -10.13 42.24 -7.65
C ASP C 787 -11.05 41.74 -6.55
N LEU C 788 -11.58 40.52 -6.71
CA LEU C 788 -12.48 39.98 -5.71
C LEU C 788 -11.75 39.61 -4.43
N ASP C 789 -10.62 38.90 -4.55
CA ASP C 789 -9.91 38.44 -3.36
C ASP C 789 -9.39 39.61 -2.52
N LYS C 790 -8.85 40.64 -3.17
CA LYS C 790 -8.31 41.78 -2.45
C LYS C 790 -9.40 42.67 -1.86
N THR C 791 -10.67 42.43 -2.21
CA THR C 791 -11.78 43.23 -1.71
C THR C 791 -12.55 42.54 -0.59
N TRP C 792 -12.66 41.21 -0.63
CA TRP C 792 -13.45 40.48 0.35
C TRP C 792 -12.63 39.62 1.30
N VAL C 793 -11.35 39.39 1.02
CA VAL C 793 -10.50 38.52 1.82
C VAL C 793 -9.27 39.26 2.33
N ARG C 794 -8.58 39.99 1.46
CA ARG C 794 -7.32 40.63 1.84
C ARG C 794 -7.48 42.06 2.29
N TYR C 795 -8.54 42.75 1.86
CA TYR C 795 -8.71 44.16 2.22
C TYR C 795 -8.85 44.34 3.73
N GLN C 796 -9.64 43.48 4.38
CA GLN C 796 -9.91 43.60 5.81
C GLN C 796 -8.67 43.20 6.59
N GLU C 797 -8.00 44.17 7.19
CA GLU C 797 -6.80 43.94 7.98
C GLU C 797 -6.91 44.68 9.31
N CYS C 798 -6.27 44.13 10.33
CA CYS C 798 -6.28 44.74 11.65
C CYS C 798 -5.60 46.11 11.64
N ALA C 804 7.73 39.13 19.96
CA ALA C 804 8.32 40.14 20.84
C ALA C 804 8.44 39.62 22.26
N PRO C 805 9.67 39.58 22.78
CA PRO C 805 9.88 39.09 24.15
C PRO C 805 9.17 39.97 25.17
N ALA C 806 8.74 39.35 26.25
CA ALA C 806 7.99 40.06 27.28
C ALA C 806 8.86 41.12 27.95
N THR C 807 8.20 42.16 28.44
CA THR C 807 8.87 43.28 29.10
C THR C 807 8.46 43.32 30.57
N LEU C 808 9.46 43.34 31.45
CA LEU C 808 9.19 43.45 32.88
C LEU C 808 8.34 44.68 33.16
N THR C 809 7.16 44.47 33.73
CA THR C 809 6.23 45.56 33.99
C THR C 809 6.04 45.84 35.47
N PHE C 810 5.53 44.88 36.24
CA PHE C 810 5.40 45.08 37.68
C PHE C 810 5.71 43.83 38.48
N GLU C 811 6.51 42.93 37.91
CA GLU C 811 7.01 41.79 38.68
C GLU C 811 8.37 42.08 39.31
N ASN C 812 9.25 42.78 38.58
CA ASN C 812 10.55 43.13 39.14
C ASN C 812 10.45 44.29 40.14
N MET C 813 9.71 45.34 39.80
CA MET C 813 9.57 46.46 40.73
C MET C 813 8.90 46.03 42.03
N ALA C 814 7.91 45.14 41.96
CA ALA C 814 7.14 44.79 43.15
C ALA C 814 8.05 44.36 44.30
N GLY C 815 8.98 43.44 44.03
CA GLY C 815 9.95 43.10 45.05
C GLY C 815 10.90 44.25 45.37
N VAL C 816 11.43 44.90 44.32
CA VAL C 816 12.40 45.97 44.54
C VAL C 816 11.76 47.16 45.23
N PHE C 817 10.57 47.57 44.77
CA PHE C 817 9.91 48.72 45.38
C PHE C 817 9.57 48.46 46.83
N MET C 818 9.09 47.25 47.14
CA MET C 818 8.82 46.91 48.52
C MET C 818 10.08 47.00 49.37
N LEU C 819 11.23 46.69 48.78
CA LEU C 819 12.49 46.83 49.50
C LEU C 819 12.78 48.29 49.83
N VAL C 820 12.61 49.19 48.87
CA VAL C 820 12.87 50.60 49.11
C VAL C 820 11.93 51.15 50.16
N ALA C 821 10.64 50.83 50.05
CA ALA C 821 9.68 51.27 51.06
C ALA C 821 10.00 50.67 52.42
N GLY C 822 10.35 49.38 52.44
CA GLY C 822 10.71 48.75 53.70
C GLY C 822 11.91 49.40 54.36
N GLY C 823 12.91 49.80 53.57
CA GLY C 823 14.04 50.51 54.14
C GLY C 823 13.66 51.87 54.68
N ILE C 824 12.75 52.57 54.02
CA ILE C 824 12.37 53.91 54.45
C ILE C 824 11.72 53.87 55.83
N VAL C 825 10.84 52.89 56.08
CA VAL C 825 10.25 52.76 57.40
C VAL C 825 11.32 52.42 58.43
N ALA C 826 12.23 51.51 58.10
CA ALA C 826 13.35 51.20 58.99
C ALA C 826 14.22 52.43 59.23
N GLY C 827 14.48 53.20 58.17
CA GLY C 827 15.26 54.41 58.33
C GLY C 827 14.61 55.40 59.28
N ILE C 828 13.28 55.55 59.18
CA ILE C 828 12.58 56.43 60.11
C ILE C 828 12.71 55.93 61.54
N PHE C 829 12.69 54.61 61.74
CA PHE C 829 12.92 54.06 63.07
C PHE C 829 14.36 54.26 63.52
N LEU C 830 15.32 54.08 62.60
CA LEU C 830 16.73 54.24 62.96
C LEU C 830 17.03 55.68 63.39
N ILE C 831 16.49 56.67 62.67
CA ILE C 831 16.75 58.06 63.02
C ILE C 831 16.18 58.37 64.39
N PHE C 832 14.97 57.90 64.68
CA PHE C 832 14.40 58.11 66.01
C PHE C 832 15.26 57.44 67.08
N ILE C 833 15.73 56.22 66.82
CA ILE C 833 16.65 55.58 67.75
C ILE C 833 17.96 56.35 67.84
N GLU C 834 18.49 56.79 66.69
CA GLU C 834 19.75 57.53 66.70
C GLU C 834 19.61 58.85 67.45
N ILE C 835 18.51 59.58 67.22
CA ILE C 835 18.31 60.83 67.93
C ILE C 835 18.12 60.58 69.42
N ALA C 836 17.42 59.51 69.80
CA ALA C 836 17.26 59.19 71.21
C ALA C 836 18.60 58.89 71.86
N TYR C 837 19.47 58.13 71.18
CA TYR C 837 20.80 57.87 71.72
C TYR C 837 21.60 59.16 71.86
N LYS C 838 21.52 60.04 70.86
CA LYS C 838 22.21 61.32 70.93
C LYS C 838 21.62 62.24 72.00
N ARG C 839 20.36 62.02 72.39
CA ARG C 839 19.75 62.87 73.40
C ARG C 839 20.48 62.75 74.73
N HIS C 840 20.85 61.53 75.12
CA HIS C 840 21.57 61.30 76.37
C HIS C 840 23.07 61.49 76.19
N PRO D 60 -54.30 -39.06 -1.32
CA PRO D 60 -54.71 -38.61 0.01
C PRO D 60 -55.95 -37.72 -0.03
N ALA D 61 -56.51 -37.52 -1.22
CA ALA D 61 -57.70 -36.68 -1.33
C ALA D 61 -58.86 -37.27 -0.54
N TYR D 62 -59.07 -38.58 -0.64
CA TYR D 62 -60.13 -39.22 0.14
C TYR D 62 -59.86 -39.10 1.63
N ALA D 63 -58.61 -39.32 2.05
CA ALA D 63 -58.27 -39.19 3.46
C ALA D 63 -58.49 -37.77 3.95
N ALA D 64 -58.10 -36.78 3.16
CA ALA D 64 -58.34 -35.39 3.54
C ALA D 64 -59.84 -35.10 3.64
N GLU D 65 -60.63 -35.63 2.70
CA GLU D 65 -62.07 -35.43 2.75
C GLU D 65 -62.67 -36.01 4.04
N ALA D 66 -62.26 -37.22 4.41
CA ALA D 66 -62.76 -37.81 5.64
C ALA D 66 -62.32 -37.03 6.86
N ALA D 67 -61.05 -36.59 6.89
CA ALA D 67 -60.55 -35.82 8.01
C ALA D 67 -61.22 -34.46 8.15
N ARG D 68 -61.79 -33.93 7.06
CA ARG D 68 -62.46 -32.64 7.12
C ARG D 68 -63.94 -32.77 7.46
N LEU D 69 -64.61 -33.79 6.92
CA LEU D 69 -66.04 -33.94 7.17
C LEU D 69 -66.33 -34.26 8.63
N GLY D 70 -65.64 -35.25 9.18
CA GLY D 70 -65.86 -35.66 10.55
C GLY D 70 -65.32 -34.69 11.56
N PRO D 71 -64.00 -34.57 11.64
CA PRO D 71 -63.37 -33.72 12.67
C PRO D 71 -63.63 -32.24 12.46
N ALA D 72 -63.38 -31.74 11.25
CA ALA D 72 -63.47 -30.31 11.01
C ALA D 72 -64.90 -29.79 11.18
N VAL D 73 -65.90 -30.60 10.85
CA VAL D 73 -67.28 -30.14 10.97
C VAL D 73 -67.61 -29.79 12.41
N ALA D 74 -67.21 -30.65 13.35
CA ALA D 74 -67.49 -30.38 14.76
C ALA D 74 -66.71 -29.19 15.28
N ALA D 75 -65.64 -28.79 14.60
CA ALA D 75 -64.83 -27.67 15.07
C ALA D 75 -65.60 -26.36 14.93
N ALA D 76 -65.64 -25.58 16.01
CA ALA D 76 -66.31 -24.28 16.03
C ALA D 76 -65.37 -23.29 16.72
N VAL D 77 -64.53 -22.64 15.93
CA VAL D 77 -63.58 -21.67 16.48
C VAL D 77 -64.32 -20.50 17.11
N ARG D 78 -65.33 -19.98 16.41
CA ARG D 78 -66.11 -18.85 16.90
C ARG D 78 -67.56 -18.96 16.47
N GLY D 81 -71.28 -11.73 13.03
CA GLY D 81 -70.66 -13.03 12.90
C GLY D 81 -71.31 -13.91 11.85
N LEU D 82 -70.57 -14.91 11.37
CA LEU D 82 -71.10 -15.80 10.35
C LEU D 82 -72.25 -16.63 10.90
N ASP D 83 -73.30 -16.80 10.10
CA ASP D 83 -74.45 -17.58 10.54
C ASP D 83 -74.07 -19.03 10.78
N VAL D 84 -73.30 -19.62 9.86
CA VAL D 84 -72.87 -21.01 9.97
C VAL D 84 -71.39 -21.06 9.62
N ARG D 85 -70.54 -21.27 10.63
CA ARG D 85 -69.09 -21.29 10.46
C ARG D 85 -68.60 -22.59 9.86
N PRO D 86 -68.94 -23.75 10.46
CA PRO D 86 -68.31 -25.00 10.03
C PRO D 86 -68.94 -25.62 8.80
N VAL D 87 -69.72 -24.84 8.06
CA VAL D 87 -70.35 -25.33 6.84
C VAL D 87 -69.28 -25.38 5.74
N ALA D 88 -69.00 -26.58 5.25
CA ALA D 88 -68.01 -26.78 4.20
C ALA D 88 -68.10 -28.23 3.73
N LEU D 89 -67.35 -28.53 2.67
CA LEU D 89 -67.36 -29.86 2.08
C LEU D 89 -66.00 -30.11 1.45
N VAL D 90 -65.50 -31.34 1.54
CA VAL D 90 -64.19 -31.66 0.99
C VAL D 90 -64.19 -31.46 -0.53
N LEU D 91 -65.22 -32.03 -1.16
CA LEU D 91 -65.36 -31.95 -2.61
C LEU D 91 -64.23 -32.69 -3.34
N ASN D 92 -64.05 -33.96 -3.01
CA ASN D 92 -63.02 -34.75 -3.68
C ASN D 92 -61.87 -33.88 -4.11
N SER D 94 -59.07 -32.65 -7.82
CA SER D 94 -58.02 -33.00 -8.77
C SER D 94 -58.56 -33.03 -10.19
N ASP D 95 -59.87 -33.26 -10.31
CA ASP D 95 -60.53 -33.18 -11.60
C ASP D 95 -61.13 -31.79 -11.82
N PRO D 96 -60.38 -30.93 -12.52
CA PRO D 96 -60.77 -29.54 -12.66
C PRO D 96 -62.23 -29.48 -13.00
N ARG D 97 -62.57 -29.96 -14.18
CA ARG D 97 -63.92 -29.75 -14.67
C ARG D 97 -64.96 -30.03 -13.59
N SER D 98 -64.78 -31.13 -12.85
CA SER D 98 -65.73 -31.47 -11.79
C SER D 98 -65.57 -30.53 -10.60
N LEU D 99 -64.33 -30.21 -10.22
CA LEU D 99 -64.11 -29.36 -9.07
C LEU D 99 -64.74 -27.98 -9.26
N VAL D 100 -64.55 -27.40 -10.45
CA VAL D 100 -65.16 -26.10 -10.74
C VAL D 100 -66.68 -26.21 -10.74
N LEU D 101 -67.23 -27.27 -11.34
CA LEU D 101 -68.68 -27.43 -11.38
C LEU D 101 -69.25 -27.55 -9.97
N GLN D 102 -68.61 -28.34 -9.12
CA GLN D 102 -69.06 -28.47 -7.75
C GLN D 102 -68.94 -27.15 -6.99
N LEU D 103 -67.85 -26.42 -7.23
CA LEU D 103 -67.67 -25.13 -6.56
C LEU D 103 -68.79 -24.16 -6.95
N CYS D 104 -69.15 -24.12 -8.23
CA CYS D 104 -70.25 -23.26 -8.65
C CYS D 104 -71.56 -23.67 -8.01
N ASP D 105 -71.81 -24.97 -7.92
CA ASP D 105 -73.05 -25.45 -7.31
C ASP D 105 -73.15 -25.02 -5.85
N LEU D 106 -72.07 -25.21 -5.09
CA LEU D 106 -72.08 -24.80 -3.69
C LEU D 106 -72.20 -23.28 -3.55
N LEU D 107 -71.50 -22.53 -4.39
CA LEU D 107 -71.58 -21.07 -4.31
C LEU D 107 -72.99 -20.57 -4.57
N SER D 108 -73.66 -21.13 -5.59
CA SER D 108 -75.02 -20.72 -5.89
C SER D 108 -75.97 -21.07 -4.75
N GLY D 109 -75.88 -22.30 -4.23
CA GLY D 109 -76.75 -22.73 -3.17
C GLY D 109 -76.34 -22.25 -1.80
N LEU D 110 -75.15 -22.66 -1.34
CA LEU D 110 -74.69 -22.27 -0.01
C LEU D 110 -74.52 -20.76 0.11
N ARG D 111 -73.94 -20.13 -0.91
CA ARG D 111 -73.69 -18.68 -0.88
C ARG D 111 -72.88 -18.29 0.35
N VAL D 112 -71.92 -19.13 0.73
CA VAL D 112 -71.09 -18.88 1.89
C VAL D 112 -70.09 -17.77 1.57
N HIS D 113 -69.45 -17.22 2.60
CA HIS D 113 -68.48 -16.15 2.45
C HIS D 113 -67.08 -16.66 2.15
N GLY D 114 -66.94 -17.91 1.71
CA GLY D 114 -65.65 -18.47 1.41
C GLY D 114 -65.41 -19.82 2.07
N VAL D 115 -64.69 -20.71 1.38
CA VAL D 115 -64.40 -22.05 1.88
C VAL D 115 -62.90 -22.24 1.84
N VAL D 116 -62.32 -22.70 2.95
CA VAL D 116 -60.89 -22.97 3.00
C VAL D 116 -60.56 -24.15 2.10
N PHE D 117 -59.50 -24.00 1.31
CA PHE D 117 -59.06 -25.03 0.37
C PHE D 117 -57.78 -25.67 0.88
N GLU D 118 -57.74 -27.00 0.85
CA GLU D 118 -56.57 -27.77 1.27
C GLU D 118 -56.15 -28.69 0.14
N ASP D 119 -54.85 -28.68 -0.17
CA ASP D 119 -54.30 -29.50 -1.23
C ASP D 119 -53.07 -30.25 -0.73
N ASP D 120 -52.85 -31.45 -1.28
CA ASP D 120 -51.74 -32.29 -0.89
C ASP D 120 -50.70 -32.47 -1.99
N SER D 121 -51.06 -32.20 -3.25
CA SER D 121 -50.12 -32.39 -4.34
C SER D 121 -48.94 -31.44 -4.20
N ARG D 122 -47.76 -31.93 -4.53
CA ARG D 122 -46.53 -31.13 -4.44
C ARG D 122 -46.22 -30.46 -5.77
N PRO D 124 -48.09 -27.52 -8.58
CA PRO D 124 -48.42 -26.12 -8.34
C PRO D 124 -49.44 -25.57 -9.33
N ALA D 125 -49.85 -26.39 -10.29
CA ALA D 125 -50.80 -25.97 -11.30
C ALA D 125 -52.20 -25.72 -10.72
N VAL D 126 -52.49 -26.23 -9.53
CA VAL D 126 -53.82 -26.03 -8.94
C VAL D 126 -54.04 -24.56 -8.61
N ALA D 127 -52.99 -23.88 -8.13
CA ALA D 127 -53.15 -22.49 -7.74
C ALA D 127 -53.62 -21.60 -8.88
N PRO D 128 -53.04 -21.64 -10.08
CA PRO D 128 -53.53 -20.75 -11.15
C PRO D 128 -55.01 -20.93 -11.45
N ILE D 129 -55.52 -22.17 -11.42
CA ILE D 129 -56.93 -22.39 -11.67
C ILE D 129 -57.77 -21.86 -10.51
N LEU D 130 -57.32 -22.10 -9.28
CA LEU D 130 -58.08 -21.67 -8.11
C LEU D 130 -58.26 -20.15 -8.10
N ASP D 131 -57.18 -19.40 -8.35
CA ASP D 131 -57.28 -17.95 -8.39
C ASP D 131 -58.18 -17.48 -9.52
N PHE D 132 -58.06 -18.09 -10.70
CA PHE D 132 -58.94 -17.72 -11.82
C PHE D 132 -60.40 -17.97 -11.47
N LEU D 133 -60.69 -19.13 -10.86
CA LEU D 133 -62.06 -19.40 -10.43
C LEU D 133 -62.52 -18.40 -9.38
N SER D 134 -61.64 -18.06 -8.43
CA SER D 134 -61.99 -17.08 -7.42
C SER D 134 -62.28 -15.72 -8.04
N ALA D 135 -61.47 -15.30 -9.00
CA ALA D 135 -61.72 -14.03 -9.68
C ALA D 135 -63.04 -14.06 -10.43
N GLN D 136 -63.33 -15.17 -11.13
CA GLN D 136 -64.60 -15.28 -11.83
C GLN D 136 -65.77 -15.25 -10.85
N THR D 137 -65.65 -15.96 -9.73
CA THR D 137 -66.71 -15.98 -8.73
C THR D 137 -66.72 -14.76 -7.83
N SER D 138 -65.67 -13.94 -7.86
CA SER D 138 -65.58 -12.73 -7.05
C SER D 138 -65.77 -13.07 -5.57
N LEU D 139 -65.17 -14.17 -5.13
CA LEU D 139 -65.24 -14.59 -3.74
C LEU D 139 -63.86 -14.95 -3.23
N PRO D 140 -63.60 -14.73 -1.94
CA PRO D 140 -62.29 -15.07 -1.37
C PRO D 140 -62.22 -16.55 -1.03
N ILE D 141 -61.11 -17.19 -1.40
CA ILE D 141 -60.86 -18.59 -1.10
C ILE D 141 -59.45 -18.71 -0.55
N VAL D 142 -59.32 -18.92 0.76
CA VAL D 142 -58.02 -19.01 1.39
C VAL D 142 -57.38 -20.35 1.06
N ALA D 143 -56.06 -20.34 0.88
CA ALA D 143 -55.29 -21.53 0.59
C ALA D 143 -54.49 -21.93 1.83
N VAL D 144 -54.62 -23.20 2.23
CA VAL D 144 -53.94 -23.75 3.39
C VAL D 144 -53.31 -25.08 3.00
N HIS D 145 -52.67 -25.73 3.96
CA HIS D 145 -52.01 -27.03 3.75
C HIS D 145 -50.97 -26.91 2.63
N GLY D 146 -49.93 -26.14 2.94
CA GLY D 146 -48.91 -25.77 1.98
C GLY D 146 -48.57 -26.86 0.97
N GLY D 147 -48.50 -26.46 -0.30
CA GLY D 147 -48.37 -27.39 -1.40
C GLY D 147 -49.44 -27.14 -2.43
N ALA D 148 -49.04 -26.90 -3.68
CA ALA D 148 -49.96 -26.47 -4.74
C ALA D 148 -50.49 -25.07 -4.49
N ALA D 149 -50.05 -24.49 -3.38
CA ALA D 149 -50.51 -23.17 -3.01
C ALA D 149 -49.30 -22.45 -2.53
N LEU D 150 -48.29 -22.39 -3.38
CA LEU D 150 -47.02 -21.77 -2.98
C LEU D 150 -46.71 -20.48 -3.72
N VAL D 151 -47.20 -19.36 -3.21
CA VAL D 151 -46.88 -18.04 -3.76
C VAL D 151 -47.69 -17.61 -4.99
N LEU D 152 -47.20 -17.85 -6.20
CA LEU D 152 -47.89 -17.35 -7.39
C LEU D 152 -47.92 -15.86 -7.24
N THR D 153 -46.74 -15.25 -7.26
CA THR D 153 -46.64 -13.81 -7.04
C THR D 153 -47.56 -12.99 -7.94
N PRO D 154 -47.61 -13.20 -9.25
CA PRO D 154 -48.47 -12.37 -10.09
C PRO D 154 -49.95 -12.62 -9.81
N LYS D 155 -50.75 -11.58 -10.00
CA LYS D 155 -52.18 -11.66 -9.77
C LYS D 155 -52.88 -10.66 -10.67
N GLU D 156 -54.17 -10.92 -10.92
CA GLU D 156 -54.98 -10.05 -11.76
C GLU D 156 -55.90 -9.16 -10.93
N GLY D 158 -58.79 -7.97 -10.99
CA GLY D 158 -58.96 -7.91 -9.55
C GLY D 158 -59.52 -9.20 -8.96
N SER D 159 -58.86 -9.70 -7.92
CA SER D 159 -59.29 -10.93 -7.27
C SER D 159 -58.74 -10.95 -5.85
N THR D 160 -59.30 -11.84 -5.04
CA THR D 160 -58.90 -12.02 -3.65
C THR D 160 -58.48 -13.47 -3.48
N PHE D 161 -57.18 -13.72 -3.47
CA PHE D 161 -56.64 -15.08 -3.36
C PHE D 161 -56.45 -15.48 -1.90
N LEU D 162 -55.64 -14.72 -1.16
CA LEU D 162 -55.41 -14.95 0.25
C LEU D 162 -54.84 -16.36 0.49
N GLN D 163 -53.64 -16.58 -0.05
CA GLN D 163 -52.92 -17.83 0.15
C GLN D 163 -52.00 -17.70 1.36
N LEU D 164 -51.82 -18.82 2.07
CA LEU D 164 -51.05 -18.85 3.30
C LEU D 164 -49.64 -19.40 3.08
N GLY D 165 -49.04 -19.12 1.93
CA GLY D 165 -47.68 -19.56 1.64
C GLY D 165 -46.63 -18.59 2.13
N SER D 166 -45.39 -18.88 1.76
CA SER D 166 -44.24 -18.04 2.10
C SER D 166 -43.52 -17.66 0.81
N SER D 167 -43.33 -16.36 0.61
CA SER D 167 -42.68 -15.87 -0.59
C SER D 167 -41.16 -16.03 -0.49
N THR D 168 -40.50 -15.95 -1.65
CA THR D 168 -39.05 -16.14 -1.69
C THR D 168 -38.32 -14.98 -1.03
N GLU D 169 -38.88 -13.76 -1.09
CA GLU D 169 -38.19 -12.60 -0.53
C GLU D 169 -37.94 -12.77 0.96
N GLN D 170 -38.98 -13.15 1.72
CA GLN D 170 -38.78 -13.39 3.15
C GLN D 170 -37.86 -14.60 3.38
N GLN D 171 -38.00 -15.65 2.56
CA GLN D 171 -37.13 -16.82 2.72
C GLN D 171 -35.67 -16.42 2.53
N LEU D 172 -35.38 -15.60 1.53
CA LEU D 172 -34.02 -15.10 1.34
C LEU D 172 -33.59 -14.23 2.51
N GLN D 173 -34.50 -13.39 3.02
CA GLN D 173 -34.16 -12.51 4.12
C GLN D 173 -33.77 -13.30 5.37
N VAL D 174 -34.57 -14.32 5.72
CA VAL D 174 -34.27 -15.11 6.90
C VAL D 174 -32.95 -15.86 6.73
N ILE D 175 -32.72 -16.42 5.54
CA ILE D 175 -31.47 -17.16 5.30
C ILE D 175 -30.26 -16.27 5.50
N PHE D 176 -30.31 -15.05 4.96
CA PHE D 176 -29.19 -14.13 5.09
C PHE D 176 -28.96 -13.74 6.54
N GLU D 177 -30.05 -13.56 7.31
CA GLU D 177 -29.90 -13.28 8.73
C GLU D 177 -29.22 -14.44 9.44
N VAL D 178 -29.59 -15.68 9.10
CA VAL D 178 -28.93 -16.84 9.68
C VAL D 178 -27.47 -16.88 9.27
N LEU D 179 -27.19 -16.63 7.99
CA LEU D 179 -25.81 -16.66 7.52
C LEU D 179 -24.95 -15.64 8.24
N GLU D 180 -25.46 -14.42 8.42
CA GLU D 180 -24.70 -13.39 9.12
C GLU D 180 -24.49 -13.76 10.58
N GLU D 181 -25.52 -14.33 11.22
CA GLU D 181 -25.38 -14.69 12.63
C GLU D 181 -24.31 -15.75 12.83
N TYR D 182 -24.24 -16.74 11.94
CA TYR D 182 -23.27 -17.82 12.02
C TYR D 182 -21.93 -17.46 11.38
N ASP D 183 -21.76 -16.20 10.96
CA ASP D 183 -20.51 -15.76 10.34
C ASP D 183 -20.20 -16.57 9.08
N TRP D 184 -21.24 -16.89 8.30
CA TRP D 184 -21.09 -17.58 7.03
C TRP D 184 -21.19 -16.53 5.92
N THR D 185 -20.06 -15.88 5.65
CA THR D 185 -20.03 -14.83 4.64
C THR D 185 -19.92 -15.42 3.23
N SER D 186 -18.93 -16.28 3.00
CA SER D 186 -18.73 -16.87 1.68
C SER D 186 -19.97 -17.66 1.27
N PHE D 187 -20.41 -17.43 0.04
CA PHE D 187 -21.62 -18.08 -0.47
C PHE D 187 -21.60 -18.05 -1.99
N VAL D 188 -22.45 -18.88 -2.58
CA VAL D 188 -22.61 -18.94 -4.03
C VAL D 188 -24.11 -18.97 -4.34
N ALA D 189 -24.44 -18.65 -5.59
CA ALA D 189 -25.81 -18.55 -6.05
C ALA D 189 -26.04 -19.45 -7.27
N VAL D 190 -25.57 -20.69 -7.17
CA VAL D 190 -25.73 -21.63 -8.27
C VAL D 190 -27.22 -21.87 -8.52
N THR D 191 -27.59 -21.92 -9.80
CA THR D 191 -28.98 -22.15 -10.18
C THR D 191 -29.03 -22.95 -11.47
N THR D 192 -30.07 -23.76 -11.61
CA THR D 192 -30.27 -24.58 -12.79
C THR D 192 -30.92 -23.74 -13.89
N ARG D 193 -31.44 -24.42 -14.92
CA ARG D 193 -32.15 -23.73 -15.98
C ARG D 193 -33.19 -22.78 -15.39
N ALA D 194 -33.29 -21.59 -15.97
CA ALA D 194 -34.04 -20.51 -15.34
C ALA D 194 -35.54 -20.77 -15.41
N PRO D 195 -36.19 -21.11 -14.28
CA PRO D 195 -37.65 -21.10 -14.21
C PRO D 195 -38.19 -19.74 -13.80
N GLY D 196 -37.72 -18.68 -14.47
CA GLY D 196 -38.05 -17.33 -14.09
C GLY D 196 -37.51 -16.96 -12.72
N HIS D 197 -36.23 -17.20 -12.48
CA HIS D 197 -35.59 -16.92 -11.20
C HIS D 197 -34.90 -15.56 -11.18
N ARG D 198 -35.07 -14.75 -12.22
CA ARG D 198 -34.41 -13.45 -12.25
C ARG D 198 -34.71 -12.64 -11.01
N ALA D 199 -35.92 -12.74 -10.47
CA ALA D 199 -36.25 -12.02 -9.24
C ALA D 199 -35.39 -12.49 -8.08
N PHE D 200 -35.17 -13.80 -7.96
CA PHE D 200 -34.39 -14.32 -6.85
C PHE D 200 -32.96 -13.78 -6.88
N LEU D 201 -32.34 -13.74 -8.07
CA LEU D 201 -30.99 -13.21 -8.17
C LEU D 201 -30.96 -11.73 -7.80
N SER D 202 -31.95 -10.96 -8.26
CA SER D 202 -31.98 -9.53 -7.94
C SER D 202 -32.11 -9.29 -6.45
N TYR D 203 -32.96 -10.07 -5.78
CA TYR D 203 -33.13 -9.88 -4.33
C TYR D 203 -31.84 -10.18 -3.58
N ILE D 204 -31.12 -11.22 -3.99
CA ILE D 204 -29.84 -11.53 -3.34
C ILE D 204 -28.87 -10.39 -3.53
N GLU D 205 -28.81 -9.81 -4.73
CA GLU D 205 -27.92 -8.68 -4.97
C GLU D 205 -28.29 -7.49 -4.09
N VAL D 206 -29.59 -7.21 -3.96
CA VAL D 206 -30.03 -6.09 -3.12
C VAL D 206 -29.61 -6.33 -1.68
N LEU D 207 -29.83 -7.54 -1.18
CA LEU D 207 -29.45 -7.86 0.19
C LEU D 207 -27.93 -7.86 0.37
N THR D 208 -27.19 -8.25 -0.66
CA THR D 208 -25.73 -8.30 -0.55
C THR D 208 -25.15 -6.91 -0.30
N ASP D 209 -25.68 -5.90 -0.98
CA ASP D 209 -25.20 -4.53 -0.80
C ASP D 209 -25.46 -4.06 0.63
N GLY D 210 -24.41 -3.97 1.44
CA GLY D 210 -24.55 -3.61 2.83
C GLY D 210 -23.23 -3.38 3.53
N SER D 211 -23.08 -3.92 4.74
CA SER D 211 -21.88 -3.75 5.53
C SER D 211 -20.99 -4.99 5.57
N LEU D 212 -21.56 -6.17 5.70
CA LEU D 212 -20.77 -7.39 5.81
C LEU D 212 -21.26 -8.56 4.96
N VAL D 213 -22.45 -8.50 4.38
CA VAL D 213 -22.98 -9.64 3.65
C VAL D 213 -22.16 -9.94 2.41
N GLY D 214 -21.38 -8.96 1.93
CA GLY D 214 -20.63 -9.17 0.70
C GLY D 214 -19.69 -10.36 0.81
N TRP D 215 -19.64 -11.13 -0.27
CA TRP D 215 -18.78 -12.32 -0.34
C TRP D 215 -18.51 -12.62 -1.81
N GLU D 216 -17.93 -13.79 -2.07
CA GLU D 216 -17.60 -14.17 -3.44
C GLU D 216 -18.85 -14.26 -4.29
N HIS D 217 -18.73 -13.82 -5.54
CA HIS D 217 -19.84 -13.86 -6.48
C HIS D 217 -20.04 -15.29 -7.00
N ARG D 218 -21.09 -15.49 -7.79
CA ARG D 218 -21.41 -16.79 -8.35
C ARG D 218 -22.25 -16.59 -9.60
N GLY D 219 -22.83 -17.67 -10.10
CA GLY D 219 -23.64 -17.61 -11.30
C GLY D 219 -24.67 -18.72 -11.38
N ALA D 220 -25.33 -18.84 -12.54
CA ALA D 220 -26.35 -19.84 -12.76
C ALA D 220 -25.87 -20.85 -13.79
N LEU D 221 -26.01 -22.13 -13.47
CA LEU D 221 -25.59 -23.19 -14.37
C LEU D 221 -26.40 -24.47 -14.13
N GLU D 229 -24.76 -34.93 -15.31
CA GLU D 229 -23.96 -34.45 -16.43
C GLU D 229 -22.59 -33.98 -15.94
N ALA D 230 -21.54 -34.40 -16.64
CA ALA D 230 -20.19 -34.00 -16.26
C ALA D 230 -20.00 -32.49 -16.38
N VAL D 231 -20.55 -31.88 -17.44
CA VAL D 231 -20.40 -30.44 -17.62
C VAL D 231 -21.03 -29.68 -16.45
N LEU D 232 -22.23 -30.10 -16.03
CA LEU D 232 -22.89 -29.44 -14.91
C LEU D 232 -22.07 -29.57 -13.64
N SER D 233 -21.50 -30.76 -13.38
CA SER D 233 -20.70 -30.95 -12.19
C SER D 233 -19.46 -30.06 -12.21
N ALA D 234 -18.80 -29.94 -13.36
CA ALA D 234 -17.62 -29.10 -13.46
C ALA D 234 -17.97 -27.63 -13.20
N GLN D 235 -19.08 -27.16 -13.77
CA GLN D 235 -19.46 -25.77 -13.58
C GLN D 235 -19.76 -25.48 -12.11
N LEU D 236 -20.48 -26.37 -11.44
CA LEU D 236 -20.83 -26.14 -10.04
C LEU D 236 -19.60 -26.20 -9.14
N ARG D 237 -18.64 -27.07 -9.45
CA ARG D 237 -17.44 -27.24 -8.64
C ARG D 237 -16.36 -26.22 -8.96
N SER D 238 -16.58 -25.36 -9.94
CA SER D 238 -15.57 -24.37 -10.34
C SER D 238 -15.62 -23.10 -9.51
N VAL D 239 -16.57 -22.97 -8.57
CA VAL D 239 -16.69 -21.77 -7.77
C VAL D 239 -16.42 -22.10 -6.30
N SER D 240 -16.74 -23.32 -5.89
CA SER D 240 -16.53 -23.74 -4.52
C SER D 240 -17.18 -22.77 -3.54
N ALA D 241 -16.39 -22.23 -2.61
CA ALA D 241 -16.86 -21.23 -1.64
C ALA D 241 -17.71 -21.85 -0.54
N GLN D 242 -17.64 -23.17 -0.37
CA GLN D 242 -18.35 -23.85 0.71
C GLN D 242 -19.85 -23.61 0.62
N ILE D 243 -20.35 -22.62 1.36
CA ILE D 243 -21.79 -22.36 1.41
C ILE D 243 -22.32 -22.16 0.00
N ARG D 244 -23.46 -22.78 -0.29
CA ARG D 244 -24.09 -22.71 -1.60
C ARG D 244 -25.58 -22.42 -1.44
N LEU D 245 -26.12 -21.65 -2.37
CA LEU D 245 -27.55 -21.34 -2.42
C LEU D 245 -28.13 -21.96 -3.69
N LEU D 246 -29.15 -22.78 -3.53
CA LEU D 246 -29.74 -23.52 -4.64
C LEU D 246 -31.20 -23.13 -4.82
N PHE D 247 -31.60 -22.91 -6.07
CA PHE D 247 -32.98 -22.60 -6.43
C PHE D 247 -33.32 -23.36 -7.69
N CYS D 248 -34.08 -24.44 -7.56
CA CYS D 248 -34.45 -25.27 -8.70
C CYS D 248 -35.66 -26.11 -8.32
N ALA D 249 -36.32 -26.64 -9.35
CA ALA D 249 -37.47 -27.51 -9.14
C ALA D 249 -37.00 -28.92 -8.76
N ARG D 250 -37.93 -29.68 -8.18
CA ARG D 250 -37.60 -31.04 -7.76
C ARG D 250 -37.15 -31.89 -8.94
N GLU D 251 -37.85 -31.77 -10.07
CA GLU D 251 -37.48 -32.54 -11.25
C GLU D 251 -36.10 -32.17 -11.78
N GLU D 252 -35.68 -30.90 -11.63
CA GLU D 252 -34.37 -30.46 -12.08
C GLU D 252 -33.33 -30.45 -10.97
N ALA D 253 -33.75 -30.31 -9.71
CA ALA D 253 -32.79 -30.33 -8.61
C ALA D 253 -32.12 -31.68 -8.46
N GLU D 254 -32.86 -32.76 -8.68
CA GLU D 254 -32.29 -34.10 -8.54
C GLU D 254 -31.05 -34.29 -9.40
N PRO D 255 -31.05 -33.96 -10.69
CA PRO D 255 -29.80 -34.07 -11.46
C PRO D 255 -28.67 -33.24 -10.89
N VAL D 256 -28.97 -32.06 -10.34
CA VAL D 256 -27.94 -31.25 -9.72
C VAL D 256 -27.37 -31.95 -8.50
N PHE D 257 -28.22 -32.54 -7.68
CA PHE D 257 -27.74 -33.25 -6.50
C PHE D 257 -26.84 -34.41 -6.89
N ARG D 258 -27.22 -35.17 -7.91
CA ARG D 258 -26.37 -36.26 -8.39
C ARG D 258 -25.04 -35.73 -8.90
N ALA D 259 -25.08 -34.62 -9.66
CA ALA D 259 -23.84 -34.02 -10.15
C ALA D 259 -22.97 -33.54 -8.99
N ALA D 260 -23.60 -32.91 -7.98
CA ALA D 260 -22.85 -32.49 -6.80
C ALA D 260 -22.27 -33.70 -6.07
N GLU D 261 -23.05 -34.76 -5.93
CA GLU D 261 -22.56 -35.96 -5.27
C GLU D 261 -21.36 -36.55 -6.03
N GLU D 262 -21.44 -36.59 -7.35
CA GLU D 262 -20.30 -37.07 -8.14
C GLU D 262 -19.09 -36.18 -7.95
N ALA D 263 -19.29 -34.86 -7.91
CA ALA D 263 -18.20 -33.93 -7.68
C ALA D 263 -17.68 -33.98 -6.26
N GLY D 264 -18.40 -34.61 -5.33
CA GLY D 264 -17.97 -34.73 -3.96
C GLY D 264 -18.37 -33.60 -3.04
N LEU D 265 -18.99 -32.55 -3.57
CA LEU D 265 -19.40 -31.42 -2.75
C LEU D 265 -20.75 -31.70 -2.09
N THR D 266 -20.86 -32.82 -1.38
CA THR D 266 -22.10 -33.18 -0.72
C THR D 266 -21.88 -33.72 0.70
N GLY D 267 -20.65 -33.70 1.21
CA GLY D 267 -20.35 -34.20 2.54
C GLY D 267 -20.42 -33.11 3.58
N SER D 268 -19.77 -33.38 4.72
CA SER D 268 -19.75 -32.43 5.82
C SER D 268 -18.94 -31.18 5.52
N GLY D 269 -18.17 -31.19 4.43
CA GLY D 269 -17.36 -30.04 4.07
C GLY D 269 -18.08 -28.92 3.35
N TYR D 270 -19.38 -29.09 3.07
CA TYR D 270 -20.16 -28.06 2.40
C TYR D 270 -21.55 -28.01 3.02
N VAL D 271 -22.16 -26.83 2.94
CA VAL D 271 -23.51 -26.60 3.43
C VAL D 271 -24.34 -26.03 2.29
N TRP D 272 -25.52 -26.61 2.06
CA TRP D 272 -26.39 -26.22 0.96
C TRP D 272 -27.67 -25.62 1.51
N PHE D 273 -28.03 -24.44 0.99
CA PHE D 273 -29.27 -23.75 1.33
C PHE D 273 -30.19 -23.82 0.12
N MET D 274 -31.17 -24.70 0.16
CA MET D 274 -32.13 -24.88 -0.92
C MET D 274 -33.38 -24.07 -0.60
N VAL D 275 -33.73 -23.13 -1.49
CA VAL D 275 -34.86 -22.25 -1.29
C VAL D 275 -35.74 -22.27 -2.53
N GLY D 276 -37.00 -21.88 -2.33
CA GLY D 276 -37.96 -21.86 -3.41
C GLY D 276 -39.17 -22.72 -3.11
N PRO D 277 -39.68 -23.41 -4.13
CA PRO D 277 -40.86 -24.27 -3.95
C PRO D 277 -40.56 -25.69 -3.50
N GLN D 278 -39.33 -25.98 -3.07
CA GLN D 278 -39.00 -27.35 -2.66
C GLN D 278 -39.84 -27.80 -1.47
N LEU D 279 -40.02 -26.92 -0.48
CA LEU D 279 -40.78 -27.26 0.72
C LEU D 279 -40.06 -28.43 1.41
N ALA D 280 -40.79 -29.42 1.90
CA ALA D 280 -40.17 -30.57 2.57
C ALA D 280 -41.07 -31.80 2.47
N PRO D 299 -28.86 -38.32 -3.54
CA PRO D 299 -27.95 -38.24 -2.39
C PRO D 299 -27.97 -36.86 -1.74
N LEU D 300 -28.77 -36.71 -0.69
CA LEU D 300 -28.85 -35.43 -0.01
C LEU D 300 -27.52 -35.11 0.68
N PRO D 301 -27.03 -33.87 0.55
CA PRO D 301 -25.76 -33.51 1.21
C PRO D 301 -25.91 -33.52 2.72
N ALA D 302 -24.77 -33.71 3.40
CA ALA D 302 -24.78 -33.79 4.85
C ALA D 302 -25.31 -32.50 5.48
N GLY D 303 -24.89 -31.35 4.96
CA GLY D 303 -25.37 -30.09 5.48
C GLY D 303 -26.42 -29.44 4.60
N LEU D 304 -27.68 -29.55 5.01
CA LEU D 304 -28.80 -28.97 4.26
C LEU D 304 -29.62 -28.10 5.20
N PHE D 305 -29.92 -26.88 4.77
CA PHE D 305 -30.74 -25.95 5.53
C PHE D 305 -31.77 -25.33 4.60
N ALA D 306 -33.05 -25.61 4.85
CA ALA D 306 -34.15 -25.06 4.07
C ALA D 306 -35.11 -24.33 4.98
N VAL D 307 -35.59 -23.18 4.52
CA VAL D 307 -36.51 -22.33 5.28
C VAL D 307 -37.92 -22.58 4.77
N ARG D 308 -38.83 -22.90 5.68
CA ARG D 308 -40.22 -23.18 5.33
C ARG D 308 -41.13 -22.41 6.28
N SER D 309 -42.40 -22.33 5.90
CA SER D 309 -43.37 -21.61 6.70
C SER D 309 -43.56 -22.27 8.06
N ALA D 310 -43.81 -21.43 9.08
CA ALA D 310 -44.04 -21.94 10.42
C ALA D 310 -45.29 -22.79 10.48
N GLY D 311 -45.25 -23.82 11.33
CA GLY D 311 -46.37 -24.73 11.42
C GLY D 311 -46.49 -25.71 10.29
N TRP D 312 -45.40 -25.96 9.55
CA TRP D 312 -45.46 -26.90 8.44
C TRP D 312 -45.80 -28.31 8.92
N ARG D 313 -45.25 -28.71 10.06
CA ARG D 313 -45.55 -30.02 10.64
C ARG D 313 -46.89 -30.06 11.36
N ASP D 314 -47.58 -28.92 11.47
CA ASP D 314 -48.87 -28.89 12.14
C ASP D 314 -49.88 -29.76 11.40
N ASP D 315 -50.78 -30.36 12.18
CA ASP D 315 -51.79 -31.24 11.60
C ASP D 315 -52.79 -30.44 10.76
N LEU D 316 -53.49 -31.16 9.88
CA LEU D 316 -54.48 -30.53 9.02
C LEU D 316 -55.61 -29.89 9.83
N ALA D 317 -55.89 -30.41 11.02
CA ALA D 317 -56.94 -29.80 11.85
C ALA D 317 -56.60 -28.36 12.20
N ARG D 318 -55.34 -28.10 12.56
CA ARG D 318 -54.92 -26.73 12.83
C ARG D 318 -54.99 -25.88 11.58
N ARG D 319 -54.60 -26.45 10.43
CA ARG D 319 -54.64 -25.68 9.18
C ARG D 319 -56.05 -25.22 8.86
N VAL D 320 -57.02 -26.14 8.91
CA VAL D 320 -58.40 -25.76 8.64
C VAL D 320 -58.91 -24.76 9.66
N ALA D 321 -58.54 -24.94 10.94
CA ALA D 321 -58.94 -23.99 11.96
C ALA D 321 -58.39 -22.60 11.66
N ALA D 322 -57.13 -22.51 11.24
CA ALA D 322 -56.55 -21.22 10.88
C ALA D 322 -57.30 -20.60 9.71
N GLY D 323 -57.63 -21.40 8.70
CA GLY D 323 -58.38 -20.88 7.57
C GLY D 323 -59.75 -20.38 7.97
N VAL D 324 -60.45 -21.13 8.83
CA VAL D 324 -61.75 -20.70 9.31
C VAL D 324 -61.62 -19.40 10.10
N ALA D 325 -60.59 -19.32 10.96
CA ALA D 325 -60.39 -18.10 11.73
C ALA D 325 -60.12 -16.92 10.83
N VAL D 326 -59.33 -17.10 9.77
CA VAL D 326 -59.06 -16.02 8.84
C VAL D 326 -60.34 -15.52 8.20
N VAL D 327 -61.20 -16.45 7.77
CA VAL D 327 -62.48 -16.06 7.17
C VAL D 327 -63.34 -15.33 8.20
N ALA D 328 -63.39 -15.85 9.43
CA ALA D 328 -64.17 -15.18 10.47
C ALA D 328 -63.60 -13.81 10.78
N ARG D 329 -62.27 -13.69 10.86
CA ARG D 329 -61.67 -12.38 11.10
C ARG D 329 -61.97 -11.42 9.96
N GLY D 330 -61.90 -11.90 8.72
CA GLY D 330 -62.25 -11.06 7.59
C GLY D 330 -63.69 -10.58 7.64
N ALA D 331 -64.61 -11.49 8.01
CA ALA D 331 -66.01 -11.10 8.16
C ALA D 331 -66.17 -10.04 9.25
N GLN D 332 -65.48 -10.21 10.37
CA GLN D 332 -65.52 -9.20 11.43
C GLN D 332 -64.92 -7.88 10.94
N ALA D 333 -63.81 -7.95 10.19
CA ALA D 333 -63.21 -6.73 9.66
C ALA D 333 -64.17 -6.00 8.74
N LEU D 334 -64.85 -6.73 7.85
CA LEU D 334 -65.87 -6.11 7.00
C LEU D 334 -67.12 -5.73 7.78
N LEU D 335 -67.22 -6.16 9.05
CA LEU D 335 -68.35 -5.82 9.90
C LEU D 335 -68.29 -4.39 10.41
N ARG D 336 -67.19 -3.67 10.17
CA ARG D 336 -67.10 -2.28 10.59
C ARG D 336 -68.06 -1.37 9.83
N ASP D 337 -68.67 -1.87 8.77
CA ASP D 337 -69.68 -1.13 8.01
C ASP D 337 -70.80 -2.10 7.68
N TYR D 338 -71.67 -1.72 6.74
CA TYR D 338 -72.77 -2.60 6.36
C TYR D 338 -72.22 -3.95 5.91
N GLY D 339 -72.45 -4.99 6.71
CA GLY D 339 -71.91 -6.31 6.46
C GLY D 339 -72.75 -7.21 5.58
N PHE D 340 -73.90 -6.72 5.10
CA PHE D 340 -74.76 -7.52 4.23
C PHE D 340 -74.43 -7.19 2.77
N LEU D 341 -73.29 -7.70 2.33
CA LEU D 341 -72.75 -7.44 0.99
C LEU D 341 -72.41 -8.77 0.33
N PRO D 342 -73.42 -9.50 -0.14
CA PRO D 342 -73.14 -10.77 -0.83
C PRO D 342 -72.54 -10.53 -2.21
N GLU D 343 -71.93 -11.58 -2.75
CA GLU D 343 -71.28 -11.54 -4.04
C GLU D 343 -72.27 -11.71 -5.20
N LEU D 344 -73.57 -11.56 -4.93
CA LEU D 344 -74.60 -11.67 -5.96
C LEU D 344 -74.77 -13.13 -6.40
N GLY D 345 -73.97 -14.02 -5.84
CA GLY D 345 -74.04 -15.43 -6.20
C GLY D 345 -72.93 -15.86 -7.14
N HIS D 346 -71.75 -15.27 -6.98
CA HIS D 346 -70.61 -15.59 -7.84
C HIS D 346 -71.00 -15.27 -9.30
N ASP D 347 -70.49 -16.05 -10.25
CA ASP D 347 -70.81 -15.84 -11.66
C ASP D 347 -70.81 -17.20 -12.33
N CYS D 348 -72.00 -17.78 -12.48
CA CYS D 348 -72.18 -19.08 -13.12
C CYS D 348 -73.01 -19.01 -14.39
N ARG D 349 -74.05 -18.19 -14.42
CA ARG D 349 -74.91 -18.06 -15.59
C ARG D 349 -74.81 -16.66 -16.19
N THR D 354 -63.47 -8.95 -12.97
CA THR D 354 -64.13 -8.99 -14.28
C THR D 354 -65.26 -7.97 -14.34
N HIS D 355 -66.51 -8.48 -14.33
CA HIS D 355 -67.66 -7.60 -14.40
C HIS D 355 -67.70 -6.66 -13.20
N ARG D 356 -67.49 -7.19 -12.00
CA ARG D 356 -67.46 -6.35 -10.81
C ARG D 356 -66.20 -5.51 -10.76
N GLY D 357 -65.05 -6.12 -11.03
CA GLY D 357 -63.79 -5.40 -11.01
C GLY D 357 -63.47 -4.79 -9.67
N GLU D 358 -63.80 -5.48 -8.58
CA GLU D 358 -63.53 -4.99 -7.23
C GLU D 358 -62.97 -6.13 -6.40
N SER D 359 -61.89 -5.84 -5.66
CA SER D 359 -61.27 -6.82 -4.79
C SER D 359 -61.86 -6.69 -3.38
N LEU D 360 -61.25 -7.39 -2.42
CA LEU D 360 -61.70 -7.33 -1.03
C LEU D 360 -60.55 -7.08 -0.06
N HIS D 361 -59.37 -6.74 -0.55
CA HIS D 361 -58.22 -6.51 0.32
C HIS D 361 -58.29 -5.17 1.04
N ARG D 362 -59.15 -4.25 0.60
CA ARG D 362 -59.23 -2.96 1.26
C ARG D 362 -59.64 -3.08 2.72
N TYR D 363 -60.64 -3.92 3.00
CA TYR D 363 -61.12 -4.11 4.36
C TYR D 363 -60.32 -5.18 5.10
N PHE D 364 -60.09 -6.32 4.48
CA PHE D 364 -59.32 -7.41 5.08
C PHE D 364 -57.85 -7.13 4.87
N MET D 365 -57.23 -6.51 5.86
CA MET D 365 -55.80 -6.18 5.78
C MET D 365 -55.00 -6.68 6.97
N ASN D 366 -55.57 -6.64 8.17
CA ASN D 366 -54.85 -7.06 9.38
C ASN D 366 -55.77 -7.90 10.25
N ILE D 367 -55.33 -9.10 10.60
CA ILE D 367 -56.03 -9.98 11.51
C ILE D 367 -55.02 -10.57 12.49
N THR D 368 -55.54 -11.02 13.63
CA THR D 368 -54.70 -11.60 14.67
C THR D 368 -55.37 -12.85 15.21
N TRP D 369 -54.69 -14.00 15.06
CA TRP D 369 -55.20 -15.25 15.59
C TRP D 369 -54.02 -16.20 15.77
N ASP D 370 -54.09 -17.05 16.80
CA ASP D 370 -53.04 -18.00 17.11
C ASP D 370 -51.68 -17.31 17.27
N ASN D 371 -51.71 -16.11 17.85
CA ASN D 371 -50.51 -15.29 18.04
C ASN D 371 -49.83 -15.14 16.68
N ARG D 372 -48.53 -15.34 16.56
CA ARG D 372 -47.94 -15.29 15.23
C ARG D 372 -48.26 -13.99 14.49
N ASP D 373 -47.85 -13.90 13.23
CA ASP D 373 -48.14 -12.71 12.42
C ASP D 373 -48.94 -13.10 11.20
N TYR D 374 -50.25 -13.09 11.34
CA TYR D 374 -51.09 -13.52 10.22
C TYR D 374 -51.81 -12.28 9.69
N SER D 375 -51.14 -11.57 8.79
CA SER D 375 -51.69 -10.40 8.11
C SER D 375 -51.38 -10.50 6.63
N PHE D 376 -52.40 -10.28 5.81
CA PHE D 376 -52.29 -10.47 4.36
C PHE D 376 -52.01 -9.16 3.66
N ASN D 377 -51.27 -9.25 2.56
CA ASN D 377 -50.90 -8.11 1.73
C ASN D 377 -51.73 -8.12 0.44
N GLU D 378 -51.58 -7.04 -0.33
CA GLU D 378 -52.31 -6.94 -1.58
C GLU D 378 -51.91 -8.04 -2.55
N ASP D 379 -50.62 -8.36 -2.62
CA ASP D 379 -50.13 -9.40 -3.51
C ASP D 379 -50.61 -10.79 -3.11
N GLY D 380 -51.16 -10.95 -1.91
CA GLY D 380 -51.62 -12.24 -1.43
C GLY D 380 -50.70 -12.96 -0.48
N PHE D 381 -49.60 -12.34 -0.07
CA PHE D 381 -48.68 -12.96 0.87
C PHE D 381 -49.13 -12.65 2.30
N LEU D 382 -48.28 -12.98 3.27
CA LEU D 382 -48.52 -12.65 4.67
C LEU D 382 -47.39 -11.75 5.13
N VAL D 383 -47.72 -10.50 5.48
CA VAL D 383 -46.70 -9.53 5.87
C VAL D 383 -46.09 -9.97 7.19
N ASN D 384 -44.75 -10.00 7.24
CA ASN D 384 -44.01 -10.44 8.41
C ASN D 384 -44.48 -11.82 8.86
N PRO D 385 -44.38 -12.83 8.01
CA PRO D 385 -44.86 -14.16 8.37
C PRO D 385 -43.89 -14.88 9.29
N SER D 386 -44.41 -15.92 9.95
CA SER D 386 -43.61 -16.75 10.84
C SER D 386 -42.92 -17.84 10.03
N LEU D 387 -41.60 -17.94 10.17
CA LEU D 387 -40.81 -18.91 9.42
C LEU D 387 -39.90 -19.67 10.36
N VAL D 388 -39.51 -20.87 9.92
CA VAL D 388 -38.57 -21.72 10.64
C VAL D 388 -37.51 -22.19 9.66
N VAL D 389 -36.34 -22.54 10.20
CA VAL D 389 -35.20 -22.98 9.41
C VAL D 389 -34.99 -24.46 9.73
N ILE D 390 -35.50 -25.34 8.86
CA ILE D 390 -35.34 -26.77 9.05
C ILE D 390 -33.96 -27.19 8.60
N SER D 391 -33.41 -28.20 9.27
CA SER D 391 -32.10 -28.74 8.95
C SER D 391 -32.17 -30.25 8.83
N LEU D 392 -31.35 -30.80 7.95
CA LEU D 392 -31.33 -32.24 7.68
C LEU D 392 -30.12 -32.87 8.36
N THR D 393 -30.38 -33.89 9.18
CA THR D 393 -29.32 -34.61 9.88
C THR D 393 -29.05 -35.94 9.17
N ARG D 394 -28.15 -36.73 9.75
CA ARG D 394 -27.81 -38.04 9.18
C ARG D 394 -28.96 -39.03 9.29
N ASP D 395 -30.01 -38.72 10.06
CA ASP D 395 -31.15 -39.60 10.23
C ASP D 395 -32.27 -39.31 9.26
N ARG D 396 -32.04 -38.42 8.28
CA ARG D 396 -33.06 -38.05 7.30
C ARG D 396 -34.27 -37.42 7.98
N THR D 397 -34.02 -36.58 8.98
CA THR D 397 -35.06 -35.92 9.75
C THR D 397 -34.87 -34.41 9.68
N TRP D 398 -35.98 -33.69 9.50
CA TRP D 398 -35.97 -32.23 9.46
C TRP D 398 -36.36 -31.71 10.84
N GLU D 399 -35.48 -30.90 11.43
CA GLU D 399 -35.71 -30.34 12.76
C GLU D 399 -35.56 -28.82 12.71
N VAL D 400 -36.31 -28.15 13.58
CA VAL D 400 -36.26 -26.70 13.62
C VAL D 400 -34.95 -26.24 14.25
N VAL D 401 -34.24 -25.37 13.55
CA VAL D 401 -32.99 -24.80 14.04
C VAL D 401 -33.18 -23.36 14.51
N GLY D 402 -33.89 -22.57 13.72
CA GLY D 402 -34.17 -21.18 14.09
C GLY D 402 -35.56 -20.79 13.64
N SER D 403 -36.17 -19.87 14.39
CA SER D 403 -37.51 -19.39 14.12
C SER D 403 -37.48 -17.89 13.91
N TRP D 404 -38.20 -17.41 12.90
CA TRP D 404 -38.30 -16.00 12.58
C TRP D 404 -39.73 -15.53 12.79
N GLU D 405 -39.89 -14.50 13.61
CA GLU D 405 -41.21 -13.94 13.90
C GLU D 405 -41.05 -12.51 14.37
N GLN D 406 -41.86 -11.61 13.81
CA GLN D 406 -41.82 -10.19 14.18
C GLN D 406 -40.41 -9.62 14.04
N GLN D 407 -39.73 -10.01 12.96
CA GLN D 407 -38.36 -9.54 12.69
C GLN D 407 -37.40 -9.93 13.81
N THR D 408 -37.66 -11.06 14.45
CA THR D 408 -36.82 -11.58 15.53
C THR D 408 -36.33 -12.97 15.16
N LEU D 409 -35.03 -13.21 15.30
CA LEU D 409 -34.41 -14.47 14.94
C LEU D 409 -33.91 -15.14 16.21
N ARG D 410 -34.62 -16.16 16.68
CA ARG D 410 -34.21 -16.98 17.80
C ARG D 410 -33.88 -18.37 17.30
N LEU D 411 -32.64 -18.80 17.50
CA LEU D 411 -32.17 -20.08 16.97
C LEU D 411 -31.45 -20.85 18.07
N LYS D 412 -31.76 -22.13 18.18
CA LYS D 412 -31.02 -23.02 19.08
C LYS D 412 -29.71 -23.43 18.42
N TYR D 413 -28.88 -24.16 19.16
CA TYR D 413 -27.58 -24.56 18.64
C TYR D 413 -26.78 -23.32 18.28
N PRO D 414 -26.52 -22.42 19.24
CA PRO D 414 -25.82 -21.15 18.95
C PRO D 414 -24.31 -21.35 18.86
N LEU D 415 -23.87 -21.96 17.76
CA LEU D 415 -22.45 -22.21 17.54
C LEU D 415 -21.73 -20.89 17.33
N TRP D 416 -20.97 -20.45 18.33
CA TRP D 416 -20.23 -19.19 18.21
C TRP D 416 -19.21 -19.27 17.07
N SER D 417 -18.48 -20.38 16.99
CA SER D 417 -17.51 -20.56 15.91
C SER D 417 -18.20 -21.13 14.68
N ARG D 418 -17.74 -20.70 13.51
CA ARG D 418 -18.33 -21.14 12.26
C ARG D 418 -17.82 -22.49 11.77
N TYR D 419 -16.81 -23.06 12.44
CA TYR D 419 -16.16 -24.28 11.97
C TYR D 419 -15.66 -24.12 10.55
N GLY D 420 -15.23 -22.91 10.20
CA GLY D 420 -14.88 -22.56 8.83
C GLY D 420 -14.15 -23.64 8.06
N ARG D 421 -13.16 -24.28 8.68
CA ARG D 421 -12.38 -25.32 8.03
C ARG D 421 -12.92 -26.70 8.39
N PHE D 422 -14.20 -26.93 8.10
CA PHE D 422 -14.80 -28.25 8.24
C PHE D 422 -14.63 -29.10 7.00
N LEU D 423 -14.02 -28.57 5.94
CA LEU D 423 -13.80 -29.31 4.71
C LEU D 423 -12.56 -30.19 4.81
N THR D 429 -4.90 -25.24 5.37
CA THR D 429 -6.21 -24.66 5.62
C THR D 429 -6.14 -23.14 5.63
N GLN D 430 -7.23 -22.50 6.08
CA GLN D 430 -7.28 -21.06 6.15
C GLN D 430 -7.93 -20.53 7.42
N HIS D 431 -8.29 -21.40 8.36
CA HIS D 431 -8.92 -20.99 9.61
C HIS D 431 -7.97 -21.26 10.77
N LEU D 432 -7.73 -20.24 11.59
CA LEU D 432 -6.84 -20.35 12.73
C LEU D 432 -7.59 -19.93 13.99
N THR D 433 -7.49 -20.75 15.04
CA THR D 433 -8.08 -20.42 16.33
C THR D 433 -7.03 -19.70 17.16
N VAL D 434 -7.11 -18.37 17.18
CA VAL D 434 -6.09 -17.53 17.81
C VAL D 434 -6.54 -17.18 19.22
N ALA D 435 -5.76 -17.62 20.21
CA ALA D 435 -5.97 -17.23 21.59
C ALA D 435 -5.31 -15.88 21.86
N THR D 436 -5.63 -15.29 23.01
CA THR D 436 -5.07 -14.00 23.37
C THR D 436 -5.44 -13.68 24.81
N LEU D 437 -5.05 -12.50 25.25
CA LEU D 437 -5.36 -12.02 26.60
C LEU D 437 -5.41 -10.50 26.56
N GLU D 438 -6.04 -9.93 27.59
CA GLU D 438 -6.28 -8.49 27.62
C GLU D 438 -5.08 -7.77 28.25
N GLU D 439 -4.39 -6.97 27.45
CA GLU D 439 -3.33 -6.10 27.94
C GLU D 439 -3.54 -4.73 27.32
N ARG D 440 -3.79 -3.73 28.15
CA ARG D 440 -4.22 -2.42 27.65
C ARG D 440 -3.32 -1.85 26.56
N PRO D 441 -2.00 -1.81 26.73
CA PRO D 441 -1.15 -1.25 25.66
C PRO D 441 -1.25 -2.01 24.35
N PHE D 442 -1.54 -3.32 24.40
CA PHE D 442 -1.52 -4.17 23.22
C PHE D 442 -2.92 -4.61 22.78
N VAL D 443 -3.70 -5.21 23.68
CA VAL D 443 -5.05 -5.65 23.38
C VAL D 443 -6.01 -4.83 24.23
N ILE D 444 -6.90 -4.10 23.56
CA ILE D 444 -7.94 -3.31 24.23
C ILE D 444 -9.28 -3.87 23.82
N VAL D 445 -10.08 -4.27 24.80
CA VAL D 445 -11.38 -4.89 24.56
C VAL D 445 -12.45 -4.00 25.17
N GLU D 446 -13.43 -3.62 24.36
CA GLU D 446 -14.56 -2.84 24.80
C GLU D 446 -15.84 -3.43 24.23
N PRO D 447 -16.94 -3.34 24.96
CA PRO D 447 -18.20 -3.90 24.46
C PRO D 447 -18.71 -3.14 23.25
N ALA D 448 -19.40 -3.86 22.37
CA ALA D 448 -20.01 -3.24 21.21
C ALA D 448 -21.25 -2.46 21.62
N ASP D 449 -21.51 -1.35 20.90
CA ASP D 449 -22.64 -0.52 21.22
C ASP D 449 -23.95 -1.25 20.96
N PRO D 450 -25.02 -0.91 21.69
CA PRO D 450 -26.29 -1.60 21.48
C PRO D 450 -26.76 -1.55 20.03
N ILE D 451 -26.57 -0.42 19.36
CA ILE D 451 -26.92 -0.29 17.94
C ILE D 451 -25.73 -0.53 17.03
N SER D 452 -24.51 -0.58 17.56
CA SER D 452 -23.35 -0.84 16.73
C SER D 452 -23.41 -2.23 16.09
N GLY D 453 -23.85 -3.22 16.85
CA GLY D 453 -23.87 -4.58 16.35
C GLY D 453 -22.48 -5.11 16.09
N THR D 454 -22.12 -5.24 14.81
CA THR D 454 -20.77 -5.65 14.46
C THR D 454 -19.76 -4.61 14.90
N CYS D 455 -18.53 -5.04 15.16
CA CYS D 455 -17.50 -4.14 15.62
C CYS D 455 -17.19 -3.08 14.59
N ILE D 456 -16.92 -1.85 15.06
CA ILE D 456 -16.63 -0.73 14.19
C ILE D 456 -15.27 -0.95 13.53
N ARG D 457 -14.94 -0.12 12.55
CA ARG D 457 -13.66 -0.22 11.87
C ARG D 457 -12.51 -0.13 12.86
N ASP D 458 -11.35 -0.62 12.43
CA ASP D 458 -10.16 -0.66 13.28
C ASP D 458 -10.40 -1.52 14.52
N SER D 459 -11.11 -2.63 14.34
CA SER D 459 -11.40 -3.54 15.44
C SER D 459 -11.68 -4.92 14.87
N VAL D 460 -11.63 -5.92 15.75
CA VAL D 460 -11.91 -7.30 15.36
C VAL D 460 -12.91 -7.89 16.35
N PRO D 461 -13.68 -8.90 15.97
CA PRO D 461 -14.67 -9.45 16.89
C PRO D 461 -14.05 -10.30 17.99
N CYS D 462 -14.00 -9.77 19.20
CA CYS D 462 -13.46 -10.50 20.34
C CYS D 462 -14.52 -11.46 20.86
N ARG D 463 -14.11 -12.69 21.13
CA ARG D 463 -15.02 -13.80 21.42
C ARG D 463 -14.66 -14.46 22.73
N SER D 464 -14.50 -13.67 23.79
CA SER D 464 -14.14 -14.19 25.10
C SER D 464 -14.93 -15.46 25.41
N GLN D 465 -14.21 -16.56 25.60
CA GLN D 465 -14.80 -17.89 25.68
C GLN D 465 -14.29 -18.62 26.90
N LEU D 466 -15.13 -19.52 27.43
CA LEU D 466 -14.78 -20.36 28.57
C LEU D 466 -15.41 -21.72 28.36
N ASN D 467 -15.42 -22.53 29.42
CA ASN D 467 -16.01 -23.87 29.36
C ASN D 467 -17.47 -23.81 28.93
N PRO D 479 -24.08 -15.54 26.33
CA PRO D 479 -22.93 -15.12 25.53
C PRO D 479 -23.00 -13.64 25.13
N GLU D 480 -21.86 -12.97 25.13
CA GLU D 480 -21.76 -11.57 24.75
C GLU D 480 -20.62 -11.38 23.77
N LYS D 481 -20.76 -10.39 22.90
CA LYS D 481 -19.75 -10.08 21.88
C LYS D 481 -18.98 -8.83 22.31
N ARG D 482 -17.66 -8.88 22.19
CA ARG D 482 -16.79 -7.79 22.54
C ARG D 482 -15.84 -7.49 21.38
N CYS D 483 -15.37 -6.24 21.33
CA CYS D 483 -14.46 -5.77 20.30
C CYS D 483 -13.07 -5.64 20.89
N CYS D 484 -12.10 -6.31 20.29
CA CYS D 484 -10.72 -6.31 20.74
C CYS D 484 -9.86 -5.58 19.72
N LYS D 485 -9.11 -4.58 20.17
CA LYS D 485 -8.27 -3.77 19.31
C LYS D 485 -6.98 -3.43 20.03
N GLY D 486 -5.98 -3.00 19.27
CA GLY D 486 -4.70 -2.63 19.84
C GLY D 486 -3.53 -2.84 18.90
N PHE D 487 -2.33 -2.97 19.46
CA PHE D 487 -1.13 -3.13 18.65
C PHE D 487 -1.07 -4.53 18.02
N CYS D 488 -1.03 -5.57 18.85
CA CYS D 488 -0.91 -6.93 18.33
C CYS D 488 -2.10 -7.33 17.48
N ILE D 489 -3.30 -6.83 17.78
CA ILE D 489 -4.44 -7.12 16.92
C ILE D 489 -4.22 -6.55 15.53
N ASP D 490 -3.72 -5.32 15.44
CA ASP D 490 -3.38 -4.76 14.14
C ASP D 490 -2.35 -5.62 13.43
N ILE D 491 -1.39 -6.18 14.18
CA ILE D 491 -0.44 -7.11 13.59
C ILE D 491 -1.16 -8.35 13.07
N LEU D 492 -2.11 -8.86 13.84
CA LEU D 492 -2.84 -10.06 13.42
C LEU D 492 -3.61 -9.81 12.13
N LYS D 493 -4.27 -8.65 12.02
CA LYS D 493 -5.01 -8.34 10.80
C LYS D 493 -4.10 -8.31 9.58
N ARG D 494 -2.93 -7.67 9.72
CA ARG D 494 -2.00 -7.59 8.60
C ARG D 494 -1.46 -8.96 8.23
N LEU D 495 -1.17 -9.80 9.23
CA LEU D 495 -0.70 -11.15 8.94
C LEU D 495 -1.74 -11.95 8.19
N ALA D 496 -3.00 -11.84 8.60
CA ALA D 496 -4.07 -12.55 7.90
C ALA D 496 -4.19 -12.08 6.46
N HIS D 497 -4.11 -10.76 6.23
CA HIS D 497 -4.21 -10.24 4.88
C HIS D 497 -3.08 -10.74 4.00
N THR D 498 -1.86 -10.78 4.54
CA THR D 498 -0.71 -11.20 3.74
C THR D 498 -0.67 -12.72 3.58
N ILE D 499 -0.61 -13.44 4.69
CA ILE D 499 -0.57 -14.90 4.62
C ILE D 499 -1.83 -15.43 3.96
N GLY D 500 -2.99 -14.90 4.35
CA GLY D 500 -4.24 -15.28 3.73
C GLY D 500 -4.99 -16.38 4.44
N PHE D 501 -5.21 -16.21 5.74
CA PHE D 501 -6.03 -17.13 6.53
C PHE D 501 -7.17 -16.36 7.18
N SER D 502 -8.01 -17.10 7.90
CA SER D 502 -9.12 -16.52 8.63
C SER D 502 -8.92 -16.79 10.12
N TYR D 503 -8.84 -15.72 10.91
CA TYR D 503 -8.59 -15.83 12.34
C TYR D 503 -9.90 -15.80 13.11
N ASP D 504 -9.81 -16.21 14.38
CA ASP D 504 -10.97 -16.25 15.27
C ASP D 504 -10.45 -16.04 16.69
N LEU D 505 -10.57 -14.81 17.19
CA LEU D 505 -10.05 -14.49 18.51
C LEU D 505 -10.74 -15.32 19.58
N TYR D 506 -9.97 -15.77 20.57
CA TYR D 506 -10.43 -16.65 21.63
C TYR D 506 -9.94 -16.14 22.98
N LEU D 507 -10.20 -14.86 23.23
CA LEU D 507 -9.73 -14.19 24.45
C LEU D 507 -9.86 -15.11 25.66
N VAL D 508 -8.73 -15.39 26.29
CA VAL D 508 -8.65 -16.43 27.31
C VAL D 508 -9.10 -15.86 28.66
N THR D 509 -9.56 -16.77 29.53
CA THR D 509 -9.95 -16.41 30.88
C THR D 509 -9.52 -17.43 31.92
N ASN D 510 -8.74 -18.44 31.54
CA ASN D 510 -8.31 -19.48 32.49
C ASN D 510 -7.10 -19.06 33.31
N GLY D 511 -6.51 -17.91 33.04
CA GLY D 511 -5.34 -17.48 33.79
C GLY D 511 -4.65 -16.25 33.23
N LYS D 512 -3.34 -16.33 33.09
CA LYS D 512 -2.51 -15.21 32.66
C LYS D 512 -1.67 -15.63 31.44
N HIS D 513 -0.67 -14.81 31.12
CA HIS D 513 0.13 -15.04 29.93
C HIS D 513 0.77 -16.42 29.92
N GLY D 514 0.99 -17.01 31.08
CA GLY D 514 1.53 -18.36 31.13
C GLY D 514 2.27 -18.70 32.40
N LYS D 515 2.02 -19.90 32.93
CA LYS D 515 2.70 -20.37 34.12
C LYS D 515 2.51 -21.88 34.22
N LYS D 516 3.34 -22.51 35.04
CA LYS D 516 3.31 -23.96 35.23
C LYS D 516 2.84 -24.25 36.65
N ILE D 517 1.81 -25.07 36.78
CA ILE D 517 1.25 -25.47 38.07
C ILE D 517 1.23 -26.99 38.11
N ASP D 518 2.11 -27.58 38.91
CA ASP D 518 2.22 -29.03 39.09
C ASP D 518 2.07 -29.75 37.76
N GLY D 519 2.88 -29.34 36.78
CA GLY D 519 2.86 -29.96 35.47
C GLY D 519 1.71 -29.56 34.58
N VAL D 520 1.00 -28.48 34.90
CA VAL D 520 -0.13 -28.01 34.12
C VAL D 520 0.15 -26.57 33.69
N TRP D 521 -0.07 -26.30 32.41
CA TRP D 521 0.13 -24.96 31.86
C TRP D 521 -1.20 -24.23 31.80
N ASN D 522 -1.30 -23.11 32.50
CA ASN D 522 -2.50 -22.30 32.55
C ASN D 522 -2.24 -20.95 31.90
N GLY D 523 -3.07 -20.59 30.92
CA GLY D 523 -2.92 -19.32 30.24
C GLY D 523 -2.84 -19.47 28.73
N MET D 524 -2.33 -18.45 28.05
CA MET D 524 -2.21 -18.51 26.60
C MET D 524 -1.30 -19.66 26.17
N ILE D 525 -0.22 -19.89 26.91
CA ILE D 525 0.66 -21.02 26.60
C ILE D 525 -0.08 -22.33 26.79
N GLY D 526 -0.96 -22.40 27.80
CA GLY D 526 -1.76 -23.59 27.99
C GLY D 526 -2.65 -23.89 26.80
N GLU D 527 -3.30 -22.85 26.26
CA GLU D 527 -4.15 -23.06 25.09
C GLU D 527 -3.32 -23.40 23.86
N VAL D 528 -2.21 -22.70 23.64
CA VAL D 528 -1.34 -23.04 22.53
C VAL D 528 -0.79 -24.45 22.69
N PHE D 529 -0.34 -24.79 23.88
CA PHE D 529 -0.06 -26.18 24.19
C PHE D 529 -1.35 -26.99 24.10
N TYR D 530 -1.21 -28.31 24.09
CA TYR D 530 -2.35 -29.17 23.79
C TYR D 530 -2.77 -28.85 22.35
N GLN D 531 -4.06 -28.73 22.05
CA GLN D 531 -4.48 -28.40 20.70
C GLN D 531 -5.67 -27.44 20.68
N ARG D 532 -5.89 -26.70 21.77
CA ARG D 532 -7.10 -25.88 21.87
C ARG D 532 -7.05 -24.66 20.96
N ALA D 533 -5.86 -24.10 20.74
CA ALA D 533 -5.74 -22.93 19.87
C ALA D 533 -4.29 -22.82 19.42
N ASP D 534 -4.06 -22.80 18.12
CA ASP D 534 -2.70 -22.79 17.56
C ASP D 534 -2.20 -21.38 17.32
N MET D 535 -2.26 -20.53 18.35
CA MET D 535 -1.62 -19.23 18.32
C MET D 535 -1.88 -18.47 19.61
N ALA D 536 -0.96 -17.59 19.99
CA ALA D 536 -1.10 -16.83 21.23
C ALA D 536 -0.66 -15.38 21.02
N ILE D 537 -1.11 -14.77 19.93
CA ILE D 537 -0.75 -13.40 19.64
C ILE D 537 -1.11 -12.51 20.83
N GLY D 538 -0.19 -11.61 21.18
CA GLY D 538 -0.40 -10.72 22.29
C GLY D 538 0.89 -10.24 22.92
N SER D 539 0.99 -10.32 24.24
CA SER D 539 2.20 -9.95 24.98
C SER D 539 2.78 -11.22 25.59
N LEU D 540 3.59 -11.94 24.81
CA LEU D 540 4.19 -13.19 25.24
C LEU D 540 5.71 -13.04 25.16
N THR D 541 6.37 -13.17 26.30
CA THR D 541 7.83 -13.11 26.33
C THR D 541 8.42 -14.45 25.90
N ILE D 542 9.70 -14.42 25.54
CA ILE D 542 10.40 -15.61 25.06
C ILE D 542 11.45 -16.00 26.08
N ASN D 543 11.39 -17.25 26.54
CA ASN D 543 12.37 -17.81 27.45
C ASN D 543 12.52 -19.30 27.15
N GLU D 544 13.45 -19.95 27.86
CA GLU D 544 13.73 -21.36 27.56
C GLU D 544 12.51 -22.24 27.77
N GLU D 545 11.80 -22.05 28.89
CA GLU D 545 10.71 -22.96 29.21
C GLU D 545 9.57 -22.85 28.20
N ARG D 546 9.11 -21.63 27.92
CA ARG D 546 8.05 -21.47 26.93
C ARG D 546 8.51 -21.91 25.55
N SER D 547 9.74 -21.57 25.18
CA SER D 547 10.27 -21.97 23.88
C SER D 547 10.61 -23.45 23.82
N GLU D 548 10.60 -24.15 24.94
CA GLU D 548 10.92 -25.58 24.93
C GLU D 548 9.70 -26.42 24.60
N ILE D 549 8.52 -26.02 25.07
CA ILE D 549 7.31 -26.79 24.78
C ILE D 549 6.49 -26.18 23.64
N VAL D 550 6.66 -24.90 23.35
CA VAL D 550 5.98 -24.26 22.23
C VAL D 550 7.02 -23.84 21.21
N ASP D 551 6.57 -23.31 20.07
CA ASP D 551 7.47 -22.84 19.01
C ASP D 551 7.13 -21.38 18.74
N PHE D 552 8.00 -20.48 19.16
CA PHE D 552 7.76 -19.04 19.02
C PHE D 552 8.10 -18.60 17.61
N SER D 553 8.09 -17.29 17.38
CA SER D 553 8.40 -16.72 16.08
C SER D 553 9.42 -15.60 16.22
N VAL D 554 9.66 -14.86 15.14
CA VAL D 554 10.63 -13.76 15.20
C VAL D 554 10.10 -12.69 16.15
N PRO D 555 10.90 -12.22 17.10
CA PRO D 555 10.42 -11.21 18.06
C PRO D 555 10.13 -9.89 17.35
N PHE D 556 8.86 -9.52 17.31
CA PHE D 556 8.46 -8.27 16.68
C PHE D 556 8.46 -7.08 17.63
N VAL D 557 8.76 -7.30 18.91
CA VAL D 557 8.88 -6.22 19.89
C VAL D 557 9.93 -6.63 20.91
N GLU D 558 10.78 -5.69 21.31
CA GLU D 558 11.84 -5.98 22.26
C GLU D 558 11.38 -5.74 23.69
N THR D 559 11.99 -6.47 24.63
CA THR D 559 11.63 -6.36 26.03
C THR D 559 12.86 -6.72 26.86
N GLY D 560 12.66 -6.75 28.17
CA GLY D 560 13.73 -7.08 29.08
C GLY D 560 13.51 -6.44 30.43
N ILE D 561 14.44 -6.71 31.34
CA ILE D 561 14.40 -6.17 32.70
C ILE D 561 15.18 -4.86 32.68
N SER D 562 14.49 -3.77 32.37
CA SER D 562 15.09 -2.45 32.27
C SER D 562 14.85 -1.67 33.56
N VAL D 563 15.51 -0.51 33.66
CA VAL D 563 15.47 0.33 34.84
C VAL D 563 14.93 1.71 34.45
N MET D 564 13.98 2.21 35.22
CA MET D 564 13.41 3.53 35.02
C MET D 564 13.88 4.46 36.14
N VAL D 565 14.46 5.60 35.75
CA VAL D 565 15.00 6.56 36.70
C VAL D 565 14.48 7.95 36.33
N ALA D 566 13.97 8.67 37.32
CA ALA D 566 13.51 10.03 37.08
C ALA D 566 14.67 10.94 36.70
N ARG D 567 14.46 11.76 35.67
CA ARG D 567 15.51 12.65 35.20
C ARG D 567 15.74 13.79 36.19
N SER D 568 17.01 14.15 36.37
CA SER D 568 17.39 15.20 37.31
C SER D 568 17.13 16.55 36.67
N ASN D 569 16.00 17.16 37.01
CA ASN D 569 15.64 18.46 36.44
C ASN D 569 16.58 19.55 36.91
N GLY D 570 16.96 20.43 35.99
CA GLY D 570 17.76 21.59 36.34
C GLY D 570 19.18 21.28 36.74
N THR D 571 19.99 20.80 35.80
CA THR D 571 21.40 20.55 36.09
C THR D 571 22.07 21.84 36.56
N VAL D 572 22.80 21.75 37.66
CA VAL D 572 23.43 22.92 38.28
C VAL D 572 24.81 23.13 37.65
N SER D 573 25.16 24.39 37.46
CA SER D 573 26.48 24.71 36.94
C SER D 573 27.55 24.27 37.93
N PRO D 574 28.64 23.66 37.45
CA PRO D 574 29.66 23.15 38.38
C PRO D 574 30.38 24.26 39.13
N SER D 575 31.27 23.87 40.04
CA SER D 575 32.02 24.86 40.81
C SER D 575 32.89 25.71 39.90
N ALA D 576 33.53 25.10 38.91
CA ALA D 576 34.42 25.79 37.99
C ALA D 576 33.68 26.45 36.84
N PHE D 577 32.39 26.72 37.00
CA PHE D 577 31.60 27.38 35.96
C PHE D 577 31.78 28.89 35.98
N LEU D 578 32.54 29.44 36.92
CA LEU D 578 32.77 30.87 37.00
C LEU D 578 33.93 31.35 36.16
N GLU D 579 34.53 30.47 35.35
CA GLU D 579 35.69 30.81 34.53
C GLU D 579 35.36 30.53 33.06
N PRO D 580 34.84 31.51 32.33
CA PRO D 580 34.65 31.32 30.89
C PRO D 580 35.96 31.51 30.14
N TYR D 581 36.88 32.26 30.74
CA TYR D 581 38.15 32.54 30.11
C TYR D 581 39.09 31.34 30.26
N SER D 582 39.86 31.08 29.20
CA SER D 582 40.83 30.00 29.25
C SER D 582 41.94 30.34 30.24
N PRO D 583 42.62 29.33 30.79
CA PRO D 583 43.72 29.61 31.73
C PRO D 583 44.76 30.55 31.17
N ALA D 584 45.10 30.41 29.88
CA ALA D 584 46.01 31.36 29.26
C ALA D 584 45.41 32.77 29.26
N VAL D 585 44.09 32.86 29.20
CA VAL D 585 43.44 34.16 29.26
C VAL D 585 43.72 34.86 30.57
N TRP D 586 43.52 34.16 31.69
CA TRP D 586 43.73 34.79 33.00
C TRP D 586 45.19 35.16 33.21
N VAL D 587 46.12 34.28 32.80
CA VAL D 587 47.53 34.57 32.99
C VAL D 587 47.94 35.80 32.19
N MET D 588 47.48 35.90 30.95
CA MET D 588 47.84 37.05 30.11
C MET D 588 47.31 38.34 30.72
N MET D 589 46.09 38.32 31.26
CA MET D 589 45.54 39.51 31.88
C MET D 589 46.38 39.95 33.07
N PHE D 590 46.83 39.02 33.89
CA PHE D 590 47.66 39.36 35.04
C PHE D 590 48.99 39.97 34.59
N VAL D 591 49.62 39.37 33.58
CA VAL D 591 50.91 39.88 33.12
C VAL D 591 50.76 41.28 32.54
N MET D 592 49.69 41.52 31.78
CA MET D 592 49.46 42.85 31.24
C MET D 592 49.25 43.87 32.35
N CYS D 593 48.52 43.48 33.41
CA CYS D 593 48.30 44.41 34.52
C CYS D 593 49.62 44.80 35.17
N LEU D 594 50.51 43.84 35.39
CA LEU D 594 51.81 44.16 35.98
C LEU D 594 52.62 45.06 35.06
N THR D 595 52.63 44.77 33.76
CA THR D 595 53.36 45.60 32.82
C THR D 595 52.80 47.02 32.79
N VAL D 596 51.47 47.14 32.76
CA VAL D 596 50.86 48.47 32.75
C VAL D 596 51.19 49.22 34.03
N VAL D 597 51.13 48.54 35.18
CA VAL D 597 51.43 49.19 36.45
C VAL D 597 52.87 49.70 36.45
N ALA D 598 53.81 48.87 35.97
CA ALA D 598 55.20 49.30 35.89
C ALA D 598 55.35 50.49 34.95
N VAL D 599 54.64 50.47 33.82
CA VAL D 599 54.71 51.59 32.89
C VAL D 599 54.19 52.87 33.54
N THR D 600 53.06 52.78 34.26
CA THR D 600 52.50 53.96 34.89
C THR D 600 53.45 54.53 35.93
N VAL D 601 54.04 53.68 36.77
CA VAL D 601 54.96 54.16 37.79
C VAL D 601 56.18 54.80 37.15
N PHE D 602 56.73 54.17 36.10
CA PHE D 602 57.89 54.75 35.41
C PHE D 602 57.54 56.09 34.79
N ILE D 603 56.38 56.20 34.16
CA ILE D 603 55.96 57.47 33.57
C ILE D 603 55.81 58.54 34.64
N PHE D 604 55.18 58.17 35.77
CA PHE D 604 55.04 59.12 36.87
C PHE D 604 56.40 59.55 37.41
N GLU D 605 57.33 58.60 37.53
CA GLU D 605 58.67 58.95 37.99
C GLU D 605 59.35 59.91 37.03
N TYR D 606 59.15 59.70 35.72
CA TYR D 606 59.74 60.61 34.74
C TYR D 606 59.22 62.02 34.91
N LEU D 607 57.92 62.17 35.16
CA LEU D 607 57.33 63.49 35.38
C LEU D 607 56.21 63.42 36.42
N PHE D 627 53.76 60.36 46.72
CA PHE D 627 54.10 59.63 45.50
C PHE D 627 53.26 58.36 45.38
N THR D 628 53.65 57.49 44.45
CA THR D 628 52.95 56.23 44.20
C THR D 628 53.99 55.13 44.02
N ILE D 629 53.89 54.08 44.83
CA ILE D 629 54.77 52.93 44.71
C ILE D 629 53.93 51.69 44.48
N GLY D 630 53.06 51.37 45.45
CA GLY D 630 52.16 50.24 45.31
C GLY D 630 50.75 50.68 44.96
N LYS D 631 50.53 51.99 44.96
CA LYS D 631 49.20 52.52 44.62
C LYS D 631 48.83 52.20 43.17
N SER D 632 49.81 52.21 42.27
CA SER D 632 49.52 51.91 40.87
C SER D 632 48.94 50.51 40.71
N ILE D 633 49.54 49.53 41.40
CA ILE D 633 48.99 48.18 41.38
C ILE D 633 47.60 48.16 42.00
N TRP D 634 47.43 48.84 43.13
CA TRP D 634 46.12 48.92 43.77
C TRP D 634 45.10 49.56 42.83
N LEU D 635 45.45 50.71 42.25
CA LEU D 635 44.53 51.39 41.35
C LEU D 635 44.26 50.54 40.11
N LEU D 636 45.30 49.89 39.58
CA LEU D 636 45.13 49.10 38.36
C LEU D 636 44.11 47.98 38.58
N TRP D 637 44.19 47.29 39.72
CA TRP D 637 43.27 46.19 39.99
C TRP D 637 41.85 46.68 40.25
N ALA D 638 41.70 47.85 40.89
CA ALA D 638 40.37 48.33 41.23
C ALA D 638 39.53 48.55 39.97
N LEU D 639 40.12 49.14 38.93
CA LEU D 639 39.36 49.43 37.71
C LEU D 639 38.85 48.15 37.05
N VAL D 640 39.66 47.09 37.05
CA VAL D 640 39.23 45.85 36.43
C VAL D 640 37.99 45.30 37.11
N PHE D 641 37.91 45.42 38.43
CA PHE D 641 36.73 45.02 39.17
C PHE D 641 35.74 46.19 39.20
N ASN D 642 34.71 46.09 40.03
CA ASN D 642 33.81 47.21 40.22
C ASN D 642 34.59 48.42 40.72
N ASN D 643 34.34 49.57 40.10
CA ASN D 643 35.11 50.78 40.42
C ASN D 643 34.86 51.29 41.83
N SER D 644 33.84 50.79 42.52
CA SER D 644 33.49 51.29 43.85
C SER D 644 34.51 50.78 44.87
N VAL D 645 35.69 51.36 44.81
CA VAL D 645 36.78 51.07 45.75
C VAL D 645 37.66 52.30 45.87
N PRO D 646 37.84 52.84 47.08
CA PRO D 646 38.68 54.05 47.21
C PRO D 646 40.10 53.79 46.74
N VAL D 647 40.69 54.78 46.08
CA VAL D 647 42.04 54.67 45.55
C VAL D 647 42.52 56.06 45.18
N GLU D 648 43.82 56.30 45.39
CA GLU D 648 44.42 57.57 44.99
C GLU D 648 44.81 57.52 43.53
N ASN D 649 44.38 58.53 42.76
CA ASN D 649 44.61 58.55 41.33
C ASN D 649 45.91 59.30 41.03
N PRO D 650 46.91 58.65 40.44
CA PRO D 650 48.18 59.33 40.15
C PRO D 650 48.02 60.45 39.14
N ARG D 651 48.22 61.69 39.57
CA ARG D 651 48.15 62.83 38.67
C ARG D 651 49.37 62.85 37.75
N GLY D 652 49.14 63.24 36.51
CA GLY D 652 50.22 63.31 35.54
C GLY D 652 49.72 63.79 34.21
N THR D 653 50.64 63.87 33.25
CA THR D 653 50.33 64.33 31.90
C THR D 653 49.94 63.16 30.99
N THR D 654 50.72 62.08 31.00
CA THR D 654 50.46 60.93 30.17
C THR D 654 50.04 59.69 30.94
N SER D 655 50.34 59.62 32.24
CA SER D 655 49.93 58.47 33.03
C SER D 655 48.42 58.30 33.02
N LYS D 656 47.67 59.40 32.97
CA LYS D 656 46.22 59.32 32.90
C LYS D 656 45.77 58.60 31.64
N ILE D 657 46.42 58.88 30.51
CA ILE D 657 46.07 58.19 29.26
C ILE D 657 46.21 56.69 29.43
N MET D 658 47.27 56.25 30.11
CA MET D 658 47.46 54.82 30.35
C MET D 658 46.33 54.28 31.22
N VAL D 659 45.91 55.03 32.23
CA VAL D 659 44.81 54.58 33.09
C VAL D 659 43.54 54.43 32.28
N LEU D 660 43.24 55.40 31.42
CA LEU D 660 42.03 55.30 30.59
C LEU D 660 42.10 54.10 29.66
N VAL D 661 43.24 53.87 29.03
CA VAL D 661 43.37 52.75 28.11
C VAL D 661 43.17 51.43 28.87
N TRP D 662 43.72 51.34 30.08
CA TRP D 662 43.45 50.17 30.92
C TRP D 662 41.99 50.12 31.33
N ALA D 663 41.41 51.28 31.64
CA ALA D 663 40.00 51.32 32.05
C ALA D 663 39.11 50.80 30.93
N PHE D 664 39.39 51.18 29.69
CA PHE D 664 38.63 50.65 28.56
C PHE D 664 38.79 49.14 28.46
N PHE D 665 40.00 48.64 28.71
CA PHE D 665 40.21 47.20 28.72
C PHE D 665 39.39 46.54 29.83
N ALA D 666 39.29 47.18 30.98
CA ALA D 666 38.47 46.64 32.06
C ALA D 666 37.00 46.56 31.65
N VAL D 667 36.49 47.62 31.02
CA VAL D 667 35.09 47.63 30.59
C VAL D 667 34.85 46.54 29.55
N ILE D 668 35.76 46.42 28.59
CA ILE D 668 35.61 45.40 27.56
C ILE D 668 35.75 44.01 28.17
N PHE D 669 36.66 43.84 29.13
CA PHE D 669 36.85 42.53 29.76
C PHE D 669 35.64 42.15 30.59
N LEU D 670 35.14 43.06 31.42
CA LEU D 670 33.99 42.74 32.27
C LEU D 670 32.76 42.42 31.44
N ALA D 671 32.54 43.19 30.36
CA ALA D 671 31.39 42.91 29.50
C ALA D 671 31.49 41.53 28.88
N SER D 672 32.69 41.15 28.43
CA SER D 672 32.87 39.81 27.87
C SER D 672 32.64 38.73 28.92
N TYR D 673 33.16 38.93 30.14
CA TYR D 673 33.01 37.92 31.17
C TYR D 673 31.55 37.72 31.54
N THR D 674 30.81 38.81 31.75
CA THR D 674 29.39 38.69 32.08
C THR D 674 28.62 38.07 30.92
N ALA D 675 28.99 38.42 29.69
CA ALA D 675 28.31 37.85 28.53
C ALA D 675 28.47 36.34 28.47
N ASN D 676 29.67 35.84 28.77
CA ASN D 676 29.92 34.41 28.69
C ASN D 676 29.12 33.63 29.74
N LEU D 677 29.06 34.14 30.97
CA LEU D 677 28.29 33.44 32.01
C LEU D 677 26.85 33.23 31.56
N ALA D 678 26.27 34.23 30.88
CA ALA D 678 24.92 34.05 30.35
C ALA D 678 24.85 32.84 29.44
N ALA D 679 25.92 32.58 28.68
CA ALA D 679 25.96 31.39 27.85
C ALA D 679 26.22 30.13 28.68
N PHE D 680 27.00 30.25 29.75
CA PHE D 680 27.28 29.09 30.59
C PHE D 680 26.08 28.69 31.43
N MET D 681 25.29 29.66 31.90
CA MET D 681 24.15 29.37 32.74
C MET D 681 23.05 28.59 32.03
N ILE D 682 23.08 28.54 30.70
CA ILE D 682 22.08 27.80 29.94
C ILE D 682 22.44 26.32 29.99
N GLN D 683 21.83 25.58 30.90
CA GLN D 683 22.11 24.17 31.10
C GLN D 683 20.99 23.32 30.51
N GLU D 684 21.10 22.00 30.69
CA GLU D 684 20.12 21.07 30.17
C GLU D 684 19.62 20.15 31.27
N GLU D 685 18.85 19.13 30.90
CA GLU D 685 18.35 18.13 31.84
C GLU D 685 19.24 16.90 31.76
N TYR D 686 19.85 16.53 32.88
CA TYR D 686 20.77 15.41 32.95
C TYR D 686 20.12 14.26 33.69
N VAL D 687 20.17 13.07 33.10
CA VAL D 687 19.62 11.86 33.70
C VAL D 687 20.76 10.93 34.05
N ASP D 688 20.75 10.42 35.29
CA ASP D 688 21.79 9.50 35.72
C ASP D 688 21.86 8.30 34.79
N THR D 689 23.07 7.97 34.34
CA THR D 689 23.30 6.92 33.35
C THR D 689 23.87 5.70 34.06
N VAL D 690 22.97 4.82 34.52
CA VAL D 690 23.41 3.56 35.11
C VAL D 690 24.06 2.68 34.04
N SER D 691 24.74 1.64 34.50
CA SER D 691 25.44 0.73 33.59
C SER D 691 24.53 -0.33 33.01
N GLY D 692 23.25 -0.34 33.36
CA GLY D 692 22.31 -1.30 32.80
C GLY D 692 22.12 -2.55 33.64
N LEU D 693 21.81 -2.37 34.92
CA LEU D 693 21.53 -3.43 35.88
C LEU D 693 22.79 -4.20 36.28
N SER D 694 23.94 -3.90 35.70
CA SER D 694 25.21 -4.51 36.08
C SER D 694 26.17 -3.50 36.69
N ASP D 695 25.73 -2.26 36.89
CA ASP D 695 26.58 -1.23 37.46
C ASP D 695 26.92 -1.55 38.91
N ARG D 696 28.05 -1.00 39.37
CA ARG D 696 28.44 -1.16 40.77
C ARG D 696 27.40 -0.59 41.72
N LYS D 697 26.58 0.35 41.26
CA LYS D 697 25.54 0.91 42.12
C LYS D 697 24.54 -0.16 42.55
N PHE D 698 24.14 -1.03 41.63
CA PHE D 698 23.14 -2.05 41.93
C PHE D 698 23.78 -3.22 42.67
N GLN D 699 24.72 -3.91 42.01
CA GLN D 699 25.41 -5.02 42.64
C GLN D 699 26.30 -4.52 43.76
N ARG D 700 26.23 -5.17 44.91
CA ARG D 700 27.00 -4.74 46.08
C ARG D 700 26.73 -3.27 46.37
N PRO D 701 25.47 -2.89 46.63
CA PRO D 701 25.18 -1.48 46.88
C PRO D 701 25.89 -0.90 48.08
N GLN D 702 26.22 -1.72 49.08
CA GLN D 702 26.85 -1.23 50.31
C GLN D 702 28.36 -1.07 50.12
N GLU D 703 28.72 -0.25 49.15
CA GLU D 703 30.10 0.14 48.89
C GLU D 703 30.31 1.64 48.93
N GLN D 704 29.36 2.41 48.41
CA GLN D 704 29.37 3.87 48.52
C GLN D 704 28.03 4.31 49.08
N TYR D 705 27.75 5.62 49.06
CA TYR D 705 26.45 6.09 49.48
C TYR D 705 25.38 5.32 48.70
N PRO D 706 24.59 4.48 49.37
CA PRO D 706 23.65 3.63 48.64
C PRO D 706 22.62 4.46 47.91
N PRO D 707 22.19 4.02 46.73
CA PRO D 707 21.10 4.72 46.05
C PRO D 707 19.77 4.50 46.76
N LEU D 708 18.84 5.42 46.51
CA LEU D 708 17.52 5.27 47.10
C LEU D 708 16.95 3.90 46.77
N LYS D 709 16.37 3.26 47.78
CA LYS D 709 15.95 1.86 47.65
C LYS D 709 15.22 1.63 46.34
N PHE D 710 15.80 0.77 45.50
CA PHE D 710 15.21 0.44 44.21
C PHE D 710 14.49 -0.90 44.32
N GLY D 711 13.21 -0.90 43.96
CA GLY D 711 12.41 -2.12 44.07
C GLY D 711 11.67 -2.46 42.80
N THR D 712 10.81 -3.47 42.87
CA THR D 712 10.05 -3.92 41.73
C THR D 712 8.80 -4.63 42.23
N VAL D 713 8.00 -5.11 41.28
CA VAL D 713 6.82 -5.91 41.61
C VAL D 713 7.28 -7.30 42.00
N PRO D 714 7.01 -7.75 43.22
CA PRO D 714 7.46 -9.08 43.65
C PRO D 714 6.52 -10.17 43.17
N ASN D 715 6.96 -11.42 43.36
CA ASN D 715 6.18 -12.59 42.98
C ASN D 715 5.83 -12.57 41.49
N GLY D 716 6.84 -12.32 40.65
CA GLY D 716 6.68 -12.29 39.21
C GLY D 716 7.82 -13.01 38.54
N SER D 717 8.21 -12.48 37.38
CA SER D 717 9.32 -13.03 36.60
C SER D 717 10.60 -12.21 36.75
N THR D 718 10.50 -10.89 36.80
CA THR D 718 11.69 -10.06 36.99
C THR D 718 12.34 -10.33 38.34
N GLU D 719 11.51 -10.49 39.39
CA GLU D 719 12.06 -10.81 40.70
C GLU D 719 12.77 -12.15 40.69
N LYS D 720 12.19 -13.15 40.04
CA LYS D 720 12.80 -14.47 40.00
C LYS D 720 14.15 -14.43 39.28
N ASN D 721 14.23 -13.70 38.17
CA ASN D 721 15.47 -13.63 37.41
C ASN D 721 16.58 -12.99 38.24
N ILE D 722 16.27 -11.88 38.92
CA ILE D 722 17.31 -11.17 39.67
C ILE D 722 17.78 -12.01 40.86
N ARG D 723 16.85 -12.67 41.54
CA ARG D 723 17.23 -13.50 42.67
C ARG D 723 18.13 -14.66 42.26
N SER D 724 17.83 -15.26 41.11
CA SER D 724 18.60 -16.42 40.67
C SER D 724 19.96 -16.04 40.12
N ASN D 725 20.15 -14.78 39.72
CA ASN D 725 21.40 -14.34 39.11
C ASN D 725 22.22 -13.43 40.01
N TYR D 726 21.58 -12.54 40.77
CA TYR D 726 22.26 -11.59 41.64
C TYR D 726 21.68 -11.69 43.04
N PRO D 727 22.01 -12.76 43.78
CA PRO D 727 21.45 -12.91 45.13
C PRO D 727 21.79 -11.75 46.05
N ASP D 728 23.01 -11.22 45.96
CA ASP D 728 23.39 -10.11 46.84
C ASP D 728 22.53 -8.88 46.61
N MET D 729 22.31 -8.53 45.34
CA MET D 729 21.48 -7.36 45.04
C MET D 729 20.04 -7.57 45.49
N HIS D 730 19.51 -8.77 45.30
CA HIS D 730 18.14 -9.05 45.70
C HIS D 730 17.97 -9.01 47.22
N SER D 731 19.03 -9.29 47.97
CA SER D 731 18.94 -9.24 49.42
C SER D 731 18.61 -7.84 49.91
N TYR D 732 19.36 -6.84 49.44
CA TYR D 732 19.07 -5.46 49.80
C TYR D 732 17.89 -4.90 49.02
N MET D 733 17.65 -5.40 47.80
CA MET D 733 16.59 -4.89 46.95
C MET D 733 15.20 -5.23 47.46
N VAL D 734 15.09 -6.10 48.46
CA VAL D 734 13.80 -6.52 48.99
C VAL D 734 13.37 -5.65 50.17
N ARG D 735 13.95 -4.46 50.33
CA ARG D 735 13.58 -3.58 51.43
C ARG D 735 12.09 -3.29 51.41
N TYR D 736 11.56 -2.87 50.26
CA TYR D 736 10.12 -2.62 50.13
C TYR D 736 9.74 -2.92 48.68
N ASN D 737 9.29 -4.15 48.43
CA ASN D 737 8.90 -4.58 47.09
C ASN D 737 8.62 -6.08 47.06
N PRO D 739 5.21 -9.16 49.06
CA PRO D 739 4.71 -10.48 48.66
C PRO D 739 4.29 -10.52 47.20
N ARG D 740 3.53 -9.52 46.75
CA ARG D 740 3.08 -9.47 45.38
C ARG D 740 2.33 -8.17 45.08
N VAL D 741 2.30 -7.78 43.80
CA VAL D 741 1.47 -6.68 43.32
C VAL D 741 2.21 -5.35 43.42
N GLU D 742 1.89 -4.57 44.47
CA GLU D 742 2.31 -3.19 44.61
C GLU D 742 1.68 -2.28 43.56
N GLU D 743 0.78 -2.82 42.74
CA GLU D 743 -0.03 -2.06 41.78
C GLU D 743 0.80 -1.11 40.94
N ALA D 744 2.09 -1.40 40.77
CA ALA D 744 2.98 -0.58 39.93
C ALA D 744 2.81 0.90 40.20
N LEU D 745 2.49 1.26 41.45
CA LEU D 745 2.37 2.67 41.82
C LEU D 745 3.73 3.31 42.07
N THR D 746 4.80 2.53 42.09
CA THR D 746 6.14 3.09 42.30
C THR D 746 6.48 4.11 41.21
N GLN D 747 5.93 3.96 40.02
CA GLN D 747 6.16 4.94 38.97
C GLN D 747 5.64 6.31 39.38
N LEU D 748 4.46 6.35 40.01
CA LEU D 748 3.95 7.61 40.55
C LEU D 748 4.69 8.01 41.81
N LYS D 749 5.20 7.04 42.57
CA LYS D 749 5.96 7.31 43.79
C LYS D 749 7.46 7.32 43.55
N ALA D 750 7.90 7.60 42.31
CA ALA D 750 9.32 7.66 42.03
C ALA D 750 9.89 9.02 42.44
N GLY D 751 9.65 9.41 43.68
CA GLY D 751 10.19 10.64 44.23
C GLY D 751 10.93 10.36 45.53
N LYS D 752 10.65 9.20 46.13
CA LYS D 752 11.33 8.76 47.34
C LYS D 752 12.27 7.59 47.09
N LEU D 753 12.09 6.86 46.00
CA LEU D 753 13.04 5.82 45.57
C LEU D 753 13.53 6.15 44.17
N ASP D 754 14.82 5.90 43.95
CA ASP D 754 15.47 6.40 42.74
C ASP D 754 15.13 5.56 41.51
N ALA D 755 15.48 4.28 41.55
CA ALA D 755 15.40 3.43 40.36
C ALA D 755 14.23 2.45 40.48
N PHE D 756 13.63 2.14 39.33
CA PHE D 756 12.56 1.15 39.23
C PHE D 756 12.98 0.07 38.24
N ILE D 757 12.81 -1.19 38.61
CA ILE D 757 13.20 -2.32 37.79
C ILE D 757 11.93 -3.11 37.45
N TYR D 758 11.70 -3.34 36.17
CA TYR D 758 10.52 -4.06 35.71
C TYR D 758 10.68 -4.30 34.22
N ASP D 759 9.69 -4.95 33.61
CA ASP D 759 9.75 -5.25 32.18
C ASP D 759 9.93 -3.97 31.37
N ALA D 760 10.82 -4.03 30.38
CA ALA D 760 11.16 -2.85 29.59
C ALA D 760 10.04 -2.48 28.62
N ALA D 761 9.27 -3.48 28.18
CA ALA D 761 8.21 -3.21 27.20
C ALA D 761 7.17 -2.26 27.77
N VAL D 762 6.76 -2.48 29.03
CA VAL D 762 5.76 -1.60 29.64
C VAL D 762 6.42 -0.35 30.20
N LEU D 763 7.62 -0.49 30.77
CA LEU D 763 8.31 0.68 31.34
C LEU D 763 8.50 1.76 30.28
N ASN D 764 8.79 1.37 29.04
CA ASN D 764 8.90 2.35 27.97
C ASN D 764 7.55 3.02 27.71
N TYR D 765 6.47 2.25 27.76
CA TYR D 765 5.14 2.81 27.49
C TYR D 765 4.74 3.82 28.56
N MET D 766 4.87 3.43 29.84
CA MET D 766 4.48 4.33 30.90
C MET D 766 5.34 5.60 30.92
N ALA D 767 6.62 5.46 30.57
CA ALA D 767 7.48 6.65 30.51
C ALA D 767 7.00 7.62 29.43
N ARG D 768 6.59 7.11 28.27
CA ARG D 768 6.16 7.98 27.19
C ARG D 768 4.78 8.58 27.47
N LYS D 769 3.86 7.77 28.01
CA LYS D 769 2.49 8.22 28.22
C LYS D 769 2.32 9.10 29.45
N ASP D 770 3.33 9.15 30.33
CA ASP D 770 3.17 9.85 31.59
C ASP D 770 3.02 11.35 31.36
N GLU D 771 2.26 12.01 32.25
CA GLU D 771 2.23 13.46 32.27
C GLU D 771 3.62 13.99 32.57
N GLY D 772 4.03 15.03 31.86
CA GLY D 772 5.45 15.31 31.81
C GLY D 772 6.14 14.09 31.24
N CYS D 773 7.30 13.75 31.80
CA CYS D 773 7.90 12.46 31.51
C CYS D 773 9.20 12.31 32.28
N LYS D 774 9.61 11.05 32.44
CA LYS D 774 10.84 10.69 33.12
C LYS D 774 11.59 9.68 32.26
N LEU D 775 12.92 9.83 32.21
CA LEU D 775 13.74 9.00 31.36
C LEU D 775 13.80 7.57 31.91
N VAL D 776 14.19 6.64 31.03
CA VAL D 776 14.41 5.25 31.40
C VAL D 776 15.85 4.90 31.06
N THR D 777 16.59 4.41 32.05
CA THR D 777 18.00 4.08 31.88
C THR D 777 18.12 2.77 31.08
N ILE D 778 17.76 2.87 29.81
CA ILE D 778 17.77 1.71 28.92
C ILE D 778 17.87 2.21 27.49
N GLY D 779 18.35 1.35 26.59
CA GLY D 779 18.46 1.65 25.19
C GLY D 779 18.68 0.39 24.37
N SER D 780 19.55 0.46 23.37
CA SER D 780 19.94 -0.76 22.67
C SER D 780 20.57 -1.76 23.62
N GLY D 781 21.45 -1.27 24.51
CA GLY D 781 22.00 -2.08 25.57
C GLY D 781 21.47 -1.65 26.92
N LYS D 782 22.16 -2.03 27.99
CA LYS D 782 21.79 -1.65 29.35
C LYS D 782 20.51 -2.34 29.82
N VAL D 783 20.00 -3.30 29.03
CA VAL D 783 18.86 -4.11 29.41
C VAL D 783 19.38 -5.50 29.76
N PHE D 784 18.98 -6.01 30.94
CA PHE D 784 19.62 -7.19 31.49
C PHE D 784 19.31 -8.43 30.68
N ALA D 785 18.03 -8.79 30.55
CA ALA D 785 17.64 -10.05 29.95
C ALA D 785 16.88 -9.85 28.66
N THR D 786 17.36 -8.94 27.81
CA THR D 786 16.65 -8.54 26.60
C THR D 786 16.09 -9.75 25.85
N THR D 787 14.77 -9.80 25.73
CA THR D 787 14.07 -10.77 24.90
C THR D 787 13.01 -10.02 24.10
N GLY D 788 12.18 -10.76 23.37
CA GLY D 788 11.17 -10.15 22.53
C GLY D 788 9.79 -10.69 22.81
N TYR D 789 8.83 -10.21 22.04
CA TYR D 789 7.46 -10.68 22.08
C TYR D 789 7.20 -11.53 20.84
N GLY D 790 6.70 -12.75 21.05
CA GLY D 790 6.52 -13.69 19.97
C GLY D 790 5.07 -14.08 19.77
N ILE D 791 4.86 -14.93 18.78
CA ILE D 791 3.56 -15.49 18.45
C ILE D 791 3.65 -16.99 18.69
N ALA D 792 3.22 -17.43 19.87
CA ALA D 792 3.47 -18.80 20.31
C ALA D 792 2.64 -19.75 19.46
N LEU D 793 3.27 -20.35 18.46
CA LEU D 793 2.64 -21.36 17.63
C LEU D 793 2.85 -22.75 18.23
N HIS D 794 2.02 -23.69 17.80
CA HIS D 794 2.14 -25.06 18.29
C HIS D 794 3.47 -25.67 17.84
N LYS D 795 4.01 -26.54 18.68
CA LYS D 795 5.30 -27.16 18.40
C LYS D 795 5.27 -27.83 17.03
N GLY D 796 6.14 -27.39 16.13
CA GLY D 796 6.24 -27.97 14.81
C GLY D 796 5.17 -27.54 13.84
N SER D 797 4.37 -26.53 14.17
CA SER D 797 3.31 -26.09 13.28
C SER D 797 3.88 -25.55 11.98
N ARG D 798 3.21 -25.87 10.88
CA ARG D 798 3.66 -25.42 9.56
C ARG D 798 3.55 -23.90 9.42
N TRP D 799 2.73 -23.25 10.24
CA TRP D 799 2.56 -21.81 10.15
C TRP D 799 3.81 -21.03 10.57
N LYS D 800 4.79 -21.70 11.18
CA LYS D 800 5.97 -20.99 11.67
C LYS D 800 6.68 -20.27 10.54
N ARG D 801 6.99 -20.98 9.45
CA ARG D 801 7.71 -20.36 8.34
C ARG D 801 6.94 -19.23 7.70
N PRO D 802 5.69 -19.41 7.27
CA PRO D 802 4.97 -18.28 6.65
C PRO D 802 4.84 -17.08 7.55
N ILE D 803 4.60 -17.29 8.85
CA ILE D 803 4.49 -16.16 9.77
C ILE D 803 5.86 -15.53 9.99
N ASP D 804 6.90 -16.36 10.10
CA ASP D 804 8.25 -15.82 10.33
C ASP D 804 8.65 -14.85 9.22
N LEU D 805 8.47 -15.26 7.97
CA LEU D 805 8.82 -14.37 6.85
C LEU D 805 7.88 -13.17 6.80
N ALA D 806 6.60 -13.36 7.13
CA ALA D 806 5.67 -12.24 7.10
C ALA D 806 6.06 -11.16 8.10
N LEU D 807 6.44 -11.55 9.32
CA LEU D 807 6.87 -10.57 10.30
C LEU D 807 8.16 -9.89 9.90
N LEU D 808 9.12 -10.66 9.36
CA LEU D 808 10.39 -10.08 8.96
C LEU D 808 10.22 -9.05 7.85
N GLN D 809 9.19 -9.21 7.01
CA GLN D 809 8.92 -8.21 5.99
C GLN D 809 8.32 -6.95 6.60
N PHE D 810 7.52 -7.10 7.66
CA PHE D 810 6.95 -5.94 8.32
C PHE D 810 8.03 -5.05 8.91
N LEU D 811 9.03 -5.64 9.55
CA LEU D 811 10.14 -4.85 10.08
C LEU D 811 10.83 -4.06 8.97
N GLY D 812 10.76 -4.55 7.73
CA GLY D 812 11.45 -3.89 6.64
C GLY D 812 10.85 -2.54 6.29
N ASP D 813 9.51 -2.44 6.30
CA ASP D 813 8.84 -1.24 5.80
C ASP D 813 8.14 -0.43 6.89
N ASP D 814 7.26 -1.05 7.66
CA ASP D 814 6.52 -0.36 8.73
C ASP D 814 6.61 -0.93 10.11
N GLU D 815 5.77 -1.88 10.39
CA GLU D 815 5.79 -2.53 11.67
C GLU D 815 5.98 -1.59 12.74
N ILE D 816 7.06 -1.76 13.46
CA ILE D 816 7.06 -0.95 14.67
C ILE D 816 6.88 0.52 14.33
N GLU D 817 7.58 0.99 13.30
CA GLU D 817 7.55 2.41 12.94
C GLU D 817 6.11 2.93 12.90
N MET D 818 5.29 2.37 12.01
CA MET D 818 3.92 2.85 11.87
C MET D 818 3.07 2.44 13.07
N LEU D 819 3.13 1.16 13.47
CA LEU D 819 2.23 0.66 14.50
C LEU D 819 2.61 1.18 15.88
N GLU D 820 3.90 1.14 16.23
CA GLU D 820 4.31 1.59 17.55
C GLU D 820 4.04 3.07 17.77
N ARG D 821 4.14 3.88 16.71
CA ARG D 821 3.82 5.30 16.85
C ARG D 821 2.33 5.50 17.12
N LEU D 822 1.48 4.67 16.54
CA LEU D 822 0.04 4.81 16.76
C LEU D 822 -0.37 4.39 18.16
N TRP D 823 0.17 3.27 18.64
CA TRP D 823 -0.31 2.65 19.87
C TRP D 823 0.63 2.78 21.06
N LEU D 824 1.92 3.00 20.82
CA LEU D 824 2.88 3.04 21.91
C LEU D 824 3.70 4.32 21.88
N SER D 825 3.04 5.47 21.76
CA SER D 825 3.71 6.76 21.72
C SER D 825 3.10 7.69 22.76
N GLY D 826 3.93 8.62 23.25
CA GLY D 826 3.50 9.57 24.25
C GLY D 826 3.78 11.00 23.81
N ILE D 827 3.42 11.94 24.69
CA ILE D 827 3.58 13.35 24.38
C ILE D 827 5.05 13.68 24.15
N CYS D 828 5.89 13.45 25.16
CA CYS D 828 7.33 13.72 25.04
C CYS D 828 8.08 12.40 24.83
N HIS D 829 7.96 11.87 23.62
CA HIS D 829 8.73 10.69 23.25
C HIS D 829 10.23 10.99 23.29
N ASN D 830 10.63 12.15 22.78
CA ASN D 830 12.01 12.59 22.82
C ASN D 830 12.04 14.09 23.00
N ASP D 831 13.05 14.58 23.72
CA ASP D 831 13.18 16.01 23.96
C ASP D 831 14.48 16.26 24.71
N LYS D 832 14.94 17.51 24.63
CA LYS D 832 16.10 17.97 25.40
C LYS D 832 15.85 19.43 25.72
N ILE D 833 15.29 19.68 26.91
CA ILE D 833 14.80 21.00 27.28
C ILE D 833 15.90 21.77 28.00
N GLU D 834 16.23 22.95 27.48
CA GLU D 834 17.17 23.83 28.17
C GLU D 834 16.50 24.45 29.39
N VAL D 835 17.21 24.42 30.52
CA VAL D 835 16.68 24.91 31.78
C VAL D 835 17.59 26.03 32.28
N MET D 836 16.99 27.16 32.62
CA MET D 836 17.74 28.27 33.21
C MET D 836 18.24 27.86 34.58
N SER D 837 19.53 27.55 34.68
CA SER D 837 20.09 27.02 35.91
C SER D 837 19.93 28.03 37.05
N SER D 838 19.23 27.62 38.11
CA SER D 838 19.16 28.44 39.31
C SER D 838 20.53 28.53 39.95
N LYS D 839 20.86 29.72 40.45
CA LYS D 839 22.21 29.96 40.94
C LYS D 839 22.41 29.45 42.38
N LEU D 840 21.53 28.59 42.87
CA LEU D 840 21.80 27.93 44.14
C LEU D 840 23.16 27.22 44.09
N ASP D 841 23.25 26.19 43.25
CA ASP D 841 24.50 25.65 42.75
C ASP D 841 25.60 25.70 43.82
N ILE D 842 25.33 25.02 44.93
CA ILE D 842 26.26 25.03 46.05
C ILE D 842 27.67 24.68 45.60
N ASP D 843 27.80 23.88 44.54
CA ASP D 843 29.12 23.68 43.93
C ASP D 843 29.64 24.99 43.36
N ASN D 844 28.79 25.75 42.67
CA ASN D 844 29.20 27.05 42.16
C ASN D 844 29.48 28.03 43.31
N MET D 845 28.57 28.08 44.29
CA MET D 845 28.80 28.96 45.43
C MET D 845 30.02 28.55 46.23
N ALA D 846 30.21 27.24 46.42
CA ALA D 846 31.35 26.77 47.20
C ALA D 846 32.67 27.17 46.54
N GLY D 847 32.75 27.06 45.21
CA GLY D 847 33.98 27.40 44.54
C GLY D 847 34.39 28.85 44.75
N VAL D 848 33.42 29.78 44.61
CA VAL D 848 33.73 31.19 44.82
C VAL D 848 34.13 31.44 46.26
N PHE D 849 33.39 30.88 47.21
CA PHE D 849 33.73 31.06 48.61
C PHE D 849 35.01 30.35 48.99
N TYR D 850 35.30 29.20 48.36
CA TYR D 850 36.56 28.51 48.63
C TYR D 850 37.74 29.40 48.30
N MET D 851 37.71 30.08 47.15
CA MET D 851 38.77 31.02 46.81
C MET D 851 38.81 32.18 47.80
N LEU D 852 37.63 32.66 48.22
CA LEU D 852 37.59 33.74 49.19
C LEU D 852 38.25 33.33 50.51
N LEU D 853 37.95 32.11 50.98
CA LEU D 853 38.55 31.63 52.21
C LEU D 853 40.07 31.50 52.06
N VAL D 854 40.53 30.98 50.92
CA VAL D 854 41.96 30.86 50.68
C VAL D 854 42.62 32.24 50.71
N ALA D 855 42.00 33.22 50.05
CA ALA D 855 42.51 34.58 50.11
C ALA D 855 42.48 35.13 51.54
N MET D 856 41.40 34.84 52.26
CA MET D 856 41.33 35.27 53.66
C MET D 856 42.44 34.66 54.48
N GLY D 857 42.71 33.36 54.29
CA GLY D 857 43.82 32.74 54.98
C GLY D 857 45.16 33.34 54.57
N LEU D 858 45.34 33.61 53.28
CA LEU D 858 46.58 34.22 52.82
C LEU D 858 46.79 35.58 53.45
N SER D 859 45.72 36.38 53.57
CA SER D 859 45.83 37.68 54.22
C SER D 859 46.26 37.52 55.67
N LEU D 860 45.69 36.54 56.38
CA LEU D 860 46.10 36.29 57.76
C LEU D 860 47.56 35.89 57.83
N LEU D 861 48.01 35.02 56.92
CA LEU D 861 49.41 34.59 56.92
C LEU D 861 50.35 35.75 56.68
N VAL D 862 50.02 36.61 55.72
CA VAL D 862 50.87 37.77 55.44
C VAL D 862 50.86 38.74 56.62
N PHE D 863 49.72 38.91 57.27
CA PHE D 863 49.67 39.76 58.45
C PHE D 863 50.58 39.24 59.55
N ALA D 864 50.56 37.92 59.78
CA ALA D 864 51.45 37.34 60.78
C ALA D 864 52.91 37.53 60.39
N TRP D 865 53.25 37.34 59.12
CA TRP D 865 54.62 37.52 58.68
C TRP D 865 55.10 38.95 58.91
N GLU D 866 54.26 39.93 58.56
CA GLU D 866 54.61 41.32 58.82
C GLU D 866 54.71 41.59 60.32
N HIS D 867 53.80 41.04 61.11
CA HIS D 867 53.83 41.21 62.55
C HIS D 867 55.02 40.52 63.20
N LEU D 868 55.66 39.57 62.50
CA LEU D 868 56.81 38.89 63.07
C LEU D 868 57.95 39.86 63.34
N VAL D 869 58.20 40.79 62.42
CA VAL D 869 59.27 41.76 62.58
C VAL D 869 58.83 42.86 63.54
C1 NAG E . -2.40 -65.74 -40.57
C2 NAG E . -1.39 -66.87 -40.68
C3 NAG E . -0.29 -66.44 -41.62
C4 NAG E . -0.89 -66.02 -42.94
C5 NAG E . -1.93 -64.93 -42.73
C6 NAG E . -2.58 -64.57 -44.06
C7 NAG E . -1.39 -68.06 -38.57
C8 NAG E . -0.75 -68.17 -37.21
N2 NAG E . -0.78 -67.22 -39.41
O3 NAG E . 0.60 -67.55 -41.78
O4 NAG E . 0.14 -65.46 -43.74
O5 NAG E . -2.94 -65.36 -41.83
O6 NAG E . -3.49 -63.49 -43.88
O7 NAG E . -2.39 -68.69 -38.87
C1 NAG E . 0.63 -66.40 -44.71
C2 NAG E . 1.42 -65.59 -45.74
C3 NAG E . 2.04 -66.51 -46.77
C4 NAG E . 2.91 -67.51 -46.04
C5 NAG E . 2.09 -68.27 -45.01
C6 NAG E . 2.96 -69.23 -44.23
C7 NAG E . 0.31 -63.44 -45.84
C8 NAG E . -0.83 -62.68 -46.45
N2 NAG E . 0.55 -64.63 -46.39
O3 NAG E . 2.81 -65.76 -47.69
O4 NAG E . 3.49 -68.43 -46.97
O5 NAG E . 1.51 -67.33 -44.10
O6 NAG E . 3.97 -68.49 -43.53
O7 NAG E . 0.96 -63.00 -44.92
C1 NAG F . 19.89 -31.47 21.48
C2 NAG F . 19.28 -31.77 22.81
C3 NAG F . 19.62 -33.18 23.14
C4 NAG F . 19.17 -34.08 22.00
C5 NAG F . 19.81 -33.62 20.69
C6 NAG F . 19.38 -34.47 19.51
C7 NAG F . 19.54 -29.69 23.94
C8 NAG F . 20.51 -28.79 24.64
N2 NAG F . 19.89 -30.95 23.81
O3 NAG F . 18.95 -33.48 24.36
O4 NAG F . 19.57 -35.41 22.26
O5 NAG F . 19.47 -32.28 20.40
O6 NAG F . 20.11 -33.97 18.37
O7 NAG F . 18.49 -29.28 23.49
C1 NAG F . 18.46 -36.10 22.86
C2 NAG F . 18.63 -37.60 22.64
C3 NAG F . 17.46 -38.32 23.30
C4 NAG F . 17.45 -37.95 24.77
C5 NAG F . 17.33 -36.44 24.91
C6 NAG F . 17.40 -36.02 26.37
C7 NAG F . 19.80 -37.89 20.56
C8 NAG F . 19.69 -38.03 19.07
N2 NAG F . 18.66 -37.91 21.23
O3 NAG F . 17.65 -39.72 23.15
O4 NAG F . 16.34 -38.58 25.42
O5 NAG F . 18.41 -35.83 24.25
O6 NAG F . 18.72 -36.24 26.84
O7 NAG F . 20.88 -37.76 21.11
C1 NAG G . -22.19 29.00 -23.50
C2 NAG G . -21.02 29.27 -24.44
C3 NAG G . -21.55 29.54 -25.85
C4 NAG G . -22.48 28.42 -26.30
C5 NAG G . -23.55 28.16 -25.26
C6 NAG G . -24.42 26.96 -25.59
C7 NAG G . -19.19 30.24 -23.12
C8 NAG G . -18.48 31.49 -22.74
N2 NAG G . -20.23 30.38 -23.97
O3 NAG G . -20.45 29.65 -26.74
O4 NAG G . -23.11 28.81 -27.52
O5 NAG G . -22.96 27.91 -23.99
O6 NAG G . -24.78 26.25 -24.41
O7 NAG G . -18.86 29.14 -22.69
C1 NAG G . -22.45 28.18 -28.65
C2 NAG G . -23.50 27.93 -29.72
C3 NAG G . -22.84 27.32 -30.96
C4 NAG G . -21.68 28.19 -31.43
C5 NAG G . -20.72 28.44 -30.27
C6 NAG G . -19.61 29.40 -30.64
C7 NAG G . -25.85 27.39 -29.28
C8 NAG G . -26.81 26.37 -28.73
N2 NAG G . -24.57 27.06 -29.23
O3 NAG G . -23.81 27.19 -32.00
O4 NAG G . -20.99 27.55 -32.49
O5 NAG G . -21.42 29.01 -29.16
O6 NAG G . -19.94 30.73 -30.27
O7 NAG G . -26.23 28.45 -29.76
C1 NAG H . 29.91 -34.95 23.35
C2 NAG H . 31.38 -34.84 23.74
C3 NAG H . 32.21 -35.89 23.03
C4 NAG H . 31.62 -37.26 23.31
C5 NAG H . 30.16 -37.30 22.93
C6 NAG H . 29.55 -38.64 23.34
C7 NAG H . 32.76 -33.19 22.56
C8 NAG H . 32.37 -33.18 21.11
N2 NAG H . 31.81 -33.49 23.43
O3 NAG H . 33.55 -35.84 23.50
O4 NAG H . 32.33 -38.24 22.55
O5 NAG H . 29.44 -36.27 23.61
O6 NAG H . 29.84 -38.85 24.72
O7 NAG H . 33.88 -32.92 22.92
C1 NAG I . 4.76 -67.35 -14.91
C2 NAG I . 5.49 -68.43 -15.69
C3 NAG I . 4.57 -68.96 -16.77
C4 NAG I . 3.30 -69.45 -16.11
C5 NAG I . 2.65 -68.33 -15.32
C6 NAG I . 1.40 -68.81 -14.61
C7 NAG I . 7.66 -68.67 -16.76
C8 NAG I . 8.30 -68.16 -18.01
N2 NAG I . 6.70 -67.89 -16.26
O3 NAG I . 5.19 -70.03 -17.49
O4 NAG I . 2.37 -69.92 -17.12
O5 NAG I . 3.56 -67.85 -14.34
O6 NAG I . 0.35 -68.94 -15.58
O7 NAG I . 7.99 -69.71 -16.23
N GLY J . 25.09 -5.84 9.85
CA GLY J . 24.62 -5.94 8.48
C GLY J . 24.28 -7.36 8.07
O GLY J . 24.42 -8.29 8.86
OXT GLY J . 23.86 -7.61 6.94
C1 NAG K . -2.87 -51.06 -3.25
C2 NAG K . -3.57 -50.43 -2.07
C3 NAG K . -5.00 -50.15 -2.46
C4 NAG K . -4.99 -49.25 -3.68
C5 NAG K . -4.23 -49.93 -4.80
C6 NAG K . -4.17 -49.05 -6.05
C7 NAG K . -2.50 -51.28 -0.06
C8 NAG K . -2.62 -52.18 1.13
N2 NAG K . -3.53 -51.31 -0.91
O3 NAG K . -5.67 -49.50 -1.37
O4 NAG K . -6.34 -48.99 -4.08
O5 NAG K . -2.90 -50.20 -4.38
O6 NAG K . -5.49 -48.78 -6.51
O7 NAG K . -1.52 -50.58 -0.25
P01 7RC L . 8.86 32.50 -19.08
C01 7RC L . 4.75 26.07 -19.12
N01 7RC L . 5.75 28.29 -18.72
O01 7RC L . 2.34 25.67 -18.87
C02 7RC L . 4.59 27.58 -19.34
N02 7RC L . 4.83 25.80 -17.68
O02 7RC L . 9.00 32.22 -17.60
C03 7RC L . 5.80 28.03 -17.25
O03 7RC L . 9.57 31.51 -19.98
C04 7RC L . 5.70 29.77 -19.01
O04 7RC L . 8.78 33.94 -19.54
C05 7RC L . 5.91 26.53 -17.02
O05 7RC L . 3.26 25.74 -20.98
C06 7RC L . 7.05 30.45 -18.89
C07 7RC L . 6.97 31.91 -19.36
C08 7RC L . 3.44 25.34 -19.66
H011 7RC L . 5.51 25.72 -19.62
H2 7RC L . 2.41 25.30 -18.11
H022 7RC L . 3.76 27.92 -18.94
H023 7RC L . 4.57 27.76 -20.30
H3 7RC L . 4.78 24.95 -17.46
H031 7RC L . 5.00 28.40 -16.83
H032 7RC L . 6.58 28.47 -16.87
H042 7RC L . 5.37 29.87 -19.93
H041 7RC L . 5.06 30.18 -18.40
H051 7RC L . 6.80 26.22 -17.29
H052 7RC L . 5.82 26.36 -16.05
H062 7RC L . 7.34 30.45 -17.96
H061 7RC L . 7.70 29.99 -19.45
H072 7RC L . 6.39 32.47 -18.81
H071 7RC L . 6.76 32.01 -20.31
C1 NAG M . -29.18 35.45 -23.06
C2 NAG M . -30.70 35.48 -23.05
C3 NAG M . -31.25 34.31 -23.87
C4 NAG M . -30.65 34.31 -25.26
C5 NAG M . -29.13 34.32 -25.17
C6 NAG M . -28.45 34.42 -26.52
C7 NAG M . -32.41 35.99 -21.36
C8 NAG M . -32.79 35.86 -19.92
N2 NAG M . -31.23 35.45 -21.70
O3 NAG M . -32.67 34.42 -23.96
O4 NAG M . -31.07 33.15 -25.97
O5 NAG M . -28.69 35.44 -24.40
O6 NAG M . -27.67 35.60 -26.62
O7 NAG M . -33.13 36.53 -22.19
C1 NAG N . -52.42 -12.03 -43.73
C2 NAG N . -53.84 -12.39 -44.17
C3 NAG N . -54.09 -13.87 -43.95
C4 NAG N . -53.02 -14.70 -44.64
C5 NAG N . -51.64 -14.24 -44.19
C6 NAG N . -50.51 -14.93 -44.94
C7 NAG N . -55.40 -10.50 -43.96
C8 NAG N . -56.40 -9.81 -43.08
N2 NAG N . -54.82 -11.59 -43.44
O3 NAG N . -55.37 -14.22 -44.46
O4 NAG N . -53.18 -16.07 -44.31
O5 NAG N . -51.49 -12.83 -44.45
O6 NAG N . -49.65 -15.63 -44.04
O7 NAG N . -55.14 -10.10 -45.09
C1 NAG O . -58.27 -35.42 -35.33
C2 NAG O . -59.64 -35.56 -35.98
C3 NAG O . -60.68 -36.00 -34.96
C4 NAG O . -60.22 -37.27 -34.25
C5 NAG O . -58.82 -37.08 -33.68
C6 NAG O . -58.25 -38.33 -33.06
C7 NAG O . -60.96 -34.24 -37.58
C8 NAG O . -61.25 -32.86 -38.10
N2 NAG O . -60.05 -34.31 -36.60
O3 NAG O . -61.93 -36.23 -35.60
O4 NAG O . -61.12 -37.60 -33.21
O5 NAG O . -57.91 -36.67 -34.70
O6 NAG O . -57.19 -38.85 -33.85
O7 NAG O . -61.53 -35.24 -38.01
N GLY P . -14.59 23.16 3.25
CA GLY P . -15.03 21.80 3.51
C GLY P . -15.89 21.22 2.41
O GLY P . -16.19 21.90 1.43
OXT GLY P . -16.32 20.07 2.47
C1 NAG Q . -31.52 -5.78 -40.28
C2 NAG Q . -30.17 -5.15 -40.60
C3 NAG Q . -29.20 -6.24 -40.97
C4 NAG Q . -29.12 -7.21 -39.81
C5 NAG Q . -30.51 -7.76 -39.51
C6 NAG Q . -30.49 -8.72 -38.33
C7 NAG Q . -30.59 -2.92 -41.43
C8 NAG Q . -30.62 -2.02 -42.63
N2 NAG Q . -30.29 -4.19 -41.68
O3 NAG Q . -27.92 -5.67 -41.25
O4 NAG Q . -28.23 -8.28 -40.13
O5 NAG Q . -31.39 -6.70 -39.20
O6 NAG Q . -30.24 -7.98 -37.14
O7 NAG Q . -30.84 -2.52 -40.30
P01 7RC R . 5.76 -8.33 37.36
C01 7RC R . 4.28 -11.13 30.42
N01 7RC R . 5.24 -10.13 32.47
O01 7RC R . 5.66 -12.46 28.87
C02 7RC R . 5.23 -11.35 31.61
N02 7RC R . 4.76 -9.97 29.66
O02 7RC R . 6.20 -7.10 36.60
C03 7RC R . 5.73 -8.95 31.67
O03 7RC R . 4.28 -8.62 37.29
C04 7RC R . 6.05 -10.34 33.71
O04 7RC R . 6.50 -8.68 38.63
C05 7RC R . 4.85 -8.75 30.47
O05 7RC R . 4.12 -13.52 30.23
C06 7RC R . 5.70 -9.38 34.83
C07 7RC R . 6.44 -9.75 36.12
C08 7RC R . 4.40 -12.40 29.44
H011 7RC R . 3.36 -11.06 30.72
H2 7RC R . 5.74 -11.84 28.30
H022 7RC R . 6.14 -11.55 31.32
H023 7RC R . 4.91 -12.12 32.14
H3 7RC R . 4.35 -9.86 28.88
H031 7RC R . 6.66 -9.11 31.42
H032 7RC R . 5.71 -8.15 32.24
H042 7RC R . 5.89 -11.26 34.01
H041 7RC R . 7.01 -10.26 33.48
H051 7RC R . 3.96 -8.42 30.75
H052 7RC R . 5.24 -8.06 29.90
H062 7RC R . 5.96 -8.47 34.59
H061 7RC R . 4.74 -9.41 35.01
H072 7RC R . 7.41 -9.66 36.06
H071 7RC R . 6.18 -10.62 36.50
#